data_2JU5
#
_entry.id   2JU5
#
_entity_poly.entity_id   1
_entity_poly.type   'polypeptide(L)'
_entity_poly.pdbx_seq_one_letter_code
;MAHHHHHHSAARRRASGENLQQTRPIAAANLQWESYAEALEHSKQDHKPIGLFFTGSDWCMWCIKMQDQILQSSEFKHFA
GVHLHMVEVDFPQKNHQPEEQRQKNQELKAQYKVTGFPELVFIDAEGKQLARMGFEPGGGAAYVSKVKSALKLR
;
_entity_poly.pdbx_strand_id   A
#
# COMPACT_ATOMS: atom_id res chain seq x y z
N ALA A 11 32.93 7.66 20.15
CA ALA A 11 32.62 8.52 19.02
C ALA A 11 31.73 9.69 19.45
N ARG A 12 32.36 10.82 19.74
CA ARG A 12 31.63 12.01 20.16
C ARG A 12 30.72 12.51 19.04
N ARG A 13 31.20 12.41 17.80
CA ARG A 13 30.42 12.85 16.65
C ARG A 13 29.11 12.08 16.53
N ARG A 14 29.18 10.76 16.72
CA ARG A 14 27.98 9.94 16.63
C ARG A 14 26.98 10.30 17.72
N ALA A 15 27.50 10.56 18.92
CA ALA A 15 26.66 10.93 20.05
C ALA A 15 26.02 12.30 19.80
N SER A 16 26.78 13.20 19.18
CA SER A 16 26.28 14.54 18.88
C SER A 16 25.18 14.47 17.84
N GLY A 17 24.31 15.48 17.82
CA GLY A 17 23.22 15.50 16.86
C GLY A 17 22.42 16.80 16.95
N GLU A 18 21.22 16.77 16.37
CA GLU A 18 20.34 17.94 16.38
C GLU A 18 21.04 19.13 15.73
N ASN A 19 21.44 18.94 14.48
CA ASN A 19 22.12 20.00 13.73
C ASN A 19 21.24 21.22 13.57
N LEU A 20 21.82 22.40 13.75
CA LEU A 20 21.08 23.64 13.62
C LEU A 20 20.57 23.80 12.19
N GLN A 21 21.41 23.46 11.22
CA GLN A 21 21.04 23.58 9.82
C GLN A 21 20.02 22.51 9.44
N GLN A 22 18.87 22.95 8.94
CA GLN A 22 17.82 22.02 8.51
C GLN A 22 18.11 21.53 7.09
N THR A 23 17.86 20.25 6.85
CA THR A 23 18.11 19.67 5.53
C THR A 23 16.89 18.91 5.01
N ARG A 24 16.82 18.77 3.69
CA ARG A 24 15.71 18.06 3.07
C ARG A 24 14.37 18.70 3.41
N PRO A 25 14.11 19.85 2.87
CA PRO A 25 12.83 20.59 3.11
C PRO A 25 11.62 19.71 2.79
N ILE A 26 11.77 18.89 1.76
CA ILE A 26 10.70 17.97 1.37
C ILE A 26 10.45 16.97 2.49
N ALA A 27 11.53 16.46 3.06
CA ALA A 27 11.44 15.50 4.15
C ALA A 27 10.65 14.27 3.71
N ALA A 28 9.55 14.00 4.42
CA ALA A 28 8.72 12.85 4.10
C ALA A 28 7.27 13.11 4.47
N ALA A 29 6.35 12.45 3.78
CA ALA A 29 4.93 12.60 4.05
C ALA A 29 4.26 11.24 4.19
N ASN A 30 3.17 11.20 4.95
CA ASN A 30 2.45 9.94 5.16
C ASN A 30 1.83 9.46 3.85
N LEU A 31 1.42 8.19 3.82
CA LEU A 31 0.82 7.62 2.61
C LEU A 31 -0.63 8.08 2.47
N GLN A 32 -0.97 8.42 1.23
CA GLN A 32 -2.31 8.87 0.90
C GLN A 32 -3.07 7.74 0.21
N TRP A 33 -4.04 7.16 0.92
CA TRP A 33 -4.85 6.09 0.35
C TRP A 33 -5.90 6.65 -0.59
N GLU A 34 -6.09 5.97 -1.71
CA GLU A 34 -7.09 6.36 -2.70
C GLU A 34 -8.05 5.20 -2.92
N SER A 35 -9.20 5.47 -3.54
CA SER A 35 -10.17 4.41 -3.77
C SER A 35 -9.82 3.66 -5.04
N TYR A 36 -10.32 2.44 -5.15
CA TYR A 36 -10.07 1.63 -6.33
C TYR A 36 -10.55 2.33 -7.58
N ALA A 37 -11.74 2.91 -7.45
CA ALA A 37 -12.34 3.61 -8.57
C ALA A 37 -11.56 4.89 -8.85
N GLU A 38 -11.13 5.53 -7.79
CA GLU A 38 -10.38 6.76 -7.92
C GLU A 38 -8.99 6.49 -8.49
N ALA A 39 -8.37 5.40 -8.05
CA ALA A 39 -7.03 5.03 -8.51
C ALA A 39 -6.97 4.90 -10.02
N LEU A 40 -7.92 4.17 -10.56
CA LEU A 40 -7.95 3.94 -11.98
C LEU A 40 -8.18 5.24 -12.72
N GLU A 41 -9.04 6.08 -12.18
CA GLU A 41 -9.34 7.33 -12.79
C GLU A 41 -8.09 8.15 -12.96
N HIS A 42 -7.31 8.19 -11.90
CA HIS A 42 -6.10 8.95 -11.96
C HIS A 42 -5.10 8.30 -12.93
N SER A 43 -4.99 6.98 -12.85
CA SER A 43 -4.06 6.23 -13.69
C SER A 43 -4.40 6.35 -15.17
N LYS A 44 -5.68 6.40 -15.47
CA LYS A 44 -6.11 6.55 -16.84
C LYS A 44 -5.52 7.83 -17.37
N GLN A 45 -5.36 8.78 -16.46
CA GLN A 45 -4.87 10.11 -16.83
C GLN A 45 -3.37 10.23 -16.61
N ASP A 46 -2.92 9.73 -15.48
CA ASP A 46 -1.51 9.84 -15.12
C ASP A 46 -0.67 8.62 -15.53
N HIS A 47 -1.32 7.49 -15.81
CA HIS A 47 -0.61 6.27 -16.25
C HIS A 47 0.22 5.63 -15.15
N LYS A 48 0.02 6.03 -13.89
CA LYS A 48 0.81 5.47 -12.81
C LYS A 48 0.21 4.13 -12.34
N PRO A 49 1.03 3.18 -11.93
CA PRO A 49 0.55 1.85 -11.47
C PRO A 49 -0.20 1.91 -10.13
N ILE A 50 -1.10 0.95 -9.93
CA ILE A 50 -1.90 0.88 -8.71
C ILE A 50 -1.48 -0.30 -7.84
N GLY A 51 -1.25 -0.07 -6.56
CA GLY A 51 -0.89 -1.15 -5.64
C GLY A 51 -2.07 -1.47 -4.73
N LEU A 52 -2.60 -2.70 -4.84
CA LEU A 52 -3.70 -3.10 -3.99
C LEU A 52 -3.13 -3.86 -2.82
N PHE A 53 -3.38 -3.35 -1.63
CA PHE A 53 -2.88 -3.98 -0.42
C PHE A 53 -3.93 -4.93 0.16
N PHE A 54 -3.71 -6.23 0.01
CA PHE A 54 -4.63 -7.25 0.54
C PHE A 54 -4.13 -7.70 1.91
N THR A 55 -4.97 -7.55 2.94
CA THR A 55 -4.54 -7.95 4.28
C THR A 55 -5.68 -8.30 5.24
N GLY A 56 -5.27 -8.59 6.48
CA GLY A 56 -6.17 -8.86 7.59
C GLY A 56 -5.68 -8.01 8.75
N SER A 57 -6.20 -6.79 8.80
CA SER A 57 -5.78 -5.81 9.79
C SER A 57 -5.85 -6.28 11.24
N ASP A 58 -6.85 -7.10 11.59
CA ASP A 58 -7.00 -7.52 12.98
C ASP A 58 -6.54 -8.94 13.29
N TRP A 59 -6.12 -9.73 12.29
CA TRP A 59 -5.72 -11.12 12.61
C TRP A 59 -4.42 -11.58 11.93
N CYS A 60 -3.98 -10.89 10.89
CA CYS A 60 -2.75 -11.29 10.21
C CYS A 60 -1.56 -10.48 10.74
N MET A 61 -0.72 -11.14 11.54
CA MET A 61 0.44 -10.48 12.14
C MET A 61 1.49 -10.11 11.10
N TRP A 62 1.70 -10.99 10.12
CA TRP A 62 2.68 -10.72 9.08
C TRP A 62 2.26 -9.50 8.30
N CYS A 63 0.95 -9.31 8.20
CA CYS A 63 0.41 -8.17 7.50
C CYS A 63 0.72 -6.91 8.26
N ILE A 64 0.59 -6.98 9.58
CA ILE A 64 0.90 -5.83 10.39
C ILE A 64 2.34 -5.48 10.17
N LYS A 65 3.19 -6.50 10.13
CA LYS A 65 4.60 -6.27 9.93
C LYS A 65 4.87 -5.59 8.59
N MET A 66 4.20 -6.05 7.52
CA MET A 66 4.40 -5.43 6.23
C MET A 66 3.95 -3.98 6.29
N GLN A 67 2.82 -3.73 6.93
CA GLN A 67 2.30 -2.38 7.06
C GLN A 67 3.23 -1.53 7.87
N ASP A 68 3.60 -2.02 9.03
CA ASP A 68 4.47 -1.28 9.94
C ASP A 68 5.89 -1.10 9.42
N GLN A 69 6.46 -2.14 8.81
CA GLN A 69 7.84 -2.04 8.36
C GLN A 69 8.04 -1.54 6.92
N ILE A 70 7.06 -1.73 6.02
CA ILE A 70 7.28 -1.31 4.62
C ILE A 70 6.34 -0.22 4.17
N LEU A 71 5.03 -0.43 4.25
CA LEU A 71 4.09 0.59 3.77
C LEU A 71 4.24 1.87 4.56
N GLN A 72 4.43 1.77 5.88
CA GLN A 72 4.55 2.95 6.71
C GLN A 72 5.99 3.44 6.83
N SER A 73 6.91 2.82 6.08
CA SER A 73 8.32 3.22 6.14
C SER A 73 8.56 4.47 5.30
N SER A 74 9.56 5.26 5.67
CA SER A 74 9.85 6.51 4.96
C SER A 74 10.19 6.30 3.48
N GLU A 75 11.02 5.32 3.16
CA GLU A 75 11.39 5.09 1.78
C GLU A 75 10.19 4.72 0.94
N PHE A 76 9.33 3.86 1.49
CA PHE A 76 8.13 3.44 0.79
C PHE A 76 7.19 4.63 0.58
N LYS A 77 7.05 5.45 1.62
CA LYS A 77 6.17 6.61 1.56
C LYS A 77 6.62 7.56 0.46
N HIS A 78 7.91 7.83 0.41
CA HIS A 78 8.43 8.76 -0.57
C HIS A 78 8.29 8.21 -1.98
N PHE A 79 8.67 6.95 -2.17
CA PHE A 79 8.60 6.33 -3.46
C PHE A 79 7.17 6.28 -3.98
N ALA A 80 6.27 5.79 -3.14
CA ALA A 80 4.87 5.64 -3.53
C ALA A 80 4.14 6.96 -3.69
N GLY A 81 4.47 7.95 -2.87
CA GLY A 81 3.80 9.23 -2.97
C GLY A 81 4.10 9.87 -4.31
N VAL A 82 5.32 9.65 -4.79
CA VAL A 82 5.75 10.22 -6.04
C VAL A 82 5.41 9.34 -7.25
N HIS A 83 5.62 8.03 -7.16
CA HIS A 83 5.43 7.15 -8.32
C HIS A 83 4.20 6.23 -8.30
N LEU A 84 3.42 6.15 -7.21
CA LEU A 84 2.31 5.19 -7.23
C LEU A 84 0.99 5.68 -6.67
N HIS A 85 -0.05 4.91 -6.99
CA HIS A 85 -1.39 5.13 -6.46
C HIS A 85 -1.65 3.93 -5.57
N MET A 86 -1.90 4.15 -4.29
CA MET A 86 -2.10 3.03 -3.37
C MET A 86 -3.57 2.86 -3.00
N VAL A 87 -4.00 1.61 -2.95
CA VAL A 87 -5.36 1.27 -2.57
C VAL A 87 -5.34 0.27 -1.44
N GLU A 88 -6.13 0.53 -0.41
CA GLU A 88 -6.17 -0.36 0.74
C GLU A 88 -7.34 -1.32 0.62
N VAL A 89 -7.06 -2.60 0.73
CA VAL A 89 -8.10 -3.61 0.65
C VAL A 89 -7.95 -4.56 1.82
N ASP A 90 -8.74 -4.30 2.88
CA ASP A 90 -8.60 -5.06 4.12
C ASP A 90 -9.71 -6.06 4.40
N PHE A 91 -9.36 -7.17 5.06
CA PHE A 91 -10.34 -8.17 5.43
C PHE A 91 -10.25 -8.43 6.93
N PRO A 92 -10.77 -7.53 7.73
CA PRO A 92 -10.71 -7.63 9.21
C PRO A 92 -11.70 -8.64 9.79
N GLN A 93 -11.43 -9.07 11.01
CA GLN A 93 -12.32 -10.00 11.68
C GLN A 93 -13.60 -9.28 12.11
N LYS A 94 -13.42 -8.06 12.60
CA LYS A 94 -14.54 -7.20 12.98
C LYS A 94 -14.75 -6.23 11.84
N ASN A 95 -15.72 -6.59 11.03
CA ASN A 95 -16.04 -5.82 9.82
C ASN A 95 -17.07 -4.71 10.06
N HIS A 96 -16.68 -3.54 9.54
CA HIS A 96 -17.53 -2.36 9.66
C HIS A 96 -17.55 -1.56 8.36
N GLN A 97 -17.10 -2.17 7.26
CA GLN A 97 -17.06 -1.46 5.98
C GLN A 97 -18.45 -1.50 5.31
N PRO A 98 -18.85 -0.45 4.61
CA PRO A 98 -20.17 -0.42 3.91
C PRO A 98 -20.33 -1.58 2.95
N GLU A 99 -21.58 -2.03 2.76
CA GLU A 99 -21.86 -3.15 1.89
C GLU A 99 -21.21 -2.97 0.51
N GLU A 100 -21.37 -1.79 -0.09
CA GLU A 100 -20.80 -1.55 -1.42
C GLU A 100 -19.29 -1.75 -1.43
N GLN A 101 -18.64 -1.32 -0.36
CA GLN A 101 -17.18 -1.45 -0.25
C GLN A 101 -16.79 -2.92 -0.11
N ARG A 102 -17.56 -3.67 0.66
CA ARG A 102 -17.27 -5.07 0.88
C ARG A 102 -17.43 -5.86 -0.42
N GLN A 103 -18.50 -5.55 -1.18
CA GLN A 103 -18.73 -6.25 -2.43
C GLN A 103 -17.59 -6.02 -3.40
N LYS A 104 -17.19 -4.76 -3.52
CA LYS A 104 -16.10 -4.39 -4.40
C LYS A 104 -14.81 -5.08 -3.97
N ASN A 105 -14.53 -5.05 -2.65
CA ASN A 105 -13.33 -5.67 -2.11
C ASN A 105 -13.29 -7.16 -2.42
N GLN A 106 -14.40 -7.86 -2.27
CA GLN A 106 -14.43 -9.28 -2.54
C GLN A 106 -14.21 -9.53 -4.02
N GLU A 107 -14.78 -8.68 -4.85
CA GLU A 107 -14.63 -8.84 -6.29
C GLU A 107 -13.18 -8.68 -6.70
N LEU A 108 -12.52 -7.70 -6.09
CA LEU A 108 -11.12 -7.41 -6.39
C LEU A 108 -10.22 -8.56 -5.93
N LYS A 109 -10.53 -9.11 -4.75
CA LYS A 109 -9.75 -10.20 -4.19
C LYS A 109 -9.79 -11.39 -5.12
N ALA A 110 -10.94 -11.61 -5.72
CA ALA A 110 -11.10 -12.72 -6.63
C ALA A 110 -10.51 -12.39 -7.99
N GLN A 111 -10.67 -11.13 -8.40
CA GLN A 111 -10.22 -10.69 -9.70
C GLN A 111 -8.73 -10.92 -9.90
N TYR A 112 -7.94 -10.53 -8.91
CA TYR A 112 -6.49 -10.68 -9.03
C TYR A 112 -6.02 -12.00 -8.45
N LYS A 113 -6.96 -12.90 -8.20
CA LYS A 113 -6.64 -14.21 -7.68
C LYS A 113 -5.78 -14.10 -6.44
N VAL A 114 -6.24 -13.28 -5.50
CA VAL A 114 -5.50 -13.09 -4.27
C VAL A 114 -5.93 -14.13 -3.24
N THR A 115 -4.97 -14.89 -2.73
CA THR A 115 -5.26 -15.93 -1.75
C THR A 115 -4.52 -15.69 -0.44
N GLY A 116 -3.22 -15.45 -0.54
CA GLY A 116 -2.40 -15.23 0.64
C GLY A 116 -2.16 -13.76 0.92
N PHE A 117 -2.05 -13.43 2.20
CA PHE A 117 -1.79 -12.07 2.64
C PHE A 117 -0.57 -12.06 3.57
N PRO A 118 0.18 -10.98 3.62
CA PRO A 118 -0.05 -9.75 2.82
C PRO A 118 0.40 -9.90 1.38
N GLU A 119 -0.35 -9.31 0.46
CA GLU A 119 0.01 -9.39 -0.95
C GLU A 119 -0.21 -8.03 -1.62
N LEU A 120 0.81 -7.55 -2.30
CA LEU A 120 0.73 -6.27 -3.00
C LEU A 120 0.84 -6.53 -4.48
N VAL A 121 -0.17 -6.12 -5.22
CA VAL A 121 -0.21 -6.36 -6.66
C VAL A 121 -0.19 -5.05 -7.43
N PHE A 122 0.70 -4.96 -8.41
CA PHE A 122 0.83 -3.75 -9.20
C PHE A 122 0.10 -3.89 -10.53
N ILE A 123 -0.79 -2.94 -10.80
CA ILE A 123 -1.58 -2.94 -12.03
C ILE A 123 -1.54 -1.58 -12.70
N ASP A 124 -1.77 -1.57 -14.00
CA ASP A 124 -1.83 -0.34 -14.74
C ASP A 124 -3.27 0.12 -14.78
N ALA A 125 -3.54 1.19 -15.49
CA ALA A 125 -4.89 1.75 -15.57
C ALA A 125 -5.82 0.87 -16.39
N GLU A 126 -5.27 -0.10 -17.14
CA GLU A 126 -6.10 -1.00 -17.93
C GLU A 126 -6.30 -2.31 -17.16
N GLY A 127 -5.69 -2.38 -15.99
CA GLY A 127 -5.84 -3.57 -15.15
C GLY A 127 -4.81 -4.65 -15.47
N LYS A 128 -3.76 -4.30 -16.23
CA LYS A 128 -2.73 -5.30 -16.52
C LYS A 128 -1.76 -5.38 -15.37
N GLN A 129 -1.38 -6.60 -15.00
CA GLN A 129 -0.47 -6.81 -13.89
C GLN A 129 0.98 -6.58 -14.31
N LEU A 130 1.66 -5.68 -13.60
CA LEU A 130 3.06 -5.40 -13.91
C LEU A 130 3.99 -6.19 -12.99
N ALA A 131 3.52 -6.47 -11.77
CA ALA A 131 4.31 -7.24 -10.82
C ALA A 131 3.53 -7.48 -9.52
N ARG A 132 4.02 -8.40 -8.70
CA ARG A 132 3.37 -8.69 -7.43
C ARG A 132 4.39 -9.12 -6.39
N MET A 133 4.18 -8.71 -5.15
CA MET A 133 5.08 -9.08 -4.08
C MET A 133 4.31 -9.28 -2.78
N GLY A 134 4.94 -10.01 -1.87
CA GLY A 134 4.35 -10.28 -0.57
C GLY A 134 5.26 -9.73 0.50
N PHE A 135 5.30 -10.41 1.64
CA PHE A 135 6.18 -9.98 2.70
C PHE A 135 7.59 -10.42 2.37
N GLU A 136 8.55 -9.52 2.46
CA GLU A 136 9.93 -9.85 2.14
C GLU A 136 10.89 -9.12 3.09
N PRO A 137 11.67 -9.81 3.89
CA PRO A 137 12.62 -9.13 4.82
C PRO A 137 13.58 -8.22 4.06
N GLY A 138 14.12 -7.23 4.79
CA GLY A 138 15.05 -6.28 4.19
C GLY A 138 14.65 -4.85 4.48
N GLY A 139 13.38 -4.60 4.79
CA GLY A 139 12.95 -3.25 5.10
C GLY A 139 12.40 -2.49 3.90
N GLY A 140 12.00 -1.26 4.15
CA GLY A 140 11.36 -0.43 3.13
C GLY A 140 12.25 -0.08 1.94
N ALA A 141 13.50 0.26 2.20
CA ALA A 141 14.41 0.62 1.13
C ALA A 141 14.57 -0.53 0.14
N ALA A 142 14.81 -1.70 0.66
CA ALA A 142 15.01 -2.86 -0.19
C ALA A 142 13.75 -3.21 -0.99
N TYR A 143 12.57 -3.08 -0.36
CA TYR A 143 11.31 -3.42 -1.02
C TYR A 143 11.06 -2.52 -2.23
N VAL A 144 11.33 -1.24 -2.09
CA VAL A 144 11.10 -0.31 -3.18
C VAL A 144 12.02 -0.62 -4.35
N SER A 145 13.24 -1.04 -4.09
CA SER A 145 14.15 -1.34 -5.18
C SER A 145 13.55 -2.46 -6.04
N LYS A 146 12.97 -3.44 -5.37
CA LYS A 146 12.37 -4.60 -6.05
C LYS A 146 11.19 -4.21 -6.94
N VAL A 147 10.34 -3.33 -6.44
CA VAL A 147 9.18 -2.92 -7.21
C VAL A 147 9.60 -2.16 -8.47
N LYS A 148 10.62 -1.32 -8.33
CA LYS A 148 11.12 -0.53 -9.43
C LYS A 148 11.56 -1.42 -10.59
N SER A 149 12.29 -2.47 -10.28
CA SER A 149 12.76 -3.40 -11.31
C SER A 149 11.59 -4.12 -11.94
N ALA A 150 10.62 -4.48 -11.11
CA ALA A 150 9.46 -5.20 -11.58
C ALA A 150 8.59 -4.36 -12.50
N LEU A 151 8.42 -3.09 -12.18
CA LEU A 151 7.58 -2.22 -13.00
C LEU A 151 8.37 -1.54 -14.11
N LYS A 152 9.69 -1.77 -14.17
CA LYS A 152 10.51 -1.15 -15.21
C LYS A 152 10.50 0.37 -15.10
N LEU A 153 10.71 0.87 -13.88
CA LEU A 153 10.75 2.31 -13.63
C LEU A 153 12.21 2.75 -13.57
N ARG A 154 12.57 3.71 -14.42
CA ARG A 154 13.94 4.22 -14.44
C ARG A 154 13.98 5.55 -15.20
N ALA A 11 23.27 -13.14 16.86
CA ALA A 11 22.87 -12.08 17.77
C ALA A 11 21.80 -11.20 17.14
N ARG A 12 21.11 -10.41 17.98
CA ARG A 12 20.06 -9.53 17.48
C ARG A 12 20.64 -8.41 16.62
N ARG A 13 21.45 -8.81 15.64
CA ARG A 13 22.07 -7.84 14.75
C ARG A 13 21.04 -7.20 13.82
N ARG A 14 19.90 -7.87 13.65
CA ARG A 14 18.85 -7.36 12.78
C ARG A 14 18.28 -6.06 13.34
N ALA A 15 18.13 -6.00 14.66
CA ALA A 15 17.58 -4.81 15.30
C ALA A 15 18.00 -4.73 16.76
N SER A 16 18.05 -3.50 17.28
CA SER A 16 18.42 -3.28 18.68
C SER A 16 17.44 -2.31 19.34
N GLY A 17 17.28 -2.45 20.65
CA GLY A 17 16.38 -1.58 21.38
C GLY A 17 14.92 -2.00 21.19
N GLU A 18 14.02 -1.20 21.76
CA GLU A 18 12.59 -1.48 21.67
C GLU A 18 11.81 -0.17 21.54
N ASN A 19 10.58 -0.27 21.04
CA ASN A 19 9.75 0.91 20.88
C ASN A 19 8.89 1.15 22.12
N LEU A 20 9.39 1.97 23.05
CA LEU A 20 8.64 2.25 24.27
C LEU A 20 7.34 2.98 23.93
N GLN A 21 7.43 3.94 23.01
CA GLN A 21 6.26 4.71 22.60
C GLN A 21 6.28 4.89 21.08
N GLN A 22 5.09 4.93 20.48
CA GLN A 22 4.97 5.09 19.03
C GLN A 22 4.81 6.56 18.66
N THR A 23 5.69 7.03 17.78
CA THR A 23 5.63 8.42 17.35
C THR A 23 4.37 8.65 16.51
N ARG A 24 3.69 9.76 16.76
CA ARG A 24 2.47 10.08 16.02
C ARG A 24 1.44 8.95 16.15
N PRO A 25 0.66 8.93 17.20
CA PRO A 25 -0.38 7.88 17.42
C PRO A 25 -1.29 7.73 16.21
N ILE A 26 -1.64 8.86 15.59
CA ILE A 26 -2.51 8.84 14.42
C ILE A 26 -1.87 9.59 13.26
N ALA A 27 -2.35 9.31 12.05
CA ALA A 27 -1.85 9.98 10.86
C ALA A 27 -0.33 9.87 10.78
N ALA A 28 0.21 8.79 11.34
CA ALA A 28 1.65 8.57 11.32
C ALA A 28 2.16 8.37 9.90
N ALA A 29 1.41 7.61 9.10
CA ALA A 29 1.80 7.37 7.72
C ALA A 29 1.57 8.59 6.86
N ASN A 30 2.53 8.91 6.00
CA ASN A 30 2.40 10.05 5.11
C ASN A 30 1.79 9.61 3.80
N LEU A 31 1.36 8.36 3.77
CA LEU A 31 0.75 7.77 2.59
C LEU A 31 -0.69 8.23 2.45
N GLN A 32 -1.02 8.58 1.22
CA GLN A 32 -2.37 9.03 0.91
C GLN A 32 -3.16 7.90 0.30
N TRP A 33 -4.08 7.34 1.06
CA TRP A 33 -4.91 6.27 0.57
C TRP A 33 -5.98 6.83 -0.36
N GLU A 34 -6.15 6.17 -1.50
CA GLU A 34 -7.16 6.57 -2.48
C GLU A 34 -8.09 5.38 -2.73
N SER A 35 -9.23 5.64 -3.38
CA SER A 35 -10.15 4.57 -3.64
C SER A 35 -9.71 3.81 -4.88
N TYR A 36 -10.22 2.61 -5.04
CA TYR A 36 -9.89 1.80 -6.19
C TYR A 36 -10.35 2.49 -7.46
N ALA A 37 -11.56 3.04 -7.39
CA ALA A 37 -12.14 3.74 -8.52
C ALA A 37 -11.37 5.01 -8.79
N GLU A 38 -10.95 5.66 -7.74
CA GLU A 38 -10.21 6.89 -7.84
C GLU A 38 -8.83 6.66 -8.43
N ALA A 39 -8.21 5.55 -8.01
CA ALA A 39 -6.89 5.21 -8.48
C ALA A 39 -6.84 5.05 -9.98
N LEU A 40 -7.79 4.32 -10.50
CA LEU A 40 -7.83 4.06 -11.92
C LEU A 40 -8.04 5.34 -12.68
N GLU A 41 -8.92 6.19 -12.16
CA GLU A 41 -9.21 7.44 -12.79
C GLU A 41 -7.97 8.26 -12.95
N HIS A 42 -7.20 8.30 -11.88
CA HIS A 42 -5.99 9.05 -11.92
C HIS A 42 -4.99 8.39 -12.86
N SER A 43 -4.87 7.06 -12.77
CA SER A 43 -3.94 6.30 -13.60
C SER A 43 -4.28 6.39 -15.07
N LYS A 44 -5.57 6.43 -15.39
CA LYS A 44 -5.98 6.53 -16.77
C LYS A 44 -5.37 7.78 -17.35
N GLN A 45 -5.19 8.77 -16.46
CA GLN A 45 -4.65 10.06 -16.90
C GLN A 45 -3.19 10.22 -16.56
N ASP A 46 -2.80 9.74 -15.39
CA ASP A 46 -1.43 9.86 -14.93
C ASP A 46 -0.57 8.65 -15.29
N HIS A 47 -1.23 7.51 -15.57
CA HIS A 47 -0.53 6.28 -15.94
C HIS A 47 0.27 5.69 -14.79
N LYS A 48 0.00 6.17 -13.58
CA LYS A 48 0.71 5.69 -12.40
C LYS A 48 0.20 4.30 -11.97
N PRO A 49 1.08 3.33 -11.75
CA PRO A 49 0.63 1.96 -11.30
C PRO A 49 -0.17 1.99 -10.01
N ILE A 50 -1.07 1.02 -9.85
CA ILE A 50 -1.90 0.96 -8.65
C ILE A 50 -1.48 -0.24 -7.81
N GLY A 51 -1.25 0.00 -6.51
CA GLY A 51 -0.88 -1.07 -5.60
C GLY A 51 -2.07 -1.39 -4.69
N LEU A 52 -2.59 -2.61 -4.80
CA LEU A 52 -3.69 -3.02 -3.95
C LEU A 52 -3.12 -3.78 -2.77
N PHE A 53 -3.36 -3.25 -1.58
CA PHE A 53 -2.86 -3.88 -0.36
C PHE A 53 -3.92 -4.82 0.21
N PHE A 54 -3.70 -6.13 0.05
CA PHE A 54 -4.63 -7.14 0.57
C PHE A 54 -4.15 -7.59 1.95
N THR A 55 -5.01 -7.43 2.95
CA THR A 55 -4.60 -7.82 4.30
C THR A 55 -5.75 -8.17 5.24
N GLY A 56 -5.36 -8.45 6.49
CA GLY A 56 -6.27 -8.72 7.59
C GLY A 56 -5.78 -7.85 8.74
N SER A 57 -6.30 -6.62 8.76
CA SER A 57 -5.88 -5.62 9.73
C SER A 57 -5.97 -6.05 11.19
N ASP A 58 -6.98 -6.84 11.56
CA ASP A 58 -7.14 -7.22 12.96
C ASP A 58 -6.68 -8.65 13.29
N TRP A 59 -6.26 -9.44 12.30
CA TRP A 59 -5.85 -10.82 12.63
C TRP A 59 -4.55 -11.29 11.97
N CYS A 60 -4.08 -10.61 10.93
CA CYS A 60 -2.85 -11.03 10.27
C CYS A 60 -1.65 -10.25 10.79
N MET A 61 -0.75 -10.96 11.48
CA MET A 61 0.44 -10.34 12.06
C MET A 61 1.47 -10.01 10.99
N TRP A 62 1.67 -10.90 10.03
CA TRP A 62 2.63 -10.67 8.96
C TRP A 62 2.22 -9.44 8.17
N CYS A 63 0.91 -9.21 8.12
CA CYS A 63 0.39 -8.06 7.42
C CYS A 63 0.76 -6.79 8.17
N ILE A 64 0.67 -6.85 9.48
CA ILE A 64 1.04 -5.70 10.29
C ILE A 64 2.49 -5.40 10.05
N LYS A 65 3.33 -6.44 10.03
CA LYS A 65 4.76 -6.26 9.85
C LYS A 65 5.06 -5.63 8.50
N MET A 66 4.44 -6.12 7.42
CA MET A 66 4.69 -5.56 6.12
C MET A 66 4.24 -4.11 6.08
N GLN A 67 3.06 -3.88 6.65
CA GLN A 67 2.51 -2.55 6.71
C GLN A 67 3.29 -1.67 7.67
N ASP A 68 3.60 -2.18 8.85
CA ASP A 68 4.35 -1.39 9.82
C ASP A 68 5.78 -1.15 9.36
N GLN A 69 6.40 -2.14 8.72
CA GLN A 69 7.79 -1.98 8.31
C GLN A 69 7.99 -1.44 6.89
N ILE A 70 7.03 -1.63 5.98
CA ILE A 70 7.25 -1.17 4.59
C ILE A 70 6.28 -0.10 4.13
N LEU A 71 4.97 -0.32 4.21
CA LEU A 71 4.04 0.68 3.73
C LEU A 71 4.21 2.00 4.49
N GLN A 72 4.44 1.91 5.79
CA GLN A 72 4.60 3.11 6.61
C GLN A 72 6.06 3.57 6.65
N SER A 73 6.93 2.93 5.88
CA SER A 73 8.34 3.30 5.85
C SER A 73 8.57 4.52 4.96
N SER A 74 9.58 5.31 5.30
CA SER A 74 9.87 6.53 4.56
C SER A 74 10.18 6.28 3.09
N GLU A 75 11.00 5.27 2.80
CA GLU A 75 11.38 4.98 1.43
C GLU A 75 10.18 4.59 0.57
N PHE A 76 9.32 3.71 1.08
CA PHE A 76 8.14 3.29 0.33
C PHE A 76 7.16 4.44 0.17
N LYS A 77 6.94 5.20 1.24
CA LYS A 77 5.99 6.29 1.19
C LYS A 77 6.45 7.32 0.17
N HIS A 78 7.73 7.62 0.18
CA HIS A 78 8.25 8.60 -0.75
C HIS A 78 8.14 8.09 -2.17
N PHE A 79 8.53 6.83 -2.37
CA PHE A 79 8.47 6.22 -3.68
C PHE A 79 7.03 6.18 -4.17
N ALA A 80 6.15 5.70 -3.31
CA ALA A 80 4.75 5.55 -3.63
C ALA A 80 4.03 6.88 -3.83
N GLY A 81 4.39 7.89 -3.05
CA GLY A 81 3.75 9.18 -3.17
C GLY A 81 4.07 9.81 -4.51
N VAL A 82 5.30 9.61 -4.96
CA VAL A 82 5.73 10.19 -6.21
C VAL A 82 5.36 9.32 -7.42
N HIS A 83 5.55 8.00 -7.33
CA HIS A 83 5.32 7.11 -8.47
C HIS A 83 4.07 6.22 -8.43
N LEU A 84 3.29 6.18 -7.33
CA LEU A 84 2.15 5.25 -7.33
C LEU A 84 0.86 5.76 -6.72
N HIS A 85 -0.21 4.99 -6.95
CA HIS A 85 -1.51 5.23 -6.35
C HIS A 85 -1.74 4.04 -5.44
N MET A 86 -1.96 4.28 -4.15
CA MET A 86 -2.15 3.16 -3.22
C MET A 86 -3.61 2.97 -2.87
N VAL A 87 -4.04 1.70 -2.84
CA VAL A 87 -5.41 1.37 -2.52
C VAL A 87 -5.40 0.37 -1.37
N GLU A 88 -6.20 0.63 -0.36
CA GLU A 88 -6.25 -0.26 0.78
C GLU A 88 -7.42 -1.21 0.63
N VAL A 89 -7.13 -2.49 0.70
CA VAL A 89 -8.16 -3.52 0.58
C VAL A 89 -8.03 -4.47 1.73
N ASP A 90 -8.83 -4.22 2.76
CA ASP A 90 -8.72 -4.96 4.00
C ASP A 90 -9.83 -5.97 4.25
N PHE A 91 -9.48 -7.10 4.86
CA PHE A 91 -10.45 -8.12 5.20
C PHE A 91 -10.31 -8.44 6.69
N PRO A 92 -10.78 -7.56 7.54
CA PRO A 92 -10.66 -7.75 9.02
C PRO A 92 -11.63 -8.76 9.60
N GLN A 93 -11.35 -9.19 10.83
CA GLN A 93 -12.23 -10.14 11.51
C GLN A 93 -13.49 -9.42 11.96
N LYS A 94 -13.31 -8.21 12.46
CA LYS A 94 -14.41 -7.36 12.87
C LYS A 94 -14.65 -6.39 11.73
N ASN A 95 -15.63 -6.75 10.94
CA ASN A 95 -15.98 -6.00 9.74
C ASN A 95 -17.01 -4.89 9.99
N HIS A 96 -16.62 -3.71 9.51
CA HIS A 96 -17.47 -2.53 9.65
C HIS A 96 -17.52 -1.73 8.35
N GLN A 97 -17.11 -2.33 7.25
CA GLN A 97 -17.13 -1.63 5.97
C GLN A 97 -18.55 -1.70 5.35
N PRO A 98 -19.00 -0.69 4.62
CA PRO A 98 -20.35 -0.72 3.99
C PRO A 98 -20.48 -1.88 3.00
N GLU A 99 -21.71 -2.33 2.79
CA GLU A 99 -21.96 -3.46 1.90
C GLU A 99 -21.30 -3.26 0.54
N GLU A 100 -21.45 -2.08 -0.06
CA GLU A 100 -20.87 -1.82 -1.37
C GLU A 100 -19.36 -2.03 -1.34
N GLN A 101 -18.73 -1.60 -0.26
CA GLN A 101 -17.29 -1.75 -0.13
C GLN A 101 -16.90 -3.21 0.05
N ARG A 102 -17.69 -3.95 0.85
CA ARG A 102 -17.40 -5.35 1.08
C ARG A 102 -17.56 -6.16 -0.19
N GLN A 103 -18.63 -5.90 -0.94
CA GLN A 103 -18.87 -6.62 -2.17
C GLN A 103 -17.76 -6.37 -3.17
N LYS A 104 -17.37 -5.12 -3.29
CA LYS A 104 -16.33 -4.73 -4.23
C LYS A 104 -15.00 -5.42 -3.87
N ASN A 105 -14.66 -5.37 -2.59
CA ASN A 105 -13.42 -5.97 -2.13
C ASN A 105 -13.39 -7.47 -2.44
N GLN A 106 -14.52 -8.15 -2.27
CA GLN A 106 -14.59 -9.58 -2.56
C GLN A 106 -14.36 -9.83 -4.03
N GLU A 107 -14.92 -8.97 -4.87
CA GLU A 107 -14.76 -9.13 -6.31
C GLU A 107 -13.30 -8.95 -6.71
N LEU A 108 -12.66 -7.95 -6.13
CA LEU A 108 -11.27 -7.66 -6.41
C LEU A 108 -10.37 -8.79 -5.94
N LYS A 109 -10.72 -9.35 -4.79
CA LYS A 109 -9.95 -10.43 -4.20
C LYS A 109 -9.92 -11.60 -5.17
N ALA A 110 -11.03 -11.81 -5.85
CA ALA A 110 -11.13 -12.90 -6.80
C ALA A 110 -10.53 -12.50 -8.14
N GLN A 111 -10.70 -11.23 -8.51
CA GLN A 111 -10.23 -10.76 -9.79
C GLN A 111 -8.74 -10.97 -9.98
N TYR A 112 -7.96 -10.56 -8.98
CA TYR A 112 -6.52 -10.72 -9.08
C TYR A 112 -6.05 -12.00 -8.44
N LYS A 113 -7.00 -12.89 -8.15
CA LYS A 113 -6.71 -14.18 -7.57
C LYS A 113 -5.87 -14.04 -6.31
N VAL A 114 -6.35 -13.23 -5.39
CA VAL A 114 -5.62 -13.01 -4.15
C VAL A 114 -6.06 -14.02 -3.10
N THR A 115 -5.10 -14.77 -2.56
CA THR A 115 -5.39 -15.79 -1.56
C THR A 115 -4.63 -15.52 -0.27
N GLY A 116 -3.33 -15.28 -0.40
CA GLY A 116 -2.48 -15.05 0.76
C GLY A 116 -2.24 -13.56 1.01
N PHE A 117 -2.08 -13.22 2.28
CA PHE A 117 -1.83 -11.84 2.69
C PHE A 117 -0.59 -11.82 3.63
N PRO A 118 0.18 -10.75 3.64
CA PRO A 118 -0.05 -9.53 2.79
C PRO A 118 0.41 -9.74 1.36
N GLU A 119 -0.35 -9.19 0.44
CA GLU A 119 -0.01 -9.30 -0.97
C GLU A 119 -0.21 -7.96 -1.64
N LEU A 120 0.83 -7.47 -2.31
CA LEU A 120 0.77 -6.19 -3.01
C LEU A 120 0.87 -6.46 -4.49
N VAL A 121 -0.15 -6.03 -5.23
CA VAL A 121 -0.20 -6.25 -6.67
C VAL A 121 -0.17 -4.94 -7.43
N PHE A 122 0.72 -4.84 -8.41
CA PHE A 122 0.84 -3.63 -9.20
C PHE A 122 0.11 -3.77 -10.53
N ILE A 123 -0.79 -2.83 -10.78
CA ILE A 123 -1.56 -2.84 -12.02
C ILE A 123 -1.56 -1.48 -12.67
N ASP A 124 -1.85 -1.49 -13.96
CA ASP A 124 -1.94 -0.27 -14.73
C ASP A 124 -3.38 0.18 -14.72
N ALA A 125 -3.65 1.27 -15.42
CA ALA A 125 -5.00 1.82 -15.48
C ALA A 125 -5.94 0.95 -16.31
N GLU A 126 -5.39 -0.01 -17.06
CA GLU A 126 -6.21 -0.90 -17.87
C GLU A 126 -6.44 -2.20 -17.08
N GLY A 127 -5.87 -2.26 -15.89
CA GLY A 127 -6.05 -3.43 -15.05
C GLY A 127 -5.03 -4.51 -15.38
N LYS A 128 -4.01 -4.16 -16.15
CA LYS A 128 -2.98 -5.12 -16.49
C LYS A 128 -1.99 -5.24 -15.34
N GLN A 129 -1.58 -6.45 -15.03
CA GLN A 129 -0.66 -6.67 -13.92
C GLN A 129 0.80 -6.47 -14.36
N LEU A 130 1.51 -5.56 -13.66
CA LEU A 130 2.91 -5.33 -14.00
C LEU A 130 3.83 -6.11 -13.08
N ALA A 131 3.38 -6.39 -11.85
CA ALA A 131 4.20 -7.14 -10.89
C ALA A 131 3.43 -7.41 -9.59
N ARG A 132 3.94 -8.34 -8.78
CA ARG A 132 3.29 -8.66 -7.51
C ARG A 132 4.33 -9.09 -6.47
N MET A 133 4.11 -8.66 -5.22
CA MET A 133 5.02 -9.02 -4.14
C MET A 133 4.27 -9.23 -2.82
N GLY A 134 4.91 -9.97 -1.93
CA GLY A 134 4.34 -10.23 -0.61
C GLY A 134 5.25 -9.68 0.46
N PHE A 135 5.29 -10.33 1.62
CA PHE A 135 6.18 -9.89 2.67
C PHE A 135 7.58 -10.36 2.33
N GLU A 136 8.56 -9.47 2.43
CA GLU A 136 9.92 -9.83 2.10
C GLU A 136 10.90 -9.17 3.08
N PRO A 137 11.63 -9.91 3.89
CA PRO A 137 12.59 -9.30 4.82
C PRO A 137 13.58 -8.39 4.11
N GLY A 138 14.10 -7.41 4.84
CA GLY A 138 15.05 -6.47 4.26
C GLY A 138 14.66 -5.03 4.57
N GLY A 139 13.40 -4.77 4.89
CA GLY A 139 13.00 -3.42 5.21
C GLY A 139 12.43 -2.65 4.01
N GLY A 140 12.03 -1.41 4.28
CA GLY A 140 11.39 -0.57 3.26
C GLY A 140 12.29 -0.21 2.07
N ALA A 141 13.53 0.16 2.34
CA ALA A 141 14.44 0.55 1.26
C ALA A 141 14.63 -0.60 0.29
N ALA A 142 14.87 -1.77 0.82
CA ALA A 142 15.10 -2.92 -0.03
C ALA A 142 13.85 -3.26 -0.84
N TYR A 143 12.68 -3.10 -0.24
CA TYR A 143 11.43 -3.41 -0.90
C TYR A 143 11.21 -2.52 -2.13
N VAL A 144 11.52 -1.23 -2.00
CA VAL A 144 11.32 -0.32 -3.11
C VAL A 144 12.26 -0.67 -4.28
N SER A 145 13.48 -1.08 -3.99
CA SER A 145 14.39 -1.41 -5.08
C SER A 145 13.77 -2.52 -5.92
N LYS A 146 13.16 -3.49 -5.23
CA LYS A 146 12.55 -4.65 -5.86
C LYS A 146 11.36 -4.27 -6.76
N VAL A 147 10.51 -3.38 -6.28
CA VAL A 147 9.34 -2.97 -7.06
C VAL A 147 9.78 -2.23 -8.32
N LYS A 148 10.80 -1.39 -8.17
CA LYS A 148 11.30 -0.61 -9.30
C LYS A 148 11.79 -1.52 -10.42
N SER A 149 12.52 -2.57 -10.08
CA SER A 149 13.04 -3.48 -11.09
C SER A 149 11.91 -4.23 -11.76
N ALA A 150 10.92 -4.62 -10.97
CA ALA A 150 9.79 -5.38 -11.50
C ALA A 150 8.97 -4.54 -12.47
N LEU A 151 8.82 -3.27 -12.18
CA LEU A 151 8.03 -2.39 -13.02
C LEU A 151 8.83 -1.72 -14.12
N LYS A 152 10.15 -1.96 -14.18
CA LYS A 152 11.00 -1.36 -15.20
C LYS A 152 10.98 0.16 -15.10
N LEU A 153 11.19 0.66 -13.88
CA LEU A 153 11.24 2.10 -13.63
C LEU A 153 12.70 2.54 -13.58
N ARG A 154 13.05 3.49 -14.44
CA ARG A 154 14.41 4.01 -14.49
C ARG A 154 14.54 5.25 -13.61
N ALA A 11 20.90 35.22 19.84
CA ALA A 11 20.30 36.25 19.01
C ALA A 11 19.14 35.65 18.21
N ARG A 12 19.28 34.39 17.82
CA ARG A 12 18.24 33.71 17.05
C ARG A 12 17.50 32.72 17.92
N ARG A 13 16.18 32.65 17.75
CA ARG A 13 15.36 31.73 18.52
C ARG A 13 15.75 30.28 18.24
N ARG A 14 16.09 29.99 16.98
CA ARG A 14 16.49 28.64 16.60
C ARG A 14 15.44 27.64 17.07
N ALA A 15 14.48 27.33 16.20
CA ALA A 15 13.44 26.39 16.57
C ALA A 15 14.06 25.06 16.97
N SER A 16 13.54 24.46 18.02
CA SER A 16 14.07 23.19 18.49
C SER A 16 13.80 22.09 17.47
N GLY A 17 14.48 20.97 17.62
CA GLY A 17 14.31 19.84 16.71
C GLY A 17 12.88 19.34 16.76
N GLU A 18 12.26 19.46 17.93
CA GLU A 18 10.89 19.00 18.12
C GLU A 18 9.97 19.58 17.06
N ASN A 19 9.11 18.74 16.50
CA ASN A 19 8.19 19.19 15.46
C ASN A 19 7.01 19.93 16.09
N LEU A 20 6.74 21.13 15.58
CA LEU A 20 5.66 21.95 16.09
C LEU A 20 4.69 22.33 14.99
N GLN A 21 3.40 22.27 15.30
CA GLN A 21 2.37 22.60 14.32
C GLN A 21 2.58 21.81 13.04
N GLN A 22 1.89 22.20 11.97
CA GLN A 22 2.03 21.49 10.69
C GLN A 22 3.40 21.78 10.07
N THR A 23 4.14 20.73 9.78
CA THR A 23 5.47 20.88 9.19
C THR A 23 5.45 20.65 7.68
N ARG A 24 4.26 20.38 7.14
CA ARG A 24 4.12 20.13 5.71
C ARG A 24 2.96 20.93 5.12
N PRO A 25 3.09 22.22 5.02
CA PRO A 25 2.03 23.10 4.47
C PRO A 25 1.52 22.61 3.11
N ILE A 26 2.43 22.09 2.29
CA ILE A 26 2.06 21.60 0.96
C ILE A 26 2.08 20.07 0.94
N ALA A 27 1.00 19.49 0.44
CA ALA A 27 0.89 18.04 0.38
C ALA A 27 0.70 17.46 1.77
N ALA A 28 -0.28 16.57 1.91
CA ALA A 28 -0.53 15.95 3.20
C ALA A 28 0.59 14.97 3.55
N ALA A 29 0.87 14.85 4.84
CA ALA A 29 1.94 13.95 5.29
C ALA A 29 1.51 12.50 5.19
N ASN A 30 2.47 11.59 5.41
CA ASN A 30 2.20 10.16 5.36
C ASN A 30 1.69 9.75 3.99
N LEU A 31 1.38 8.46 3.85
CA LEU A 31 0.87 7.94 2.60
C LEU A 31 -0.57 8.39 2.40
N GLN A 32 -0.90 8.69 1.16
CA GLN A 32 -2.23 9.13 0.81
C GLN A 32 -3.01 7.99 0.16
N TRP A 33 -3.98 7.43 0.88
CA TRP A 33 -4.76 6.34 0.35
C TRP A 33 -5.84 6.88 -0.60
N GLU A 34 -6.05 6.16 -1.70
CA GLU A 34 -7.05 6.53 -2.69
C GLU A 34 -8.05 5.38 -2.83
N SER A 35 -9.17 5.65 -3.49
CA SER A 35 -10.17 4.61 -3.68
C SER A 35 -9.80 3.82 -4.93
N TYR A 36 -10.36 2.64 -5.05
CA TYR A 36 -10.10 1.81 -6.19
C TYR A 36 -10.54 2.51 -7.46
N ALA A 37 -11.74 3.08 -7.37
CA ALA A 37 -12.31 3.80 -8.49
C ALA A 37 -11.52 5.06 -8.75
N GLU A 38 -11.06 5.70 -7.69
CA GLU A 38 -10.29 6.91 -7.83
C GLU A 38 -8.92 6.64 -8.41
N ALA A 39 -8.31 5.53 -8.00
CA ALA A 39 -6.98 5.17 -8.50
C ALA A 39 -6.96 4.99 -10.00
N LEU A 40 -7.93 4.27 -10.50
CA LEU A 40 -7.98 4.02 -11.93
C LEU A 40 -8.19 5.31 -12.68
N GLU A 41 -9.05 6.16 -12.15
CA GLU A 41 -9.34 7.42 -12.79
C GLU A 41 -8.08 8.21 -12.95
N HIS A 42 -7.31 8.25 -11.90
CA HIS A 42 -6.09 8.99 -11.94
C HIS A 42 -5.09 8.34 -12.91
N SER A 43 -4.98 7.00 -12.84
CA SER A 43 -4.03 6.27 -13.68
C SER A 43 -4.40 6.35 -15.15
N LYS A 44 -5.69 6.41 -15.46
CA LYS A 44 -6.12 6.51 -16.83
C LYS A 44 -5.51 7.78 -17.40
N GLN A 45 -5.32 8.77 -16.52
CA GLN A 45 -4.80 10.07 -16.96
C GLN A 45 -3.31 10.21 -16.73
N ASP A 46 -2.85 9.74 -15.59
CA ASP A 46 -1.44 9.88 -15.24
C ASP A 46 -0.60 8.66 -15.66
N HIS A 47 -1.25 7.55 -15.94
CA HIS A 47 -0.56 6.34 -16.38
C HIS A 47 0.25 5.70 -15.25
N LYS A 48 0.01 6.13 -14.01
CA LYS A 48 0.76 5.58 -12.89
C LYS A 48 0.15 4.24 -12.45
N PRO A 49 0.96 3.28 -12.03
CA PRO A 49 0.46 1.94 -11.58
C PRO A 49 -0.23 1.99 -10.22
N ILE A 50 -1.11 1.04 -9.97
CA ILE A 50 -1.85 1.00 -8.72
C ILE A 50 -1.43 -0.18 -7.86
N GLY A 51 -1.20 0.06 -6.57
CA GLY A 51 -0.84 -1.00 -5.65
C GLY A 51 -2.04 -1.30 -4.74
N LEU A 52 -2.57 -2.52 -4.83
CA LEU A 52 -3.68 -2.91 -3.98
C LEU A 52 -3.14 -3.67 -2.80
N PHE A 53 -3.42 -3.16 -1.61
CA PHE A 53 -2.96 -3.82 -0.40
C PHE A 53 -4.04 -4.76 0.09
N PHE A 54 -3.84 -6.06 -0.11
CA PHE A 54 -4.80 -7.08 0.35
C PHE A 54 -4.33 -7.56 1.71
N THR A 55 -5.18 -7.43 2.74
CA THR A 55 -4.75 -7.85 4.09
C THR A 55 -5.90 -8.19 5.06
N GLY A 56 -5.50 -8.46 6.30
CA GLY A 56 -6.42 -8.72 7.41
C GLY A 56 -5.95 -7.85 8.57
N SER A 57 -6.47 -6.63 8.63
CA SER A 57 -6.05 -5.64 9.62
C SER A 57 -6.13 -6.08 11.07
N ASP A 58 -7.12 -6.88 11.46
CA ASP A 58 -7.26 -7.25 12.86
C ASP A 58 -6.80 -8.67 13.21
N TRP A 59 -6.39 -9.49 12.24
CA TRP A 59 -5.98 -10.85 12.60
C TRP A 59 -4.71 -11.36 11.93
N CYS A 60 -4.25 -10.70 10.87
CA CYS A 60 -3.03 -11.13 10.20
C CYS A 60 -1.83 -10.36 10.74
N MET A 61 -0.90 -11.08 11.37
CA MET A 61 0.27 -10.44 11.94
C MET A 61 1.31 -10.10 10.87
N TRP A 62 1.51 -10.99 9.91
CA TRP A 62 2.49 -10.75 8.86
C TRP A 62 2.09 -9.52 8.08
N CYS A 63 0.79 -9.29 8.01
CA CYS A 63 0.27 -8.13 7.31
C CYS A 63 0.62 -6.87 8.07
N ILE A 64 0.50 -6.94 9.39
CA ILE A 64 0.85 -5.81 10.21
C ILE A 64 2.32 -5.51 9.99
N LYS A 65 3.15 -6.55 9.96
CA LYS A 65 4.57 -6.35 9.77
C LYS A 65 4.87 -5.73 8.43
N MET A 66 4.24 -6.22 7.36
CA MET A 66 4.48 -5.65 6.05
C MET A 66 4.04 -4.20 6.06
N GLN A 67 2.86 -3.98 6.63
CA GLN A 67 2.30 -2.66 6.73
C GLN A 67 3.13 -1.78 7.65
N ASP A 68 3.46 -2.26 8.83
CA ASP A 68 4.22 -1.45 9.77
C ASP A 68 5.68 -1.26 9.33
N GLN A 69 6.28 -2.27 8.71
CA GLN A 69 7.69 -2.15 8.32
C GLN A 69 7.92 -1.61 6.90
N ILE A 70 6.97 -1.77 5.97
CA ILE A 70 7.21 -1.30 4.59
C ILE A 70 6.27 -0.18 4.17
N LEU A 71 4.96 -0.38 4.28
CA LEU A 71 4.03 0.65 3.83
C LEU A 71 4.21 1.94 4.64
N GLN A 72 4.44 1.82 5.95
CA GLN A 72 4.60 2.97 6.83
C GLN A 72 6.06 3.44 6.91
N SER A 73 6.96 2.78 6.18
CA SER A 73 8.37 3.18 6.18
C SER A 73 8.59 4.41 5.30
N SER A 74 9.59 5.21 5.65
CA SER A 74 9.86 6.46 4.93
C SER A 74 10.16 6.26 3.43
N GLU A 75 10.97 5.27 3.09
CA GLU A 75 11.33 5.06 1.68
C GLU A 75 10.11 4.70 0.85
N PHE A 76 9.25 3.85 1.39
CA PHE A 76 8.05 3.44 0.68
C PHE A 76 7.13 4.63 0.45
N LYS A 77 6.99 5.48 1.49
CA LYS A 77 6.14 6.65 1.40
C LYS A 77 6.61 7.58 0.30
N HIS A 78 7.91 7.85 0.25
CA HIS A 78 8.45 8.74 -0.74
C HIS A 78 8.30 8.17 -2.13
N PHE A 79 8.67 6.90 -2.28
CA PHE A 79 8.58 6.25 -3.57
C PHE A 79 7.14 6.21 -4.05
N ALA A 80 6.25 5.74 -3.18
CA ALA A 80 4.85 5.60 -3.51
C ALA A 80 4.15 6.93 -3.74
N GLY A 81 4.53 7.95 -2.97
CA GLY A 81 3.90 9.25 -3.11
C GLY A 81 4.22 9.84 -4.46
N VAL A 82 5.44 9.61 -4.92
CA VAL A 82 5.90 10.14 -6.18
C VAL A 82 5.50 9.26 -7.38
N HIS A 83 5.66 7.93 -7.27
CA HIS A 83 5.43 7.04 -8.41
C HIS A 83 4.18 6.15 -8.36
N LEU A 84 3.40 6.11 -7.27
CA LEU A 84 2.26 5.17 -7.26
C LEU A 84 0.95 5.68 -6.66
N HIS A 85 -0.12 4.91 -6.92
CA HIS A 85 -1.43 5.16 -6.36
C HIS A 85 -1.72 3.98 -5.44
N MET A 86 -1.99 4.24 -4.16
CA MET A 86 -2.26 3.14 -3.22
C MET A 86 -3.75 3.00 -2.94
N VAL A 87 -4.18 1.74 -2.92
CA VAL A 87 -5.56 1.41 -2.64
C VAL A 87 -5.57 0.39 -1.49
N GLU A 88 -6.38 0.65 -0.47
CA GLU A 88 -6.45 -0.23 0.68
C GLU A 88 -7.62 -1.20 0.53
N VAL A 89 -7.31 -2.49 0.61
CA VAL A 89 -8.32 -3.53 0.49
C VAL A 89 -8.20 -4.50 1.66
N ASP A 90 -9.01 -4.24 2.68
CA ASP A 90 -8.90 -5.01 3.92
C ASP A 90 -10.02 -6.00 4.20
N PHE A 91 -9.67 -7.14 4.78
CA PHE A 91 -10.65 -8.14 5.16
C PHE A 91 -10.42 -8.52 6.63
N PRO A 92 -10.84 -7.69 7.55
CA PRO A 92 -10.63 -7.92 9.02
C PRO A 92 -11.62 -8.92 9.64
N GLN A 93 -11.35 -9.32 10.88
CA GLN A 93 -12.26 -10.24 11.55
C GLN A 93 -13.51 -9.48 11.98
N LYS A 94 -13.31 -8.26 12.47
CA LYS A 94 -14.41 -7.40 12.86
C LYS A 94 -14.64 -6.43 11.71
N ASN A 95 -15.62 -6.78 10.90
CA ASN A 95 -15.97 -5.99 9.70
C ASN A 95 -16.94 -4.84 9.99
N HIS A 96 -16.48 -3.64 9.60
CA HIS A 96 -17.27 -2.42 9.77
C HIS A 96 -17.31 -1.62 8.47
N GLN A 97 -16.85 -2.20 7.38
CA GLN A 97 -16.85 -1.51 6.10
C GLN A 97 -18.25 -1.57 5.47
N PRO A 98 -18.61 -0.61 4.65
CA PRO A 98 -19.94 -0.60 3.99
C PRO A 98 -20.07 -1.73 2.96
N GLU A 99 -21.29 -2.18 2.72
CA GLU A 99 -21.53 -3.29 1.79
C GLU A 99 -20.81 -3.09 0.46
N GLU A 100 -20.92 -1.91 -0.13
CA GLU A 100 -20.29 -1.66 -1.43
C GLU A 100 -18.79 -1.91 -1.38
N GLN A 101 -18.16 -1.48 -0.30
CA GLN A 101 -16.72 -1.66 -0.16
C GLN A 101 -16.38 -3.13 0.04
N ARG A 102 -17.18 -3.83 0.83
CA ARG A 102 -16.92 -5.24 1.08
C ARG A 102 -17.09 -6.04 -0.20
N GLN A 103 -18.12 -5.74 -0.98
CA GLN A 103 -18.34 -6.45 -2.23
C GLN A 103 -17.18 -6.21 -3.19
N LYS A 104 -16.78 -4.94 -3.31
CA LYS A 104 -15.68 -4.60 -4.20
C LYS A 104 -14.41 -5.32 -3.76
N ASN A 105 -14.15 -5.29 -2.45
CA ASN A 105 -12.95 -5.93 -1.92
C ASN A 105 -12.93 -7.42 -2.23
N GLN A 106 -14.07 -8.09 -2.09
CA GLN A 106 -14.15 -9.52 -2.37
C GLN A 106 -13.93 -9.76 -3.85
N GLU A 107 -14.51 -8.91 -4.70
CA GLU A 107 -14.36 -9.07 -6.13
C GLU A 107 -12.90 -8.89 -6.53
N LEU A 108 -12.27 -7.88 -5.94
CA LEU A 108 -10.88 -7.57 -6.22
C LEU A 108 -9.97 -8.73 -5.78
N LYS A 109 -10.29 -9.30 -4.62
CA LYS A 109 -9.51 -10.39 -4.07
C LYS A 109 -9.56 -11.57 -5.02
N ALA A 110 -10.73 -11.78 -5.60
CA ALA A 110 -10.91 -12.87 -6.55
C ALA A 110 -10.33 -12.50 -7.90
N GLN A 111 -10.49 -11.23 -8.29
CA GLN A 111 -10.03 -10.76 -9.58
C GLN A 111 -8.54 -10.98 -9.77
N TYR A 112 -7.76 -10.58 -8.79
CA TYR A 112 -6.32 -10.69 -8.91
C TYR A 112 -5.83 -12.01 -8.35
N LYS A 113 -6.78 -12.91 -8.10
CA LYS A 113 -6.48 -14.24 -7.59
C LYS A 113 -5.64 -14.14 -6.35
N VAL A 114 -6.10 -13.35 -5.40
CA VAL A 114 -5.37 -13.16 -4.18
C VAL A 114 -5.81 -14.21 -3.16
N THR A 115 -4.85 -14.99 -2.66
CA THR A 115 -5.13 -16.03 -1.69
C THR A 115 -4.42 -15.79 -0.38
N GLY A 116 -3.12 -15.52 -0.48
CA GLY A 116 -2.30 -15.30 0.70
C GLY A 116 -2.10 -13.81 0.96
N PHE A 117 -2.02 -13.47 2.25
CA PHE A 117 -1.81 -12.09 2.66
C PHE A 117 -0.56 -12.00 3.56
N PRO A 118 0.14 -10.89 3.55
CA PRO A 118 -0.17 -9.69 2.73
C PRO A 118 0.26 -9.85 1.29
N GLU A 119 -0.49 -9.27 0.37
CA GLU A 119 -0.14 -9.35 -1.04
C GLU A 119 -0.32 -8.00 -1.70
N LEU A 120 0.73 -7.50 -2.33
CA LEU A 120 0.69 -6.22 -3.01
C LEU A 120 0.82 -6.49 -4.49
N VAL A 121 -0.19 -6.06 -5.22
CA VAL A 121 -0.23 -6.27 -6.66
C VAL A 121 -0.19 -4.95 -7.40
N PHE A 122 0.69 -4.85 -8.38
CA PHE A 122 0.82 -3.63 -9.15
C PHE A 122 0.07 -3.78 -10.46
N ILE A 123 -0.83 -2.83 -10.74
CA ILE A 123 -1.62 -2.84 -11.96
C ILE A 123 -1.58 -1.48 -12.64
N ASP A 124 -1.82 -1.49 -13.94
CA ASP A 124 -1.87 -0.26 -14.70
C ASP A 124 -3.32 0.20 -14.70
N ALA A 125 -3.59 1.28 -15.41
CA ALA A 125 -4.94 1.84 -15.46
C ALA A 125 -5.91 0.95 -16.22
N GLU A 126 -5.40 -0.05 -16.94
CA GLU A 126 -6.26 -0.97 -17.68
C GLU A 126 -6.46 -2.24 -16.87
N GLY A 127 -5.87 -2.30 -15.69
CA GLY A 127 -6.03 -3.47 -14.83
C GLY A 127 -5.02 -4.56 -15.19
N LYS A 128 -3.99 -4.22 -15.95
CA LYS A 128 -2.98 -5.22 -16.30
C LYS A 128 -1.95 -5.29 -15.21
N GLN A 129 -1.60 -6.50 -14.78
CA GLN A 129 -0.63 -6.69 -13.71
C GLN A 129 0.80 -6.47 -14.18
N LEU A 130 1.52 -5.57 -13.51
CA LEU A 130 2.91 -5.31 -13.86
C LEU A 130 3.85 -6.13 -12.99
N ALA A 131 3.41 -6.42 -11.76
CA ALA A 131 4.20 -7.22 -10.83
C ALA A 131 3.43 -7.46 -9.53
N ARG A 132 3.92 -8.38 -8.70
CA ARG A 132 3.27 -8.67 -7.43
C ARG A 132 4.29 -9.08 -6.37
N MET A 133 4.05 -8.64 -5.14
CA MET A 133 4.94 -8.97 -4.04
C MET A 133 4.16 -9.19 -2.74
N GLY A 134 4.78 -9.93 -1.84
CA GLY A 134 4.18 -10.22 -0.54
C GLY A 134 5.06 -9.68 0.58
N PHE A 135 5.09 -10.38 1.71
CA PHE A 135 5.93 -9.97 2.81
C PHE A 135 7.34 -10.47 2.55
N GLU A 136 8.32 -9.58 2.64
CA GLU A 136 9.69 -9.98 2.41
C GLU A 136 10.62 -9.19 3.35
N PRO A 137 11.63 -9.81 3.90
CA PRO A 137 12.58 -9.13 4.82
C PRO A 137 13.53 -8.21 4.07
N GLY A 138 14.09 -7.26 4.79
CA GLY A 138 15.03 -6.32 4.20
C GLY A 138 14.65 -4.88 4.50
N GLY A 139 13.39 -4.61 4.81
CA GLY A 139 12.99 -3.25 5.13
C GLY A 139 12.42 -2.50 3.92
N GLY A 140 12.03 -1.25 4.17
CA GLY A 140 11.39 -0.42 3.16
C GLY A 140 12.27 -0.07 1.96
N ALA A 141 13.52 0.27 2.21
CA ALA A 141 14.43 0.63 1.13
C ALA A 141 14.57 -0.52 0.15
N ALA A 142 14.80 -1.70 0.69
CA ALA A 142 14.99 -2.88 -0.13
C ALA A 142 13.72 -3.23 -0.93
N TYR A 143 12.55 -3.05 -0.31
CA TYR A 143 11.27 -3.37 -0.96
C TYR A 143 11.04 -2.49 -2.18
N VAL A 144 11.32 -1.20 -2.05
CA VAL A 144 11.10 -0.30 -3.16
C VAL A 144 12.04 -0.62 -4.32
N SER A 145 13.26 -1.05 -4.03
CA SER A 145 14.18 -1.38 -5.11
C SER A 145 13.58 -2.49 -5.98
N LYS A 146 13.00 -3.47 -5.30
CA LYS A 146 12.41 -4.63 -5.98
C LYS A 146 11.23 -4.27 -6.86
N VAL A 147 10.37 -3.37 -6.37
CA VAL A 147 9.20 -2.99 -7.14
C VAL A 147 9.63 -2.27 -8.43
N LYS A 148 10.68 -1.45 -8.30
CA LYS A 148 11.19 -0.69 -9.43
C LYS A 148 11.61 -1.61 -10.56
N SER A 149 12.33 -2.68 -10.25
CA SER A 149 12.77 -3.60 -11.29
C SER A 149 11.58 -4.33 -11.90
N ALA A 150 10.60 -4.63 -11.06
CA ALA A 150 9.42 -5.34 -11.51
C ALA A 150 8.55 -4.49 -12.44
N LEU A 151 8.40 -3.21 -12.13
CA LEU A 151 7.57 -2.33 -12.96
C LEU A 151 8.36 -1.65 -14.08
N LYS A 152 9.67 -1.90 -14.14
CA LYS A 152 10.51 -1.29 -15.19
C LYS A 152 10.51 0.23 -15.05
N LEU A 153 10.71 0.71 -13.83
CA LEU A 153 10.80 2.16 -13.56
C LEU A 153 12.27 2.55 -13.60
N ARG A 154 12.61 3.52 -14.47
CA ARG A 154 14.00 3.98 -14.58
C ARG A 154 14.43 4.67 -13.29
N ALA A 11 22.53 -3.54 24.63
CA ALA A 11 22.66 -2.08 24.76
C ALA A 11 23.17 -1.71 26.14
N ARG A 12 23.89 -0.59 26.22
CA ARG A 12 24.41 -0.14 27.51
C ARG A 12 23.24 0.23 28.43
N ARG A 13 22.23 0.85 27.84
CA ARG A 13 21.04 1.24 28.59
C ARG A 13 20.07 0.07 28.69
N ARG A 14 19.13 0.17 29.62
CA ARG A 14 18.14 -0.88 29.81
C ARG A 14 17.23 -0.96 28.58
N ALA A 15 16.89 -2.18 28.17
CA ALA A 15 16.03 -2.36 27.01
C ALA A 15 14.66 -1.75 27.26
N SER A 16 14.09 -1.18 26.20
CA SER A 16 12.78 -0.55 26.31
C SER A 16 12.13 -0.46 24.93
N GLY A 17 10.81 -0.27 24.92
CA GLY A 17 10.08 -0.17 23.66
C GLY A 17 10.51 1.06 22.88
N GLU A 18 10.21 1.07 21.59
CA GLU A 18 10.57 2.20 20.74
C GLU A 18 9.70 3.40 21.07
N ASN A 19 8.44 3.14 21.38
CA ASN A 19 7.51 4.21 21.71
C ASN A 19 7.43 5.22 20.57
N LEU A 20 7.29 4.70 19.36
CA LEU A 20 7.20 5.56 18.18
C LEU A 20 5.97 6.46 18.25
N GLN A 21 4.87 5.89 18.71
CA GLN A 21 3.61 6.63 18.82
C GLN A 21 3.74 7.85 19.72
N GLN A 22 4.45 7.69 20.84
CA GLN A 22 4.62 8.79 21.78
C GLN A 22 3.26 9.32 22.24
N THR A 23 2.65 10.16 21.42
CA THR A 23 1.33 10.71 21.75
C THR A 23 0.40 10.64 20.55
N ARG A 24 -0.90 10.69 20.82
CA ARG A 24 -1.91 10.63 19.76
C ARG A 24 -1.40 11.33 18.50
N PRO A 25 -0.90 10.60 17.52
CA PRO A 25 -0.37 11.22 16.28
C PRO A 25 -1.49 11.63 15.33
N ILE A 26 -1.24 12.67 14.56
CA ILE A 26 -2.22 13.16 13.60
C ILE A 26 -2.47 12.12 12.51
N ALA A 27 -1.41 11.44 12.11
CA ALA A 27 -1.51 10.41 11.08
C ALA A 27 -0.40 9.36 11.25
N ALA A 28 -0.76 8.09 11.14
CA ALA A 28 0.21 7.00 11.30
C ALA A 28 1.26 7.05 10.19
N ALA A 29 0.82 7.35 8.97
CA ALA A 29 1.72 7.42 7.83
C ALA A 29 1.40 8.64 6.97
N ASN A 30 2.39 9.11 6.20
CA ASN A 30 2.17 10.26 5.35
C ASN A 30 1.68 9.83 3.98
N LEU A 31 1.39 8.54 3.86
CA LEU A 31 0.89 7.98 2.62
C LEU A 31 -0.56 8.42 2.43
N GLN A 32 -0.87 8.74 1.19
CA GLN A 32 -2.20 9.19 0.85
C GLN A 32 -2.99 8.05 0.20
N TRP A 33 -3.92 7.47 0.95
CA TRP A 33 -4.74 6.38 0.42
C TRP A 33 -5.80 6.95 -0.52
N GLU A 34 -5.99 6.26 -1.64
CA GLU A 34 -7.00 6.65 -2.62
C GLU A 34 -7.97 5.48 -2.84
N SER A 35 -9.14 5.76 -3.43
CA SER A 35 -10.10 4.69 -3.66
C SER A 35 -9.69 3.90 -4.88
N TYR A 36 -10.20 2.69 -4.98
CA TYR A 36 -9.90 1.85 -6.11
C TYR A 36 -10.36 2.53 -7.38
N ALA A 37 -11.55 3.10 -7.29
CA ALA A 37 -12.13 3.79 -8.42
C ALA A 37 -11.35 5.06 -8.72
N GLU A 38 -10.91 5.71 -7.67
CA GLU A 38 -10.16 6.93 -7.81
C GLU A 38 -8.79 6.66 -8.40
N ALA A 39 -8.17 5.56 -7.98
CA ALA A 39 -6.86 5.20 -8.46
C ALA A 39 -6.83 5.03 -9.96
N LEU A 40 -7.82 4.30 -10.46
CA LEU A 40 -7.89 4.03 -11.87
C LEU A 40 -8.09 5.29 -12.66
N GLU A 41 -8.94 6.17 -12.16
CA GLU A 41 -9.22 7.38 -12.85
C GLU A 41 -7.95 8.21 -12.96
N HIS A 42 -7.18 8.22 -11.88
CA HIS A 42 -5.93 8.95 -11.89
C HIS A 42 -4.94 8.29 -12.85
N SER A 43 -4.84 6.96 -12.79
CA SER A 43 -3.92 6.22 -13.64
C SER A 43 -4.27 6.35 -15.11
N LYS A 44 -5.56 6.41 -15.44
CA LYS A 44 -5.95 6.56 -16.82
C LYS A 44 -5.34 7.84 -17.36
N GLN A 45 -5.16 8.81 -16.46
CA GLN A 45 -4.64 10.11 -16.88
C GLN A 45 -3.16 10.26 -16.59
N ASP A 46 -2.72 9.77 -15.46
CA ASP A 46 -1.32 9.91 -15.07
C ASP A 46 -0.48 8.67 -15.38
N HIS A 47 -1.16 7.53 -15.59
CA HIS A 47 -0.49 6.27 -15.92
C HIS A 47 0.28 5.67 -14.74
N LYS A 48 0.02 6.16 -13.54
CA LYS A 48 0.71 5.66 -12.36
C LYS A 48 0.18 4.27 -11.95
N PRO A 49 1.03 3.27 -11.78
CA PRO A 49 0.58 1.91 -11.35
C PRO A 49 -0.19 1.94 -10.03
N ILE A 50 -1.09 0.97 -9.84
CA ILE A 50 -1.90 0.90 -8.62
C ILE A 50 -1.48 -0.29 -7.77
N GLY A 51 -1.27 -0.06 -6.48
CA GLY A 51 -0.90 -1.13 -5.56
C GLY A 51 -2.09 -1.46 -4.67
N LEU A 52 -2.63 -2.68 -4.80
CA LEU A 52 -3.75 -3.09 -3.96
C LEU A 52 -3.18 -3.87 -2.78
N PHE A 53 -3.45 -3.35 -1.59
CA PHE A 53 -2.95 -3.97 -0.38
C PHE A 53 -4.00 -4.91 0.20
N PHE A 54 -3.78 -6.22 0.08
CA PHE A 54 -4.69 -7.25 0.62
C PHE A 54 -4.19 -7.72 1.98
N THR A 55 -5.03 -7.58 3.01
CA THR A 55 -4.62 -8.01 4.35
C THR A 55 -5.76 -8.38 5.29
N GLY A 56 -5.38 -8.68 6.53
CA GLY A 56 -6.30 -8.98 7.62
C GLY A 56 -5.84 -8.14 8.79
N SER A 57 -6.35 -6.92 8.84
CA SER A 57 -5.94 -5.95 9.85
C SER A 57 -6.05 -6.43 11.30
N ASP A 58 -7.06 -7.25 11.63
CA ASP A 58 -7.25 -7.67 13.01
C ASP A 58 -6.82 -9.11 13.31
N TRP A 59 -6.40 -9.91 12.30
CA TRP A 59 -6.05 -11.30 12.58
C TRP A 59 -4.72 -11.77 12.00
N CYS A 60 -4.22 -11.12 10.97
CA CYS A 60 -2.92 -11.52 10.42
C CYS A 60 -1.84 -10.60 10.98
N MET A 61 -0.64 -11.13 11.19
CA MET A 61 0.46 -10.34 11.75
C MET A 61 1.51 -9.96 10.70
N TRP A 62 1.75 -10.85 9.73
CA TRP A 62 2.73 -10.56 8.68
C TRP A 62 2.31 -9.29 7.95
N CYS A 63 1.01 -9.05 7.94
CA CYS A 63 0.49 -7.88 7.29
C CYS A 63 0.83 -6.65 8.09
N ILE A 64 0.69 -6.74 9.39
CA ILE A 64 1.02 -5.63 10.25
C ILE A 64 2.48 -5.29 10.03
N LYS A 65 3.32 -6.33 9.99
CA LYS A 65 4.74 -6.12 9.80
C LYS A 65 5.00 -5.43 8.47
N MET A 66 4.33 -5.88 7.42
CA MET A 66 4.52 -5.27 6.11
C MET A 66 4.11 -3.81 6.15
N GLN A 67 2.97 -3.54 6.79
CA GLN A 67 2.48 -2.17 6.88
C GLN A 67 3.42 -1.32 7.70
N ASP A 68 3.76 -1.81 8.87
CA ASP A 68 4.63 -1.05 9.77
C ASP A 68 6.05 -0.90 9.24
N GLN A 69 6.59 -1.94 8.64
CA GLN A 69 7.98 -1.88 8.19
C GLN A 69 8.18 -1.37 6.77
N ILE A 70 7.20 -1.55 5.87
CA ILE A 70 7.40 -1.14 4.48
C ILE A 70 6.46 -0.03 4.04
N LEU A 71 5.16 -0.23 4.11
CA LEU A 71 4.24 0.79 3.67
C LEU A 71 4.41 2.07 4.47
N GLN A 72 4.64 1.93 5.78
CA GLN A 72 4.81 3.07 6.66
C GLN A 72 6.27 3.55 6.72
N SER A 73 7.16 2.93 5.96
CA SER A 73 8.57 3.33 5.96
C SER A 73 8.79 4.56 5.09
N SER A 74 9.81 5.36 5.43
CA SER A 74 10.10 6.58 4.70
C SER A 74 10.40 6.33 3.22
N GLU A 75 11.22 5.33 2.92
CA GLU A 75 11.59 5.06 1.55
C GLU A 75 10.36 4.70 0.71
N PHE A 76 9.51 3.86 1.26
CA PHE A 76 8.30 3.45 0.57
C PHE A 76 7.37 4.64 0.34
N LYS A 77 7.22 5.47 1.37
CA LYS A 77 6.35 6.63 1.28
C LYS A 77 6.80 7.55 0.17
N HIS A 78 8.10 7.80 0.09
CA HIS A 78 8.62 8.68 -0.93
C HIS A 78 8.42 8.10 -2.31
N PHE A 79 8.76 6.82 -2.45
CA PHE A 79 8.63 6.16 -3.73
C PHE A 79 7.18 6.13 -4.18
N ALA A 80 6.31 5.67 -3.29
CA ALA A 80 4.90 5.52 -3.60
C ALA A 80 4.17 6.85 -3.75
N GLY A 81 4.52 7.84 -2.95
CA GLY A 81 3.86 9.13 -3.04
C GLY A 81 4.15 9.75 -4.39
N VAL A 82 5.36 9.51 -4.89
CA VAL A 82 5.78 10.05 -6.14
C VAL A 82 5.39 9.18 -7.34
N HIS A 83 5.58 7.86 -7.25
CA HIS A 83 5.35 6.98 -8.39
C HIS A 83 4.10 6.07 -8.34
N LEU A 84 3.33 6.03 -7.24
CA LEU A 84 2.20 5.07 -7.22
C LEU A 84 0.91 5.58 -6.59
N HIS A 85 -0.15 4.82 -6.82
CA HIS A 85 -1.44 5.07 -6.22
C HIS A 85 -1.71 3.89 -5.30
N MET A 86 -1.96 4.14 -4.02
CA MET A 86 -2.18 3.06 -3.06
C MET A 86 -3.65 2.86 -2.75
N VAL A 87 -4.05 1.59 -2.67
CA VAL A 87 -5.42 1.25 -2.34
C VAL A 87 -5.41 0.24 -1.21
N GLU A 88 -6.20 0.51 -0.17
CA GLU A 88 -6.27 -0.39 0.97
C GLU A 88 -7.44 -1.34 0.81
N VAL A 89 -7.14 -2.64 0.91
CA VAL A 89 -8.15 -3.66 0.78
C VAL A 89 -8.02 -4.63 1.96
N ASP A 90 -8.81 -4.39 3.00
CA ASP A 90 -8.68 -5.16 4.23
C ASP A 90 -9.80 -6.15 4.50
N PHE A 91 -9.47 -7.26 5.14
CA PHE A 91 -10.46 -8.27 5.49
C PHE A 91 -10.44 -8.49 7.01
N PRO A 92 -10.99 -7.55 7.76
CA PRO A 92 -10.99 -7.61 9.26
C PRO A 92 -11.98 -8.61 9.85
N GLN A 93 -11.71 -9.02 11.09
CA GLN A 93 -12.62 -9.94 11.79
C GLN A 93 -13.88 -9.19 12.21
N LYS A 94 -13.70 -7.98 12.70
CA LYS A 94 -14.81 -7.13 13.08
C LYS A 94 -15.02 -6.16 11.93
N ASN A 95 -15.98 -6.51 11.12
CA ASN A 95 -16.30 -5.75 9.92
C ASN A 95 -17.33 -4.65 10.15
N HIS A 96 -16.92 -3.45 9.74
CA HIS A 96 -17.77 -2.28 9.86
C HIS A 96 -17.82 -1.49 8.56
N GLN A 97 -17.40 -2.13 7.47
CA GLN A 97 -17.42 -1.49 6.17
C GLN A 97 -18.80 -1.65 5.51
N PRO A 98 -19.22 -0.72 4.69
CA PRO A 98 -20.55 -0.78 4.03
C PRO A 98 -20.65 -1.92 3.01
N GLU A 99 -21.87 -2.37 2.74
CA GLU A 99 -22.10 -3.47 1.83
C GLU A 99 -21.44 -3.25 0.46
N GLU A 100 -21.58 -2.07 -0.13
CA GLU A 100 -21.01 -1.83 -1.44
C GLU A 100 -19.50 -2.03 -1.44
N GLN A 101 -18.85 -1.63 -0.36
CA GLN A 101 -17.40 -1.78 -0.25
C GLN A 101 -17.04 -3.25 -0.06
N ARG A 102 -17.82 -3.98 0.72
CA ARG A 102 -17.55 -5.39 0.96
C ARG A 102 -17.72 -6.19 -0.33
N GLN A 103 -18.76 -5.90 -1.11
CA GLN A 103 -19.00 -6.62 -2.36
C GLN A 103 -17.85 -6.38 -3.34
N LYS A 104 -17.47 -5.12 -3.47
CA LYS A 104 -16.39 -4.74 -4.38
C LYS A 104 -15.08 -5.41 -4.02
N ASN A 105 -14.75 -5.36 -2.73
CA ASN A 105 -13.51 -5.97 -2.25
C ASN A 105 -13.48 -7.46 -2.56
N GLN A 106 -14.61 -8.15 -2.41
CA GLN A 106 -14.64 -9.57 -2.70
C GLN A 106 -14.40 -9.83 -4.19
N GLU A 107 -14.95 -8.98 -5.04
CA GLU A 107 -14.77 -9.14 -6.47
C GLU A 107 -13.30 -8.97 -6.84
N LEU A 108 -12.67 -7.98 -6.22
CA LEU A 108 -11.26 -7.68 -6.47
C LEU A 108 -10.38 -8.83 -6.03
N LYS A 109 -10.70 -9.40 -4.86
CA LYS A 109 -9.91 -10.49 -4.31
C LYS A 109 -9.91 -11.65 -5.27
N ALA A 110 -11.03 -11.85 -5.94
CA ALA A 110 -11.15 -12.92 -6.90
C ALA A 110 -10.53 -12.54 -8.24
N GLN A 111 -10.68 -11.28 -8.61
CA GLN A 111 -10.18 -10.80 -9.89
C GLN A 111 -8.68 -11.02 -10.05
N TYR A 112 -7.91 -10.64 -9.05
CA TYR A 112 -6.46 -10.79 -9.15
C TYR A 112 -5.99 -12.11 -8.56
N LYS A 113 -6.95 -12.99 -8.28
CA LYS A 113 -6.65 -14.31 -7.74
C LYS A 113 -5.79 -14.21 -6.50
N VAL A 114 -6.23 -13.40 -5.55
CA VAL A 114 -5.50 -13.21 -4.32
C VAL A 114 -5.96 -14.25 -3.30
N THR A 115 -5.01 -15.01 -2.75
CA THR A 115 -5.34 -16.04 -1.77
C THR A 115 -4.62 -15.83 -0.45
N GLY A 116 -3.38 -15.36 -0.53
CA GLY A 116 -2.56 -15.15 0.65
C GLY A 116 -2.29 -13.67 0.91
N PHE A 117 -2.17 -13.33 2.18
CA PHE A 117 -1.89 -11.97 2.60
C PHE A 117 -0.67 -11.96 3.54
N PRO A 118 0.10 -10.89 3.57
CA PRO A 118 -0.10 -9.68 2.73
C PRO A 118 0.35 -9.86 1.29
N GLU A 119 -0.39 -9.28 0.36
CA GLU A 119 -0.04 -9.37 -1.04
C GLU A 119 -0.23 -8.01 -1.70
N LEU A 120 0.83 -7.51 -2.35
CA LEU A 120 0.77 -6.23 -3.02
C LEU A 120 0.89 -6.49 -4.53
N VAL A 121 -0.11 -6.06 -5.25
CA VAL A 121 -0.17 -6.27 -6.69
C VAL A 121 -0.12 -4.96 -7.45
N PHE A 122 0.76 -4.86 -8.42
CA PHE A 122 0.88 -3.65 -9.21
C PHE A 122 0.13 -3.80 -10.53
N ILE A 123 -0.76 -2.85 -10.80
CA ILE A 123 -1.55 -2.86 -12.02
C ILE A 123 -1.52 -1.51 -12.69
N ASP A 124 -1.78 -1.51 -13.99
CA ASP A 124 -1.85 -0.29 -14.74
C ASP A 124 -3.30 0.16 -14.74
N ALA A 125 -3.57 1.25 -15.42
CA ALA A 125 -4.92 1.81 -15.48
C ALA A 125 -5.86 0.93 -16.31
N GLU A 126 -5.31 -0.05 -17.01
CA GLU A 126 -6.13 -0.96 -17.81
C GLU A 126 -6.33 -2.25 -17.02
N GLY A 127 -5.72 -2.31 -15.84
CA GLY A 127 -5.87 -3.48 -14.99
C GLY A 127 -4.85 -4.56 -15.33
N LYS A 128 -3.81 -4.22 -16.08
CA LYS A 128 -2.79 -5.20 -16.41
C LYS A 128 -1.80 -5.29 -15.28
N GLN A 129 -1.45 -6.50 -14.89
CA GLN A 129 -0.53 -6.72 -13.80
C GLN A 129 0.93 -6.53 -14.25
N LEU A 130 1.64 -5.64 -13.56
CA LEU A 130 3.04 -5.37 -13.90
C LEU A 130 3.97 -6.18 -13.00
N ALA A 131 3.52 -6.47 -11.78
CA ALA A 131 4.30 -7.26 -10.84
C ALA A 131 3.52 -7.47 -9.55
N ARG A 132 4.01 -8.37 -8.71
CA ARG A 132 3.35 -8.64 -7.43
C ARG A 132 4.37 -9.05 -6.38
N MET A 133 4.13 -8.62 -5.14
CA MET A 133 5.02 -8.96 -4.05
C MET A 133 4.25 -9.16 -2.75
N GLY A 134 4.86 -9.89 -1.85
CA GLY A 134 4.26 -10.14 -0.55
C GLY A 134 5.15 -9.59 0.54
N PHE A 135 5.18 -10.26 1.68
CA PHE A 135 6.06 -9.82 2.75
C PHE A 135 7.44 -10.37 2.49
N GLU A 136 8.45 -9.51 2.56
CA GLU A 136 9.83 -9.94 2.33
C GLU A 136 10.77 -9.16 3.26
N PRO A 137 11.78 -9.80 3.81
CA PRO A 137 12.74 -9.13 4.71
C PRO A 137 13.69 -8.20 3.98
N GLY A 138 14.25 -7.24 4.72
CA GLY A 138 15.18 -6.29 4.13
C GLY A 138 14.80 -4.86 4.42
N GLY A 139 13.54 -4.57 4.74
CA GLY A 139 13.15 -3.22 5.07
C GLY A 139 12.57 -2.46 3.87
N GLY A 140 12.18 -1.22 4.13
CA GLY A 140 11.52 -0.39 3.12
C GLY A 140 12.40 -0.05 1.92
N ALA A 141 13.66 0.29 2.18
CA ALA A 141 14.56 0.66 1.09
C ALA A 141 14.72 -0.50 0.11
N ALA A 142 14.95 -1.68 0.65
CA ALA A 142 15.14 -2.84 -0.19
C ALA A 142 13.87 -3.18 -0.99
N TYR A 143 12.71 -3.01 -0.36
CA TYR A 143 11.42 -3.32 -1.01
C TYR A 143 11.18 -2.43 -2.21
N VAL A 144 11.45 -1.14 -2.07
CA VAL A 144 11.23 -0.23 -3.17
C VAL A 144 12.15 -0.56 -4.35
N SER A 145 13.37 -0.98 -4.08
CA SER A 145 14.27 -1.31 -5.18
C SER A 145 13.67 -2.42 -6.02
N LYS A 146 13.09 -3.41 -5.33
CA LYS A 146 12.50 -4.57 -5.98
C LYS A 146 11.32 -4.19 -6.87
N VAL A 147 10.47 -3.30 -6.38
CA VAL A 147 9.30 -2.90 -7.15
C VAL A 147 9.73 -2.15 -8.41
N LYS A 148 10.75 -1.33 -8.28
CA LYS A 148 11.24 -0.53 -9.40
C LYS A 148 11.66 -1.45 -10.55
N SER A 149 12.37 -2.52 -10.22
CA SER A 149 12.82 -3.46 -11.24
C SER A 149 11.63 -4.19 -11.85
N ALA A 150 10.68 -4.55 -11.01
CA ALA A 150 9.51 -5.28 -11.45
C ALA A 150 8.65 -4.45 -12.40
N LEU A 151 8.50 -3.17 -12.11
CA LEU A 151 7.68 -2.30 -12.94
C LEU A 151 8.47 -1.65 -14.07
N LYS A 152 9.79 -1.90 -14.13
CA LYS A 152 10.64 -1.32 -15.16
C LYS A 152 10.66 0.20 -15.04
N LEU A 153 10.87 0.67 -13.83
CA LEU A 153 10.96 2.11 -13.58
C LEU A 153 12.44 2.50 -13.59
N ARG A 154 12.78 3.47 -14.43
CA ARG A 154 14.15 3.93 -14.52
C ARG A 154 14.67 4.31 -13.13
N ALA A 11 6.85 -5.19 35.51
CA ALA A 11 5.63 -6.00 35.43
C ALA A 11 5.19 -6.17 33.98
N ARG A 12 5.34 -5.10 33.20
CA ARG A 12 4.96 -5.13 31.80
C ARG A 12 6.03 -5.82 30.96
N ARG A 13 5.60 -6.58 29.96
CA ARG A 13 6.54 -7.28 29.09
C ARG A 13 6.73 -6.53 27.78
N ARG A 14 7.97 -6.47 27.31
CA ARG A 14 8.28 -5.80 26.06
C ARG A 14 7.73 -4.37 26.04
N ALA A 15 7.77 -3.72 27.19
CA ALA A 15 7.27 -2.35 27.28
C ALA A 15 8.16 -1.39 26.50
N SER A 16 7.54 -0.42 25.84
CA SER A 16 8.30 0.56 25.05
C SER A 16 9.19 1.39 25.96
N GLY A 17 8.72 1.64 27.18
CA GLY A 17 9.48 2.42 28.15
C GLY A 17 8.82 3.77 28.41
N GLU A 18 9.08 4.32 29.60
CA GLU A 18 8.50 5.63 29.94
C GLU A 18 9.04 6.69 28.98
N ASN A 19 10.31 6.58 28.63
CA ASN A 19 10.95 7.52 27.72
C ASN A 19 10.91 7.00 26.28
N LEU A 20 10.68 7.90 25.33
CA LEU A 20 10.63 7.51 23.91
C LEU A 20 11.78 8.13 23.13
N GLN A 21 12.54 7.28 22.45
CA GLN A 21 13.67 7.73 21.64
C GLN A 21 13.19 8.24 20.30
N GLN A 22 13.74 9.38 19.86
CA GLN A 22 13.36 9.97 18.58
C GLN A 22 14.41 9.69 17.52
N THR A 23 13.97 9.19 16.36
CA THR A 23 14.89 8.88 15.27
C THR A 23 14.42 9.54 13.97
N ARG A 24 15.34 9.63 13.01
CA ARG A 24 15.02 10.24 11.72
C ARG A 24 14.37 11.61 11.90
N PRO A 25 15.16 12.64 12.09
CA PRO A 25 14.63 14.01 12.27
C PRO A 25 13.66 14.42 11.16
N ILE A 26 14.00 14.02 9.92
CA ILE A 26 13.17 14.34 8.76
C ILE A 26 12.59 13.07 8.15
N ALA A 27 11.27 13.05 7.98
CA ALA A 27 10.60 11.88 7.41
C ALA A 27 9.69 12.29 6.27
N ALA A 28 9.46 11.35 5.34
CA ALA A 28 8.61 11.62 4.20
C ALA A 28 7.16 11.75 4.61
N ALA A 29 6.42 12.58 3.89
CA ALA A 29 5.01 12.80 4.18
C ALA A 29 4.25 11.48 4.21
N ASN A 30 3.26 11.40 5.10
CA ASN A 30 2.46 10.19 5.23
C ASN A 30 1.87 9.78 3.89
N LEU A 31 1.52 8.51 3.78
CA LEU A 31 0.96 7.97 2.55
C LEU A 31 -0.49 8.45 2.38
N GLN A 32 -0.81 8.80 1.14
CA GLN A 32 -2.15 9.26 0.82
C GLN A 32 -2.93 8.11 0.17
N TRP A 33 -3.88 7.56 0.92
CA TRP A 33 -4.70 6.47 0.39
C TRP A 33 -5.77 7.04 -0.54
N GLU A 34 -5.97 6.34 -1.64
CA GLU A 34 -6.97 6.72 -2.62
C GLU A 34 -7.94 5.56 -2.83
N SER A 35 -9.11 5.85 -3.38
CA SER A 35 -10.08 4.81 -3.63
C SER A 35 -9.70 4.07 -4.89
N TYR A 36 -10.17 2.85 -5.00
CA TYR A 36 -9.88 2.04 -6.16
C TYR A 36 -10.34 2.74 -7.42
N ALA A 37 -11.53 3.30 -7.34
CA ALA A 37 -12.10 4.00 -8.47
C ALA A 37 -11.32 5.26 -8.74
N GLU A 38 -10.87 5.90 -7.69
CA GLU A 38 -10.11 7.12 -7.81
C GLU A 38 -8.74 6.85 -8.43
N ALA A 39 -8.12 5.75 -8.02
CA ALA A 39 -6.82 5.40 -8.55
C ALA A 39 -6.85 5.24 -10.05
N LEU A 40 -7.86 4.54 -10.50
CA LEU A 40 -8.02 4.26 -11.90
C LEU A 40 -8.22 5.51 -12.72
N GLU A 41 -9.03 6.41 -12.20
CA GLU A 41 -9.28 7.62 -12.92
C GLU A 41 -8.00 8.43 -13.02
N HIS A 42 -7.24 8.41 -11.94
CA HIS A 42 -5.96 9.12 -11.92
C HIS A 42 -4.95 8.46 -12.86
N SER A 43 -4.83 7.13 -12.75
CA SER A 43 -3.87 6.37 -13.56
C SER A 43 -4.18 6.45 -15.04
N LYS A 44 -5.47 6.49 -15.37
CA LYS A 44 -5.85 6.57 -16.75
C LYS A 44 -5.29 7.86 -17.32
N GLN A 45 -5.12 8.83 -16.43
CA GLN A 45 -4.63 10.15 -16.84
C GLN A 45 -3.16 10.31 -16.54
N ASP A 46 -2.74 9.82 -15.39
CA ASP A 46 -1.33 9.94 -14.97
C ASP A 46 -0.49 8.71 -15.32
N HIS A 47 -1.14 7.58 -15.59
CA HIS A 47 -0.43 6.35 -15.96
C HIS A 47 0.35 5.73 -14.79
N LYS A 48 0.07 6.20 -13.59
CA LYS A 48 0.76 5.70 -12.42
C LYS A 48 0.24 4.31 -12.00
N PRO A 49 1.10 3.31 -11.84
CA PRO A 49 0.65 1.95 -11.41
C PRO A 49 -0.13 1.98 -10.09
N ILE A 50 -1.04 1.02 -9.91
CA ILE A 50 -1.86 0.96 -8.71
C ILE A 50 -1.47 -0.24 -7.86
N GLY A 51 -1.28 -0.03 -6.56
CA GLY A 51 -0.95 -1.11 -5.64
C GLY A 51 -2.13 -1.43 -4.74
N LEU A 52 -2.67 -2.65 -4.86
CA LEU A 52 -3.78 -3.07 -4.02
C LEU A 52 -3.20 -3.85 -2.86
N PHE A 53 -3.44 -3.35 -1.65
CA PHE A 53 -2.91 -4.01 -0.47
C PHE A 53 -3.98 -4.94 0.12
N PHE A 54 -3.78 -6.25 -0.01
CA PHE A 54 -4.71 -7.25 0.51
C PHE A 54 -4.20 -7.75 1.86
N THR A 55 -5.03 -7.65 2.91
CA THR A 55 -4.60 -8.11 4.23
C THR A 55 -5.73 -8.49 5.18
N GLY A 56 -5.32 -8.80 6.41
CA GLY A 56 -6.21 -9.12 7.51
C GLY A 56 -5.73 -8.28 8.69
N SER A 57 -6.25 -7.07 8.75
CA SER A 57 -5.83 -6.10 9.75
C SER A 57 -5.96 -6.56 11.19
N ASP A 58 -6.97 -7.36 11.53
CA ASP A 58 -7.18 -7.78 12.90
C ASP A 58 -6.75 -9.22 13.20
N TRP A 59 -6.33 -10.01 12.20
CA TRP A 59 -6.00 -11.41 12.49
C TRP A 59 -4.67 -11.88 11.93
N CYS A 60 -4.13 -11.23 10.90
CA CYS A 60 -2.84 -11.65 10.36
C CYS A 60 -1.75 -10.71 10.91
N MET A 61 -0.55 -11.25 11.17
CA MET A 61 0.53 -10.45 11.73
C MET A 61 1.59 -10.07 10.69
N TRP A 62 1.83 -10.97 9.74
CA TRP A 62 2.81 -10.69 8.70
C TRP A 62 2.41 -9.43 7.95
N CYS A 63 1.11 -9.17 7.93
CA CYS A 63 0.58 -8.00 7.25
C CYS A 63 0.90 -6.76 8.05
N ILE A 64 0.70 -6.84 9.35
CA ILE A 64 1.00 -5.72 10.20
C ILE A 64 2.46 -5.36 10.00
N LYS A 65 3.29 -6.39 9.99
CA LYS A 65 4.71 -6.19 9.82
C LYS A 65 5.00 -5.51 8.50
N MET A 66 4.35 -5.96 7.42
CA MET A 66 4.57 -5.37 6.12
C MET A 66 4.15 -3.90 6.14
N GLN A 67 3.00 -3.62 6.75
CA GLN A 67 2.51 -2.26 6.82
C GLN A 67 3.43 -1.39 7.66
N ASP A 68 3.76 -1.89 8.83
CA ASP A 68 4.59 -1.11 9.74
C ASP A 68 6.02 -0.95 9.25
N GLN A 69 6.58 -2.00 8.67
CA GLN A 69 7.98 -1.93 8.25
C GLN A 69 8.18 -1.39 6.82
N ILE A 70 7.21 -1.57 5.92
CA ILE A 70 7.40 -1.13 4.53
C ILE A 70 6.46 -0.01 4.09
N LEU A 71 5.15 -0.22 4.17
CA LEU A 71 4.22 0.80 3.69
C LEU A 71 4.38 2.10 4.49
N GLN A 72 4.58 1.97 5.80
CA GLN A 72 4.71 3.16 6.65
C GLN A 72 6.16 3.64 6.72
N SER A 73 7.05 3.01 5.98
CA SER A 73 8.46 3.41 5.98
C SER A 73 8.68 4.65 5.12
N SER A 74 9.69 5.44 5.46
CA SER A 74 9.97 6.67 4.74
C SER A 74 10.26 6.43 3.26
N GLU A 75 11.06 5.43 2.95
CA GLU A 75 11.42 5.16 1.55
C GLU A 75 10.19 4.78 0.72
N PHE A 76 9.33 3.93 1.26
CA PHE A 76 8.13 3.52 0.54
C PHE A 76 7.20 4.69 0.31
N LYS A 77 7.04 5.51 1.34
CA LYS A 77 6.17 6.67 1.25
C LYS A 77 6.60 7.59 0.14
N HIS A 78 7.89 7.84 0.06
CA HIS A 78 8.40 8.72 -0.97
C HIS A 78 8.23 8.12 -2.35
N PHE A 79 8.57 6.85 -2.49
CA PHE A 79 8.47 6.18 -3.77
C PHE A 79 7.04 6.15 -4.26
N ALA A 80 6.13 5.68 -3.40
CA ALA A 80 4.74 5.54 -3.78
C ALA A 80 4.03 6.87 -3.98
N GLY A 81 4.36 7.87 -3.18
CA GLY A 81 3.72 9.16 -3.32
C GLY A 81 4.05 9.76 -4.66
N VAL A 82 5.29 9.55 -5.10
CA VAL A 82 5.76 10.09 -6.34
C VAL A 82 5.36 9.23 -7.55
N HIS A 83 5.53 7.91 -7.43
CA HIS A 83 5.28 7.02 -8.57
C HIS A 83 4.03 6.13 -8.50
N LEU A 84 3.27 6.09 -7.39
CA LEU A 84 2.13 5.15 -7.36
C LEU A 84 0.86 5.67 -6.71
N HIS A 85 -0.21 4.92 -6.94
CA HIS A 85 -1.50 5.18 -6.31
C HIS A 85 -1.76 3.98 -5.41
N MET A 86 -2.03 4.20 -4.13
CA MET A 86 -2.25 3.08 -3.23
C MET A 86 -3.71 2.86 -2.91
N VAL A 87 -4.12 1.60 -2.90
CA VAL A 87 -5.48 1.25 -2.58
C VAL A 87 -5.46 0.24 -1.44
N GLU A 88 -6.25 0.50 -0.40
CA GLU A 88 -6.29 -0.39 0.75
C GLU A 88 -7.46 -1.34 0.63
N VAL A 89 -7.17 -2.63 0.77
CA VAL A 89 -8.20 -3.65 0.68
C VAL A 89 -8.06 -4.62 1.86
N ASP A 90 -8.86 -4.36 2.91
CA ASP A 90 -8.73 -5.14 4.14
C ASP A 90 -9.84 -6.15 4.37
N PHE A 91 -9.50 -7.25 5.03
CA PHE A 91 -10.49 -8.27 5.38
C PHE A 91 -10.41 -8.51 6.89
N PRO A 92 -10.94 -7.60 7.67
CA PRO A 92 -10.88 -7.68 9.17
C PRO A 92 -11.88 -8.65 9.78
N GLN A 93 -11.62 -9.03 11.03
CA GLN A 93 -12.53 -9.91 11.76
C GLN A 93 -13.78 -9.14 12.15
N LYS A 94 -13.57 -7.91 12.60
CA LYS A 94 -14.66 -7.03 12.96
C LYS A 94 -14.87 -6.05 11.82
N ASN A 95 -15.82 -6.40 10.98
CA ASN A 95 -16.13 -5.61 9.80
C ASN A 95 -17.16 -4.51 10.06
N HIS A 96 -16.75 -3.32 9.67
CA HIS A 96 -17.61 -2.15 9.83
C HIS A 96 -17.65 -1.36 8.53
N GLN A 97 -17.24 -1.99 7.43
CA GLN A 97 -17.26 -1.33 6.13
C GLN A 97 -18.63 -1.53 5.49
N PRO A 98 -19.04 -0.65 4.60
CA PRO A 98 -20.37 -0.73 3.93
C PRO A 98 -20.46 -1.90 2.96
N GLU A 99 -21.68 -2.35 2.71
CA GLU A 99 -21.91 -3.49 1.83
C GLU A 99 -21.21 -3.32 0.48
N GLU A 100 -21.34 -2.15 -0.14
CA GLU A 100 -20.73 -1.91 -1.44
C GLU A 100 -19.22 -2.11 -1.41
N GLN A 101 -18.59 -1.68 -0.33
CA GLN A 101 -17.14 -1.82 -0.21
C GLN A 101 -16.78 -3.29 -0.02
N ARG A 102 -17.55 -4.01 0.77
CA ARG A 102 -17.27 -5.43 1.02
C ARG A 102 -17.45 -6.23 -0.26
N GLN A 103 -18.52 -5.95 -1.02
CA GLN A 103 -18.77 -6.67 -2.26
C GLN A 103 -17.63 -6.42 -3.23
N LYS A 104 -17.23 -5.16 -3.35
CA LYS A 104 -16.17 -4.78 -4.26
C LYS A 104 -14.86 -5.47 -3.86
N ASN A 105 -14.57 -5.47 -2.56
CA ASN A 105 -13.34 -6.07 -2.06
C ASN A 105 -13.30 -7.57 -2.38
N GLN A 106 -14.43 -8.26 -2.23
CA GLN A 106 -14.46 -9.69 -2.54
C GLN A 106 -14.24 -9.90 -4.02
N GLU A 107 -14.82 -9.02 -4.83
CA GLU A 107 -14.67 -9.13 -6.27
C GLU A 107 -13.21 -8.98 -6.67
N LEU A 108 -12.56 -7.98 -6.08
CA LEU A 108 -11.17 -7.68 -6.37
C LEU A 108 -10.27 -8.83 -5.91
N LYS A 109 -10.59 -9.39 -4.75
CA LYS A 109 -9.83 -10.50 -4.18
C LYS A 109 -9.84 -11.66 -5.15
N ALA A 110 -10.99 -11.88 -5.78
CA ALA A 110 -11.12 -12.94 -6.74
C ALA A 110 -10.49 -12.56 -8.07
N GLN A 111 -10.65 -11.30 -8.44
CA GLN A 111 -10.17 -10.79 -9.70
C GLN A 111 -8.68 -10.99 -9.87
N TYR A 112 -7.92 -10.59 -8.87
CA TYR A 112 -6.48 -10.70 -8.94
C TYR A 112 -5.99 -12.00 -8.35
N LYS A 113 -6.94 -12.91 -8.12
CA LYS A 113 -6.64 -14.23 -7.60
C LYS A 113 -5.81 -14.12 -6.33
N VAL A 114 -6.29 -13.32 -5.39
CA VAL A 114 -5.57 -13.14 -4.15
C VAL A 114 -6.03 -14.19 -3.13
N THR A 115 -5.09 -14.98 -2.62
CA THR A 115 -5.41 -16.02 -1.67
C THR A 115 -4.71 -15.80 -0.34
N GLY A 116 -3.41 -15.57 -0.42
CA GLY A 116 -2.60 -15.36 0.77
C GLY A 116 -2.26 -13.89 0.95
N PHE A 117 -2.12 -13.50 2.21
CA PHE A 117 -1.78 -12.13 2.55
C PHE A 117 -0.56 -12.13 3.49
N PRO A 118 0.21 -11.07 3.52
CA PRO A 118 -0.04 -9.85 2.71
C PRO A 118 0.40 -9.99 1.27
N GLU A 119 -0.37 -9.40 0.37
CA GLU A 119 -0.06 -9.47 -1.04
C GLU A 119 -0.26 -8.10 -1.68
N LEU A 120 0.77 -7.59 -2.33
CA LEU A 120 0.70 -6.31 -3.00
C LEU A 120 0.82 -6.56 -4.49
N VAL A 121 -0.20 -6.13 -5.22
CA VAL A 121 -0.25 -6.33 -6.66
C VAL A 121 -0.22 -5.02 -7.41
N PHE A 122 0.67 -4.92 -8.38
CA PHE A 122 0.80 -3.70 -9.16
C PHE A 122 0.08 -3.82 -10.49
N ILE A 123 -0.80 -2.86 -10.77
CA ILE A 123 -1.57 -2.86 -12.02
C ILE A 123 -1.50 -1.51 -12.69
N ASP A 124 -1.73 -1.52 -14.00
CA ASP A 124 -1.76 -0.30 -14.78
C ASP A 124 -3.21 0.16 -14.79
N ALA A 125 -3.47 1.24 -15.48
CA ALA A 125 -4.81 1.80 -15.55
C ALA A 125 -5.76 0.91 -16.36
N GLU A 126 -5.22 -0.08 -17.07
CA GLU A 126 -6.04 -0.99 -17.87
C GLU A 126 -6.27 -2.26 -17.06
N GLY A 127 -5.69 -2.32 -15.87
CA GLY A 127 -5.87 -3.48 -15.02
C GLY A 127 -4.86 -4.57 -15.34
N LYS A 128 -3.82 -4.22 -16.09
CA LYS A 128 -2.78 -5.19 -16.43
C LYS A 128 -1.81 -5.30 -15.29
N GLN A 129 -1.45 -6.52 -14.91
CA GLN A 129 -0.53 -6.74 -13.80
C GLN A 129 0.91 -6.53 -14.24
N LEU A 130 1.63 -5.65 -13.54
CA LEU A 130 3.03 -5.41 -13.87
C LEU A 130 3.94 -6.21 -12.94
N ALA A 131 3.47 -6.48 -11.72
CA ALA A 131 4.26 -7.26 -10.76
C ALA A 131 3.49 -7.47 -9.47
N ARG A 132 3.99 -8.39 -8.63
CA ARG A 132 3.34 -8.67 -7.35
C ARG A 132 4.36 -9.11 -6.31
N MET A 133 4.12 -8.73 -5.06
CA MET A 133 5.01 -9.11 -3.98
C MET A 133 4.25 -9.33 -2.67
N GLY A 134 4.87 -10.07 -1.77
CA GLY A 134 4.27 -10.34 -0.46
C GLY A 134 5.16 -9.77 0.63
N PHE A 135 5.19 -10.42 1.79
CA PHE A 135 6.05 -9.95 2.87
C PHE A 135 7.47 -10.40 2.54
N GLU A 136 8.44 -9.50 2.64
CA GLU A 136 9.82 -9.85 2.34
C GLU A 136 10.78 -9.11 3.27
N PRO A 137 11.55 -9.79 4.08
CA PRO A 137 12.51 -9.11 5.00
C PRO A 137 13.48 -8.23 4.23
N GLY A 138 14.04 -7.26 4.94
CA GLY A 138 14.98 -6.34 4.31
C GLY A 138 14.61 -4.90 4.60
N GLY A 139 13.35 -4.63 4.91
CA GLY A 139 12.95 -3.26 5.22
C GLY A 139 12.38 -2.52 4.00
N GLY A 140 11.98 -1.28 4.25
CA GLY A 140 11.33 -0.47 3.23
C GLY A 140 12.21 -0.11 2.04
N ALA A 141 13.47 0.25 2.29
CA ALA A 141 14.35 0.63 1.19
C ALA A 141 14.54 -0.53 0.23
N ALA A 142 14.80 -1.70 0.77
CA ALA A 142 15.03 -2.85 -0.08
C ALA A 142 13.79 -3.21 -0.89
N TYR A 143 12.62 -3.05 -0.27
CA TYR A 143 11.35 -3.38 -0.93
C TYR A 143 11.14 -2.51 -2.17
N VAL A 144 11.46 -1.22 -2.06
CA VAL A 144 11.26 -0.32 -3.19
C VAL A 144 12.15 -0.71 -4.34
N SER A 145 13.36 -1.15 -4.07
CA SER A 145 14.25 -1.52 -5.14
C SER A 145 13.62 -2.63 -5.99
N LYS A 146 13.00 -3.59 -5.30
CA LYS A 146 12.36 -4.73 -5.97
C LYS A 146 11.18 -4.32 -6.84
N VAL A 147 10.34 -3.41 -6.33
CA VAL A 147 9.17 -2.97 -7.09
C VAL A 147 9.59 -2.20 -8.34
N LYS A 148 10.62 -1.37 -8.20
CA LYS A 148 11.09 -0.57 -9.31
C LYS A 148 11.54 -1.47 -10.46
N SER A 149 12.26 -2.53 -10.14
CA SER A 149 12.73 -3.45 -11.16
C SER A 149 11.55 -4.18 -11.80
N ALA A 150 10.58 -4.51 -10.97
CA ALA A 150 9.41 -5.25 -11.42
C ALA A 150 8.56 -4.41 -12.39
N LEU A 151 8.41 -3.13 -12.09
CA LEU A 151 7.60 -2.24 -12.90
C LEU A 151 8.38 -1.58 -14.03
N LYS A 152 9.69 -1.82 -14.09
CA LYS A 152 10.53 -1.22 -15.13
C LYS A 152 10.53 0.30 -15.02
N LEU A 153 10.73 0.80 -13.80
CA LEU A 153 10.79 2.24 -13.56
C LEU A 153 12.26 2.65 -13.57
N ARG A 154 12.61 3.59 -14.45
CA ARG A 154 13.98 4.05 -14.55
C ARG A 154 14.00 5.50 -15.05
N ALA A 11 8.35 45.27 4.82
CA ALA A 11 7.30 44.99 3.84
C ALA A 11 6.33 43.93 4.35
N ARG A 12 6.86 42.87 4.94
CA ARG A 12 6.01 41.80 5.47
C ARG A 12 5.79 41.98 6.97
N ARG A 13 4.52 41.91 7.38
CA ARG A 13 4.15 42.05 8.79
C ARG A 13 3.16 40.95 9.17
N ARG A 14 3.19 40.53 10.43
CA ARG A 14 2.28 39.49 10.90
C ARG A 14 1.64 39.88 12.23
N ALA A 15 0.36 39.57 12.38
CA ALA A 15 -0.36 39.90 13.59
C ALA A 15 0.18 39.11 14.79
N SER A 16 0.18 39.76 15.95
CA SER A 16 0.68 39.13 17.17
C SER A 16 -0.19 37.94 17.55
N GLY A 17 0.46 36.89 18.06
CA GLY A 17 -0.27 35.70 18.46
C GLY A 17 0.59 34.84 19.36
N GLU A 18 -0.04 33.93 20.08
CA GLU A 18 0.69 33.05 20.98
C GLU A 18 0.07 31.66 20.99
N ASN A 19 0.93 30.65 21.06
CA ASN A 19 0.48 29.26 21.08
C ASN A 19 -0.41 28.98 19.88
N LEU A 20 0.22 28.87 18.72
CA LEU A 20 -0.51 28.61 17.48
C LEU A 20 -1.28 27.31 17.58
N GLN A 21 -2.48 27.29 16.98
CA GLN A 21 -3.32 26.10 17.01
C GLN A 21 -2.55 24.88 16.50
N GLN A 22 -1.77 25.08 15.43
CA GLN A 22 -1.00 23.98 14.85
C GLN A 22 0.49 24.15 15.14
N THR A 23 1.07 23.11 15.75
CA THR A 23 2.49 23.11 16.08
C THR A 23 3.15 21.83 15.57
N ARG A 24 4.26 21.97 14.85
CA ARG A 24 4.96 20.79 14.32
C ARG A 24 6.39 21.13 13.90
N PRO A 25 7.28 21.28 14.85
CA PRO A 25 8.71 21.60 14.57
C PRO A 25 9.34 20.62 13.59
N ILE A 26 9.02 19.33 13.77
CA ILE A 26 9.56 18.29 12.90
C ILE A 26 8.53 17.89 11.83
N ALA A 27 8.98 17.90 10.57
CA ALA A 27 8.12 17.55 9.44
C ALA A 27 7.76 16.07 9.44
N ALA A 28 6.59 15.75 8.89
CA ALA A 28 6.13 14.37 8.82
C ALA A 28 5.45 14.10 7.48
N ALA A 29 5.57 12.86 7.00
CA ALA A 29 4.95 12.47 5.72
C ALA A 29 4.20 11.15 5.89
N ASN A 30 2.99 11.08 5.36
CA ASN A 30 2.19 9.86 5.44
C ASN A 30 1.67 9.48 4.05
N LEU A 31 1.39 8.21 3.87
CA LEU A 31 0.88 7.70 2.59
C LEU A 31 -0.57 8.12 2.40
N GLN A 32 -0.91 8.41 1.15
CA GLN A 32 -2.26 8.82 0.80
C GLN A 32 -3.01 7.66 0.13
N TRP A 33 -3.97 7.09 0.87
CA TRP A 33 -4.78 5.99 0.32
C TRP A 33 -5.86 6.53 -0.58
N GLU A 34 -6.08 5.83 -1.68
CA GLU A 34 -7.10 6.18 -2.64
C GLU A 34 -8.04 5.01 -2.87
N SER A 35 -9.20 5.26 -3.47
CA SER A 35 -10.16 4.22 -3.71
C SER A 35 -9.80 3.45 -4.98
N TYR A 36 -10.37 2.28 -5.12
CA TYR A 36 -10.12 1.47 -6.30
C TYR A 36 -10.60 2.20 -7.55
N ALA A 37 -11.78 2.78 -7.43
CA ALA A 37 -12.35 3.53 -8.53
C ALA A 37 -11.55 4.78 -8.81
N GLU A 38 -11.12 5.42 -7.74
CA GLU A 38 -10.34 6.63 -7.86
C GLU A 38 -8.96 6.35 -8.45
N ALA A 39 -8.34 5.26 -8.02
CA ALA A 39 -7.01 4.91 -8.49
C ALA A 39 -6.98 4.74 -9.99
N LEU A 40 -7.94 4.01 -10.50
CA LEU A 40 -8.00 3.74 -11.91
C LEU A 40 -8.22 5.01 -12.69
N GLU A 41 -9.09 5.86 -12.19
CA GLU A 41 -9.40 7.09 -12.85
C GLU A 41 -8.16 7.95 -12.97
N HIS A 42 -7.41 8.02 -11.90
CA HIS A 42 -6.21 8.82 -11.94
C HIS A 42 -5.19 8.17 -12.85
N SER A 43 -5.07 6.85 -12.78
CA SER A 43 -4.10 6.12 -13.58
C SER A 43 -4.40 6.23 -15.06
N LYS A 44 -5.67 6.26 -15.42
CA LYS A 44 -6.03 6.39 -16.81
C LYS A 44 -5.44 7.68 -17.34
N GLN A 45 -5.29 8.65 -16.44
CA GLN A 45 -4.79 9.97 -16.82
C GLN A 45 -3.31 10.14 -16.56
N ASP A 46 -2.86 9.68 -15.41
CA ASP A 46 -1.47 9.84 -15.03
C ASP A 46 -0.60 8.62 -15.35
N HIS A 47 -1.26 7.47 -15.57
CA HIS A 47 -0.57 6.24 -15.91
C HIS A 47 0.21 5.63 -14.74
N LYS A 48 -0.05 6.12 -13.52
CA LYS A 48 0.65 5.63 -12.34
C LYS A 48 0.17 4.21 -11.94
N PRO A 49 1.05 3.23 -11.79
CA PRO A 49 0.64 1.86 -11.36
C PRO A 49 -0.13 1.90 -10.05
N ILE A 50 -1.03 0.93 -9.84
CA ILE A 50 -1.84 0.89 -8.63
C ILE A 50 -1.43 -0.28 -7.74
N GLY A 51 -1.25 -0.04 -6.45
CA GLY A 51 -0.89 -1.10 -5.52
C GLY A 51 -2.09 -1.46 -4.64
N LEU A 52 -2.59 -2.68 -4.77
CA LEU A 52 -3.71 -3.13 -3.96
C LEU A 52 -3.16 -3.85 -2.75
N PHE A 53 -3.44 -3.30 -1.56
CA PHE A 53 -2.94 -3.89 -0.33
C PHE A 53 -3.99 -4.86 0.23
N PHE A 54 -3.75 -6.16 0.06
CA PHE A 54 -4.64 -7.20 0.57
C PHE A 54 -4.14 -7.67 1.93
N THR A 55 -4.98 -7.53 2.95
CA THR A 55 -4.56 -7.93 4.28
C THR A 55 -5.69 -8.30 5.23
N GLY A 56 -5.30 -8.58 6.47
CA GLY A 56 -6.20 -8.86 7.57
C GLY A 56 -5.74 -7.99 8.73
N SER A 57 -6.26 -6.78 8.77
CA SER A 57 -5.84 -5.78 9.74
C SER A 57 -5.93 -6.22 11.19
N ASP A 58 -6.92 -7.03 11.56
CA ASP A 58 -7.10 -7.44 12.94
C ASP A 58 -6.62 -8.85 13.28
N TRP A 59 -6.21 -9.65 12.29
CA TRP A 59 -5.81 -11.02 12.62
C TRP A 59 -4.53 -11.49 11.94
N CYS A 60 -4.08 -10.81 10.90
CA CYS A 60 -2.85 -11.21 10.22
C CYS A 60 -1.66 -10.43 10.77
N MET A 61 -0.74 -11.13 11.43
CA MET A 61 0.42 -10.49 12.02
C MET A 61 1.47 -10.14 10.97
N TRP A 62 1.69 -11.03 10.00
CA TRP A 62 2.66 -10.78 8.94
C TRP A 62 2.25 -9.55 8.17
N CYS A 63 0.94 -9.34 8.09
CA CYS A 63 0.42 -8.20 7.36
C CYS A 63 0.75 -6.93 8.13
N ILE A 64 0.64 -7.00 9.45
CA ILE A 64 0.97 -5.85 10.26
C ILE A 64 2.42 -5.52 10.03
N LYS A 65 3.27 -6.56 10.01
CA LYS A 65 4.69 -6.36 9.82
C LYS A 65 4.98 -5.71 8.49
N MET A 66 4.37 -6.19 7.40
CA MET A 66 4.62 -5.59 6.09
C MET A 66 4.15 -4.15 6.12
N GLN A 67 2.98 -3.96 6.70
CA GLN A 67 2.40 -2.65 6.80
C GLN A 67 3.24 -1.76 7.72
N ASP A 68 3.59 -2.26 8.89
CA ASP A 68 4.37 -1.45 9.83
C ASP A 68 5.82 -1.24 9.35
N GLN A 69 6.41 -2.25 8.73
CA GLN A 69 7.81 -2.13 8.29
C GLN A 69 8.01 -1.56 6.89
N ILE A 70 7.07 -1.76 5.95
CA ILE A 70 7.28 -1.27 4.58
C ILE A 70 6.31 -0.18 4.15
N LEU A 71 5.00 -0.39 4.28
CA LEU A 71 4.06 0.62 3.84
C LEU A 71 4.26 1.91 4.63
N GLN A 72 4.50 1.77 5.94
CA GLN A 72 4.69 2.93 6.82
C GLN A 72 6.14 3.43 6.83
N SER A 73 7.03 2.81 6.05
CA SER A 73 8.44 3.23 6.02
C SER A 73 8.64 4.47 5.16
N SER A 74 9.64 5.29 5.51
CA SER A 74 9.89 6.52 4.78
C SER A 74 10.19 6.30 3.30
N GLU A 75 11.02 5.31 2.97
CA GLU A 75 11.37 5.08 1.58
C GLU A 75 10.15 4.69 0.76
N PHE A 76 9.30 3.83 1.32
CA PHE A 76 8.08 3.41 0.64
C PHE A 76 7.13 4.60 0.42
N LYS A 77 6.99 5.42 1.46
CA LYS A 77 6.11 6.57 1.39
C LYS A 77 6.53 7.52 0.29
N HIS A 78 7.82 7.79 0.21
CA HIS A 78 8.33 8.71 -0.78
C HIS A 78 8.20 8.15 -2.19
N PHE A 79 8.58 6.90 -2.37
CA PHE A 79 8.50 6.27 -3.66
C PHE A 79 7.07 6.21 -4.15
N ALA A 80 6.20 5.74 -3.29
CA ALA A 80 4.80 5.57 -3.62
C ALA A 80 4.07 6.90 -3.83
N GLY A 81 4.44 7.91 -3.05
CA GLY A 81 3.80 9.20 -3.18
C GLY A 81 4.11 9.81 -4.53
N VAL A 82 5.33 9.61 -4.98
CA VAL A 82 5.77 10.16 -6.25
C VAL A 82 5.37 9.30 -7.45
N HIS A 83 5.59 7.99 -7.37
CA HIS A 83 5.35 7.11 -8.53
C HIS A 83 4.12 6.19 -8.48
N LEU A 84 3.34 6.14 -7.38
CA LEU A 84 2.22 5.18 -7.38
C LEU A 84 0.92 5.68 -6.75
N HIS A 85 -0.13 4.91 -7.00
CA HIS A 85 -1.44 5.14 -6.42
C HIS A 85 -1.70 3.95 -5.51
N MET A 86 -1.99 4.19 -4.23
CA MET A 86 -2.21 3.08 -3.31
C MET A 86 -3.69 2.91 -2.99
N VAL A 87 -4.10 1.65 -2.89
CA VAL A 87 -5.47 1.33 -2.57
C VAL A 87 -5.47 0.33 -1.42
N GLU A 88 -6.27 0.61 -0.41
CA GLU A 88 -6.33 -0.27 0.75
C GLU A 88 -7.49 -1.25 0.59
N VAL A 89 -7.17 -2.53 0.65
CA VAL A 89 -8.16 -3.58 0.52
C VAL A 89 -8.04 -4.53 1.71
N ASP A 90 -8.85 -4.28 2.73
CA ASP A 90 -8.74 -5.04 3.98
C ASP A 90 -9.84 -6.07 4.22
N PHE A 91 -9.48 -7.17 4.86
CA PHE A 91 -10.46 -8.20 5.21
C PHE A 91 -10.34 -8.45 6.71
N PRO A 92 -10.87 -7.54 7.50
CA PRO A 92 -10.78 -7.63 8.99
C PRO A 92 -11.74 -8.65 9.60
N GLN A 93 -11.44 -9.05 10.82
CA GLN A 93 -12.29 -9.99 11.53
C GLN A 93 -13.57 -9.28 11.96
N LYS A 94 -13.41 -8.06 12.49
CA LYS A 94 -14.54 -7.23 12.86
C LYS A 94 -14.78 -6.26 11.74
N ASN A 95 -15.76 -6.60 10.95
CA ASN A 95 -16.10 -5.81 9.77
C ASN A 95 -17.12 -4.70 10.03
N HIS A 96 -16.73 -3.51 9.56
CA HIS A 96 -17.56 -2.31 9.71
C HIS A 96 -17.59 -1.50 8.43
N GLN A 97 -17.11 -2.08 7.34
CA GLN A 97 -17.11 -1.36 6.07
C GLN A 97 -18.51 -1.42 5.43
N PRO A 98 -18.94 -0.38 4.76
CA PRO A 98 -20.28 -0.38 4.10
C PRO A 98 -20.44 -1.55 3.14
N GLU A 99 -21.69 -2.02 2.97
CA GLU A 99 -21.96 -3.16 2.10
C GLU A 99 -21.31 -2.98 0.73
N GLU A 100 -21.46 -1.82 0.12
CA GLU A 100 -20.89 -1.60 -1.21
C GLU A 100 -19.37 -1.77 -1.20
N GLN A 101 -18.73 -1.36 -0.11
CA GLN A 101 -17.28 -1.49 -0.03
C GLN A 101 -16.89 -2.95 0.13
N ARG A 102 -17.68 -3.70 0.91
CA ARG A 102 -17.38 -5.11 1.13
C ARG A 102 -17.55 -5.91 -0.17
N GLN A 103 -18.61 -5.62 -0.93
CA GLN A 103 -18.85 -6.32 -2.20
C GLN A 103 -17.72 -6.09 -3.18
N LYS A 104 -17.32 -4.84 -3.32
CA LYS A 104 -16.25 -4.50 -4.25
C LYS A 104 -14.95 -5.19 -3.87
N ASN A 105 -14.65 -5.18 -2.58
CA ASN A 105 -13.42 -5.80 -2.08
C ASN A 105 -13.38 -7.28 -2.41
N GLN A 106 -14.50 -7.98 -2.30
CA GLN A 106 -14.54 -9.41 -2.61
C GLN A 106 -14.30 -9.63 -4.10
N GLU A 107 -14.87 -8.76 -4.92
CA GLU A 107 -14.69 -8.87 -6.36
C GLU A 107 -13.24 -8.67 -6.74
N LEU A 108 -12.61 -7.68 -6.13
CA LEU A 108 -11.22 -7.37 -6.39
C LEU A 108 -10.31 -8.51 -5.95
N LYS A 109 -10.62 -9.09 -4.79
CA LYS A 109 -9.82 -10.17 -4.24
C LYS A 109 -9.84 -11.32 -5.21
N ALA A 110 -10.99 -11.54 -5.82
CA ALA A 110 -11.13 -12.58 -6.80
C ALA A 110 -10.51 -12.20 -8.14
N GLN A 111 -10.69 -10.94 -8.51
CA GLN A 111 -10.20 -10.45 -9.78
C GLN A 111 -8.71 -10.64 -9.95
N TYR A 112 -7.95 -10.25 -8.95
CA TYR A 112 -6.52 -10.36 -9.04
C TYR A 112 -6.02 -11.66 -8.43
N LYS A 113 -6.96 -12.58 -8.23
CA LYS A 113 -6.65 -13.90 -7.70
C LYS A 113 -5.82 -13.79 -6.44
N VAL A 114 -6.29 -13.00 -5.48
CA VAL A 114 -5.57 -12.84 -4.25
C VAL A 114 -6.00 -13.89 -3.25
N THR A 115 -5.04 -14.65 -2.71
CA THR A 115 -5.35 -15.72 -1.76
C THR A 115 -4.64 -15.51 -0.43
N GLY A 116 -3.34 -15.26 -0.51
CA GLY A 116 -2.54 -15.06 0.69
C GLY A 116 -2.28 -13.59 0.94
N PHE A 117 -2.17 -13.24 2.21
CA PHE A 117 -1.90 -11.88 2.62
C PHE A 117 -0.68 -11.86 3.56
N PRO A 118 0.11 -10.81 3.56
CA PRO A 118 -0.09 -9.60 2.71
C PRO A 118 0.37 -9.82 1.28
N GLU A 119 -0.37 -9.26 0.34
CA GLU A 119 -0.01 -9.38 -1.06
C GLU A 119 -0.21 -8.02 -1.72
N LEU A 120 0.82 -7.53 -2.37
CA LEU A 120 0.77 -6.24 -3.05
C LEU A 120 0.91 -6.50 -4.55
N VAL A 121 -0.10 -6.08 -5.30
CA VAL A 121 -0.10 -6.30 -6.72
C VAL A 121 -0.09 -4.97 -7.47
N PHE A 122 0.80 -4.86 -8.44
CA PHE A 122 0.92 -3.65 -9.21
C PHE A 122 0.18 -3.81 -10.54
N ILE A 123 -0.72 -2.87 -10.81
CA ILE A 123 -1.51 -2.88 -12.03
C ILE A 123 -1.50 -1.53 -12.71
N ASP A 124 -1.74 -1.55 -14.02
CA ASP A 124 -1.84 -0.35 -14.79
C ASP A 124 -3.29 0.08 -14.75
N ALA A 125 -3.59 1.16 -15.43
CA ALA A 125 -4.95 1.69 -15.46
C ALA A 125 -5.90 0.81 -16.26
N GLU A 126 -5.37 -0.15 -17.02
CA GLU A 126 -6.19 -1.05 -17.80
C GLU A 126 -6.34 -2.36 -17.05
N GLY A 127 -5.72 -2.43 -15.88
CA GLY A 127 -5.81 -3.61 -15.04
C GLY A 127 -4.77 -4.66 -15.41
N LYS A 128 -3.75 -4.26 -16.18
CA LYS A 128 -2.69 -5.19 -16.53
C LYS A 128 -1.72 -5.30 -15.37
N GLN A 129 -1.31 -6.52 -15.04
CA GLN A 129 -0.40 -6.74 -13.93
C GLN A 129 1.05 -6.50 -14.34
N LEU A 130 1.72 -5.60 -13.62
CA LEU A 130 3.13 -5.31 -13.92
C LEU A 130 4.05 -6.11 -13.02
N ALA A 131 3.58 -6.41 -11.80
CA ALA A 131 4.38 -7.18 -10.86
C ALA A 131 3.59 -7.44 -9.57
N ARG A 132 4.08 -8.35 -8.75
CA ARG A 132 3.41 -8.67 -7.49
C ARG A 132 4.44 -9.08 -6.44
N MET A 133 4.21 -8.63 -5.21
CA MET A 133 5.11 -8.97 -4.12
C MET A 133 4.36 -9.16 -2.80
N GLY A 134 5.00 -9.89 -1.89
CA GLY A 134 4.42 -10.15 -0.57
C GLY A 134 5.34 -9.60 0.50
N PHE A 135 5.42 -10.28 1.64
CA PHE A 135 6.32 -9.83 2.70
C PHE A 135 7.72 -10.33 2.37
N GLU A 136 8.70 -9.43 2.47
CA GLU A 136 10.09 -9.79 2.18
C GLU A 136 11.04 -9.09 3.15
N PRO A 137 11.78 -9.80 3.97
CA PRO A 137 12.73 -9.16 4.91
C PRO A 137 13.70 -8.23 4.18
N GLY A 138 14.23 -7.27 4.92
CA GLY A 138 15.16 -6.32 4.34
C GLY A 138 14.75 -4.88 4.65
N GLY A 139 13.48 -4.65 4.94
CA GLY A 139 13.04 -3.31 5.27
C GLY A 139 12.45 -2.57 4.06
N GLY A 140 12.02 -1.34 4.33
CA GLY A 140 11.34 -0.54 3.32
C GLY A 140 12.21 -0.16 2.12
N ALA A 141 13.46 0.22 2.36
CA ALA A 141 14.35 0.61 1.28
C ALA A 141 14.56 -0.53 0.31
N ALA A 142 14.83 -1.70 0.83
CA ALA A 142 15.08 -2.85 -0.02
C ALA A 142 13.84 -3.21 -0.84
N TYR A 143 12.66 -3.05 -0.25
CA TYR A 143 11.40 -3.36 -0.94
C TYR A 143 11.19 -2.46 -2.15
N VAL A 144 11.48 -1.16 -2.01
CA VAL A 144 11.26 -0.23 -3.10
C VAL A 144 12.18 -0.55 -4.28
N SER A 145 13.41 -0.95 -4.02
CA SER A 145 14.30 -1.25 -5.13
C SER A 145 13.70 -2.37 -5.98
N LYS A 146 13.12 -3.34 -5.29
CA LYS A 146 12.52 -4.51 -5.94
C LYS A 146 11.33 -4.14 -6.84
N VAL A 147 10.47 -3.26 -6.36
CA VAL A 147 9.30 -2.87 -7.13
C VAL A 147 9.72 -2.13 -8.40
N LYS A 148 10.73 -1.30 -8.27
CA LYS A 148 11.22 -0.52 -9.40
C LYS A 148 11.69 -1.43 -10.52
N SER A 149 12.42 -2.49 -10.18
CA SER A 149 12.93 -3.42 -11.17
C SER A 149 11.78 -4.16 -11.85
N ALA A 150 10.79 -4.53 -11.05
CA ALA A 150 9.66 -5.28 -11.54
C ALA A 150 8.80 -4.45 -12.49
N LEU A 151 8.63 -3.17 -12.19
CA LEU A 151 7.81 -2.30 -13.02
C LEU A 151 8.60 -1.63 -14.13
N LYS A 152 9.91 -1.87 -14.19
CA LYS A 152 10.74 -1.27 -15.22
C LYS A 152 10.72 0.25 -15.13
N LEU A 153 10.95 0.75 -13.92
CA LEU A 153 11.00 2.19 -13.68
C LEU A 153 12.45 2.63 -13.68
N ARG A 154 12.78 3.58 -14.55
CA ARG A 154 14.14 4.12 -14.63
C ARG A 154 14.53 4.74 -13.30
N ALA A 11 2.18 37.12 -17.64
CA ALA A 11 1.84 37.60 -16.31
C ALA A 11 0.74 36.73 -15.69
N ARG A 12 -0.18 36.26 -16.53
CA ARG A 12 -1.27 35.42 -16.04
C ARG A 12 -0.72 34.11 -15.48
N ARG A 13 0.19 33.48 -16.24
CA ARG A 13 0.78 32.22 -15.82
C ARG A 13 1.66 32.40 -14.58
N ARG A 14 2.38 33.52 -14.52
CA ARG A 14 3.26 33.79 -13.38
C ARG A 14 2.54 34.59 -12.29
N ALA A 15 2.74 34.18 -11.04
CA ALA A 15 2.11 34.87 -9.92
C ALA A 15 3.12 35.75 -9.19
N SER A 16 2.63 36.76 -8.46
CA SER A 16 3.51 37.64 -7.72
C SER A 16 4.33 36.83 -6.71
N GLY A 17 3.68 35.85 -6.10
CA GLY A 17 4.33 35.00 -5.12
C GLY A 17 4.22 33.52 -5.52
N GLU A 18 5.30 32.78 -5.30
CA GLU A 18 5.33 31.36 -5.63
C GLU A 18 5.01 30.50 -4.41
N ASN A 19 4.87 31.16 -3.26
CA ASN A 19 4.56 30.45 -2.02
C ASN A 19 3.21 29.74 -2.11
N LEU A 20 2.23 30.43 -2.68
CA LEU A 20 0.90 29.87 -2.81
C LEU A 20 0.94 28.62 -3.70
N GLN A 21 1.71 28.70 -4.79
CA GLN A 21 1.81 27.58 -5.73
C GLN A 21 2.47 26.37 -5.09
N GLN A 22 3.52 26.60 -4.29
CA GLN A 22 4.23 25.49 -3.64
C GLN A 22 3.31 24.79 -2.64
N THR A 23 3.33 23.46 -2.66
CA THR A 23 2.50 22.69 -1.75
C THR A 23 3.01 22.87 -0.33
N ARG A 24 4.32 23.07 -0.20
CA ARG A 24 4.93 23.27 1.10
C ARG A 24 4.55 22.14 2.05
N PRO A 25 5.13 20.98 1.88
CA PRO A 25 4.84 19.80 2.73
C PRO A 25 5.14 20.07 4.20
N ILE A 26 4.34 19.50 5.10
CA ILE A 26 4.54 19.68 6.53
C ILE A 26 4.51 18.34 7.25
N ALA A 27 5.42 18.16 8.21
CA ALA A 27 5.50 16.93 8.96
C ALA A 27 5.71 15.74 8.01
N ALA A 28 5.45 14.52 8.49
CA ALA A 28 5.64 13.34 7.64
C ALA A 28 4.72 13.40 6.43
N ALA A 29 5.22 12.95 5.27
CA ALA A 29 4.43 12.96 4.05
C ALA A 29 3.24 12.02 4.20
N ASN A 30 3.47 10.91 4.89
CA ASN A 30 2.42 9.93 5.12
C ASN A 30 1.83 9.44 3.80
N LEU A 31 1.40 8.18 3.79
CA LEU A 31 0.83 7.58 2.60
C LEU A 31 -0.60 8.07 2.39
N GLN A 32 -0.92 8.36 1.15
CA GLN A 32 -2.25 8.83 0.79
C GLN A 32 -3.06 7.68 0.19
N TRP A 33 -3.98 7.13 0.97
CA TRP A 33 -4.80 6.03 0.46
C TRP A 33 -5.89 6.60 -0.45
N GLU A 34 -6.11 5.89 -1.56
CA GLU A 34 -7.12 6.27 -2.53
C GLU A 34 -8.09 5.11 -2.74
N SER A 35 -9.25 5.40 -3.31
CA SER A 35 -10.23 4.36 -3.55
C SER A 35 -9.85 3.61 -4.81
N TYR A 36 -10.39 2.42 -4.95
CA TYR A 36 -10.10 1.61 -6.11
C TYR A 36 -10.56 2.32 -7.37
N ALA A 37 -11.75 2.88 -7.28
CA ALA A 37 -12.33 3.61 -8.40
C ALA A 37 -11.56 4.88 -8.68
N GLU A 38 -11.13 5.53 -7.62
CA GLU A 38 -10.40 6.78 -7.73
C GLU A 38 -9.04 6.57 -8.37
N ALA A 39 -8.38 5.47 -8.04
CA ALA A 39 -7.07 5.19 -8.59
C ALA A 39 -7.10 5.01 -10.09
N LEU A 40 -8.11 4.31 -10.56
CA LEU A 40 -8.23 4.02 -11.96
C LEU A 40 -8.45 5.27 -12.78
N GLU A 41 -9.27 6.18 -12.30
CA GLU A 41 -9.53 7.39 -13.04
C GLU A 41 -8.27 8.21 -13.15
N HIS A 42 -7.53 8.26 -12.06
CA HIS A 42 -6.29 9.01 -12.06
C HIS A 42 -5.27 8.36 -12.99
N SER A 43 -5.15 7.03 -12.91
CA SER A 43 -4.19 6.30 -13.74
C SER A 43 -4.53 6.42 -15.21
N LYS A 44 -5.82 6.48 -15.52
CA LYS A 44 -6.23 6.62 -16.90
C LYS A 44 -5.63 7.90 -17.44
N GLN A 45 -5.45 8.86 -16.54
CA GLN A 45 -4.94 10.16 -16.93
C GLN A 45 -3.45 10.30 -16.66
N ASP A 46 -3.03 9.80 -15.51
CA ASP A 46 -1.62 9.91 -15.10
C ASP A 46 -0.79 8.66 -15.40
N HIS A 47 -1.46 7.52 -15.63
CA HIS A 47 -0.77 6.26 -15.94
C HIS A 47 0.05 5.71 -14.78
N LYS A 48 -0.17 6.25 -13.58
CA LYS A 48 0.58 5.81 -12.42
C LYS A 48 0.17 4.38 -12.00
N PRO A 49 1.11 3.45 -11.87
CA PRO A 49 0.78 2.07 -11.44
C PRO A 49 -0.05 2.04 -10.15
N ILE A 50 -0.94 1.06 -10.04
CA ILE A 50 -1.80 0.94 -8.85
C ILE A 50 -1.36 -0.25 -8.01
N GLY A 51 -1.13 -0.01 -6.72
CA GLY A 51 -0.76 -1.07 -5.81
C GLY A 51 -1.94 -1.38 -4.90
N LEU A 52 -2.48 -2.59 -5.02
CA LEU A 52 -3.59 -2.99 -4.17
C LEU A 52 -3.04 -3.75 -2.99
N PHE A 53 -3.31 -3.25 -1.80
CA PHE A 53 -2.82 -3.89 -0.59
C PHE A 53 -3.90 -4.84 -0.05
N PHE A 54 -3.69 -6.16 -0.20
CA PHE A 54 -4.61 -7.18 0.30
C PHE A 54 -4.13 -7.67 1.65
N THR A 55 -4.97 -7.54 2.69
CA THR A 55 -4.54 -8.00 4.02
C THR A 55 -5.67 -8.35 4.98
N GLY A 56 -5.26 -8.65 6.21
CA GLY A 56 -6.15 -8.95 7.33
C GLY A 56 -5.66 -8.11 8.50
N SER A 57 -6.19 -6.90 8.57
CA SER A 57 -5.75 -5.92 9.56
C SER A 57 -5.81 -6.37 11.02
N ASP A 58 -6.81 -7.16 11.40
CA ASP A 58 -6.95 -7.57 12.78
C ASP A 58 -6.51 -9.01 13.06
N TRP A 59 -6.12 -9.78 12.04
CA TRP A 59 -5.76 -11.19 12.29
C TRP A 59 -4.46 -11.64 11.64
N CYS A 60 -3.99 -10.97 10.60
CA CYS A 60 -2.74 -11.37 9.95
C CYS A 60 -1.56 -10.60 10.53
N MET A 61 -0.64 -11.34 11.17
CA MET A 61 0.53 -10.74 11.80
C MET A 61 1.57 -10.33 10.78
N TRP A 62 1.81 -11.18 9.78
CA TRP A 62 2.79 -10.88 8.75
C TRP A 62 2.36 -9.62 8.00
N CYS A 63 1.05 -9.38 7.99
CA CYS A 63 0.52 -8.23 7.32
C CYS A 63 0.81 -6.98 8.12
N ILE A 64 0.64 -7.07 9.43
CA ILE A 64 0.93 -5.92 10.25
C ILE A 64 2.39 -5.55 10.04
N LYS A 65 3.24 -6.57 9.99
CA LYS A 65 4.66 -6.33 9.80
C LYS A 65 4.92 -5.64 8.47
N MET A 66 4.25 -6.09 7.40
CA MET A 66 4.45 -5.47 6.11
C MET A 66 4.02 -4.02 6.15
N GLN A 67 2.88 -3.75 6.78
CA GLN A 67 2.36 -2.39 6.88
C GLN A 67 3.29 -1.54 7.71
N ASP A 68 3.65 -2.05 8.88
CA ASP A 68 4.50 -1.29 9.78
C ASP A 68 5.92 -1.13 9.27
N GLN A 69 6.48 -2.16 8.67
CA GLN A 69 7.87 -2.07 8.22
C GLN A 69 8.06 -1.54 6.80
N ILE A 70 7.09 -1.70 5.90
CA ILE A 70 7.30 -1.24 4.52
C ILE A 70 6.35 -0.13 4.08
N LEU A 71 5.05 -0.31 4.19
CA LEU A 71 4.13 0.72 3.73
C LEU A 71 4.29 2.01 4.53
N GLN A 72 4.51 1.88 5.84
CA GLN A 72 4.67 3.03 6.71
C GLN A 72 6.12 3.52 6.76
N SER A 73 7.00 2.88 5.99
CA SER A 73 8.41 3.29 5.97
C SER A 73 8.61 4.52 5.11
N SER A 74 9.61 5.34 5.46
CA SER A 74 9.87 6.58 4.74
C SER A 74 10.17 6.36 3.27
N GLU A 75 10.99 5.36 2.94
CA GLU A 75 11.36 5.13 1.55
C GLU A 75 10.14 4.76 0.71
N PHE A 76 9.27 3.90 1.24
CA PHE A 76 8.07 3.51 0.52
C PHE A 76 7.13 4.70 0.33
N LYS A 77 6.98 5.51 1.38
CA LYS A 77 6.08 6.66 1.31
C LYS A 77 6.53 7.60 0.21
N HIS A 78 7.83 7.86 0.15
CA HIS A 78 8.35 8.75 -0.84
C HIS A 78 8.22 8.17 -2.24
N PHE A 79 8.61 6.89 -2.39
CA PHE A 79 8.53 6.24 -3.68
C PHE A 79 7.10 6.20 -4.17
N ALA A 80 6.21 5.73 -3.30
CA ALA A 80 4.81 5.57 -3.65
C ALA A 80 4.09 6.90 -3.85
N GLY A 81 4.44 7.89 -3.05
CA GLY A 81 3.80 9.18 -3.17
C GLY A 81 4.11 9.78 -4.52
N VAL A 82 5.32 9.54 -4.99
CA VAL A 82 5.78 10.08 -6.24
C VAL A 82 5.39 9.21 -7.44
N HIS A 83 5.59 7.88 -7.35
CA HIS A 83 5.36 7.01 -8.50
C HIS A 83 4.12 6.11 -8.43
N LEU A 84 3.35 6.07 -7.33
CA LEU A 84 2.22 5.14 -7.32
C LEU A 84 0.93 5.65 -6.71
N HIS A 85 -0.15 4.90 -6.96
CA HIS A 85 -1.44 5.18 -6.36
C HIS A 85 -1.72 4.00 -5.44
N MET A 86 -1.96 4.25 -4.16
CA MET A 86 -2.19 3.15 -3.22
C MET A 86 -3.66 2.95 -2.89
N VAL A 87 -4.08 1.69 -2.92
CA VAL A 87 -5.44 1.32 -2.61
C VAL A 87 -5.43 0.27 -1.50
N GLU A 88 -6.24 0.49 -0.47
CA GLU A 88 -6.30 -0.45 0.63
C GLU A 88 -7.48 -1.41 0.49
N VAL A 89 -7.18 -2.70 0.56
CA VAL A 89 -8.20 -3.72 0.46
C VAL A 89 -8.06 -4.66 1.65
N ASP A 90 -8.84 -4.36 2.69
CA ASP A 90 -8.72 -5.09 3.95
C ASP A 90 -9.83 -6.07 4.29
N PHE A 91 -9.48 -7.17 4.93
CA PHE A 91 -10.49 -8.15 5.36
C PHE A 91 -10.37 -8.36 6.88
N PRO A 92 -10.84 -7.41 7.66
CA PRO A 92 -10.76 -7.49 9.16
C PRO A 92 -11.75 -8.48 9.77
N GLN A 93 -11.48 -8.89 11.02
CA GLN A 93 -12.39 -9.80 11.72
C GLN A 93 -13.66 -9.07 12.11
N LYS A 94 -13.48 -7.84 12.59
CA LYS A 94 -14.61 -6.99 12.95
C LYS A 94 -14.82 -6.02 11.80
N ASN A 95 -15.80 -6.38 11.00
CA ASN A 95 -16.14 -5.60 9.81
C ASN A 95 -17.14 -4.49 10.09
N HIS A 96 -16.71 -3.29 9.74
CA HIS A 96 -17.54 -2.10 9.91
C HIS A 96 -17.60 -1.32 8.60
N GLN A 97 -17.17 -1.96 7.52
CA GLN A 97 -17.19 -1.31 6.22
C GLN A 97 -18.58 -1.38 5.62
N PRO A 98 -18.96 -0.44 4.79
CA PRO A 98 -20.31 -0.43 4.16
C PRO A 98 -20.44 -1.57 3.15
N GLU A 99 -21.68 -2.03 2.92
CA GLU A 99 -21.91 -3.14 2.01
C GLU A 99 -21.22 -2.94 0.67
N GLU A 100 -21.36 -1.77 0.07
CA GLU A 100 -20.76 -1.54 -1.25
C GLU A 100 -19.25 -1.77 -1.24
N GLN A 101 -18.61 -1.35 -0.16
CA GLN A 101 -17.16 -1.52 -0.05
C GLN A 101 -16.82 -2.99 0.15
N ARG A 102 -17.62 -3.70 0.95
CA ARG A 102 -17.36 -5.11 1.20
C ARG A 102 -17.51 -5.91 -0.10
N GLN A 103 -18.54 -5.62 -0.88
CA GLN A 103 -18.77 -6.34 -2.13
C GLN A 103 -17.62 -6.11 -3.11
N LYS A 104 -17.21 -4.86 -3.25
CA LYS A 104 -16.12 -4.53 -4.16
C LYS A 104 -14.83 -5.24 -3.75
N ASN A 105 -14.56 -5.22 -2.45
CA ASN A 105 -13.35 -5.85 -1.95
C ASN A 105 -13.33 -7.34 -2.27
N GLN A 106 -14.47 -8.03 -2.13
CA GLN A 106 -14.52 -9.45 -2.44
C GLN A 106 -14.30 -9.69 -3.92
N GLU A 107 -14.88 -8.81 -4.75
CA GLU A 107 -14.72 -8.95 -6.19
C GLU A 107 -13.27 -8.82 -6.58
N LEU A 108 -12.60 -7.84 -5.98
CA LEU A 108 -11.19 -7.61 -6.23
C LEU A 108 -10.35 -8.78 -5.73
N LYS A 109 -10.73 -9.30 -4.58
CA LYS A 109 -10.00 -10.41 -4.02
C LYS A 109 -10.10 -11.60 -4.97
N ALA A 110 -11.27 -11.78 -5.57
CA ALA A 110 -11.48 -12.88 -6.48
C ALA A 110 -10.97 -12.55 -7.88
N GLN A 111 -11.15 -11.30 -8.31
CA GLN A 111 -10.73 -10.90 -9.63
C GLN A 111 -9.22 -10.99 -9.78
N TYR A 112 -8.51 -10.61 -8.72
CA TYR A 112 -7.06 -10.61 -8.73
C TYR A 112 -6.49 -11.96 -8.28
N LYS A 113 -7.40 -12.92 -8.09
CA LYS A 113 -7.01 -14.26 -7.69
C LYS A 113 -6.15 -14.18 -6.42
N VAL A 114 -6.58 -13.39 -5.47
CA VAL A 114 -5.82 -13.24 -4.24
C VAL A 114 -6.25 -14.30 -3.23
N THR A 115 -5.28 -15.07 -2.73
CA THR A 115 -5.56 -16.15 -1.79
C THR A 115 -4.88 -15.91 -0.45
N GLY A 116 -3.57 -15.67 -0.50
CA GLY A 116 -2.80 -15.44 0.70
C GLY A 116 -2.40 -13.98 0.88
N PHE A 117 -2.17 -13.60 2.13
CA PHE A 117 -1.77 -12.23 2.48
C PHE A 117 -0.51 -12.28 3.34
N PRO A 118 0.26 -11.22 3.39
CA PRO A 118 -0.02 -9.96 2.64
C PRO A 118 0.46 -10.02 1.19
N GLU A 119 -0.29 -9.37 0.29
CA GLU A 119 0.11 -9.37 -1.11
C GLU A 119 -0.12 -8.00 -1.74
N LEU A 120 0.89 -7.51 -2.42
CA LEU A 120 0.81 -6.23 -3.09
C LEU A 120 0.93 -6.51 -4.59
N VAL A 121 -0.07 -6.09 -5.34
CA VAL A 121 -0.11 -6.32 -6.78
C VAL A 121 -0.04 -5.02 -7.56
N PHE A 122 0.85 -4.94 -8.53
CA PHE A 122 1.00 -3.74 -9.33
C PHE A 122 0.28 -3.87 -10.66
N ILE A 123 -0.59 -2.91 -10.95
CA ILE A 123 -1.30 -2.92 -12.21
C ILE A 123 -1.25 -1.56 -12.88
N ASP A 124 -1.51 -1.57 -14.17
CA ASP A 124 -1.56 -0.35 -14.94
C ASP A 124 -2.99 0.12 -14.94
N ALA A 125 -3.25 1.19 -15.64
CA ALA A 125 -4.59 1.77 -15.70
C ALA A 125 -5.56 0.90 -16.47
N GLU A 126 -5.06 -0.10 -17.20
CA GLU A 126 -5.91 -1.00 -17.95
C GLU A 126 -6.11 -2.30 -17.17
N GLY A 127 -5.50 -2.38 -15.99
CA GLY A 127 -5.63 -3.56 -15.15
C GLY A 127 -4.61 -4.65 -15.49
N LYS A 128 -3.56 -4.30 -16.22
CA LYS A 128 -2.54 -5.29 -16.55
C LYS A 128 -1.58 -5.44 -15.40
N GLN A 129 -1.22 -6.67 -15.07
CA GLN A 129 -0.30 -6.93 -13.99
C GLN A 129 1.13 -6.72 -14.43
N LEU A 130 1.83 -5.83 -13.73
CA LEU A 130 3.22 -5.54 -14.08
C LEU A 130 4.14 -6.29 -13.16
N ALA A 131 3.68 -6.53 -11.92
CA ALA A 131 4.46 -7.25 -10.94
C ALA A 131 3.68 -7.40 -9.64
N ARG A 132 4.13 -8.28 -8.76
CA ARG A 132 3.46 -8.49 -7.49
C ARG A 132 4.46 -8.92 -6.43
N MET A 133 4.22 -8.51 -5.18
CA MET A 133 5.11 -8.90 -4.09
C MET A 133 4.35 -9.12 -2.80
N GLY A 134 4.97 -9.86 -1.90
CA GLY A 134 4.38 -10.15 -0.60
C GLY A 134 5.28 -9.60 0.50
N PHE A 135 5.32 -10.31 1.63
CA PHE A 135 6.18 -9.89 2.72
C PHE A 135 7.59 -10.37 2.43
N GLU A 136 8.56 -9.49 2.55
CA GLU A 136 9.95 -9.85 2.30
C GLU A 136 10.88 -9.09 3.24
N PRO A 137 11.60 -9.76 4.12
CA PRO A 137 12.52 -9.06 5.04
C PRO A 137 13.50 -8.18 4.26
N GLY A 138 14.07 -7.22 4.95
CA GLY A 138 15.01 -6.29 4.32
C GLY A 138 14.65 -4.86 4.63
N GLY A 139 13.39 -4.59 4.96
CA GLY A 139 13.01 -3.24 5.28
C GLY A 139 12.46 -2.47 4.08
N GLY A 140 12.07 -1.24 4.34
CA GLY A 140 11.45 -0.40 3.31
C GLY A 140 12.36 -0.05 2.15
N ALA A 141 13.60 0.32 2.44
CA ALA A 141 14.53 0.70 1.38
C ALA A 141 14.71 -0.45 0.40
N ALA A 142 14.95 -1.62 0.93
CA ALA A 142 15.17 -2.78 0.10
C ALA A 142 13.92 -3.11 -0.73
N TYR A 143 12.75 -2.94 -0.12
CA TYR A 143 11.49 -3.24 -0.80
C TYR A 143 11.30 -2.36 -2.03
N VAL A 144 11.62 -1.07 -1.91
CA VAL A 144 11.45 -0.17 -3.03
C VAL A 144 12.36 -0.53 -4.18
N SER A 145 13.57 -0.97 -3.91
CA SER A 145 14.46 -1.31 -5.01
C SER A 145 13.82 -2.43 -5.84
N LYS A 146 13.23 -3.40 -5.14
CA LYS A 146 12.60 -4.54 -5.78
C LYS A 146 11.40 -4.13 -6.66
N VAL A 147 10.56 -3.23 -6.16
CA VAL A 147 9.38 -2.81 -6.93
C VAL A 147 9.83 -2.07 -8.18
N LYS A 148 10.85 -1.24 -8.04
CA LYS A 148 11.33 -0.47 -9.19
C LYS A 148 11.77 -1.41 -10.31
N SER A 149 12.49 -2.47 -9.94
CA SER A 149 12.95 -3.42 -10.94
C SER A 149 11.76 -4.16 -11.54
N ALA A 150 10.80 -4.46 -10.69
CA ALA A 150 9.61 -5.18 -11.12
C ALA A 150 8.75 -4.33 -12.06
N LEU A 151 8.61 -3.06 -11.75
CA LEU A 151 7.77 -2.18 -12.56
C LEU A 151 8.55 -1.55 -13.72
N LYS A 152 9.86 -1.82 -13.82
CA LYS A 152 10.68 -1.28 -14.90
C LYS A 152 10.71 0.24 -14.86
N LEU A 153 10.95 0.78 -13.67
CA LEU A 153 11.05 2.23 -13.48
C LEU A 153 12.52 2.63 -13.50
N ARG A 154 12.87 3.56 -14.39
CA ARG A 154 14.25 4.02 -14.51
C ARG A 154 14.30 5.55 -14.59
N ALA A 11 -17.40 37.02 21.84
CA ALA A 11 -17.01 36.04 20.82
C ALA A 11 -15.93 36.63 19.91
N ARG A 12 -15.02 35.78 19.45
CA ARG A 12 -13.96 36.23 18.57
C ARG A 12 -13.32 37.51 19.08
N ARG A 13 -13.10 37.59 20.39
CA ARG A 13 -12.52 38.78 20.97
C ARG A 13 -11.14 39.04 20.35
N ARG A 14 -10.35 37.99 20.21
CA ARG A 14 -9.03 38.12 19.62
C ARG A 14 -9.09 38.03 18.10
N ALA A 15 -8.14 38.67 17.43
CA ALA A 15 -8.12 38.64 15.97
C ALA A 15 -7.97 37.21 15.46
N SER A 16 -8.76 36.86 14.47
CA SER A 16 -8.69 35.53 13.89
C SER A 16 -9.26 35.54 12.47
N GLY A 17 -8.94 34.51 11.69
CA GLY A 17 -9.43 34.44 10.32
C GLY A 17 -8.95 33.16 9.63
N GLU A 18 -9.46 32.93 8.42
CA GLU A 18 -9.08 31.74 7.65
C GLU A 18 -7.62 31.82 7.26
N ASN A 19 -7.19 33.01 6.90
CA ASN A 19 -5.82 33.22 6.46
C ASN A 19 -4.93 33.58 7.65
N LEU A 20 -4.08 32.65 8.06
CA LEU A 20 -3.18 32.92 9.18
C LEU A 20 -2.13 33.92 8.74
N GLN A 21 -1.76 34.79 9.68
CA GLN A 21 -0.78 35.82 9.40
C GLN A 21 0.58 35.21 9.05
N GLN A 22 0.96 34.16 9.78
CA GLN A 22 2.23 33.50 9.53
C GLN A 22 2.06 32.35 8.55
N THR A 23 2.84 32.36 7.48
CA THR A 23 2.75 31.30 6.47
C THR A 23 3.30 30.00 7.06
N ARG A 24 2.53 28.92 6.94
CA ARG A 24 2.96 27.64 7.48
C ARG A 24 2.04 26.52 7.00
N PRO A 25 2.21 26.08 5.78
CA PRO A 25 1.38 24.99 5.17
C PRO A 25 1.48 23.67 5.96
N ILE A 26 0.36 22.97 6.05
CA ILE A 26 0.31 21.70 6.76
C ILE A 26 1.19 20.65 6.06
N ALA A 27 1.10 20.60 4.73
CA ALA A 27 1.90 19.64 3.96
C ALA A 27 1.92 18.27 4.62
N ALA A 28 1.09 17.36 4.13
CA ALA A 28 1.03 16.02 4.70
C ALA A 28 2.39 15.34 4.60
N ALA A 29 2.71 14.54 5.62
CA ALA A 29 3.99 13.84 5.67
C ALA A 29 3.77 12.32 5.78
N ASN A 30 2.60 11.85 5.34
CA ASN A 30 2.30 10.42 5.39
C ASN A 30 1.78 9.92 4.05
N LEU A 31 1.43 8.64 4.00
CA LEU A 31 0.91 8.02 2.78
C LEU A 31 -0.54 8.44 2.57
N GLN A 32 -0.85 8.73 1.31
CA GLN A 32 -2.20 9.15 0.96
C GLN A 32 -2.94 7.99 0.29
N TRP A 33 -3.90 7.41 1.01
CA TRP A 33 -4.67 6.30 0.44
C TRP A 33 -5.73 6.87 -0.50
N GLU A 34 -5.89 6.17 -1.63
CA GLU A 34 -6.89 6.54 -2.63
C GLU A 34 -7.85 5.38 -2.82
N SER A 35 -9.05 5.67 -3.34
CA SER A 35 -10.00 4.61 -3.56
C SER A 35 -9.58 3.84 -4.79
N TYR A 36 -10.07 2.63 -4.92
CA TYR A 36 -9.75 1.82 -6.06
C TYR A 36 -10.22 2.51 -7.32
N ALA A 37 -11.44 3.05 -7.23
CA ALA A 37 -12.05 3.75 -8.35
C ALA A 37 -11.30 5.02 -8.65
N GLU A 38 -10.87 5.68 -7.59
CA GLU A 38 -10.16 6.93 -7.73
C GLU A 38 -8.80 6.71 -8.37
N ALA A 39 -8.15 5.61 -8.01
CA ALA A 39 -6.85 5.28 -8.54
C ALA A 39 -6.86 5.12 -10.05
N LEU A 40 -7.84 4.41 -10.54
CA LEU A 40 -7.92 4.14 -11.95
C LEU A 40 -8.12 5.40 -12.76
N GLU A 41 -8.98 6.28 -12.29
CA GLU A 41 -9.23 7.49 -13.05
C GLU A 41 -7.95 8.29 -13.18
N HIS A 42 -7.21 8.32 -12.09
CA HIS A 42 -5.95 9.03 -12.11
C HIS A 42 -4.95 8.35 -13.05
N SER A 43 -4.86 7.01 -12.96
CA SER A 43 -3.94 6.24 -13.78
C SER A 43 -4.26 6.35 -15.26
N LYS A 44 -5.55 6.39 -15.59
CA LYS A 44 -5.93 6.51 -16.98
C LYS A 44 -5.33 7.78 -17.53
N GLN A 45 -5.17 8.75 -16.65
CA GLN A 45 -4.66 10.05 -17.04
C GLN A 45 -3.19 10.21 -16.74
N ASP A 46 -2.77 9.73 -15.57
CA ASP A 46 -1.36 9.87 -15.16
C ASP A 46 -0.51 8.65 -15.52
N HIS A 47 -1.15 7.52 -15.80
CA HIS A 47 -0.44 6.30 -16.18
C HIS A 47 0.36 5.67 -15.04
N LYS A 48 0.10 6.10 -13.80
CA LYS A 48 0.83 5.54 -12.67
C LYS A 48 0.22 4.19 -12.24
N PRO A 49 1.03 3.23 -11.85
CA PRO A 49 0.51 1.90 -11.44
C PRO A 49 -0.22 1.95 -10.10
N ILE A 50 -1.12 0.99 -9.88
CA ILE A 50 -1.91 0.95 -8.65
C ILE A 50 -1.49 -0.24 -7.79
N GLY A 51 -1.27 0.01 -6.49
CA GLY A 51 -0.90 -1.06 -5.58
C GLY A 51 -2.07 -1.38 -4.66
N LEU A 52 -2.60 -2.60 -4.76
CA LEU A 52 -3.69 -3.01 -3.89
C LEU A 52 -3.12 -3.78 -2.71
N PHE A 53 -3.38 -3.27 -1.52
CA PHE A 53 -2.88 -3.89 -0.30
C PHE A 53 -3.95 -4.83 0.27
N PHE A 54 -3.73 -6.15 0.13
CA PHE A 54 -4.66 -7.15 0.67
C PHE A 54 -4.16 -7.64 2.02
N THR A 55 -5.01 -7.54 3.06
CA THR A 55 -4.57 -7.99 4.39
C THR A 55 -5.71 -8.38 5.33
N GLY A 56 -5.31 -8.70 6.56
CA GLY A 56 -6.22 -9.02 7.65
C GLY A 56 -5.77 -8.17 8.83
N SER A 57 -6.31 -6.96 8.88
CA SER A 57 -5.93 -5.98 9.88
C SER A 57 -6.04 -6.44 11.32
N ASP A 58 -7.04 -7.27 11.64
CA ASP A 58 -7.25 -7.69 13.03
C ASP A 58 -6.81 -9.12 13.33
N TRP A 59 -6.35 -9.90 12.34
CA TRP A 59 -6.02 -11.30 12.63
C TRP A 59 -4.67 -11.76 12.08
N CYS A 60 -4.15 -11.12 11.05
CA CYS A 60 -2.84 -11.51 10.52
C CYS A 60 -1.76 -10.58 11.07
N MET A 61 -0.55 -11.12 11.29
CA MET A 61 0.53 -10.32 11.87
C MET A 61 1.60 -9.93 10.84
N TRP A 62 1.85 -10.80 9.86
CA TRP A 62 2.84 -10.51 8.83
C TRP A 62 2.42 -9.27 8.07
N CYS A 63 1.11 -9.05 8.01
CA CYS A 63 0.57 -7.89 7.32
C CYS A 63 0.96 -6.64 8.07
N ILE A 64 0.87 -6.71 9.39
CA ILE A 64 1.23 -5.58 10.20
C ILE A 64 2.69 -5.29 9.97
N LYS A 65 3.52 -6.34 9.97
CA LYS A 65 4.94 -6.18 9.79
C LYS A 65 5.26 -5.56 8.44
N MET A 66 4.63 -6.05 7.37
CA MET A 66 4.87 -5.49 6.06
C MET A 66 4.43 -4.04 6.05
N GLN A 67 3.25 -3.84 6.63
CA GLN A 67 2.67 -2.50 6.71
C GLN A 67 3.51 -1.60 7.61
N ASP A 68 3.84 -2.08 8.79
CA ASP A 68 4.62 -1.26 9.72
C ASP A 68 6.06 -1.04 9.25
N GLN A 69 6.67 -2.06 8.66
CA GLN A 69 8.05 -1.93 8.24
C GLN A 69 8.26 -1.39 6.82
N ILE A 70 7.30 -1.59 5.91
CA ILE A 70 7.51 -1.13 4.52
C ILE A 70 6.54 -0.02 4.12
N LEU A 71 5.24 -0.24 4.22
CA LEU A 71 4.29 0.78 3.79
C LEU A 71 4.46 2.06 4.59
N GLN A 72 4.68 1.94 5.91
CA GLN A 72 4.83 3.10 6.77
C GLN A 72 6.28 3.59 6.84
N SER A 73 7.17 2.92 6.11
CA SER A 73 8.58 3.31 6.11
C SER A 73 8.81 4.53 5.22
N SER A 74 9.80 5.34 5.54
CA SER A 74 10.07 6.57 4.80
C SER A 74 10.36 6.35 3.31
N GLU A 75 11.18 5.37 2.99
CA GLU A 75 11.54 5.12 1.60
C GLU A 75 10.34 4.74 0.74
N PHE A 76 9.48 3.87 1.23
CA PHE A 76 8.32 3.45 0.46
C PHE A 76 7.33 4.60 0.33
N LYS A 77 7.14 5.35 1.41
CA LYS A 77 6.20 6.45 1.41
C LYS A 77 6.61 7.49 0.39
N HIS A 78 7.89 7.81 0.36
CA HIS A 78 8.36 8.79 -0.58
C HIS A 78 8.22 8.26 -1.98
N PHE A 79 8.61 7.01 -2.18
CA PHE A 79 8.54 6.40 -3.48
C PHE A 79 7.09 6.32 -3.95
N ALA A 80 6.21 5.83 -3.08
CA ALA A 80 4.81 5.65 -3.41
C ALA A 80 4.08 6.98 -3.62
N GLY A 81 4.42 7.99 -2.83
CA GLY A 81 3.78 9.27 -2.96
C GLY A 81 4.10 9.87 -4.31
N VAL A 82 5.33 9.65 -4.74
CA VAL A 82 5.81 10.18 -6.00
C VAL A 82 5.44 9.30 -7.20
N HIS A 83 5.62 7.99 -7.08
CA HIS A 83 5.41 7.10 -8.22
C HIS A 83 4.18 6.20 -8.19
N LEU A 84 3.39 6.14 -7.11
CA LEU A 84 2.26 5.19 -7.12
C LEU A 84 0.95 5.68 -6.53
N HIS A 85 -0.10 4.91 -6.81
CA HIS A 85 -1.42 5.14 -6.25
C HIS A 85 -1.68 3.96 -5.33
N MET A 86 -1.97 4.23 -4.06
CA MET A 86 -2.17 3.14 -3.11
C MET A 86 -3.65 2.92 -2.80
N VAL A 87 -4.04 1.65 -2.77
CA VAL A 87 -5.41 1.29 -2.46
C VAL A 87 -5.40 0.28 -1.31
N GLU A 88 -6.22 0.55 -0.31
CA GLU A 88 -6.28 -0.33 0.86
C GLU A 88 -7.47 -1.29 0.73
N VAL A 89 -7.18 -2.58 0.86
CA VAL A 89 -8.20 -3.60 0.77
C VAL A 89 -8.08 -4.57 1.93
N ASP A 90 -8.88 -4.35 2.96
CA ASP A 90 -8.75 -5.14 4.19
C ASP A 90 -9.87 -6.14 4.44
N PHE A 91 -9.54 -7.24 5.12
CA PHE A 91 -10.54 -8.23 5.48
C PHE A 91 -10.45 -8.47 7.00
N PRO A 92 -10.96 -7.54 7.78
CA PRO A 92 -10.90 -7.63 9.27
C PRO A 92 -11.89 -8.63 9.88
N GLN A 93 -11.65 -9.03 11.12
CA GLN A 93 -12.55 -9.96 11.79
C GLN A 93 -13.84 -9.24 12.15
N LYS A 94 -13.70 -8.01 12.61
CA LYS A 94 -14.83 -7.17 12.95
C LYS A 94 -15.06 -6.25 11.77
N ASN A 95 -16.04 -6.62 10.98
CA ASN A 95 -16.38 -5.89 9.77
C ASN A 95 -17.41 -4.80 9.99
N HIS A 96 -17.04 -3.62 9.50
CA HIS A 96 -17.91 -2.47 9.63
C HIS A 96 -17.95 -1.67 8.32
N GLN A 97 -17.51 -2.30 7.24
CA GLN A 97 -17.52 -1.65 5.93
C GLN A 97 -18.91 -1.76 5.31
N PRO A 98 -19.33 -0.81 4.51
CA PRO A 98 -20.66 -0.84 3.85
C PRO A 98 -20.77 -1.99 2.84
N GLU A 99 -22.00 -2.44 2.59
CA GLU A 99 -22.23 -3.54 1.66
C GLU A 99 -21.55 -3.32 0.33
N GLU A 100 -21.70 -2.14 -0.26
CA GLU A 100 -21.11 -1.88 -1.57
C GLU A 100 -19.59 -2.07 -1.57
N GLN A 101 -18.95 -1.65 -0.50
CA GLN A 101 -17.50 -1.78 -0.40
C GLN A 101 -17.12 -3.25 -0.19
N ARG A 102 -17.90 -3.97 0.60
CA ARG A 102 -17.60 -5.38 0.85
C ARG A 102 -17.74 -6.19 -0.44
N GLN A 103 -18.76 -5.92 -1.24
CA GLN A 103 -18.95 -6.65 -2.49
C GLN A 103 -17.78 -6.37 -3.44
N LYS A 104 -17.40 -5.10 -3.55
CA LYS A 104 -16.31 -4.70 -4.43
C LYS A 104 -14.99 -5.37 -4.02
N ASN A 105 -14.68 -5.31 -2.72
CA ASN A 105 -13.44 -5.88 -2.21
C ASN A 105 -13.39 -7.39 -2.48
N GLN A 106 -14.51 -8.08 -2.31
CA GLN A 106 -14.53 -9.51 -2.55
C GLN A 106 -14.30 -9.78 -4.02
N GLU A 107 -14.87 -8.93 -4.87
CA GLU A 107 -14.71 -9.09 -6.30
C GLU A 107 -13.25 -8.90 -6.69
N LEU A 108 -12.62 -7.90 -6.08
CA LEU A 108 -11.23 -7.58 -6.34
C LEU A 108 -10.31 -8.72 -5.88
N LYS A 109 -10.64 -9.29 -4.72
CA LYS A 109 -9.84 -10.36 -4.16
C LYS A 109 -9.82 -11.51 -5.13
N ALA A 110 -10.95 -11.74 -5.77
CA ALA A 110 -11.05 -12.81 -6.73
C ALA A 110 -10.40 -12.40 -8.05
N GLN A 111 -10.57 -11.14 -8.42
CA GLN A 111 -10.05 -10.64 -9.67
C GLN A 111 -8.55 -10.87 -9.80
N TYR A 112 -7.81 -10.49 -8.77
CA TYR A 112 -6.38 -10.64 -8.83
C TYR A 112 -5.90 -11.94 -8.22
N LYS A 113 -6.84 -12.87 -8.05
CA LYS A 113 -6.53 -14.20 -7.52
C LYS A 113 -5.72 -14.07 -6.26
N VAL A 114 -6.20 -13.28 -5.32
CA VAL A 114 -5.49 -13.09 -4.07
C VAL A 114 -5.92 -14.14 -3.06
N THR A 115 -4.96 -14.91 -2.57
CA THR A 115 -5.24 -15.95 -1.60
C THR A 115 -4.54 -15.68 -0.28
N GLY A 116 -3.25 -15.35 -0.37
CA GLY A 116 -2.45 -15.10 0.81
C GLY A 116 -2.18 -13.61 1.00
N PHE A 117 -2.05 -13.22 2.26
CA PHE A 117 -1.79 -11.84 2.64
C PHE A 117 -0.55 -11.80 3.56
N PRO A 118 0.20 -10.72 3.56
CA PRO A 118 -0.03 -9.52 2.70
C PRO A 118 0.41 -9.72 1.27
N GLU A 119 -0.39 -9.21 0.34
CA GLU A 119 -0.07 -9.31 -1.06
C GLU A 119 -0.27 -7.95 -1.72
N LEU A 120 0.77 -7.45 -2.36
CA LEU A 120 0.71 -6.17 -3.03
C LEU A 120 0.83 -6.42 -4.53
N VAL A 121 -0.20 -6.01 -5.25
CA VAL A 121 -0.24 -6.22 -6.69
C VAL A 121 -0.20 -4.90 -7.44
N PHE A 122 0.70 -4.80 -8.41
CA PHE A 122 0.83 -3.58 -9.19
C PHE A 122 0.11 -3.72 -10.52
N ILE A 123 -0.81 -2.78 -10.77
CA ILE A 123 -1.59 -2.80 -11.99
C ILE A 123 -1.58 -1.44 -12.67
N ASP A 124 -1.86 -1.48 -13.97
CA ASP A 124 -1.97 -0.27 -14.75
C ASP A 124 -3.42 0.17 -14.74
N ALA A 125 -3.69 1.25 -15.43
CA ALA A 125 -5.05 1.81 -15.49
C ALA A 125 -5.99 0.93 -16.30
N GLU A 126 -5.43 -0.03 -17.04
CA GLU A 126 -6.26 -0.95 -17.83
C GLU A 126 -6.46 -2.23 -17.04
N GLY A 127 -5.87 -2.29 -15.87
CA GLY A 127 -6.03 -3.46 -15.01
C GLY A 127 -4.99 -4.54 -15.33
N LYS A 128 -3.96 -4.19 -16.09
CA LYS A 128 -2.93 -5.17 -16.40
C LYS A 128 -1.93 -5.25 -15.27
N GLN A 129 -1.51 -6.47 -14.96
CA GLN A 129 -0.56 -6.69 -13.87
C GLN A 129 0.88 -6.47 -14.32
N LEU A 130 1.59 -5.58 -13.62
CA LEU A 130 2.99 -5.32 -13.94
C LEU A 130 3.90 -6.12 -13.02
N ALA A 131 3.44 -6.40 -11.81
CA ALA A 131 4.21 -7.19 -10.85
C ALA A 131 3.43 -7.41 -9.56
N ARG A 132 3.92 -8.32 -8.72
CA ARG A 132 3.26 -8.62 -7.46
C ARG A 132 4.28 -9.07 -6.42
N MET A 133 4.04 -8.69 -5.15
CA MET A 133 4.93 -9.08 -4.08
C MET A 133 4.17 -9.28 -2.77
N GLY A 134 4.81 -10.00 -1.85
CA GLY A 134 4.21 -10.27 -0.55
C GLY A 134 5.12 -9.75 0.56
N PHE A 135 5.19 -10.48 1.67
CA PHE A 135 6.05 -10.08 2.76
C PHE A 135 7.46 -10.58 2.48
N GLU A 136 8.44 -9.69 2.55
CA GLU A 136 9.82 -10.07 2.31
C GLU A 136 10.75 -9.26 3.22
N PRO A 137 11.77 -9.86 3.78
CA PRO A 137 12.71 -9.13 4.68
C PRO A 137 13.64 -8.20 3.91
N GLY A 138 14.18 -7.21 4.62
CA GLY A 138 15.08 -6.25 4.01
C GLY A 138 14.68 -4.83 4.33
N GLY A 139 13.41 -4.57 4.65
CA GLY A 139 13.00 -3.23 5.01
C GLY A 139 12.42 -2.46 3.83
N GLY A 140 12.00 -1.23 4.12
CA GLY A 140 11.34 -0.39 3.12
C GLY A 140 12.20 -0.04 1.91
N ALA A 141 13.46 0.31 2.12
CA ALA A 141 14.33 0.68 1.03
C ALA A 141 14.51 -0.47 0.06
N ALA A 142 14.77 -1.64 0.59
CA ALA A 142 14.99 -2.81 -0.24
C ALA A 142 13.75 -3.18 -1.06
N TYR A 143 12.58 -3.03 -0.45
CA TYR A 143 11.32 -3.35 -1.12
C TYR A 143 11.11 -2.50 -2.37
N VAL A 144 11.44 -1.22 -2.26
CA VAL A 144 11.25 -0.33 -3.40
C VAL A 144 12.17 -0.74 -4.55
N SER A 145 13.36 -1.16 -4.25
CA SER A 145 14.27 -1.55 -5.31
C SER A 145 13.62 -2.67 -6.13
N LYS A 146 13.02 -3.62 -5.42
CA LYS A 146 12.39 -4.77 -6.08
C LYS A 146 11.18 -4.37 -6.92
N VAL A 147 10.34 -3.48 -6.41
CA VAL A 147 9.15 -3.05 -7.16
C VAL A 147 9.57 -2.30 -8.40
N LYS A 148 10.58 -1.46 -8.26
CA LYS A 148 11.08 -0.67 -9.37
C LYS A 148 11.57 -1.58 -10.49
N SER A 149 12.31 -2.63 -10.13
CA SER A 149 12.83 -3.55 -11.13
C SER A 149 11.69 -4.29 -11.81
N ALA A 150 10.70 -4.67 -11.00
CA ALA A 150 9.56 -5.41 -11.51
C ALA A 150 8.72 -4.58 -12.48
N LEU A 151 8.56 -3.30 -12.18
CA LEU A 151 7.77 -2.43 -13.04
C LEU A 151 8.59 -1.77 -14.14
N LYS A 152 9.90 -2.00 -14.16
CA LYS A 152 10.77 -1.41 -15.18
C LYS A 152 10.77 0.12 -15.08
N LEU A 153 10.98 0.62 -13.87
CA LEU A 153 11.03 2.07 -13.64
C LEU A 153 12.48 2.51 -13.55
N ARG A 154 12.87 3.45 -14.40
CA ARG A 154 14.23 3.96 -14.40
C ARG A 154 14.37 5.09 -13.38
N ALA A 11 22.46 3.91 17.54
CA ALA A 11 22.53 5.27 17.03
C ALA A 11 21.48 6.13 17.74
N ARG A 12 20.31 5.55 17.94
CA ARG A 12 19.20 6.25 18.59
C ARG A 12 19.10 7.69 18.07
N ARG A 13 19.85 8.60 18.67
CA ARG A 13 19.83 10.00 18.24
C ARG A 13 21.25 10.49 18.01
N ARG A 14 21.51 11.06 16.83
CA ARG A 14 22.84 11.56 16.51
C ARG A 14 22.78 12.96 15.91
N ALA A 15 23.81 13.75 16.18
CA ALA A 15 23.90 15.11 15.67
C ALA A 15 25.35 15.44 15.35
N SER A 16 25.58 16.05 14.20
CA SER A 16 26.95 16.40 13.80
C SER A 16 27.55 17.38 14.80
N GLY A 17 26.77 18.39 15.17
CA GLY A 17 27.23 19.39 16.11
C GLY A 17 26.10 20.34 16.47
N GLU A 18 26.38 21.26 17.38
CA GLU A 18 25.39 22.24 17.82
C GLU A 18 25.00 23.15 16.67
N ASN A 19 25.95 23.42 15.77
CA ASN A 19 25.70 24.28 14.63
C ASN A 19 24.61 23.70 13.73
N LEU A 20 24.66 22.39 13.51
CA LEU A 20 23.66 21.73 12.67
C LEU A 20 22.96 20.64 13.47
N GLN A 21 21.63 20.66 13.46
CA GLN A 21 20.85 19.68 14.19
C GLN A 21 19.72 19.12 13.31
N GLN A 22 19.19 17.97 13.70
CA GLN A 22 18.09 17.35 12.96
C GLN A 22 16.83 17.34 13.83
N THR A 23 15.74 17.86 13.28
CA THR A 23 14.48 17.92 14.02
C THR A 23 13.32 17.38 13.19
N ARG A 24 12.21 17.06 13.87
CA ARG A 24 11.04 16.52 13.19
C ARG A 24 9.75 17.17 13.71
N PRO A 25 9.62 18.47 13.55
CA PRO A 25 8.41 19.21 14.01
C PRO A 25 7.17 18.86 13.18
N ILE A 26 7.40 18.33 11.98
CA ILE A 26 6.29 17.96 11.09
C ILE A 26 6.51 16.55 10.55
N ALA A 27 5.51 15.69 10.73
CA ALA A 27 5.61 14.31 10.25
C ALA A 27 4.23 13.70 10.07
N ALA A 28 3.20 14.53 10.12
CA ALA A 28 1.83 14.06 9.97
C ALA A 28 1.60 13.49 8.56
N ALA A 29 2.21 14.12 7.56
CA ALA A 29 2.06 13.66 6.18
C ALA A 29 2.62 12.26 6.03
N ASN A 30 1.91 11.42 5.28
CA ASN A 30 2.35 10.05 5.06
C ASN A 30 1.78 9.54 3.74
N LEU A 31 1.38 8.28 3.72
CA LEU A 31 0.82 7.67 2.52
C LEU A 31 -0.62 8.12 2.30
N GLN A 32 -0.93 8.42 1.04
CA GLN A 32 -2.27 8.84 0.66
C GLN A 32 -3.00 7.70 -0.03
N TRP A 33 -3.98 7.12 0.66
CA TRP A 33 -4.75 6.02 0.07
C TRP A 33 -5.83 6.59 -0.84
N GLU A 34 -6.04 5.91 -1.96
CA GLU A 34 -7.06 6.30 -2.93
C GLU A 34 -8.03 5.14 -3.12
N SER A 35 -9.19 5.41 -3.68
CA SER A 35 -10.18 4.36 -3.89
C SER A 35 -9.82 3.58 -5.16
N TYR A 36 -10.40 2.40 -5.29
CA TYR A 36 -10.16 1.59 -6.45
C TYR A 36 -10.62 2.30 -7.70
N ALA A 37 -11.81 2.87 -7.60
CA ALA A 37 -12.39 3.58 -8.72
C ALA A 37 -11.61 4.85 -9.01
N GLU A 38 -11.17 5.51 -7.95
CA GLU A 38 -10.43 6.74 -8.09
C GLU A 38 -9.03 6.49 -8.65
N ALA A 39 -8.41 5.40 -8.22
CA ALA A 39 -7.07 5.07 -8.69
C ALA A 39 -7.04 4.90 -10.18
N LEU A 40 -8.03 4.18 -10.66
CA LEU A 40 -8.13 3.89 -12.06
C LEU A 40 -8.33 5.17 -12.84
N GLU A 41 -9.16 6.03 -12.30
CA GLU A 41 -9.44 7.27 -12.94
C GLU A 41 -8.20 8.11 -13.03
N HIS A 42 -7.47 8.14 -11.93
CA HIS A 42 -6.26 8.92 -11.90
C HIS A 42 -5.20 8.30 -12.82
N SER A 43 -5.05 6.98 -12.74
CA SER A 43 -4.04 6.28 -13.54
C SER A 43 -4.34 6.36 -15.02
N LYS A 44 -5.60 6.39 -15.37
CA LYS A 44 -5.99 6.47 -16.74
C LYS A 44 -5.47 7.79 -17.30
N GLN A 45 -5.33 8.76 -16.40
CA GLN A 45 -4.88 10.10 -16.78
C GLN A 45 -3.40 10.27 -16.58
N ASP A 46 -2.91 9.81 -15.44
CA ASP A 46 -1.51 9.97 -15.09
C ASP A 46 -0.64 8.75 -15.46
N HIS A 47 -1.27 7.62 -15.77
CA HIS A 47 -0.55 6.40 -16.17
C HIS A 47 0.24 5.78 -15.02
N LYS A 48 0.00 6.23 -13.79
CA LYS A 48 0.72 5.67 -12.65
C LYS A 48 0.11 4.31 -12.25
N PRO A 49 0.91 3.33 -11.89
CA PRO A 49 0.40 1.97 -11.49
C PRO A 49 -0.30 1.97 -10.14
N ILE A 50 -1.17 0.98 -9.92
CA ILE A 50 -1.92 0.89 -8.66
C ILE A 50 -1.49 -0.32 -7.85
N GLY A 51 -1.28 -0.11 -6.55
CA GLY A 51 -0.92 -1.20 -5.65
C GLY A 51 -2.09 -1.53 -4.74
N LEU A 52 -2.62 -2.75 -4.86
CA LEU A 52 -3.73 -3.15 -4.02
C LEU A 52 -3.17 -3.92 -2.84
N PHE A 53 -3.42 -3.40 -1.64
CA PHE A 53 -2.92 -4.03 -0.43
C PHE A 53 -3.98 -4.97 0.13
N PHE A 54 -3.76 -6.27 -0.01
CA PHE A 54 -4.68 -7.29 0.50
C PHE A 54 -4.18 -7.77 1.85
N THR A 55 -5.01 -7.64 2.89
CA THR A 55 -4.58 -8.05 4.22
C THR A 55 -5.72 -8.41 5.19
N GLY A 56 -5.31 -8.70 6.42
CA GLY A 56 -6.20 -8.97 7.53
C GLY A 56 -5.70 -8.09 8.68
N SER A 57 -6.22 -6.87 8.70
CA SER A 57 -5.80 -5.86 9.66
C SER A 57 -5.87 -6.29 11.12
N ASP A 58 -6.87 -7.09 11.50
CA ASP A 58 -7.02 -7.48 12.90
C ASP A 58 -6.56 -8.90 13.19
N TRP A 59 -6.14 -9.67 12.18
CA TRP A 59 -5.75 -11.05 12.45
C TRP A 59 -4.45 -11.49 11.77
N CYS A 60 -4.00 -10.77 10.74
CA CYS A 60 -2.76 -11.13 10.05
C CYS A 60 -1.57 -10.34 10.61
N MET A 61 -0.72 -11.04 11.37
CA MET A 61 0.45 -10.42 11.98
C MET A 61 1.51 -10.05 10.95
N TRP A 62 1.72 -10.93 9.97
CA TRP A 62 2.71 -10.69 8.94
C TRP A 62 2.32 -9.46 8.15
N CYS A 63 1.02 -9.23 8.08
CA CYS A 63 0.50 -8.07 7.38
C CYS A 63 0.84 -6.81 8.15
N ILE A 64 0.74 -6.88 9.47
CA ILE A 64 1.07 -5.76 10.30
C ILE A 64 2.53 -5.43 10.08
N LYS A 65 3.38 -6.46 10.04
CA LYS A 65 4.80 -6.26 9.85
C LYS A 65 5.08 -5.62 8.50
N MET A 66 4.45 -6.12 7.43
CA MET A 66 4.68 -5.55 6.12
C MET A 66 4.24 -4.11 6.12
N GLN A 67 3.06 -3.89 6.68
CA GLN A 67 2.48 -2.57 6.76
C GLN A 67 3.29 -1.70 7.70
N ASP A 68 3.62 -2.21 8.87
CA ASP A 68 4.38 -1.43 9.84
C ASP A 68 5.82 -1.20 9.39
N GLN A 69 6.44 -2.18 8.76
CA GLN A 69 7.84 -2.03 8.36
C GLN A 69 8.05 -1.48 6.95
N ILE A 70 7.08 -1.66 6.03
CA ILE A 70 7.31 -1.19 4.65
C ILE A 70 6.35 -0.08 4.23
N LEU A 71 5.05 -0.28 4.34
CA LEU A 71 4.10 0.74 3.90
C LEU A 71 4.28 2.05 4.67
N GLN A 72 4.51 1.96 5.97
CA GLN A 72 4.66 3.16 6.80
C GLN A 72 6.12 3.63 6.85
N SER A 73 7.01 2.97 6.11
CA SER A 73 8.42 3.35 6.10
C SER A 73 8.64 4.57 5.22
N SER A 74 9.64 5.37 5.56
CA SER A 74 9.92 6.60 4.82
C SER A 74 10.22 6.34 3.35
N GLU A 75 11.04 5.34 3.05
CA GLU A 75 11.41 5.06 1.67
C GLU A 75 10.20 4.69 0.81
N PHE A 76 9.35 3.82 1.33
CA PHE A 76 8.16 3.41 0.59
C PHE A 76 7.19 4.56 0.41
N LYS A 77 6.97 5.33 1.49
CA LYS A 77 6.04 6.43 1.43
C LYS A 77 6.48 7.44 0.39
N HIS A 78 7.77 7.74 0.37
CA HIS A 78 8.30 8.69 -0.57
C HIS A 78 8.15 8.16 -1.97
N PHE A 79 8.53 6.90 -2.18
CA PHE A 79 8.45 6.27 -3.47
C PHE A 79 7.01 6.21 -3.97
N ALA A 80 6.12 5.72 -3.11
CA ALA A 80 4.72 5.56 -3.46
C ALA A 80 4.00 6.88 -3.70
N GLY A 81 4.36 7.89 -2.93
CA GLY A 81 3.73 9.20 -3.07
C GLY A 81 4.06 9.80 -4.41
N VAL A 82 5.29 9.59 -4.84
CA VAL A 82 5.77 10.14 -6.09
C VAL A 82 5.40 9.27 -7.29
N HIS A 83 5.59 7.96 -7.20
CA HIS A 83 5.36 7.08 -8.35
C HIS A 83 4.11 6.18 -8.31
N LEU A 84 3.33 6.13 -7.22
CA LEU A 84 2.19 5.20 -7.24
C LEU A 84 0.89 5.70 -6.64
N HIS A 85 -0.16 4.93 -6.91
CA HIS A 85 -1.46 5.14 -6.34
C HIS A 85 -1.70 3.93 -5.44
N MET A 86 -1.91 4.14 -4.15
CA MET A 86 -2.10 3.02 -3.23
C MET A 86 -3.57 2.80 -2.91
N VAL A 87 -3.98 1.54 -2.91
CA VAL A 87 -5.36 1.18 -2.60
C VAL A 87 -5.37 0.17 -1.47
N GLU A 88 -6.19 0.41 -0.45
CA GLU A 88 -6.26 -0.49 0.70
C GLU A 88 -7.44 -1.44 0.56
N VAL A 89 -7.16 -2.72 0.74
CA VAL A 89 -8.20 -3.74 0.65
C VAL A 89 -8.05 -4.70 1.84
N ASP A 90 -8.82 -4.43 2.88
CA ASP A 90 -8.70 -5.17 4.12
C ASP A 90 -9.80 -6.19 4.41
N PHE A 91 -9.44 -7.30 5.05
CA PHE A 91 -10.41 -8.31 5.43
C PHE A 91 -10.33 -8.52 6.94
N PRO A 92 -10.84 -7.59 7.71
CA PRO A 92 -10.77 -7.65 9.20
C PRO A 92 -11.75 -8.66 9.81
N GLN A 93 -11.48 -9.06 11.05
CA GLN A 93 -12.36 -9.99 11.74
C GLN A 93 -13.64 -9.27 12.13
N LYS A 94 -13.47 -8.03 12.61
CA LYS A 94 -14.59 -7.20 12.97
C LYS A 94 -14.81 -6.22 11.83
N ASN A 95 -15.74 -6.57 10.99
CA ASN A 95 -16.04 -5.77 9.79
C ASN A 95 -17.07 -4.67 10.05
N HIS A 96 -16.66 -3.46 9.67
CA HIS A 96 -17.51 -2.28 9.82
C HIS A 96 -17.54 -1.47 8.52
N GLN A 97 -17.09 -2.08 7.43
CA GLN A 97 -17.07 -1.38 6.15
C GLN A 97 -18.45 -1.42 5.48
N PRO A 98 -18.86 -0.38 4.77
CA PRO A 98 -20.18 -0.38 4.07
C PRO A 98 -20.30 -1.55 3.09
N GLU A 99 -21.53 -2.01 2.87
CA GLU A 99 -21.75 -3.14 1.98
C GLU A 99 -21.11 -2.90 0.62
N GLU A 100 -21.27 -1.72 0.04
CA GLU A 100 -20.70 -1.46 -1.27
C GLU A 100 -19.18 -1.63 -1.24
N GLN A 101 -18.56 -1.20 -0.15
CA GLN A 101 -17.11 -1.33 -0.03
C GLN A 101 -16.74 -2.80 0.15
N ARG A 102 -17.53 -3.53 0.93
CA ARG A 102 -17.24 -4.94 1.16
C ARG A 102 -17.39 -5.76 -0.12
N GLN A 103 -18.44 -5.49 -0.89
CA GLN A 103 -18.66 -6.22 -2.13
C GLN A 103 -17.53 -5.98 -3.13
N LYS A 104 -17.13 -4.71 -3.27
CA LYS A 104 -16.07 -4.35 -4.19
C LYS A 104 -14.76 -5.04 -3.85
N ASN A 105 -14.44 -5.05 -2.57
CA ASN A 105 -13.20 -5.65 -2.10
C ASN A 105 -13.18 -7.15 -2.41
N GLN A 106 -14.31 -7.83 -2.25
CA GLN A 106 -14.37 -9.27 -2.54
C GLN A 106 -14.16 -9.51 -4.02
N GLU A 107 -14.73 -8.65 -4.85
CA GLU A 107 -14.59 -8.80 -6.29
C GLU A 107 -13.14 -8.62 -6.73
N LEU A 108 -12.49 -7.62 -6.15
CA LEU A 108 -11.10 -7.30 -6.45
C LEU A 108 -10.18 -8.45 -6.03
N LYS A 109 -10.49 -9.02 -4.86
CA LYS A 109 -9.70 -10.11 -4.31
C LYS A 109 -9.73 -11.28 -5.26
N ALA A 110 -10.89 -11.52 -5.86
CA ALA A 110 -11.04 -12.62 -6.79
C ALA A 110 -10.47 -12.26 -8.14
N GLN A 111 -10.63 -11.00 -8.53
CA GLN A 111 -10.18 -10.55 -9.83
C GLN A 111 -8.69 -10.78 -10.03
N TYR A 112 -7.89 -10.41 -9.04
CA TYR A 112 -6.46 -10.56 -9.18
C TYR A 112 -5.96 -11.88 -8.61
N LYS A 113 -6.89 -12.81 -8.39
CA LYS A 113 -6.54 -14.13 -7.88
C LYS A 113 -5.71 -14.02 -6.62
N VAL A 114 -6.20 -13.23 -5.68
CA VAL A 114 -5.48 -13.04 -4.43
C VAL A 114 -5.95 -14.06 -3.39
N THR A 115 -5.00 -14.82 -2.85
CA THR A 115 -5.32 -15.86 -1.87
C THR A 115 -4.59 -15.64 -0.56
N GLY A 116 -3.29 -15.39 -0.65
CA GLY A 116 -2.48 -15.20 0.54
C GLY A 116 -2.20 -13.74 0.82
N PHE A 117 -2.06 -13.42 2.09
CA PHE A 117 -1.77 -12.06 2.53
C PHE A 117 -0.52 -12.09 3.42
N PRO A 118 0.26 -11.02 3.47
CA PRO A 118 0.00 -9.78 2.68
C PRO A 118 0.44 -9.92 1.23
N GLU A 119 -0.35 -9.36 0.31
CA GLU A 119 -0.01 -9.43 -1.10
C GLU A 119 -0.23 -8.07 -1.75
N LEU A 120 0.80 -7.58 -2.43
CA LEU A 120 0.72 -6.31 -3.11
C LEU A 120 0.84 -6.58 -4.61
N VAL A 121 -0.19 -6.16 -5.34
CA VAL A 121 -0.22 -6.38 -6.78
C VAL A 121 -0.18 -5.06 -7.53
N PHE A 122 0.72 -4.95 -8.48
CA PHE A 122 0.85 -3.72 -9.25
C PHE A 122 0.11 -3.85 -10.56
N ILE A 123 -0.80 -2.91 -10.80
CA ILE A 123 -1.58 -2.92 -12.02
C ILE A 123 -1.51 -1.57 -12.72
N ASP A 124 -1.78 -1.61 -14.01
CA ASP A 124 -1.82 -0.41 -14.80
C ASP A 124 -3.25 0.07 -14.76
N ALA A 125 -3.52 1.15 -15.46
CA ALA A 125 -4.86 1.72 -15.48
C ALA A 125 -5.83 0.81 -16.24
N GLU A 126 -5.32 -0.17 -16.96
CA GLU A 126 -6.17 -1.08 -17.71
C GLU A 126 -6.37 -2.37 -16.92
N GLY A 127 -5.77 -2.43 -15.73
CA GLY A 127 -5.91 -3.62 -14.90
C GLY A 127 -4.90 -4.69 -15.26
N LYS A 128 -3.85 -4.33 -16.01
CA LYS A 128 -2.84 -5.31 -16.39
C LYS A 128 -1.86 -5.46 -15.26
N GLN A 129 -1.47 -6.68 -14.93
CA GLN A 129 -0.54 -6.92 -13.84
C GLN A 129 0.90 -6.71 -14.31
N LEU A 130 1.61 -5.81 -13.63
CA LEU A 130 3.00 -5.55 -14.01
C LEU A 130 3.94 -6.31 -13.07
N ALA A 131 3.48 -6.54 -11.84
CA ALA A 131 4.28 -7.27 -10.86
C ALA A 131 3.49 -7.49 -9.57
N ARG A 132 3.98 -8.40 -8.73
CA ARG A 132 3.32 -8.69 -7.46
C ARG A 132 4.35 -9.10 -6.41
N MET A 133 4.13 -8.69 -5.16
CA MET A 133 5.03 -9.05 -4.10
C MET A 133 4.30 -9.26 -2.78
N GLY A 134 4.93 -9.99 -1.87
CA GLY A 134 4.35 -10.26 -0.56
C GLY A 134 5.29 -9.73 0.52
N PHE A 135 5.35 -10.41 1.65
CA PHE A 135 6.25 -9.99 2.72
C PHE A 135 7.66 -10.46 2.37
N GLU A 136 8.64 -9.56 2.46
CA GLU A 136 10.00 -9.91 2.14
C GLU A 136 10.97 -9.16 3.07
N PRO A 137 11.65 -9.83 3.97
CA PRO A 137 12.60 -9.14 4.88
C PRO A 137 13.57 -8.24 4.12
N GLY A 138 14.12 -7.28 4.83
CA GLY A 138 15.04 -6.33 4.23
C GLY A 138 14.65 -4.89 4.53
N GLY A 139 13.39 -4.63 4.85
CA GLY A 139 12.98 -3.28 5.18
C GLY A 139 12.39 -2.53 3.99
N GLY A 140 11.98 -1.29 4.27
CA GLY A 140 11.30 -0.46 3.27
C GLY A 140 12.18 -0.08 2.08
N ALA A 141 13.43 0.31 2.33
CA ALA A 141 14.31 0.70 1.25
C ALA A 141 14.52 -0.45 0.29
N ALA A 142 14.77 -1.62 0.83
CA ALA A 142 15.00 -2.77 0.01
C ALA A 142 13.76 -3.13 -0.81
N TYR A 143 12.58 -2.97 -0.22
CA TYR A 143 11.33 -3.29 -0.89
C TYR A 143 11.13 -2.41 -2.12
N VAL A 144 11.43 -1.12 -1.99
CA VAL A 144 11.24 -0.21 -3.10
C VAL A 144 12.15 -0.56 -4.27
N SER A 145 13.36 -0.98 -3.98
CA SER A 145 14.26 -1.33 -5.07
C SER A 145 13.64 -2.44 -5.91
N LYS A 146 13.05 -3.42 -5.20
CA LYS A 146 12.43 -4.57 -5.85
C LYS A 146 11.22 -4.18 -6.72
N VAL A 147 10.37 -3.28 -6.22
CA VAL A 147 9.20 -2.87 -6.97
C VAL A 147 9.62 -2.11 -8.23
N LYS A 148 10.65 -1.28 -8.09
CA LYS A 148 11.14 -0.51 -9.21
C LYS A 148 11.58 -1.44 -10.34
N SER A 149 12.31 -2.50 -10.00
CA SER A 149 12.77 -3.44 -11.00
C SER A 149 11.60 -4.19 -11.64
N ALA A 150 10.63 -4.55 -10.80
CA ALA A 150 9.47 -5.28 -11.26
C ALA A 150 8.62 -4.46 -12.22
N LEU A 151 8.45 -3.19 -11.92
CA LEU A 151 7.63 -2.32 -12.75
C LEU A 151 8.42 -1.67 -13.88
N LYS A 152 9.74 -1.91 -13.94
CA LYS A 152 10.58 -1.33 -14.99
C LYS A 152 10.59 0.20 -14.90
N LEU A 153 10.83 0.70 -13.70
CA LEU A 153 10.91 2.14 -13.46
C LEU A 153 12.39 2.56 -13.46
N ARG A 154 12.73 3.51 -14.33
CA ARG A 154 14.10 3.99 -14.43
C ARG A 154 14.13 5.35 -15.13
N ALA A 11 12.98 10.37 46.19
CA ALA A 11 11.63 9.95 46.58
C ALA A 11 10.63 10.44 45.54
N ARG A 12 11.06 11.40 44.75
CA ARG A 12 10.21 11.98 43.70
C ARG A 12 10.97 12.03 42.39
N ARG A 13 10.28 11.80 41.28
CA ARG A 13 10.93 11.84 39.97
C ARG A 13 10.72 13.21 39.32
N ARG A 14 11.79 13.75 38.74
CA ARG A 14 11.71 15.06 38.10
C ARG A 14 10.73 15.02 36.93
N ALA A 15 10.76 13.94 36.17
CA ALA A 15 9.88 13.80 35.03
C ALA A 15 8.49 13.36 35.46
N SER A 16 7.71 14.30 36.00
CA SER A 16 6.36 14.02 36.44
C SER A 16 5.52 13.54 35.26
N GLY A 17 5.77 14.11 34.09
CA GLY A 17 5.02 13.75 32.89
C GLY A 17 5.78 12.70 32.07
N GLU A 18 5.16 12.26 30.98
CA GLU A 18 5.76 11.26 30.10
C GLU A 18 7.05 11.80 29.49
N ASN A 19 8.00 10.90 29.23
CA ASN A 19 9.28 11.30 28.65
C ASN A 19 9.07 11.96 27.28
N LEU A 20 9.64 13.14 27.12
CA LEU A 20 9.52 13.90 25.88
C LEU A 20 10.19 13.16 24.72
N GLN A 21 11.34 12.55 24.99
CA GLN A 21 12.08 11.83 23.96
C GLN A 21 11.25 10.70 23.39
N GLN A 22 10.52 10.01 24.25
CA GLN A 22 9.69 8.89 23.80
C GLN A 22 8.40 9.41 23.18
N THR A 23 8.15 9.00 21.93
CA THR A 23 6.95 9.42 21.23
C THR A 23 6.24 8.19 20.66
N ARG A 24 4.97 8.05 20.99
CA ARG A 24 4.18 6.92 20.54
C ARG A 24 2.82 7.37 20.00
N PRO A 25 2.78 7.89 18.79
CA PRO A 25 1.52 8.38 18.17
C PRO A 25 0.67 7.24 17.61
N ILE A 26 -0.64 7.46 17.55
CA ILE A 26 -1.54 6.44 17.01
C ILE A 26 -1.20 6.18 15.55
N ALA A 27 -0.97 7.25 14.79
CA ALA A 27 -0.63 7.12 13.38
C ALA A 27 0.27 8.28 12.95
N ALA A 28 1.16 8.01 12.00
CA ALA A 28 2.06 9.05 11.53
C ALA A 28 2.47 8.80 10.07
N ALA A 29 1.71 7.96 9.38
CA ALA A 29 2.01 7.66 7.99
C ALA A 29 1.67 8.86 7.12
N ASN A 30 2.51 9.11 6.12
CA ASN A 30 2.31 10.24 5.23
C ASN A 30 1.74 9.79 3.87
N LEU A 31 1.37 8.52 3.80
CA LEU A 31 0.81 7.94 2.57
C LEU A 31 -0.63 8.37 2.40
N GLN A 32 -0.98 8.71 1.17
CA GLN A 32 -2.34 9.14 0.85
C GLN A 32 -3.12 8.00 0.20
N TRP A 33 -4.07 7.45 0.95
CA TRP A 33 -4.89 6.37 0.41
C TRP A 33 -5.96 6.92 -0.51
N GLU A 34 -6.14 6.22 -1.62
CA GLU A 34 -7.14 6.59 -2.62
C GLU A 34 -8.08 5.41 -2.84
N SER A 35 -9.23 5.66 -3.44
CA SER A 35 -10.16 4.59 -3.69
C SER A 35 -9.72 3.82 -4.92
N TYR A 36 -10.15 2.58 -5.02
CA TYR A 36 -9.79 1.74 -6.15
C TYR A 36 -10.23 2.40 -7.44
N ALA A 37 -11.43 2.94 -7.40
CA ALA A 37 -11.98 3.59 -8.56
C ALA A 37 -11.22 4.86 -8.86
N GLU A 38 -10.79 5.51 -7.81
CA GLU A 38 -10.04 6.74 -7.95
C GLU A 38 -8.68 6.49 -8.53
N ALA A 39 -8.05 5.40 -8.12
CA ALA A 39 -6.73 5.04 -8.60
C ALA A 39 -6.72 4.84 -10.10
N LEU A 40 -7.70 4.11 -10.59
CA LEU A 40 -7.76 3.83 -12.00
C LEU A 40 -7.98 5.10 -12.78
N GLU A 41 -8.85 5.95 -12.27
CA GLU A 41 -9.13 7.19 -12.93
C GLU A 41 -7.88 8.00 -13.09
N HIS A 42 -7.10 8.05 -12.04
CA HIS A 42 -5.89 8.81 -12.11
C HIS A 42 -4.89 8.16 -13.06
N SER A 43 -4.78 6.83 -12.98
CA SER A 43 -3.84 6.08 -13.81
C SER A 43 -4.18 6.17 -15.29
N LYS A 44 -5.46 6.22 -15.61
CA LYS A 44 -5.87 6.33 -16.99
C LYS A 44 -5.27 7.60 -17.56
N GLN A 45 -5.12 8.59 -16.68
CA GLN A 45 -4.61 9.89 -17.09
C GLN A 45 -3.14 10.06 -16.80
N ASP A 46 -2.71 9.57 -15.64
CA ASP A 46 -1.32 9.73 -15.23
C ASP A 46 -0.46 8.52 -15.60
N HIS A 47 -1.08 7.39 -15.89
CA HIS A 47 -0.38 6.16 -16.29
C HIS A 47 0.42 5.56 -15.13
N LYS A 48 0.18 6.04 -13.92
CA LYS A 48 0.91 5.51 -12.77
C LYS A 48 0.33 4.15 -12.35
N PRO A 49 1.16 3.22 -11.89
CA PRO A 49 0.70 1.87 -11.46
C PRO A 49 -0.09 1.91 -10.15
N ILE A 50 -0.98 0.93 -9.99
CA ILE A 50 -1.81 0.85 -8.80
C ILE A 50 -1.38 -0.30 -7.91
N GLY A 51 -1.14 -0.01 -6.62
CA GLY A 51 -0.76 -1.05 -5.68
C GLY A 51 -1.94 -1.36 -4.78
N LEU A 52 -2.46 -2.58 -4.90
CA LEU A 52 -3.58 -3.03 -4.09
C LEU A 52 -3.05 -3.76 -2.88
N PHE A 53 -3.34 -3.24 -1.70
CA PHE A 53 -2.87 -3.87 -0.48
C PHE A 53 -3.93 -4.81 0.06
N PHE A 54 -3.72 -6.13 -0.09
CA PHE A 54 -4.64 -7.15 0.41
C PHE A 54 -4.15 -7.61 1.78
N THR A 55 -4.98 -7.46 2.82
CA THR A 55 -4.56 -7.87 4.16
C THR A 55 -5.70 -8.21 5.13
N GLY A 56 -5.29 -8.49 6.36
CA GLY A 56 -6.19 -8.76 7.47
C GLY A 56 -5.71 -7.89 8.62
N SER A 57 -6.22 -6.67 8.66
CA SER A 57 -5.81 -5.68 9.64
C SER A 57 -5.92 -6.13 11.10
N ASP A 58 -6.92 -6.92 11.45
CA ASP A 58 -7.11 -7.32 12.83
C ASP A 58 -6.68 -8.76 13.17
N TRP A 59 -6.26 -9.56 12.17
CA TRP A 59 -5.90 -10.96 12.48
C TRP A 59 -4.60 -11.44 11.86
N CYS A 60 -4.12 -10.80 10.80
CA CYS A 60 -2.87 -11.22 10.18
C CYS A 60 -1.69 -10.45 10.77
N MET A 61 -0.63 -11.18 11.17
CA MET A 61 0.54 -10.54 11.77
C MET A 61 1.60 -10.17 10.73
N TRP A 62 1.83 -11.07 9.77
CA TRP A 62 2.82 -10.79 8.72
C TRP A 62 2.39 -9.56 7.96
N CYS A 63 1.09 -9.36 7.90
CA CYS A 63 0.53 -8.22 7.20
C CYS A 63 0.88 -6.95 7.96
N ILE A 64 0.79 -7.01 9.27
CA ILE A 64 1.14 -5.88 10.10
C ILE A 64 2.59 -5.56 9.86
N LYS A 65 3.43 -6.59 9.84
CA LYS A 65 4.86 -6.39 9.64
C LYS A 65 5.13 -5.74 8.29
N MET A 66 4.47 -6.22 7.24
CA MET A 66 4.66 -5.64 5.93
C MET A 66 4.21 -4.20 5.94
N GLN A 67 3.02 -4.00 6.51
CA GLN A 67 2.42 -2.68 6.62
C GLN A 67 3.23 -1.80 7.56
N ASP A 68 3.58 -2.29 8.73
CA ASP A 68 4.33 -1.49 9.69
C ASP A 68 5.77 -1.24 9.24
N GLN A 69 6.39 -2.24 8.61
CA GLN A 69 7.79 -2.08 8.23
C GLN A 69 7.99 -1.50 6.81
N ILE A 70 7.04 -1.68 5.89
CA ILE A 70 7.25 -1.18 4.52
C ILE A 70 6.28 -0.08 4.11
N LEU A 71 4.98 -0.30 4.21
CA LEU A 71 4.03 0.71 3.78
C LEU A 71 4.21 2.02 4.55
N GLN A 72 4.45 1.93 5.86
CA GLN A 72 4.59 3.12 6.68
C GLN A 72 6.05 3.60 6.78
N SER A 73 6.96 2.98 6.05
CA SER A 73 8.37 3.38 6.09
C SER A 73 8.61 4.62 5.22
N SER A 74 9.61 5.42 5.57
CA SER A 74 9.88 6.66 4.85
C SER A 74 10.21 6.43 3.37
N GLU A 75 11.04 5.44 3.06
CA GLU A 75 11.43 5.21 1.68
C GLU A 75 10.24 4.80 0.80
N PHE A 76 9.40 3.90 1.30
CA PHE A 76 8.23 3.47 0.53
C PHE A 76 7.24 4.61 0.37
N LYS A 77 7.02 5.37 1.44
CA LYS A 77 6.07 6.47 1.38
C LYS A 77 6.52 7.49 0.37
N HIS A 78 7.81 7.81 0.39
CA HIS A 78 8.34 8.79 -0.53
C HIS A 78 8.27 8.28 -1.95
N PHE A 79 8.69 7.03 -2.15
CA PHE A 79 8.67 6.44 -3.48
C PHE A 79 7.25 6.39 -3.99
N ALA A 80 6.35 5.91 -3.12
CA ALA A 80 4.96 5.75 -3.46
C ALA A 80 4.26 7.08 -3.70
N GLY A 81 4.63 8.09 -2.94
CA GLY A 81 4.01 9.39 -3.09
C GLY A 81 4.33 9.98 -4.45
N VAL A 82 5.56 9.74 -4.91
CA VAL A 82 6.02 10.28 -6.17
C VAL A 82 5.63 9.42 -7.37
N HIS A 83 5.84 8.09 -7.30
CA HIS A 83 5.59 7.23 -8.47
C HIS A 83 4.37 6.30 -8.40
N LEU A 84 3.61 6.21 -7.29
CA LEU A 84 2.51 5.22 -7.28
C LEU A 84 1.19 5.70 -6.70
N HIS A 85 0.15 4.92 -7.00
CA HIS A 85 -1.18 5.13 -6.44
C HIS A 85 -1.44 3.94 -5.53
N MET A 86 -1.73 4.20 -4.26
CA MET A 86 -1.94 3.10 -3.32
C MET A 86 -3.41 2.94 -2.95
N VAL A 87 -3.84 1.68 -2.86
CA VAL A 87 -5.21 1.37 -2.52
C VAL A 87 -5.23 0.36 -1.38
N GLU A 88 -6.06 0.62 -0.38
CA GLU A 88 -6.15 -0.25 0.77
C GLU A 88 -7.32 -1.22 0.61
N VAL A 89 -7.02 -2.50 0.71
CA VAL A 89 -8.03 -3.54 0.59
C VAL A 89 -7.89 -4.50 1.76
N ASP A 90 -8.68 -4.23 2.80
CA ASP A 90 -8.56 -5.00 4.04
C ASP A 90 -9.67 -6.02 4.28
N PHE A 91 -9.30 -7.15 4.89
CA PHE A 91 -10.28 -8.19 5.21
C PHE A 91 -10.17 -8.51 6.69
N PRO A 92 -10.69 -7.66 7.54
CA PRO A 92 -10.60 -7.85 9.01
C PRO A 92 -11.57 -8.89 9.57
N GLN A 93 -11.30 -9.33 10.79
CA GLN A 93 -12.18 -10.30 11.43
C GLN A 93 -13.48 -9.59 11.86
N LYS A 94 -13.35 -8.39 12.39
CA LYS A 94 -14.50 -7.60 12.78
C LYS A 94 -14.76 -6.60 11.67
N ASN A 95 -15.75 -6.95 10.87
CA ASN A 95 -16.12 -6.13 9.72
C ASN A 95 -17.12 -5.04 10.07
N HIS A 96 -16.68 -3.81 9.80
CA HIS A 96 -17.52 -2.64 10.06
C HIS A 96 -17.64 -1.78 8.80
N GLN A 97 -17.24 -2.34 7.65
CA GLN A 97 -17.33 -1.61 6.39
C GLN A 97 -18.74 -1.71 5.82
N PRO A 98 -19.17 -0.76 5.01
CA PRO A 98 -20.53 -0.79 4.39
C PRO A 98 -20.66 -1.91 3.37
N GLU A 99 -21.89 -2.36 3.12
CA GLU A 99 -22.13 -3.45 2.19
C GLU A 99 -21.44 -3.20 0.84
N GLU A 100 -21.60 -2.02 0.27
CA GLU A 100 -20.99 -1.73 -1.04
C GLU A 100 -19.48 -1.93 -1.03
N GLN A 101 -18.83 -1.50 0.04
CA GLN A 101 -17.39 -1.65 0.13
C GLN A 101 -17.02 -3.11 0.32
N ARG A 102 -17.81 -3.83 1.11
CA ARG A 102 -17.54 -5.25 1.35
C ARG A 102 -17.71 -6.06 0.07
N GLN A 103 -18.77 -5.78 -0.69
CA GLN A 103 -19.01 -6.52 -1.93
C GLN A 103 -17.88 -6.24 -2.92
N LYS A 104 -17.49 -4.97 -3.02
CA LYS A 104 -16.44 -4.56 -3.93
C LYS A 104 -15.11 -5.24 -3.58
N ASN A 105 -14.76 -5.22 -2.31
CA ASN A 105 -13.51 -5.82 -1.86
C ASN A 105 -13.44 -7.30 -2.24
N GLN A 106 -14.56 -8.01 -2.13
CA GLN A 106 -14.58 -9.43 -2.47
C GLN A 106 -14.38 -9.64 -3.96
N GLU A 107 -14.97 -8.77 -4.78
CA GLU A 107 -14.82 -8.91 -6.22
C GLU A 107 -13.36 -8.75 -6.60
N LEU A 108 -12.70 -7.77 -6.00
CA LEU A 108 -11.29 -7.51 -6.27
C LEU A 108 -10.43 -8.67 -5.77
N LYS A 109 -10.78 -9.21 -4.61
CA LYS A 109 -10.04 -10.32 -4.05
C LYS A 109 -10.10 -11.49 -5.00
N ALA A 110 -11.26 -11.69 -5.62
CA ALA A 110 -11.44 -12.78 -6.56
C ALA A 110 -10.92 -12.41 -7.95
N GLN A 111 -11.13 -11.16 -8.35
CA GLN A 111 -10.71 -10.73 -9.68
C GLN A 111 -9.19 -10.78 -9.81
N TYR A 112 -8.49 -10.38 -8.76
CA TYR A 112 -7.03 -10.35 -8.78
C TYR A 112 -6.48 -11.67 -8.27
N LYS A 113 -7.40 -12.61 -8.04
CA LYS A 113 -7.02 -13.94 -7.58
C LYS A 113 -6.14 -13.85 -6.36
N VAL A 114 -6.57 -13.06 -5.38
CA VAL A 114 -5.80 -12.91 -4.17
C VAL A 114 -6.23 -13.98 -3.16
N THR A 115 -5.25 -14.74 -2.67
CA THR A 115 -5.52 -15.82 -1.73
C THR A 115 -4.80 -15.58 -0.41
N GLY A 116 -3.50 -15.33 -0.50
CA GLY A 116 -2.67 -15.12 0.68
C GLY A 116 -2.35 -13.64 0.88
N PHE A 117 -2.18 -13.27 2.14
CA PHE A 117 -1.87 -11.90 2.51
C PHE A 117 -0.63 -11.89 3.42
N PRO A 118 0.16 -10.83 3.41
CA PRO A 118 -0.06 -9.62 2.56
C PRO A 118 0.35 -9.83 1.11
N GLU A 119 -0.42 -9.26 0.18
CA GLU A 119 -0.10 -9.37 -1.23
C GLU A 119 -0.28 -8.03 -1.91
N LEU A 120 0.75 -7.55 -2.58
CA LEU A 120 0.71 -6.27 -3.27
C LEU A 120 0.83 -6.55 -4.76
N VAL A 121 -0.17 -6.14 -5.53
CA VAL A 121 -0.18 -6.36 -6.96
C VAL A 121 -0.17 -5.06 -7.72
N PHE A 122 0.69 -4.96 -8.72
CA PHE A 122 0.80 -3.74 -9.49
C PHE A 122 0.08 -3.88 -10.81
N ILE A 123 -0.81 -2.93 -11.09
CA ILE A 123 -1.54 -2.94 -12.33
C ILE A 123 -1.52 -1.59 -12.98
N ASP A 124 -1.78 -1.59 -14.27
CA ASP A 124 -1.87 -0.37 -15.03
C ASP A 124 -3.32 0.07 -15.01
N ALA A 125 -3.61 1.16 -15.67
CA ALA A 125 -4.96 1.70 -15.71
C ALA A 125 -5.92 0.80 -16.50
N GLU A 126 -5.36 -0.16 -17.23
CA GLU A 126 -6.18 -1.10 -18.01
C GLU A 126 -6.36 -2.39 -17.22
N GLY A 127 -5.76 -2.46 -16.05
CA GLY A 127 -5.88 -3.63 -15.20
C GLY A 127 -4.86 -4.71 -15.57
N LYS A 128 -3.82 -4.35 -16.31
CA LYS A 128 -2.80 -5.33 -16.69
C LYS A 128 -1.82 -5.48 -15.56
N GLN A 129 -1.40 -6.71 -15.30
CA GLN A 129 -0.47 -7.00 -14.23
C GLN A 129 0.96 -6.77 -14.67
N LEU A 130 1.66 -5.89 -13.97
CA LEU A 130 3.04 -5.59 -14.29
C LEU A 130 3.97 -6.34 -13.36
N ALA A 131 3.52 -6.58 -12.12
CA ALA A 131 4.31 -7.31 -11.14
C ALA A 131 3.54 -7.50 -9.84
N ARG A 132 4.03 -8.39 -8.99
CA ARG A 132 3.39 -8.64 -7.71
C ARG A 132 4.42 -9.04 -6.67
N MET A 133 4.22 -8.58 -5.44
CA MET A 133 5.12 -8.91 -4.36
C MET A 133 4.36 -9.03 -3.04
N GLY A 134 4.97 -9.73 -2.10
CA GLY A 134 4.38 -9.92 -0.78
C GLY A 134 5.30 -9.37 0.29
N PHE A 135 5.36 -10.06 1.41
CA PHE A 135 6.24 -9.65 2.49
C PHE A 135 7.65 -10.13 2.20
N GLU A 136 8.63 -9.25 2.37
CA GLU A 136 10.01 -9.62 2.10
C GLU A 136 10.96 -8.97 3.11
N PRO A 137 11.68 -9.73 3.91
CA PRO A 137 12.63 -9.14 4.89
C PRO A 137 13.63 -8.20 4.21
N GLY A 138 14.11 -7.22 4.96
CA GLY A 138 15.08 -6.27 4.42
C GLY A 138 14.67 -4.84 4.71
N GLY A 139 13.40 -4.59 5.02
CA GLY A 139 12.98 -3.23 5.34
C GLY A 139 12.41 -2.48 4.13
N GLY A 140 12.00 -1.24 4.38
CA GLY A 140 11.35 -0.43 3.36
C GLY A 140 12.25 -0.07 2.18
N ALA A 141 13.49 0.31 2.46
CA ALA A 141 14.42 0.69 1.40
C ALA A 141 14.62 -0.46 0.44
N ALA A 142 14.85 -1.63 0.98
CA ALA A 142 15.08 -2.78 0.14
C ALA A 142 13.84 -3.12 -0.69
N TYR A 143 12.68 -2.94 -0.09
CA TYR A 143 11.41 -3.23 -0.76
C TYR A 143 11.21 -2.35 -1.99
N VAL A 144 11.51 -1.06 -1.86
CA VAL A 144 11.32 -0.15 -2.97
C VAL A 144 12.23 -0.55 -4.13
N SER A 145 13.44 -0.98 -3.85
CA SER A 145 14.31 -1.37 -4.94
C SER A 145 13.65 -2.49 -5.74
N LYS A 146 13.05 -3.44 -5.01
CA LYS A 146 12.39 -4.60 -5.64
C LYS A 146 11.19 -4.20 -6.48
N VAL A 147 10.35 -3.31 -5.95
CA VAL A 147 9.17 -2.89 -6.69
C VAL A 147 9.60 -2.13 -7.92
N LYS A 148 10.61 -1.28 -7.75
CA LYS A 148 11.12 -0.48 -8.84
C LYS A 148 11.54 -1.37 -10.01
N SER A 149 12.26 -2.43 -9.70
CA SER A 149 12.73 -3.34 -10.74
C SER A 149 11.56 -4.09 -11.37
N ALA A 150 10.58 -4.45 -10.54
CA ALA A 150 9.42 -5.21 -11.00
C ALA A 150 8.54 -4.40 -11.94
N LEU A 151 8.35 -3.13 -11.64
CA LEU A 151 7.48 -2.29 -12.47
C LEU A 151 8.23 -1.63 -13.60
N LYS A 152 9.53 -1.86 -13.71
CA LYS A 152 10.33 -1.25 -14.78
C LYS A 152 10.31 0.27 -14.66
N LEU A 153 10.50 0.76 -13.43
CA LEU A 153 10.55 2.19 -13.17
C LEU A 153 12.00 2.64 -13.13
N ARG A 154 12.35 3.58 -14.00
CA ARG A 154 13.72 4.08 -14.04
C ARG A 154 13.99 4.98 -12.83
N ALA A 11 -12.49 12.26 34.66
CA ALA A 11 -11.69 11.06 34.91
C ALA A 11 -10.99 10.62 33.63
N ARG A 12 -11.68 10.70 32.50
CA ARG A 12 -11.08 10.31 31.23
C ARG A 12 -9.91 11.21 30.88
N ARG A 13 -10.08 12.52 31.08
CA ARG A 13 -9.02 13.49 30.76
C ARG A 13 -8.80 14.43 31.95
N ARG A 14 -7.53 14.66 32.29
CA ARG A 14 -7.20 15.56 33.41
C ARG A 14 -7.68 16.98 33.11
N ALA A 15 -7.46 17.44 31.88
CA ALA A 15 -7.88 18.77 31.48
C ALA A 15 -9.40 18.84 31.38
N SER A 16 -9.98 19.98 31.74
CA SER A 16 -11.43 20.14 31.68
C SER A 16 -11.90 19.99 30.23
N GLY A 17 -11.20 20.65 29.32
CA GLY A 17 -11.51 20.59 27.91
C GLY A 17 -10.68 19.51 27.23
N GLU A 18 -10.77 19.46 25.91
CA GLU A 18 -10.03 18.49 25.12
C GLU A 18 -8.89 19.15 24.37
N ASN A 19 -7.69 18.64 24.54
CA ASN A 19 -6.51 19.18 23.88
C ASN A 19 -5.98 18.21 22.83
N LEU A 20 -5.71 18.73 21.65
CA LEU A 20 -5.19 17.93 20.55
C LEU A 20 -3.89 18.55 20.07
N GLN A 21 -2.82 17.75 20.04
CA GLN A 21 -1.53 18.25 19.60
C GLN A 21 -1.04 17.49 18.37
N GLN A 22 -0.99 18.18 17.23
CA GLN A 22 -0.55 17.58 15.98
C GLN A 22 0.07 18.66 15.10
N THR A 23 1.01 18.24 14.24
CA THR A 23 1.67 19.17 13.34
C THR A 23 0.78 19.44 12.12
N ARG A 24 1.12 20.44 11.32
CA ARG A 24 0.30 20.75 10.15
C ARG A 24 1.15 21.16 8.96
N PRO A 25 2.06 20.31 8.56
CA PRO A 25 2.94 20.58 7.39
C PRO A 25 2.17 20.50 6.07
N ILE A 26 2.62 21.25 5.07
CA ILE A 26 1.95 21.24 3.78
C ILE A 26 2.06 19.85 3.18
N ALA A 27 3.26 19.28 3.27
CA ALA A 27 3.50 17.94 2.75
C ALA A 27 2.70 16.92 3.56
N ALA A 28 2.14 15.93 2.89
CA ALA A 28 1.36 14.91 3.56
C ALA A 28 2.24 14.11 4.51
N ALA A 29 3.47 13.86 4.08
CA ALA A 29 4.42 13.12 4.90
C ALA A 29 3.99 11.66 5.01
N ASN A 30 2.69 11.42 5.13
CA ASN A 30 2.17 10.06 5.24
C ASN A 30 1.58 9.61 3.91
N LEU A 31 1.19 8.34 3.85
CA LEU A 31 0.61 7.77 2.63
C LEU A 31 -0.83 8.23 2.46
N GLN A 32 -1.16 8.55 1.22
CA GLN A 32 -2.50 9.01 0.87
C GLN A 32 -3.26 7.87 0.20
N TRP A 33 -4.19 7.27 0.93
CA TRP A 33 -4.97 6.19 0.35
C TRP A 33 -6.06 6.77 -0.56
N GLU A 34 -6.26 6.11 -1.69
CA GLU A 34 -7.28 6.52 -2.65
C GLU A 34 -8.22 5.35 -2.88
N SER A 35 -9.37 5.61 -3.50
CA SER A 35 -10.32 4.54 -3.74
C SER A 35 -9.88 3.76 -4.96
N TYR A 36 -10.42 2.57 -5.09
CA TYR A 36 -10.11 1.74 -6.23
C TYR A 36 -10.53 2.43 -7.51
N ALA A 37 -11.72 3.02 -7.45
CA ALA A 37 -12.24 3.75 -8.60
C ALA A 37 -11.46 5.02 -8.86
N GLU A 38 -11.04 5.68 -7.80
CA GLU A 38 -10.28 6.90 -7.94
C GLU A 38 -8.90 6.62 -8.50
N ALA A 39 -8.28 5.52 -8.05
CA ALA A 39 -6.96 5.14 -8.50
C ALA A 39 -6.92 4.95 -10.01
N LEU A 40 -7.91 4.24 -10.52
CA LEU A 40 -7.95 3.97 -11.93
C LEU A 40 -8.17 5.26 -12.69
N GLU A 41 -9.05 6.10 -12.17
CA GLU A 41 -9.33 7.36 -12.79
C GLU A 41 -8.08 8.17 -12.96
N HIS A 42 -7.29 8.21 -11.92
CA HIS A 42 -6.07 8.96 -11.99
C HIS A 42 -5.07 8.32 -12.96
N SER A 43 -4.95 6.99 -12.89
CA SER A 43 -4.02 6.26 -13.73
C SER A 43 -4.39 6.33 -15.20
N LYS A 44 -5.68 6.39 -15.48
CA LYS A 44 -6.11 6.49 -16.86
C LYS A 44 -5.52 7.76 -17.42
N GLN A 45 -5.36 8.74 -16.52
CA GLN A 45 -4.85 10.06 -16.92
C GLN A 45 -3.37 10.22 -16.64
N ASP A 46 -2.93 9.77 -15.47
CA ASP A 46 -1.53 9.92 -15.06
C ASP A 46 -0.68 8.69 -15.38
N HIS A 47 -1.33 7.55 -15.56
CA HIS A 47 -0.63 6.31 -15.91
C HIS A 47 0.18 5.74 -14.76
N LYS A 48 -0.03 6.24 -13.54
CA LYS A 48 0.72 5.73 -12.39
C LYS A 48 0.21 4.34 -11.97
N PRO A 49 1.07 3.35 -11.76
CA PRO A 49 0.63 1.99 -11.32
C PRO A 49 -0.15 2.03 -10.00
N ILE A 50 -1.05 1.06 -9.81
CA ILE A 50 -1.86 1.00 -8.59
C ILE A 50 -1.45 -0.19 -7.72
N GLY A 51 -1.27 0.05 -6.43
CA GLY A 51 -0.93 -1.03 -5.53
C GLY A 51 -2.11 -1.34 -4.62
N LEU A 52 -2.64 -2.56 -4.73
CA LEU A 52 -3.75 -2.96 -3.88
C LEU A 52 -3.18 -3.72 -2.68
N PHE A 53 -3.44 -3.24 -1.49
CA PHE A 53 -2.92 -3.89 -0.29
C PHE A 53 -3.98 -4.83 0.27
N PHE A 54 -3.78 -6.15 0.10
CA PHE A 54 -4.69 -7.16 0.61
C PHE A 54 -4.19 -7.63 1.98
N THR A 55 -5.02 -7.48 3.01
CA THR A 55 -4.57 -7.89 4.33
C THR A 55 -5.69 -8.25 5.30
N GLY A 56 -5.28 -8.55 6.52
CA GLY A 56 -6.16 -8.84 7.63
C GLY A 56 -5.68 -7.99 8.78
N SER A 57 -6.21 -6.77 8.83
CA SER A 57 -5.79 -5.79 9.81
C SER A 57 -5.89 -6.25 11.26
N ASP A 58 -6.89 -7.07 11.60
CA ASP A 58 -7.07 -7.52 12.98
C ASP A 58 -6.60 -8.94 13.26
N TRP A 59 -6.17 -9.72 12.25
CA TRP A 59 -5.79 -11.11 12.52
C TRP A 59 -4.49 -11.57 11.87
N CYS A 60 -4.03 -10.87 10.84
CA CYS A 60 -2.80 -11.23 10.14
C CYS A 60 -1.60 -10.45 10.71
N MET A 61 -0.71 -11.16 11.40
CA MET A 61 0.48 -10.52 12.00
C MET A 61 1.52 -10.16 10.95
N TRP A 62 1.73 -11.03 9.98
CA TRP A 62 2.70 -10.78 8.93
C TRP A 62 2.28 -9.51 8.18
N CYS A 63 0.99 -9.30 8.10
CA CYS A 63 0.47 -8.13 7.42
C CYS A 63 0.84 -6.87 8.19
N ILE A 64 0.76 -6.95 9.51
CA ILE A 64 1.11 -5.82 10.35
C ILE A 64 2.58 -5.50 10.10
N LYS A 65 3.41 -6.54 10.06
CA LYS A 65 4.83 -6.37 9.84
C LYS A 65 5.11 -5.73 8.49
N MET A 66 4.45 -6.21 7.42
CA MET A 66 4.67 -5.65 6.12
C MET A 66 4.23 -4.20 6.11
N GLN A 67 3.06 -3.97 6.69
CA GLN A 67 2.51 -2.65 6.76
C GLN A 67 3.34 -1.76 7.68
N ASP A 68 3.67 -2.23 8.87
CA ASP A 68 4.44 -1.43 9.81
C ASP A 68 5.88 -1.20 9.33
N GLN A 69 6.48 -2.20 8.70
CA GLN A 69 7.88 -2.06 8.28
C GLN A 69 8.07 -1.50 6.86
N ILE A 70 7.10 -1.68 5.95
CA ILE A 70 7.29 -1.20 4.56
C ILE A 70 6.32 -0.09 4.14
N LEU A 71 5.02 -0.30 4.29
CA LEU A 71 4.06 0.71 3.84
C LEU A 71 4.25 2.02 4.61
N GLN A 72 4.49 1.93 5.93
CA GLN A 72 4.66 3.13 6.74
C GLN A 72 6.11 3.60 6.76
N SER A 73 6.99 2.92 6.02
CA SER A 73 8.41 3.29 5.97
C SER A 73 8.63 4.49 5.06
N SER A 74 9.65 5.28 5.37
CA SER A 74 9.93 6.49 4.59
C SER A 74 10.23 6.22 3.12
N GLU A 75 11.04 5.22 2.82
CA GLU A 75 11.38 4.94 1.43
C GLU A 75 10.17 4.55 0.59
N PHE A 76 9.30 3.69 1.10
CA PHE A 76 8.11 3.28 0.36
C PHE A 76 7.12 4.44 0.20
N LYS A 77 6.90 5.19 1.28
CA LYS A 77 5.95 6.30 1.22
C LYS A 77 6.39 7.32 0.18
N HIS A 78 7.68 7.63 0.18
CA HIS A 78 8.19 8.59 -0.76
C HIS A 78 8.06 8.06 -2.18
N PHE A 79 8.43 6.82 -2.38
CA PHE A 79 8.34 6.22 -3.68
C PHE A 79 6.91 6.16 -4.15
N ALA A 80 6.01 5.68 -3.28
CA ALA A 80 4.61 5.52 -3.61
C ALA A 80 3.88 6.84 -3.82
N GLY A 81 4.23 7.83 -3.02
CA GLY A 81 3.59 9.13 -3.13
C GLY A 81 3.91 9.75 -4.46
N VAL A 82 5.13 9.52 -4.92
CA VAL A 82 5.61 10.06 -6.15
C VAL A 82 5.23 9.21 -7.36
N HIS A 83 5.41 7.89 -7.27
CA HIS A 83 5.20 7.01 -8.41
C HIS A 83 3.95 6.12 -8.36
N LEU A 84 3.16 6.07 -7.26
CA LEU A 84 2.01 5.15 -7.28
C LEU A 84 0.72 5.66 -6.66
N HIS A 85 -0.33 4.90 -6.89
CA HIS A 85 -1.63 5.15 -6.30
C HIS A 85 -1.89 3.97 -5.38
N MET A 86 -2.11 4.22 -4.08
CA MET A 86 -2.31 3.12 -3.14
C MET A 86 -3.76 2.96 -2.77
N VAL A 87 -4.19 1.71 -2.73
CA VAL A 87 -5.55 1.36 -2.39
C VAL A 87 -5.51 0.35 -1.27
N GLU A 88 -6.28 0.61 -0.23
CA GLU A 88 -6.32 -0.28 0.91
C GLU A 88 -7.48 -1.25 0.77
N VAL A 89 -7.16 -2.54 0.82
CA VAL A 89 -8.16 -3.57 0.70
C VAL A 89 -8.04 -4.51 1.89
N ASP A 90 -8.85 -4.24 2.90
CA ASP A 90 -8.74 -4.96 4.15
C ASP A 90 -9.84 -5.98 4.44
N PHE A 91 -9.48 -7.08 5.09
CA PHE A 91 -10.46 -8.09 5.47
C PHE A 91 -10.32 -8.34 6.97
N PRO A 92 -10.82 -7.44 7.79
CA PRO A 92 -10.72 -7.55 9.27
C PRO A 92 -11.73 -8.52 9.90
N GLN A 93 -11.46 -8.90 11.15
CA GLN A 93 -12.39 -9.79 11.87
C GLN A 93 -13.64 -9.02 12.26
N LYS A 94 -13.44 -7.77 12.70
CA LYS A 94 -14.56 -6.90 13.03
C LYS A 94 -14.75 -5.95 11.87
N ASN A 95 -15.72 -6.32 11.07
CA ASN A 95 -16.05 -5.59 9.85
C ASN A 95 -17.07 -4.46 10.09
N HIS A 96 -16.68 -3.30 9.58
CA HIS A 96 -17.53 -2.11 9.72
C HIS A 96 -17.60 -1.33 8.40
N GLN A 97 -17.16 -1.95 7.31
CA GLN A 97 -17.20 -1.28 6.00
C GLN A 97 -18.59 -1.47 5.37
N PRO A 98 -19.00 -0.58 4.50
CA PRO A 98 -20.34 -0.67 3.83
C PRO A 98 -20.42 -1.83 2.84
N GLU A 99 -21.64 -2.30 2.59
CA GLU A 99 -21.85 -3.43 1.68
C GLU A 99 -21.16 -3.21 0.34
N GLU A 100 -21.31 -2.02 -0.22
CA GLU A 100 -20.71 -1.74 -1.52
C GLU A 100 -19.20 -1.94 -1.49
N GLN A 101 -18.57 -1.49 -0.42
CA GLN A 101 -17.12 -1.64 -0.29
C GLN A 101 -16.75 -3.10 -0.10
N ARG A 102 -17.54 -3.83 0.68
CA ARG A 102 -17.26 -5.23 0.93
C ARG A 102 -17.38 -6.02 -0.37
N GLN A 103 -18.42 -5.73 -1.14
CA GLN A 103 -18.63 -6.43 -2.41
C GLN A 103 -17.47 -6.14 -3.36
N LYS A 104 -17.08 -4.89 -3.47
CA LYS A 104 -15.98 -4.52 -4.36
C LYS A 104 -14.69 -5.20 -3.93
N ASN A 105 -14.44 -5.22 -2.63
CA ASN A 105 -13.22 -5.84 -2.12
C ASN A 105 -13.16 -7.33 -2.47
N GLN A 106 -14.28 -8.03 -2.33
CA GLN A 106 -14.31 -9.45 -2.63
C GLN A 106 -14.12 -9.67 -4.12
N GLU A 107 -14.70 -8.81 -4.94
CA GLU A 107 -14.55 -8.95 -6.37
C GLU A 107 -13.10 -8.75 -6.77
N LEU A 108 -12.48 -7.76 -6.16
CA LEU A 108 -11.09 -7.43 -6.44
C LEU A 108 -10.16 -8.57 -6.01
N LYS A 109 -10.46 -9.13 -4.84
CA LYS A 109 -9.65 -10.20 -4.29
C LYS A 109 -9.66 -11.39 -5.23
N ALA A 110 -10.79 -11.61 -5.85
CA ALA A 110 -10.94 -12.71 -6.77
C ALA A 110 -10.36 -12.35 -8.12
N GLN A 111 -10.53 -11.10 -8.52
CA GLN A 111 -10.06 -10.67 -9.81
C GLN A 111 -8.57 -10.89 -9.98
N TYR A 112 -7.80 -10.48 -8.98
CA TYR A 112 -6.36 -10.63 -9.06
C TYR A 112 -5.87 -11.93 -8.47
N LYS A 113 -6.82 -12.85 -8.23
CA LYS A 113 -6.49 -14.16 -7.71
C LYS A 113 -5.65 -14.05 -6.46
N VAL A 114 -6.12 -13.26 -5.51
CA VAL A 114 -5.39 -13.10 -4.29
C VAL A 114 -5.81 -14.17 -3.30
N THR A 115 -4.84 -14.93 -2.77
CA THR A 115 -5.13 -16.00 -1.83
C THR A 115 -4.41 -15.78 -0.50
N GLY A 116 -3.14 -15.42 -0.58
CA GLY A 116 -2.34 -15.21 0.62
C GLY A 116 -2.14 -13.72 0.91
N PHE A 117 -2.05 -13.41 2.20
CA PHE A 117 -1.85 -12.04 2.65
C PHE A 117 -0.62 -12.00 3.57
N PRO A 118 0.13 -10.94 3.60
CA PRO A 118 -0.11 -9.72 2.78
C PRO A 118 0.36 -9.88 1.35
N GLU A 119 -0.38 -9.30 0.42
CA GLU A 119 -0.01 -9.37 -0.99
C GLU A 119 -0.23 -8.01 -1.65
N LEU A 120 0.79 -7.52 -2.34
CA LEU A 120 0.71 -6.22 -3.01
C LEU A 120 0.84 -6.46 -4.51
N VAL A 121 -0.19 -6.03 -5.24
CA VAL A 121 -0.24 -6.22 -6.69
C VAL A 121 -0.18 -4.91 -7.42
N PHE A 122 0.72 -4.80 -8.39
CA PHE A 122 0.87 -3.57 -9.16
C PHE A 122 0.14 -3.71 -10.49
N ILE A 123 -0.78 -2.77 -10.74
CA ILE A 123 -1.54 -2.80 -11.99
C ILE A 123 -1.51 -1.46 -12.69
N ASP A 124 -1.82 -1.50 -13.98
CA ASP A 124 -1.91 -0.31 -14.78
C ASP A 124 -3.34 0.15 -14.76
N ALA A 125 -3.62 1.22 -15.47
CA ALA A 125 -4.96 1.79 -15.52
C ALA A 125 -5.93 0.90 -16.31
N GLU A 126 -5.42 -0.08 -17.03
CA GLU A 126 -6.27 -0.99 -17.79
C GLU A 126 -6.49 -2.27 -16.98
N GLY A 127 -5.88 -2.34 -15.80
CA GLY A 127 -6.07 -3.51 -14.95
C GLY A 127 -5.06 -4.59 -15.29
N LYS A 128 -4.02 -4.25 -16.03
CA LYS A 128 -3.00 -5.21 -16.37
C LYS A 128 -2.01 -5.30 -15.22
N GLN A 129 -1.55 -6.51 -14.93
CA GLN A 129 -0.61 -6.72 -13.83
C GLN A 129 0.82 -6.50 -14.27
N LEU A 130 1.53 -5.61 -13.58
CA LEU A 130 2.93 -5.34 -13.92
C LEU A 130 3.87 -6.15 -13.02
N ALA A 131 3.44 -6.41 -11.79
CA ALA A 131 4.25 -7.18 -10.85
C ALA A 131 3.49 -7.38 -9.53
N ARG A 132 4.00 -8.29 -8.70
CA ARG A 132 3.36 -8.55 -7.41
C ARG A 132 4.40 -8.98 -6.37
N MET A 133 4.18 -8.60 -5.12
CA MET A 133 5.07 -8.96 -4.05
C MET A 133 4.32 -9.17 -2.74
N GLY A 134 4.95 -9.89 -1.82
CA GLY A 134 4.35 -10.16 -0.52
C GLY A 134 5.24 -9.62 0.58
N PHE A 135 5.28 -10.35 1.70
CA PHE A 135 6.13 -9.95 2.80
C PHE A 135 7.53 -10.43 2.47
N GLU A 136 8.51 -9.53 2.53
CA GLU A 136 9.88 -9.89 2.20
C GLU A 136 10.87 -9.20 3.14
N PRO A 137 11.62 -9.95 3.94
CA PRO A 137 12.62 -9.33 4.86
C PRO A 137 13.59 -8.43 4.12
N GLY A 138 14.10 -7.45 4.85
CA GLY A 138 15.04 -6.50 4.26
C GLY A 138 14.64 -5.07 4.55
N GLY A 139 13.38 -4.83 4.88
CA GLY A 139 12.96 -3.49 5.21
C GLY A 139 12.39 -2.73 4.01
N GLY A 140 11.99 -1.48 4.26
CA GLY A 140 11.34 -0.65 3.24
C GLY A 140 12.24 -0.29 2.04
N ALA A 141 13.49 0.09 2.28
CA ALA A 141 14.38 0.47 1.19
C ALA A 141 14.59 -0.67 0.23
N ALA A 142 14.84 -1.85 0.76
CA ALA A 142 15.07 -2.99 -0.09
C ALA A 142 13.83 -3.34 -0.90
N TYR A 143 12.66 -3.16 -0.28
CA TYR A 143 11.39 -3.46 -0.94
C TYR A 143 11.18 -2.57 -2.16
N VAL A 144 11.49 -1.27 -2.02
CA VAL A 144 11.27 -0.35 -3.14
C VAL A 144 12.18 -0.67 -4.31
N SER A 145 13.42 -1.08 -4.06
CA SER A 145 14.30 -1.39 -5.18
C SER A 145 13.68 -2.50 -6.00
N LYS A 146 13.09 -3.46 -5.29
CA LYS A 146 12.48 -4.62 -5.94
C LYS A 146 11.29 -4.23 -6.81
N VAL A 147 10.44 -3.32 -6.32
CA VAL A 147 9.29 -2.91 -7.09
C VAL A 147 9.76 -2.17 -8.35
N LYS A 148 10.79 -1.34 -8.21
CA LYS A 148 11.30 -0.59 -9.36
C LYS A 148 11.81 -1.52 -10.46
N SER A 149 12.53 -2.57 -10.10
CA SER A 149 13.07 -3.48 -11.10
C SER A 149 11.94 -4.23 -11.80
N ALA A 150 10.94 -4.59 -11.01
CA ALA A 150 9.82 -5.34 -11.53
C ALA A 150 8.96 -4.50 -12.48
N LEU A 151 8.82 -3.22 -12.18
CA LEU A 151 8.00 -2.35 -13.02
C LEU A 151 8.80 -1.68 -14.14
N LYS A 152 10.11 -1.90 -14.19
CA LYS A 152 10.95 -1.30 -15.24
C LYS A 152 10.93 0.22 -15.13
N LEU A 153 11.08 0.74 -13.90
CA LEU A 153 11.11 2.18 -13.67
C LEU A 153 12.56 2.62 -13.58
N ARG A 154 12.95 3.56 -14.44
CA ARG A 154 14.31 4.06 -14.44
C ARG A 154 15.30 2.91 -14.30
N ALA A 11 24.74 -5.74 38.41
CA ALA A 11 24.87 -5.49 39.85
C ALA A 11 24.71 -4.00 40.15
N ARG A 12 25.70 -3.19 39.73
CA ARG A 12 25.65 -1.75 39.96
C ARG A 12 25.23 -1.03 38.69
N ARG A 13 24.30 -0.09 38.80
CA ARG A 13 23.85 0.65 37.63
C ARG A 13 24.96 1.55 37.11
N ARG A 14 25.22 1.47 35.82
CA ARG A 14 26.27 2.28 35.20
C ARG A 14 25.75 3.68 34.91
N ALA A 15 26.55 4.69 35.25
CA ALA A 15 26.17 6.07 35.02
C ALA A 15 27.39 6.94 34.75
N SER A 16 28.54 6.29 34.59
CA SER A 16 29.78 6.99 34.31
C SER A 16 29.67 7.80 33.02
N GLY A 17 29.04 7.22 32.01
CA GLY A 17 28.89 7.89 30.72
C GLY A 17 27.57 8.63 30.64
N GLU A 18 26.45 7.91 30.72
CA GLU A 18 25.15 8.54 30.66
C GLU A 18 25.00 9.36 29.38
N ASN A 19 24.76 8.69 28.26
CA ASN A 19 24.59 9.38 26.99
C ASN A 19 23.12 9.41 26.59
N LEU A 20 22.60 10.60 26.32
CA LEU A 20 21.22 10.75 25.92
C LEU A 20 21.12 11.26 24.48
N GLN A 21 20.31 10.58 23.68
CA GLN A 21 20.13 10.95 22.28
C GLN A 21 18.74 11.56 22.09
N GLN A 22 18.70 12.80 21.62
CA GLN A 22 17.43 13.48 21.42
C GLN A 22 16.88 13.19 20.04
N THR A 23 15.59 12.84 20.00
CA THR A 23 14.93 12.53 18.74
C THR A 23 13.52 13.09 18.73
N ARG A 24 12.95 13.20 17.53
CA ARG A 24 11.60 13.73 17.40
C ARG A 24 10.97 13.26 16.08
N PRO A 25 10.42 12.07 16.05
CA PRO A 25 9.77 11.51 14.82
C PRO A 25 8.62 12.39 14.34
N ILE A 26 8.42 12.43 13.02
CA ILE A 26 7.36 13.24 12.42
C ILE A 26 6.31 12.36 11.77
N ALA A 27 5.06 12.54 12.19
CA ALA A 27 3.96 11.77 11.64
C ALA A 27 3.08 12.64 10.74
N ALA A 28 3.50 13.89 10.53
CA ALA A 28 2.74 14.80 9.70
C ALA A 28 2.61 14.24 8.28
N ALA A 29 3.71 13.68 7.78
CA ALA A 29 3.71 13.11 6.43
C ALA A 29 3.29 11.64 6.47
N ASN A 30 2.34 11.29 5.61
CA ASN A 30 1.84 9.93 5.55
C ASN A 30 1.40 9.57 4.14
N LEU A 31 1.16 8.29 3.90
CA LEU A 31 0.70 7.82 2.60
C LEU A 31 -0.74 8.25 2.41
N GLN A 32 -1.05 8.60 1.18
CA GLN A 32 -2.39 9.04 0.85
C GLN A 32 -3.18 7.89 0.23
N TRP A 33 -4.12 7.36 0.99
CA TRP A 33 -4.95 6.28 0.48
C TRP A 33 -5.99 6.84 -0.47
N GLU A 34 -6.14 6.16 -1.60
CA GLU A 34 -7.11 6.53 -2.62
C GLU A 34 -8.04 5.36 -2.88
N SER A 35 -9.16 5.61 -3.55
CA SER A 35 -10.10 4.55 -3.85
C SER A 35 -9.64 3.80 -5.08
N TYR A 36 -10.16 2.60 -5.24
CA TYR A 36 -9.83 1.78 -6.38
C TYR A 36 -10.28 2.48 -7.66
N ALA A 37 -11.47 3.05 -7.59
CA ALA A 37 -12.03 3.76 -8.72
C ALA A 37 -11.23 5.02 -8.99
N GLU A 38 -10.81 5.66 -7.92
CA GLU A 38 -10.04 6.87 -8.02
C GLU A 38 -8.67 6.59 -8.60
N ALA A 39 -8.05 5.49 -8.18
CA ALA A 39 -6.73 5.15 -8.66
C ALA A 39 -6.67 5.00 -10.16
N LEU A 40 -7.65 4.28 -10.69
CA LEU A 40 -7.67 4.03 -12.10
C LEU A 40 -7.87 5.32 -12.86
N GLU A 41 -8.73 6.16 -12.34
CA GLU A 41 -8.99 7.43 -12.98
C GLU A 41 -7.73 8.22 -13.10
N HIS A 42 -6.98 8.26 -12.02
CA HIS A 42 -5.75 9.02 -12.06
C HIS A 42 -4.76 8.36 -13.02
N SER A 43 -4.68 7.03 -12.96
CA SER A 43 -3.76 6.29 -13.80
C SER A 43 -4.08 6.44 -15.28
N LYS A 44 -5.37 6.48 -15.61
CA LYS A 44 -5.76 6.65 -16.99
C LYS A 44 -5.15 7.94 -17.50
N GLN A 45 -5.00 8.88 -16.58
CA GLN A 45 -4.48 10.20 -16.92
C GLN A 45 -3.00 10.31 -16.64
N ASP A 46 -2.59 9.83 -15.49
CA ASP A 46 -1.20 9.93 -15.06
C ASP A 46 -0.36 8.70 -15.39
N HIS A 47 -1.01 7.56 -15.62
CA HIS A 47 -0.32 6.32 -15.97
C HIS A 47 0.46 5.73 -14.79
N LYS A 48 0.16 6.20 -13.59
CA LYS A 48 0.86 5.73 -12.40
C LYS A 48 0.40 4.32 -11.99
N PRO A 49 1.28 3.35 -11.83
CA PRO A 49 0.86 1.98 -11.42
C PRO A 49 0.07 1.99 -10.11
N ILE A 50 -0.83 1.01 -9.97
CA ILE A 50 -1.68 0.94 -8.77
C ILE A 50 -1.28 -0.25 -7.91
N GLY A 51 -1.08 -0.02 -6.63
CA GLY A 51 -0.76 -1.09 -5.72
C GLY A 51 -1.96 -1.38 -4.83
N LEU A 52 -2.49 -2.59 -4.93
CA LEU A 52 -3.62 -2.97 -4.09
C LEU A 52 -3.09 -3.76 -2.91
N PHE A 53 -3.38 -3.28 -1.72
CA PHE A 53 -2.92 -3.94 -0.51
C PHE A 53 -4.00 -4.87 0.02
N PHE A 54 -3.79 -6.18 -0.12
CA PHE A 54 -4.74 -7.20 0.36
C PHE A 54 -4.28 -7.67 1.75
N THR A 55 -5.13 -7.50 2.77
CA THR A 55 -4.75 -7.92 4.13
C THR A 55 -5.91 -8.25 5.07
N GLY A 56 -5.53 -8.53 6.33
CA GLY A 56 -6.45 -8.80 7.43
C GLY A 56 -6.01 -7.93 8.60
N SER A 57 -6.52 -6.71 8.63
CA SER A 57 -6.13 -5.74 9.64
C SER A 57 -6.24 -6.22 11.08
N ASP A 58 -7.24 -7.03 11.42
CA ASP A 58 -7.44 -7.45 12.80
C ASP A 58 -6.99 -8.89 13.12
N TRP A 59 -6.56 -9.69 12.11
CA TRP A 59 -6.20 -11.07 12.42
C TRP A 59 -4.86 -11.56 11.85
N CYS A 60 -4.33 -10.94 10.80
CA CYS A 60 -3.03 -11.38 10.28
C CYS A 60 -1.91 -10.53 10.90
N MET A 61 -0.75 -11.14 11.15
CA MET A 61 0.36 -10.42 11.79
C MET A 61 1.45 -10.03 10.79
N TRP A 62 1.71 -10.90 9.81
CA TRP A 62 2.73 -10.60 8.80
C TRP A 62 2.31 -9.36 8.03
N CYS A 63 1.01 -9.14 7.95
CA CYS A 63 0.48 -7.98 7.25
C CYS A 63 0.80 -6.74 8.03
N ILE A 64 0.63 -6.83 9.34
CA ILE A 64 0.92 -5.71 10.19
C ILE A 64 2.37 -5.35 10.02
N LYS A 65 3.22 -6.36 9.99
CA LYS A 65 4.63 -6.12 9.84
C LYS A 65 4.92 -5.44 8.51
N MET A 66 4.29 -5.90 7.44
CA MET A 66 4.51 -5.30 6.14
C MET A 66 4.10 -3.84 6.17
N GLN A 67 2.93 -3.58 6.77
CA GLN A 67 2.42 -2.21 6.85
C GLN A 67 3.32 -1.36 7.70
N ASP A 68 3.66 -1.86 8.87
CA ASP A 68 4.48 -1.10 9.80
C ASP A 68 5.91 -0.92 9.31
N GLN A 69 6.49 -1.95 8.71
CA GLN A 69 7.88 -1.85 8.28
C GLN A 69 8.08 -1.35 6.85
N ILE A 70 7.12 -1.52 5.94
CA ILE A 70 7.33 -1.08 4.55
C ILE A 70 6.38 0.02 4.10
N LEU A 71 5.07 -0.18 4.18
CA LEU A 71 4.15 0.86 3.72
C LEU A 71 4.35 2.17 4.49
N GLN A 72 4.58 2.06 5.79
CA GLN A 72 4.75 3.23 6.65
C GLN A 72 6.20 3.71 6.72
N SER A 73 7.10 3.08 5.99
CA SER A 73 8.51 3.48 6.01
C SER A 73 8.76 4.67 5.08
N SER A 74 9.78 5.46 5.39
CA SER A 74 10.09 6.66 4.62
C SER A 74 10.39 6.39 3.15
N GLU A 75 11.20 5.37 2.86
CA GLU A 75 11.54 5.08 1.49
C GLU A 75 10.32 4.69 0.66
N PHE A 76 9.48 3.81 1.21
CA PHE A 76 8.26 3.39 0.53
C PHE A 76 7.31 4.56 0.35
N LYS A 77 7.15 5.35 1.41
CA LYS A 77 6.25 6.48 1.37
C LYS A 77 6.68 7.46 0.31
N HIS A 78 7.97 7.73 0.28
CA HIS A 78 8.48 8.67 -0.69
C HIS A 78 8.34 8.12 -2.10
N PHE A 79 8.71 6.85 -2.28
CA PHE A 79 8.63 6.22 -3.58
C PHE A 79 7.20 6.18 -4.08
N ALA A 80 6.29 5.70 -3.23
CA ALA A 80 4.89 5.55 -3.58
C ALA A 80 4.18 6.89 -3.80
N GLY A 81 4.53 7.89 -3.01
CA GLY A 81 3.89 9.20 -3.13
C GLY A 81 4.23 9.82 -4.46
N VAL A 82 5.46 9.61 -4.91
CA VAL A 82 5.91 10.18 -6.15
C VAL A 82 5.56 9.30 -7.35
N HIS A 83 5.72 7.98 -7.23
CA HIS A 83 5.52 7.07 -8.36
C HIS A 83 4.27 6.18 -8.34
N LEU A 84 3.48 6.12 -7.26
CA LEU A 84 2.34 5.18 -7.28
C LEU A 84 1.03 5.67 -6.66
N HIS A 85 -0.02 4.91 -6.92
CA HIS A 85 -1.33 5.15 -6.34
C HIS A 85 -1.59 3.94 -5.44
N MET A 86 -1.84 4.17 -4.16
CA MET A 86 -2.09 3.06 -3.24
C MET A 86 -3.57 2.87 -2.99
N VAL A 87 -3.98 1.61 -2.99
CA VAL A 87 -5.36 1.26 -2.73
C VAL A 87 -5.38 0.27 -1.58
N GLU A 88 -6.18 0.57 -0.58
CA GLU A 88 -6.26 -0.30 0.58
C GLU A 88 -7.45 -1.24 0.44
N VAL A 89 -7.15 -2.54 0.54
CA VAL A 89 -8.18 -3.56 0.42
C VAL A 89 -8.08 -4.50 1.61
N ASP A 90 -8.91 -4.20 2.61
CA ASP A 90 -8.85 -4.92 3.88
C ASP A 90 -9.95 -5.96 4.10
N PHE A 91 -9.56 -7.12 4.64
CA PHE A 91 -10.51 -8.18 4.94
C PHE A 91 -10.31 -8.63 6.40
N PRO A 92 -10.80 -7.86 7.33
CA PRO A 92 -10.64 -8.15 8.78
C PRO A 92 -11.63 -9.17 9.33
N GLN A 93 -11.39 -9.60 10.56
CA GLN A 93 -12.30 -10.54 11.21
C GLN A 93 -13.57 -9.79 11.64
N LYS A 94 -13.37 -8.57 12.11
CA LYS A 94 -14.46 -7.70 12.51
C LYS A 94 -14.67 -6.70 11.38
N ASN A 95 -15.58 -7.03 10.51
CA ASN A 95 -15.86 -6.20 9.34
C ASN A 95 -17.06 -5.28 9.55
N HIS A 96 -16.86 -4.04 9.97
CA HIS A 96 -17.98 -3.11 10.17
C HIS A 96 -18.06 -2.17 8.95
N GLN A 97 -17.60 -2.66 7.79
CA GLN A 97 -17.64 -1.83 6.60
C GLN A 97 -19.02 -1.89 5.92
N PRO A 98 -19.42 -0.85 5.21
CA PRO A 98 -20.74 -0.84 4.49
C PRO A 98 -20.85 -1.99 3.48
N GLU A 99 -22.07 -2.44 3.23
CA GLU A 99 -22.29 -3.57 2.31
C GLU A 99 -21.60 -3.32 0.96
N GLU A 100 -21.76 -2.13 0.40
CA GLU A 100 -21.15 -1.84 -0.90
C GLU A 100 -19.64 -2.04 -0.85
N GLN A 101 -19.02 -1.60 0.22
CA GLN A 101 -17.57 -1.74 0.37
C GLN A 101 -17.20 -3.21 0.52
N ARG A 102 -17.99 -3.96 1.27
CA ARG A 102 -17.72 -5.38 1.48
C ARG A 102 -17.85 -6.16 0.17
N GLN A 103 -18.89 -5.88 -0.62
CA GLN A 103 -19.08 -6.58 -1.88
C GLN A 103 -17.92 -6.30 -2.83
N LYS A 104 -17.52 -5.03 -2.92
CA LYS A 104 -16.43 -4.62 -3.78
C LYS A 104 -15.13 -5.31 -3.39
N ASN A 105 -14.83 -5.31 -2.09
CA ASN A 105 -13.61 -5.93 -1.60
C ASN A 105 -13.58 -7.41 -1.94
N GLN A 106 -14.72 -8.09 -1.81
CA GLN A 106 -14.77 -9.51 -2.12
C GLN A 106 -14.51 -9.74 -3.59
N GLU A 107 -15.07 -8.88 -4.42
CA GLU A 107 -14.88 -9.01 -5.86
C GLU A 107 -13.41 -8.85 -6.21
N LEU A 108 -12.76 -7.87 -5.60
CA LEU A 108 -11.35 -7.62 -5.84
C LEU A 108 -10.49 -8.78 -5.34
N LYS A 109 -10.83 -9.33 -4.20
CA LYS A 109 -10.07 -10.44 -3.66
C LYS A 109 -10.13 -11.59 -4.62
N ALA A 110 -11.27 -11.77 -5.27
CA ALA A 110 -11.44 -12.84 -6.22
C ALA A 110 -10.90 -12.46 -7.61
N GLN A 111 -11.08 -11.20 -8.00
CA GLN A 111 -10.65 -10.76 -9.31
C GLN A 111 -9.15 -10.86 -9.46
N TYR A 112 -8.42 -10.44 -8.43
CA TYR A 112 -6.97 -10.45 -8.46
C TYR A 112 -6.42 -11.79 -7.99
N LYS A 113 -7.34 -12.73 -7.77
CA LYS A 113 -6.96 -14.07 -7.34
C LYS A 113 -6.08 -13.99 -6.11
N VAL A 114 -6.48 -13.19 -5.15
CA VAL A 114 -5.70 -13.04 -3.94
C VAL A 114 -6.09 -14.11 -2.93
N THR A 115 -5.12 -14.89 -2.48
CA THR A 115 -5.37 -15.95 -1.53
C THR A 115 -4.67 -15.69 -0.20
N GLY A 116 -3.36 -15.47 -0.29
CA GLY A 116 -2.54 -15.23 0.89
C GLY A 116 -2.24 -13.74 1.06
N PHE A 117 -2.08 -13.35 2.32
CA PHE A 117 -1.78 -11.96 2.67
C PHE A 117 -0.49 -11.89 3.51
N PRO A 118 0.24 -10.79 3.46
CA PRO A 118 -0.09 -9.60 2.63
C PRO A 118 0.35 -9.80 1.20
N GLU A 119 -0.43 -9.28 0.27
CA GLU A 119 -0.10 -9.40 -1.13
C GLU A 119 -0.28 -8.05 -1.81
N LEU A 120 0.75 -7.58 -2.49
CA LEU A 120 0.69 -6.30 -3.19
C LEU A 120 0.81 -6.56 -4.67
N VAL A 121 -0.19 -6.13 -5.41
CA VAL A 121 -0.21 -6.34 -6.86
C VAL A 121 -0.14 -5.02 -7.61
N PHE A 122 0.75 -4.92 -8.58
CA PHE A 122 0.90 -3.70 -9.34
C PHE A 122 0.19 -3.81 -10.68
N ILE A 123 -0.67 -2.85 -10.97
CA ILE A 123 -1.42 -2.84 -12.22
C ILE A 123 -1.37 -1.47 -12.89
N ASP A 124 -1.59 -1.48 -14.20
CA ASP A 124 -1.62 -0.26 -14.96
C ASP A 124 -3.07 0.19 -14.97
N ALA A 125 -3.33 1.28 -15.65
CA ALA A 125 -4.68 1.83 -15.71
C ALA A 125 -5.62 0.93 -16.52
N GLU A 126 -5.06 -0.05 -17.23
CA GLU A 126 -5.88 -0.97 -18.02
C GLU A 126 -6.09 -2.25 -17.22
N GLY A 127 -5.50 -2.31 -16.05
CA GLY A 127 -5.66 -3.49 -15.18
C GLY A 127 -4.64 -4.57 -15.52
N LYS A 128 -3.61 -4.23 -16.27
CA LYS A 128 -2.59 -5.22 -16.60
C LYS A 128 -1.59 -5.31 -15.47
N GLN A 129 -1.23 -6.53 -15.09
CA GLN A 129 -0.30 -6.74 -14.00
C GLN A 129 1.15 -6.51 -14.41
N LEU A 130 1.83 -5.62 -13.69
CA LEU A 130 3.23 -5.33 -13.99
C LEU A 130 4.14 -6.13 -13.06
N ALA A 131 3.66 -6.39 -11.84
CA ALA A 131 4.44 -7.17 -10.88
C ALA A 131 3.64 -7.42 -9.61
N ARG A 132 4.12 -8.33 -8.77
CA ARG A 132 3.44 -8.63 -7.53
C ARG A 132 4.44 -9.06 -6.46
N MET A 133 4.20 -8.64 -5.22
CA MET A 133 5.07 -9.01 -4.13
C MET A 133 4.30 -9.19 -2.83
N GLY A 134 4.91 -9.91 -1.92
CA GLY A 134 4.32 -10.16 -0.61
C GLY A 134 5.22 -9.63 0.49
N PHE A 135 5.25 -10.31 1.62
CA PHE A 135 6.11 -9.91 2.71
C PHE A 135 7.52 -10.36 2.41
N GLU A 136 8.50 -9.46 2.55
CA GLU A 136 9.87 -9.80 2.25
C GLU A 136 10.84 -9.09 3.21
N PRO A 137 11.59 -9.79 4.03
CA PRO A 137 12.55 -9.13 4.94
C PRO A 137 13.52 -8.24 4.17
N GLY A 138 14.06 -7.25 4.86
CA GLY A 138 14.98 -6.32 4.24
C GLY A 138 14.58 -4.89 4.51
N GLY A 139 13.32 -4.62 4.80
CA GLY A 139 12.91 -3.26 5.10
C GLY A 139 12.38 -2.49 3.89
N GLY A 140 11.96 -1.26 4.16
CA GLY A 140 11.35 -0.40 3.14
C GLY A 140 12.27 -0.06 1.97
N ALA A 141 13.51 0.28 2.26
CA ALA A 141 14.45 0.64 1.22
C ALA A 141 14.63 -0.51 0.24
N ALA A 142 14.83 -1.67 0.79
CA ALA A 142 15.06 -2.84 -0.05
C ALA A 142 13.83 -3.19 -0.90
N TYR A 143 12.64 -3.04 -0.33
CA TYR A 143 11.40 -3.36 -1.04
C TYR A 143 11.19 -2.47 -2.26
N VAL A 144 11.47 -1.19 -2.12
CA VAL A 144 11.27 -0.28 -3.24
C VAL A 144 12.22 -0.61 -4.39
N SER A 145 13.43 -1.04 -4.08
CA SER A 145 14.36 -1.37 -5.16
C SER A 145 13.75 -2.48 -6.03
N LYS A 146 13.15 -3.46 -5.35
CA LYS A 146 12.56 -4.61 -6.03
C LYS A 146 11.38 -4.22 -6.92
N VAL A 147 10.52 -3.34 -6.43
CA VAL A 147 9.36 -2.93 -7.21
C VAL A 147 9.79 -2.17 -8.44
N LYS A 148 10.81 -1.34 -8.29
CA LYS A 148 11.30 -0.54 -9.40
C LYS A 148 11.74 -1.43 -10.55
N SER A 149 12.47 -2.50 -10.23
CA SER A 149 12.94 -3.41 -11.27
C SER A 149 11.77 -4.15 -11.91
N ALA A 150 10.78 -4.46 -11.10
CA ALA A 150 9.62 -5.19 -11.56
C ALA A 150 8.77 -4.35 -12.52
N LEU A 151 8.61 -3.08 -12.22
CA LEU A 151 7.79 -2.21 -13.05
C LEU A 151 8.58 -1.56 -14.19
N LYS A 152 9.89 -1.80 -14.26
CA LYS A 152 10.72 -1.23 -15.33
C LYS A 152 10.75 0.29 -15.24
N LEU A 153 10.95 0.80 -14.04
CA LEU A 153 11.05 2.24 -13.82
C LEU A 153 12.53 2.62 -13.84
N ARG A 154 12.87 3.55 -14.72
CA ARG A 154 14.25 4.00 -14.84
C ARG A 154 14.70 4.72 -13.57
N ALA A 11 28.44 35.32 -0.06
CA ALA A 11 28.95 34.48 1.03
C ALA A 11 28.02 33.30 1.26
N ARG A 12 28.60 32.12 1.45
CA ARG A 12 27.81 30.91 1.68
C ARG A 12 27.16 30.93 3.05
N ARG A 13 25.88 30.58 3.10
CA ARG A 13 25.15 30.57 4.37
C ARG A 13 25.52 29.37 5.22
N ARG A 14 25.78 29.60 6.50
CA ARG A 14 26.13 28.51 7.42
C ARG A 14 25.00 27.51 7.51
N ALA A 15 23.77 28.02 7.52
CA ALA A 15 22.60 27.15 7.60
C ALA A 15 22.52 26.48 8.97
N SER A 16 23.65 26.01 9.47
CA SER A 16 23.69 25.36 10.76
C SER A 16 23.52 26.38 11.88
N GLY A 17 23.00 25.93 13.02
CA GLY A 17 22.79 26.84 14.15
C GLY A 17 22.20 26.11 15.35
N GLU A 18 21.93 26.84 16.42
CA GLU A 18 21.35 26.26 17.62
C GLU A 18 20.00 25.65 17.29
N ASN A 19 19.23 26.39 16.50
CA ASN A 19 17.90 25.93 16.12
C ASN A 19 17.11 25.44 17.33
N LEU A 20 16.57 26.37 18.10
CA LEU A 20 15.78 25.99 19.28
C LEU A 20 14.46 25.36 18.87
N GLN A 21 14.06 24.32 19.58
CA GLN A 21 12.82 23.62 19.28
C GLN A 21 12.75 23.25 17.81
N GLN A 22 13.36 22.12 17.48
CA GLN A 22 13.39 21.65 16.10
C GLN A 22 12.03 21.10 15.66
N THR A 23 11.60 21.52 14.48
CA THR A 23 10.34 21.08 13.91
C THR A 23 10.54 19.78 13.14
N ARG A 24 9.43 19.11 12.81
CA ARG A 24 9.49 17.86 12.06
C ARG A 24 8.33 17.79 11.05
N PRO A 25 8.34 18.64 10.05
CA PRO A 25 7.26 18.70 9.00
C PRO A 25 7.01 17.35 8.33
N ILE A 26 8.09 16.61 8.08
CA ILE A 26 7.98 15.31 7.44
C ILE A 26 7.26 14.30 8.33
N ALA A 27 7.31 14.52 9.65
CA ALA A 27 6.66 13.59 10.56
C ALA A 27 5.14 13.57 10.35
N ALA A 28 4.58 14.76 10.13
CA ALA A 28 3.13 14.89 9.90
C ALA A 28 2.70 14.22 8.60
N ALA A 29 3.53 14.35 7.56
CA ALA A 29 3.22 13.77 6.25
C ALA A 29 3.25 12.25 6.29
N ASN A 30 2.35 11.63 5.53
CA ASN A 30 2.27 10.17 5.47
C ASN A 30 1.73 9.74 4.10
N LEU A 31 1.43 8.46 3.95
CA LEU A 31 0.89 7.94 2.69
C LEU A 31 -0.56 8.38 2.52
N GLN A 32 -0.91 8.75 1.29
CA GLN A 32 -2.27 9.20 0.97
C GLN A 32 -3.06 8.07 0.33
N TRP A 33 -4.00 7.51 1.08
CA TRP A 33 -4.81 6.42 0.54
C TRP A 33 -5.88 6.98 -0.39
N GLU A 34 -6.06 6.29 -1.52
CA GLU A 34 -7.07 6.67 -2.51
C GLU A 34 -8.02 5.49 -2.72
N SER A 35 -9.16 5.75 -3.36
CA SER A 35 -10.10 4.67 -3.60
C SER A 35 -9.67 3.86 -4.80
N TYR A 36 -10.22 2.68 -4.93
CA TYR A 36 -9.91 1.83 -6.05
C TYR A 36 -10.38 2.51 -7.33
N ALA A 37 -11.58 3.07 -7.25
CA ALA A 37 -12.19 3.77 -8.38
C ALA A 37 -11.39 5.01 -8.69
N GLU A 38 -10.94 5.67 -7.64
CA GLU A 38 -10.18 6.88 -7.77
C GLU A 38 -8.80 6.60 -8.34
N ALA A 39 -8.18 5.52 -7.91
CA ALA A 39 -6.85 5.15 -8.38
C ALA A 39 -6.82 4.99 -9.88
N LEU A 40 -7.79 4.27 -10.39
CA LEU A 40 -7.85 4.00 -11.80
C LEU A 40 -8.09 5.29 -12.56
N GLU A 41 -8.98 6.14 -12.06
CA GLU A 41 -9.27 7.38 -12.70
C GLU A 41 -8.01 8.18 -12.88
N HIS A 42 -7.24 8.24 -11.82
CA HIS A 42 -6.01 8.97 -11.86
C HIS A 42 -5.02 8.30 -12.81
N SER A 43 -4.92 6.97 -12.73
CA SER A 43 -3.99 6.22 -13.55
C SER A 43 -4.32 6.34 -15.02
N LYS A 44 -5.59 6.39 -15.34
CA LYS A 44 -5.99 6.53 -16.72
C LYS A 44 -5.38 7.81 -17.26
N GLN A 45 -5.24 8.79 -16.37
CA GLN A 45 -4.72 10.10 -16.77
C GLN A 45 -3.24 10.25 -16.48
N ASP A 46 -2.81 9.78 -15.32
CA ASP A 46 -1.40 9.93 -14.94
C ASP A 46 -0.57 8.70 -15.26
N HIS A 47 -1.20 7.56 -15.55
CA HIS A 47 -0.50 6.32 -15.88
C HIS A 47 0.27 5.74 -14.70
N LYS A 48 0.00 6.24 -13.48
CA LYS A 48 0.73 5.75 -12.32
C LYS A 48 0.25 4.33 -11.91
N PRO A 49 1.14 3.39 -11.69
CA PRO A 49 0.74 2.01 -11.26
C PRO A 49 -0.07 2.03 -9.97
N ILE A 50 -0.96 1.05 -9.81
CA ILE A 50 -1.79 0.99 -8.60
C ILE A 50 -1.36 -0.20 -7.74
N GLY A 51 -1.13 0.05 -6.46
CA GLY A 51 -0.77 -1.01 -5.54
C GLY A 51 -1.94 -1.31 -4.62
N LEU A 52 -2.47 -2.53 -4.73
CA LEU A 52 -3.58 -2.95 -3.90
C LEU A 52 -3.02 -3.73 -2.73
N PHE A 53 -3.28 -3.25 -1.53
CA PHE A 53 -2.77 -3.91 -0.34
C PHE A 53 -3.84 -4.88 0.18
N PHE A 54 -3.62 -6.19 0.00
CA PHE A 54 -4.55 -7.21 0.49
C PHE A 54 -4.09 -7.68 1.86
N THR A 55 -4.94 -7.51 2.88
CA THR A 55 -4.53 -7.91 4.23
C THR A 55 -5.67 -8.24 5.21
N GLY A 56 -5.26 -8.51 6.45
CA GLY A 56 -6.13 -8.78 7.57
C GLY A 56 -5.64 -7.91 8.72
N SER A 57 -6.18 -6.70 8.80
CA SER A 57 -5.77 -5.70 9.77
C SER A 57 -5.84 -6.13 11.22
N ASP A 58 -6.85 -6.94 11.59
CA ASP A 58 -7.01 -7.34 12.98
C ASP A 58 -6.56 -8.76 13.29
N TRP A 59 -6.14 -9.54 12.27
CA TRP A 59 -5.79 -10.93 12.56
C TRP A 59 -4.49 -11.40 11.91
N CYS A 60 -4.04 -10.75 10.84
CA CYS A 60 -2.80 -11.16 10.18
C CYS A 60 -1.61 -10.35 10.73
N MET A 61 -0.67 -11.05 11.37
CA MET A 61 0.50 -10.38 11.96
C MET A 61 1.54 -10.03 10.90
N TRP A 62 1.78 -10.93 9.95
CA TRP A 62 2.75 -10.68 8.89
C TRP A 62 2.34 -9.43 8.12
N CYS A 63 1.05 -9.22 8.06
CA CYS A 63 0.50 -8.07 7.37
C CYS A 63 0.84 -6.80 8.12
N ILE A 64 0.71 -6.86 9.43
CA ILE A 64 1.03 -5.73 10.25
C ILE A 64 2.49 -5.41 10.03
N LYS A 65 3.33 -6.44 10.03
CA LYS A 65 4.74 -6.26 9.84
C LYS A 65 5.04 -5.62 8.48
N MET A 66 4.40 -6.12 7.42
CA MET A 66 4.65 -5.55 6.12
C MET A 66 4.22 -4.11 6.12
N GLN A 67 3.07 -3.88 6.70
CA GLN A 67 2.49 -2.56 6.80
C GLN A 67 3.35 -1.67 7.70
N ASP A 68 3.71 -2.16 8.87
CA ASP A 68 4.50 -1.37 9.79
C ASP A 68 5.94 -1.18 9.31
N GLN A 69 6.53 -2.21 8.72
CA GLN A 69 7.92 -2.10 8.29
C GLN A 69 8.12 -1.56 6.87
N ILE A 70 7.15 -1.74 5.96
CA ILE A 70 7.35 -1.29 4.58
C ILE A 70 6.38 -0.19 4.14
N LEU A 71 5.07 -0.40 4.24
CA LEU A 71 4.12 0.62 3.79
C LEU A 71 4.33 1.93 4.53
N GLN A 72 4.56 1.85 5.84
CA GLN A 72 4.74 3.05 6.64
C GLN A 72 6.21 3.52 6.68
N SER A 73 7.09 2.83 5.95
CA SER A 73 8.50 3.20 5.91
C SER A 73 8.72 4.45 5.05
N SER A 74 9.71 5.26 5.41
CA SER A 74 9.97 6.49 4.67
C SER A 74 10.24 6.25 3.19
N GLU A 75 11.06 5.24 2.88
CA GLU A 75 11.39 4.95 1.49
C GLU A 75 10.18 4.54 0.66
N PHE A 76 9.31 3.69 1.21
CA PHE A 76 8.13 3.27 0.48
C PHE A 76 7.16 4.43 0.29
N LYS A 77 6.96 5.23 1.34
CA LYS A 77 6.04 6.34 1.26
C LYS A 77 6.50 7.33 0.22
N HIS A 78 7.79 7.65 0.24
CA HIS A 78 8.33 8.59 -0.69
C HIS A 78 8.21 8.05 -2.10
N PHE A 79 8.60 6.80 -2.28
CA PHE A 79 8.53 6.18 -3.58
C PHE A 79 7.09 6.12 -4.07
N ALA A 80 6.20 5.66 -3.19
CA ALA A 80 4.79 5.50 -3.50
C ALA A 80 4.06 6.83 -3.69
N GLY A 81 4.41 7.83 -2.92
CA GLY A 81 3.76 9.12 -3.03
C GLY A 81 4.06 9.75 -4.37
N VAL A 82 5.29 9.54 -4.83
CA VAL A 82 5.74 10.11 -6.07
C VAL A 82 5.37 9.24 -7.28
N HIS A 83 5.58 7.93 -7.19
CA HIS A 83 5.37 7.07 -8.36
C HIS A 83 4.13 6.16 -8.33
N LEU A 84 3.35 6.08 -7.24
CA LEU A 84 2.22 5.14 -7.27
C LEU A 84 0.92 5.65 -6.66
N HIS A 85 -0.14 4.89 -6.89
CA HIS A 85 -1.43 5.13 -6.29
C HIS A 85 -1.67 3.94 -5.38
N MET A 86 -1.88 4.17 -4.10
CA MET A 86 -2.08 3.05 -3.18
C MET A 86 -3.55 2.86 -2.86
N VAL A 87 -3.96 1.59 -2.89
CA VAL A 87 -5.33 1.24 -2.59
C VAL A 87 -5.31 0.22 -1.45
N GLU A 88 -6.10 0.49 -0.43
CA GLU A 88 -6.16 -0.38 0.72
C GLU A 88 -7.33 -1.34 0.58
N VAL A 89 -7.03 -2.62 0.70
CA VAL A 89 -8.06 -3.65 0.62
C VAL A 89 -7.93 -4.56 1.84
N ASP A 90 -8.74 -4.26 2.85
CA ASP A 90 -8.65 -4.96 4.13
C ASP A 90 -9.76 -5.99 4.38
N PHE A 91 -9.42 -7.08 5.05
CA PHE A 91 -10.40 -8.11 5.39
C PHE A 91 -10.32 -8.33 6.91
N PRO A 92 -10.87 -7.41 7.68
CA PRO A 92 -10.82 -7.46 9.17
C PRO A 92 -11.80 -8.44 9.81
N GLN A 93 -11.51 -8.80 11.07
CA GLN A 93 -12.39 -9.69 11.81
C GLN A 93 -13.66 -8.95 12.21
N LYS A 94 -13.47 -7.72 12.68
CA LYS A 94 -14.58 -6.86 13.03
C LYS A 94 -14.78 -5.95 11.83
N ASN A 95 -15.77 -6.32 11.06
CA ASN A 95 -16.08 -5.61 9.84
C ASN A 95 -17.15 -4.52 10.01
N HIS A 96 -16.78 -3.34 9.49
CA HIS A 96 -17.68 -2.19 9.56
C HIS A 96 -17.74 -1.47 8.21
N GLN A 97 -17.37 -2.16 7.14
CA GLN A 97 -17.40 -1.56 5.81
C GLN A 97 -18.82 -1.68 5.24
N PRO A 98 -19.24 -0.76 4.40
CA PRO A 98 -20.61 -0.80 3.79
C PRO A 98 -20.73 -1.93 2.77
N GLU A 99 -21.96 -2.39 2.54
CA GLU A 99 -22.21 -3.49 1.62
C GLU A 99 -21.54 -3.29 0.26
N GLU A 100 -21.69 -2.11 -0.35
CA GLU A 100 -21.10 -1.87 -1.67
C GLU A 100 -19.60 -2.08 -1.67
N GLN A 101 -18.96 -1.66 -0.60
CA GLN A 101 -17.51 -1.82 -0.47
C GLN A 101 -17.15 -3.28 -0.29
N ARG A 102 -17.95 -4.01 0.48
CA ARG A 102 -17.68 -5.42 0.72
C ARG A 102 -17.84 -6.24 -0.56
N GLN A 103 -18.89 -5.97 -1.33
CA GLN A 103 -19.12 -6.70 -2.57
C GLN A 103 -17.98 -6.47 -3.54
N LYS A 104 -17.59 -5.21 -3.67
CA LYS A 104 -16.50 -4.85 -4.55
C LYS A 104 -15.20 -5.51 -4.11
N ASN A 105 -14.90 -5.41 -2.82
CA ASN A 105 -13.69 -5.99 -2.27
C ASN A 105 -13.67 -7.50 -2.53
N GLN A 106 -14.81 -8.17 -2.35
CA GLN A 106 -14.89 -9.60 -2.58
C GLN A 106 -14.65 -9.91 -4.05
N GLU A 107 -15.21 -9.06 -4.92
CA GLU A 107 -15.05 -9.24 -6.36
C GLU A 107 -13.59 -9.09 -6.76
N LEU A 108 -12.93 -8.08 -6.19
CA LEU A 108 -11.54 -7.82 -6.49
C LEU A 108 -10.64 -8.96 -6.03
N LYS A 109 -10.96 -9.49 -4.86
CA LYS A 109 -10.18 -10.58 -4.29
C LYS A 109 -10.24 -11.78 -5.22
N ALA A 110 -11.42 -12.02 -5.77
CA ALA A 110 -11.61 -13.13 -6.67
C ALA A 110 -11.03 -12.80 -8.04
N GLN A 111 -11.20 -11.55 -8.45
CA GLN A 111 -10.74 -11.10 -9.74
C GLN A 111 -9.24 -11.27 -9.88
N TYR A 112 -8.51 -10.83 -8.85
CA TYR A 112 -7.06 -10.86 -8.85
C TYR A 112 -6.54 -12.18 -8.30
N LYS A 113 -7.47 -13.09 -8.03
CA LYS A 113 -7.13 -14.40 -7.52
C LYS A 113 -6.21 -14.29 -6.32
N VAL A 114 -6.58 -13.45 -5.36
CA VAL A 114 -5.74 -13.29 -4.17
C VAL A 114 -6.18 -14.29 -3.11
N THR A 115 -5.21 -15.05 -2.59
CA THR A 115 -5.50 -16.06 -1.59
C THR A 115 -4.75 -15.81 -0.29
N GLY A 116 -3.48 -15.43 -0.43
CA GLY A 116 -2.63 -15.20 0.74
C GLY A 116 -2.29 -13.72 0.95
N PHE A 117 -2.11 -13.37 2.21
CA PHE A 117 -1.77 -12.00 2.59
C PHE A 117 -0.55 -12.01 3.51
N PRO A 118 0.23 -10.96 3.55
CA PRO A 118 0.02 -9.72 2.73
C PRO A 118 0.52 -9.89 1.30
N GLU A 119 -0.20 -9.29 0.35
CA GLU A 119 0.20 -9.36 -1.04
C GLU A 119 -0.03 -7.99 -1.69
N LEU A 120 1.01 -7.48 -2.35
CA LEU A 120 0.92 -6.20 -3.02
C LEU A 120 1.03 -6.44 -4.51
N VAL A 121 0.00 -6.01 -5.23
CA VAL A 121 -0.04 -6.21 -6.67
C VAL A 121 -0.01 -4.90 -7.42
N PHE A 122 0.87 -4.79 -8.40
CA PHE A 122 0.98 -3.58 -9.19
C PHE A 122 0.23 -3.73 -10.50
N ILE A 123 -0.65 -2.78 -10.79
CA ILE A 123 -1.44 -2.82 -12.00
C ILE A 123 -1.42 -1.47 -12.70
N ASP A 124 -1.69 -1.50 -13.98
CA ASP A 124 -1.78 -0.29 -14.75
C ASP A 124 -3.23 0.17 -14.71
N ALA A 125 -3.53 1.26 -15.40
CA ALA A 125 -4.89 1.82 -15.44
C ALA A 125 -5.84 0.92 -16.24
N GLU A 126 -5.30 -0.04 -16.96
CA GLU A 126 -6.13 -0.97 -17.73
C GLU A 126 -6.33 -2.24 -16.91
N GLY A 127 -5.72 -2.27 -15.73
CA GLY A 127 -5.86 -3.42 -14.85
C GLY A 127 -4.87 -4.52 -15.19
N LYS A 128 -3.85 -4.19 -15.98
CA LYS A 128 -2.84 -5.20 -16.33
C LYS A 128 -1.81 -5.29 -15.23
N GLN A 129 -1.41 -6.51 -14.88
CA GLN A 129 -0.45 -6.73 -13.82
C GLN A 129 0.98 -6.52 -14.30
N LEU A 130 1.70 -5.61 -13.64
CA LEU A 130 3.09 -5.36 -13.98
C LEU A 130 4.02 -6.17 -13.09
N ALA A 131 3.58 -6.43 -11.86
CA ALA A 131 4.37 -7.22 -10.91
C ALA A 131 3.62 -7.43 -9.60
N ARG A 132 4.13 -8.32 -8.76
CA ARG A 132 3.50 -8.57 -7.47
C ARG A 132 4.54 -9.00 -6.45
N MET A 133 4.31 -8.59 -5.21
CA MET A 133 5.22 -8.93 -4.14
C MET A 133 4.46 -9.14 -2.82
N GLY A 134 5.10 -9.86 -1.91
CA GLY A 134 4.51 -10.12 -0.61
C GLY A 134 5.45 -9.62 0.48
N PHE A 135 5.50 -10.32 1.59
CA PHE A 135 6.40 -9.92 2.65
C PHE A 135 7.79 -10.40 2.31
N GLU A 136 8.75 -9.51 2.40
CA GLU A 136 10.12 -9.84 2.05
C GLU A 136 11.10 -9.11 2.97
N PRO A 137 11.84 -9.81 3.82
CA PRO A 137 12.81 -9.12 4.73
C PRO A 137 13.76 -8.19 3.97
N GLY A 138 14.28 -7.20 4.69
CA GLY A 138 15.19 -6.24 4.09
C GLY A 138 14.79 -4.80 4.40
N GLY A 139 13.53 -4.54 4.71
CA GLY A 139 13.11 -3.19 5.05
C GLY A 139 12.55 -2.43 3.85
N GLY A 140 12.14 -1.18 4.12
CA GLY A 140 11.51 -0.35 3.10
C GLY A 140 12.41 0.00 1.92
N ALA A 141 13.66 0.34 2.18
CA ALA A 141 14.58 0.70 1.11
C ALA A 141 14.74 -0.45 0.15
N ALA A 142 14.99 -1.62 0.70
CA ALA A 142 15.17 -2.79 -0.11
C ALA A 142 13.91 -3.14 -0.91
N TYR A 143 12.74 -2.96 -0.29
CA TYR A 143 11.47 -3.27 -0.95
C TYR A 143 11.23 -2.40 -2.17
N VAL A 144 11.53 -1.10 -2.05
CA VAL A 144 11.31 -0.20 -3.16
C VAL A 144 12.23 -0.52 -4.33
N SER A 145 13.45 -0.92 -4.06
CA SER A 145 14.34 -1.25 -5.14
C SER A 145 13.73 -2.38 -5.99
N LYS A 146 13.14 -3.34 -5.28
CA LYS A 146 12.52 -4.51 -5.92
C LYS A 146 11.34 -4.12 -6.81
N VAL A 147 10.49 -3.24 -6.32
CA VAL A 147 9.33 -2.83 -7.11
C VAL A 147 9.78 -2.10 -8.37
N LYS A 148 10.81 -1.28 -8.23
CA LYS A 148 11.30 -0.50 -9.36
C LYS A 148 11.74 -1.43 -10.49
N SER A 149 12.46 -2.49 -10.16
CA SER A 149 12.94 -3.43 -11.17
C SER A 149 11.77 -4.17 -11.81
N ALA A 150 10.79 -4.52 -10.99
CA ALA A 150 9.63 -5.26 -11.45
C ALA A 150 8.78 -4.44 -12.42
N LEU A 151 8.61 -3.16 -12.15
CA LEU A 151 7.79 -2.31 -13.01
C LEU A 151 8.60 -1.65 -14.13
N LYS A 152 9.92 -1.90 -14.18
CA LYS A 152 10.77 -1.31 -15.22
C LYS A 152 10.77 0.21 -15.12
N LEU A 153 10.97 0.72 -13.90
CA LEU A 153 11.03 2.16 -13.66
C LEU A 153 12.50 2.58 -13.64
N ARG A 154 12.86 3.50 -14.51
CA ARG A 154 14.25 3.96 -14.58
C ARG A 154 14.68 4.61 -13.27
N ALA A 11 34.79 1.91 10.49
CA ALA A 11 34.03 1.71 11.70
C ALA A 11 33.67 0.23 11.85
N ARG A 12 34.36 -0.45 12.75
CA ARG A 12 34.10 -1.87 12.97
C ARG A 12 32.68 -2.08 13.48
N ARG A 13 32.21 -1.15 14.32
CA ARG A 13 30.85 -1.26 14.83
C ARG A 13 29.86 -0.80 13.77
N ARG A 14 28.73 -1.48 13.69
CA ARG A 14 27.70 -1.17 12.69
C ARG A 14 27.14 0.24 12.88
N ALA A 15 26.92 0.62 14.12
CA ALA A 15 26.36 1.93 14.41
C ALA A 15 25.07 2.15 13.63
N SER A 16 23.95 2.09 14.34
CA SER A 16 22.64 2.25 13.72
C SER A 16 22.34 3.74 13.52
N GLY A 17 21.37 4.04 12.65
CA GLY A 17 21.01 5.43 12.39
C GLY A 17 20.33 6.07 13.60
N GLU A 18 20.54 7.37 13.77
CA GLU A 18 19.94 8.11 14.88
C GLU A 18 19.17 9.33 14.37
N ASN A 19 17.98 9.55 14.92
CA ASN A 19 17.16 10.68 14.51
C ASN A 19 16.29 11.18 15.67
N LEU A 20 15.75 12.38 15.50
CA LEU A 20 14.91 13.00 16.52
C LEU A 20 13.49 13.23 15.98
N GLN A 21 12.49 12.79 16.73
CA GLN A 21 11.10 12.94 16.33
C GLN A 21 10.64 14.38 16.51
N GLN A 22 11.40 15.12 17.31
CA GLN A 22 11.09 16.52 17.58
C GLN A 22 11.20 17.35 16.31
N THR A 23 12.06 16.94 15.40
CA THR A 23 12.27 17.68 14.16
C THR A 23 11.28 17.24 13.08
N ARG A 24 11.17 18.05 12.03
CA ARG A 24 10.28 17.74 10.92
C ARG A 24 8.94 17.17 11.40
N PRO A 25 8.26 17.89 12.26
CA PRO A 25 6.95 17.45 12.83
C PRO A 25 5.80 17.50 11.80
N ILE A 26 5.89 18.42 10.84
CA ILE A 26 4.85 18.56 9.83
C ILE A 26 5.33 18.03 8.46
N ALA A 27 6.59 17.63 8.38
CA ALA A 27 7.14 17.12 7.13
C ALA A 27 6.48 15.80 6.75
N ALA A 28 6.23 15.60 5.45
CA ALA A 28 5.61 14.37 4.99
C ALA A 28 4.24 14.20 5.64
N ALA A 29 3.24 13.83 4.85
CA ALA A 29 1.90 13.64 5.39
C ALA A 29 1.50 12.17 5.33
N ASN A 30 2.44 11.29 5.63
CA ASN A 30 2.19 9.86 5.59
C ASN A 30 1.64 9.46 4.23
N LEU A 31 1.35 8.18 4.05
CA LEU A 31 0.82 7.68 2.77
C LEU A 31 -0.62 8.13 2.57
N GLN A 32 -0.92 8.50 1.33
CA GLN A 32 -2.26 8.95 0.96
C GLN A 32 -3.03 7.80 0.31
N TRP A 33 -3.99 7.24 1.04
CA TRP A 33 -4.80 6.14 0.52
C TRP A 33 -5.90 6.69 -0.39
N GLU A 34 -6.12 5.99 -1.50
CA GLU A 34 -7.14 6.37 -2.47
C GLU A 34 -8.09 5.20 -2.68
N SER A 35 -9.23 5.46 -3.31
CA SER A 35 -10.19 4.41 -3.56
C SER A 35 -9.80 3.68 -4.83
N TYR A 36 -10.34 2.49 -4.99
CA TYR A 36 -10.08 1.69 -6.16
C TYR A 36 -10.54 2.40 -7.41
N ALA A 37 -11.74 2.96 -7.31
CA ALA A 37 -12.33 3.67 -8.43
C ALA A 37 -11.55 4.93 -8.72
N GLU A 38 -11.10 5.57 -7.67
CA GLU A 38 -10.35 6.79 -7.79
C GLU A 38 -8.98 6.53 -8.41
N ALA A 39 -8.34 5.44 -8.03
CA ALA A 39 -7.03 5.10 -8.53
C ALA A 39 -7.02 4.91 -10.03
N LEU A 40 -7.98 4.17 -10.52
CA LEU A 40 -8.02 3.87 -11.92
C LEU A 40 -8.22 5.11 -12.76
N GLU A 41 -9.10 6.00 -12.32
CA GLU A 41 -9.35 7.19 -13.10
C GLU A 41 -8.10 8.05 -13.16
N HIS A 42 -7.37 8.09 -12.06
CA HIS A 42 -6.15 8.85 -12.05
C HIS A 42 -5.14 8.22 -13.00
N SER A 43 -5.03 6.89 -12.91
CA SER A 43 -4.10 6.14 -13.75
C SER A 43 -4.42 6.26 -15.22
N LYS A 44 -5.70 6.30 -15.55
CA LYS A 44 -6.09 6.42 -16.95
C LYS A 44 -5.47 7.69 -17.49
N GLN A 45 -5.34 8.67 -16.60
CA GLN A 45 -4.82 9.97 -16.98
C GLN A 45 -3.35 10.13 -16.65
N ASP A 46 -2.95 9.66 -15.48
CA ASP A 46 -1.57 9.80 -15.02
C ASP A 46 -0.71 8.56 -15.32
N HIS A 47 -1.37 7.42 -15.50
CA HIS A 47 -0.65 6.18 -15.82
C HIS A 47 0.13 5.62 -14.63
N LYS A 48 -0.14 6.13 -13.43
CA LYS A 48 0.60 5.66 -12.26
C LYS A 48 0.13 4.24 -11.86
N PRO A 49 1.03 3.29 -11.60
CA PRO A 49 0.61 1.91 -11.19
C PRO A 49 -0.22 1.92 -9.92
N ILE A 50 -1.10 0.93 -9.77
CA ILE A 50 -1.95 0.86 -8.59
C ILE A 50 -1.52 -0.32 -7.71
N GLY A 51 -1.30 -0.05 -6.43
CA GLY A 51 -0.94 -1.11 -5.50
C GLY A 51 -2.14 -1.45 -4.62
N LEU A 52 -2.65 -2.68 -4.76
CA LEU A 52 -3.77 -3.11 -3.93
C LEU A 52 -3.19 -3.87 -2.75
N PHE A 53 -3.42 -3.34 -1.55
CA PHE A 53 -2.90 -3.97 -0.34
C PHE A 53 -3.96 -4.91 0.24
N PHE A 54 -3.73 -6.23 0.11
CA PHE A 54 -4.64 -7.26 0.63
C PHE A 54 -4.15 -7.71 2.00
N THR A 55 -4.99 -7.54 3.03
CA THR A 55 -4.59 -7.93 4.38
C THR A 55 -5.75 -8.29 5.31
N GLY A 56 -5.39 -8.56 6.55
CA GLY A 56 -6.34 -8.84 7.61
C GLY A 56 -5.93 -7.99 8.80
N SER A 57 -6.47 -6.77 8.82
CA SER A 57 -6.12 -5.79 9.84
C SER A 57 -6.20 -6.26 11.28
N ASP A 58 -7.19 -7.08 11.65
CA ASP A 58 -7.35 -7.50 13.03
C ASP A 58 -6.88 -8.93 13.35
N TRP A 59 -6.42 -9.71 12.36
CA TRP A 59 -6.05 -11.10 12.67
C TRP A 59 -4.73 -11.59 12.08
N CYS A 60 -4.21 -10.98 11.02
CA CYS A 60 -2.93 -11.43 10.47
C CYS A 60 -1.80 -10.56 11.04
N MET A 61 -0.62 -11.14 11.23
CA MET A 61 0.51 -10.41 11.82
C MET A 61 1.57 -10.03 10.79
N TRP A 62 1.83 -10.89 9.82
CA TRP A 62 2.84 -10.61 8.80
C TRP A 62 2.42 -9.37 8.03
N CYS A 63 1.11 -9.16 7.99
CA CYS A 63 0.56 -8.00 7.30
C CYS A 63 0.93 -6.75 8.06
N ILE A 64 0.81 -6.83 9.38
CA ILE A 64 1.13 -5.69 10.21
C ILE A 64 2.58 -5.36 9.99
N LYS A 65 3.42 -6.39 9.99
CA LYS A 65 4.84 -6.19 9.82
C LYS A 65 5.15 -5.56 8.48
N MET A 66 4.55 -6.06 7.40
CA MET A 66 4.79 -5.49 6.09
C MET A 66 4.34 -4.05 6.08
N GLN A 67 3.15 -3.85 6.63
CA GLN A 67 2.58 -2.53 6.70
C GLN A 67 3.42 -1.65 7.60
N ASP A 68 3.77 -2.15 8.77
CA ASP A 68 4.55 -1.37 9.71
C ASP A 68 5.98 -1.16 9.24
N GLN A 69 6.58 -2.18 8.66
CA GLN A 69 7.97 -2.08 8.24
C GLN A 69 8.17 -1.52 6.84
N ILE A 70 7.22 -1.70 5.92
CA ILE A 70 7.43 -1.22 4.55
C ILE A 70 6.47 -0.13 4.15
N LEU A 71 5.17 -0.33 4.26
CA LEU A 71 4.24 0.70 3.83
C LEU A 71 4.41 1.98 4.61
N GLN A 72 4.67 1.86 5.91
CA GLN A 72 4.81 3.03 6.76
C GLN A 72 6.26 3.53 6.84
N SER A 73 7.16 2.92 6.08
CA SER A 73 8.56 3.33 6.08
C SER A 73 8.77 4.56 5.20
N SER A 74 9.77 5.38 5.53
CA SER A 74 10.03 6.61 4.79
C SER A 74 10.33 6.35 3.31
N GLU A 75 11.15 5.35 3.01
CA GLU A 75 11.51 5.07 1.63
C GLU A 75 10.30 4.67 0.78
N PHE A 76 9.43 3.82 1.33
CA PHE A 76 8.25 3.40 0.62
C PHE A 76 7.26 4.54 0.42
N LYS A 77 7.03 5.31 1.49
CA LYS A 77 6.07 6.41 1.43
C LYS A 77 6.50 7.40 0.39
N HIS A 78 7.79 7.71 0.36
CA HIS A 78 8.28 8.65 -0.60
C HIS A 78 8.18 8.10 -2.00
N PHE A 79 8.59 6.85 -2.18
CA PHE A 79 8.53 6.24 -3.49
C PHE A 79 7.10 6.18 -3.99
N ALA A 80 6.21 5.69 -3.14
CA ALA A 80 4.82 5.53 -3.49
C ALA A 80 4.08 6.85 -3.66
N GLY A 81 4.41 7.82 -2.83
CA GLY A 81 3.76 9.11 -2.91
C GLY A 81 4.06 9.75 -4.23
N VAL A 82 5.28 9.55 -4.69
CA VAL A 82 5.73 10.12 -5.94
C VAL A 82 5.42 9.24 -7.15
N HIS A 83 5.63 7.92 -7.05
CA HIS A 83 5.47 7.04 -8.21
C HIS A 83 4.24 6.12 -8.21
N LEU A 84 3.44 6.03 -7.13
CA LEU A 84 2.32 5.08 -7.18
C LEU A 84 1.02 5.57 -6.56
N HIS A 85 -0.03 4.78 -6.78
CA HIS A 85 -1.33 5.03 -6.20
C HIS A 85 -1.61 3.83 -5.30
N MET A 86 -1.90 4.08 -4.01
CA MET A 86 -2.15 2.97 -3.09
C MET A 86 -3.62 2.81 -2.78
N VAL A 87 -4.04 1.55 -2.78
CA VAL A 87 -5.41 1.20 -2.48
C VAL A 87 -5.42 0.17 -1.35
N GLU A 88 -6.27 0.41 -0.36
CA GLU A 88 -6.33 -0.49 0.80
C GLU A 88 -7.50 -1.46 0.65
N VAL A 89 -7.21 -2.74 0.83
CA VAL A 89 -8.22 -3.77 0.73
C VAL A 89 -8.06 -4.73 1.90
N ASP A 90 -8.84 -4.49 2.94
CA ASP A 90 -8.71 -5.24 4.17
C ASP A 90 -9.82 -6.24 4.45
N PHE A 91 -9.47 -7.35 5.10
CA PHE A 91 -10.46 -8.35 5.47
C PHE A 91 -10.42 -8.54 7.00
N PRO A 92 -10.94 -7.60 7.75
CA PRO A 92 -10.94 -7.66 9.24
C PRO A 92 -11.93 -8.67 9.83
N GLN A 93 -11.68 -9.07 11.06
CA GLN A 93 -12.59 -9.98 11.74
C GLN A 93 -13.85 -9.22 12.16
N LYS A 94 -13.64 -7.97 12.59
CA LYS A 94 -14.71 -7.07 12.98
C LYS A 94 -14.91 -6.10 11.83
N ASN A 95 -15.87 -6.45 11.01
CA ASN A 95 -16.16 -5.66 9.81
C ASN A 95 -17.22 -4.58 10.01
N HIS A 96 -16.85 -3.39 9.58
CA HIS A 96 -17.75 -2.24 9.69
C HIS A 96 -17.80 -1.42 8.40
N GLN A 97 -17.36 -2.01 7.30
CA GLN A 97 -17.37 -1.31 6.02
C GLN A 97 -18.76 -1.45 5.37
N PRO A 98 -19.20 -0.48 4.61
CA PRO A 98 -20.55 -0.52 3.93
C PRO A 98 -20.63 -1.67 2.92
N GLU A 99 -21.86 -2.12 2.66
CA GLU A 99 -22.07 -3.25 1.74
C GLU A 99 -21.37 -3.01 0.39
N GLU A 100 -21.51 -1.82 -0.19
CA GLU A 100 -20.90 -1.56 -1.50
C GLU A 100 -19.39 -1.76 -1.48
N GLN A 101 -18.75 -1.35 -0.40
CA GLN A 101 -17.31 -1.49 -0.27
C GLN A 101 -16.92 -2.95 -0.12
N ARG A 102 -17.70 -3.70 0.65
CA ARG A 102 -17.43 -5.11 0.87
C ARG A 102 -17.57 -5.90 -0.43
N GLN A 103 -18.63 -5.62 -1.21
CA GLN A 103 -18.85 -6.34 -2.47
C GLN A 103 -17.71 -6.11 -3.44
N LYS A 104 -17.31 -4.86 -3.59
CA LYS A 104 -16.23 -4.51 -4.51
C LYS A 104 -14.94 -5.18 -4.07
N ASN A 105 -14.67 -5.14 -2.78
CA ASN A 105 -13.44 -5.73 -2.24
C ASN A 105 -13.40 -7.24 -2.51
N GLN A 106 -14.54 -7.91 -2.34
CA GLN A 106 -14.56 -9.35 -2.58
C GLN A 106 -14.33 -9.65 -4.05
N GLU A 107 -14.90 -8.82 -4.91
CA GLU A 107 -14.73 -9.02 -6.34
C GLU A 107 -13.27 -8.83 -6.73
N LEU A 108 -12.65 -7.83 -6.13
CA LEU A 108 -11.25 -7.52 -6.39
C LEU A 108 -10.36 -8.65 -5.91
N LYS A 109 -10.70 -9.21 -4.75
CA LYS A 109 -9.92 -10.28 -4.15
C LYS A 109 -9.88 -11.45 -5.11
N ALA A 110 -10.99 -11.69 -5.76
CA ALA A 110 -11.08 -12.78 -6.69
C ALA A 110 -10.48 -12.38 -8.03
N GLN A 111 -10.65 -11.11 -8.40
CA GLN A 111 -10.17 -10.65 -9.67
C GLN A 111 -8.68 -10.88 -9.83
N TYR A 112 -7.92 -10.48 -8.81
CA TYR A 112 -6.48 -10.63 -8.87
C TYR A 112 -5.99 -11.94 -8.27
N LYS A 113 -6.92 -12.86 -8.05
CA LYS A 113 -6.59 -14.18 -7.50
C LYS A 113 -5.74 -14.06 -6.26
N VAL A 114 -6.17 -13.25 -5.32
CA VAL A 114 -5.43 -13.07 -4.09
C VAL A 114 -5.82 -14.15 -3.09
N THR A 115 -4.84 -14.90 -2.59
CA THR A 115 -5.09 -15.99 -1.65
C THR A 115 -4.38 -15.75 -0.32
N GLY A 116 -3.09 -15.40 -0.40
CA GLY A 116 -2.28 -15.17 0.79
C GLY A 116 -2.03 -13.69 1.02
N PHE A 117 -1.94 -13.32 2.29
CA PHE A 117 -1.69 -11.93 2.68
C PHE A 117 -0.43 -11.85 3.57
N PRO A 118 0.30 -10.75 3.55
CA PRO A 118 0.00 -9.55 2.70
C PRO A 118 0.41 -9.75 1.25
N GLU A 119 -0.38 -9.22 0.33
CA GLU A 119 -0.05 -9.33 -1.07
C GLU A 119 -0.25 -7.97 -1.74
N LEU A 120 0.80 -7.48 -2.38
CA LEU A 120 0.76 -6.19 -3.06
C LEU A 120 0.88 -6.45 -4.56
N VAL A 121 -0.13 -6.00 -5.31
CA VAL A 121 -0.15 -6.22 -6.75
C VAL A 121 -0.10 -4.90 -7.51
N PHE A 122 0.80 -4.80 -8.48
CA PHE A 122 0.92 -3.59 -9.26
C PHE A 122 0.21 -3.73 -10.58
N ILE A 123 -0.71 -2.81 -10.84
CA ILE A 123 -1.51 -2.84 -12.07
C ILE A 123 -1.51 -1.46 -12.74
N ASP A 124 -1.79 -1.48 -14.04
CA ASP A 124 -1.89 -0.27 -14.83
C ASP A 124 -3.35 0.17 -14.84
N ALA A 125 -3.63 1.25 -15.54
CA ALA A 125 -4.98 1.80 -15.62
C ALA A 125 -5.92 0.91 -16.44
N GLU A 126 -5.37 -0.05 -17.18
CA GLU A 126 -6.20 -0.96 -17.97
C GLU A 126 -6.40 -2.25 -17.21
N GLY A 127 -5.80 -2.33 -16.02
CA GLY A 127 -5.95 -3.52 -15.20
C GLY A 127 -4.90 -4.58 -15.53
N LYS A 128 -3.84 -4.20 -16.26
CA LYS A 128 -2.78 -5.14 -16.58
C LYS A 128 -1.83 -5.24 -15.42
N GLN A 129 -1.41 -6.46 -15.09
CA GLN A 129 -0.51 -6.66 -13.97
C GLN A 129 0.95 -6.45 -14.37
N LEU A 130 1.64 -5.56 -13.66
CA LEU A 130 3.04 -5.29 -13.97
C LEU A 130 3.96 -6.07 -13.04
N ALA A 131 3.48 -6.38 -11.83
CA ALA A 131 4.27 -7.14 -10.87
C ALA A 131 3.50 -7.37 -9.57
N ARG A 132 4.00 -8.28 -8.76
CA ARG A 132 3.35 -8.58 -7.49
C ARG A 132 4.39 -8.99 -6.44
N MET A 133 4.15 -8.57 -5.20
CA MET A 133 5.05 -8.93 -4.11
C MET A 133 4.28 -9.12 -2.80
N GLY A 134 4.89 -9.84 -1.88
CA GLY A 134 4.28 -10.11 -0.58
C GLY A 134 5.14 -9.57 0.55
N PHE A 135 5.17 -10.28 1.67
CA PHE A 135 6.01 -9.86 2.77
C PHE A 135 7.41 -10.36 2.49
N GLU A 136 8.39 -9.48 2.59
CA GLU A 136 9.75 -9.89 2.31
C GLU A 136 10.72 -9.15 3.24
N PRO A 137 11.74 -9.80 3.74
CA PRO A 137 12.72 -9.14 4.65
C PRO A 137 13.66 -8.18 3.93
N GLY A 138 14.18 -7.22 4.68
CA GLY A 138 15.11 -6.25 4.11
C GLY A 138 14.70 -4.82 4.41
N GLY A 139 13.43 -4.56 4.72
CA GLY A 139 13.02 -3.21 5.04
C GLY A 139 12.44 -2.46 3.83
N GLY A 140 12.03 -1.21 4.10
CA GLY A 140 11.38 -0.40 3.08
C GLY A 140 12.27 -0.06 1.89
N ALA A 141 13.52 0.28 2.15
CA ALA A 141 14.45 0.64 1.08
C ALA A 141 14.62 -0.52 0.12
N ALA A 142 14.84 -1.70 0.66
CA ALA A 142 15.06 -2.87 -0.17
C ALA A 142 13.83 -3.22 -0.99
N TYR A 143 12.64 -3.08 -0.39
CA TYR A 143 11.39 -3.40 -1.06
C TYR A 143 11.17 -2.52 -2.29
N VAL A 144 11.44 -1.23 -2.16
CA VAL A 144 11.22 -0.34 -3.27
C VAL A 144 12.16 -0.64 -4.43
N SER A 145 13.39 -1.04 -4.16
CA SER A 145 14.30 -1.36 -5.26
C SER A 145 13.70 -2.49 -6.10
N LYS A 146 13.10 -3.46 -5.41
CA LYS A 146 12.51 -4.63 -6.07
C LYS A 146 11.36 -4.24 -6.99
N VAL A 147 10.49 -3.35 -6.51
CA VAL A 147 9.35 -2.94 -7.31
C VAL A 147 9.80 -2.16 -8.55
N LYS A 148 10.83 -1.33 -8.38
CA LYS A 148 11.34 -0.53 -9.48
C LYS A 148 11.82 -1.41 -10.62
N SER A 149 12.54 -2.47 -10.27
CA SER A 149 13.06 -3.38 -11.27
C SER A 149 11.92 -4.14 -11.93
N ALA A 150 10.94 -4.53 -11.12
CA ALA A 150 9.81 -5.29 -11.61
C ALA A 150 8.99 -4.47 -12.59
N LEU A 151 8.81 -3.20 -12.29
CA LEU A 151 8.00 -2.34 -13.14
C LEU A 151 8.80 -1.67 -14.25
N LYS A 152 10.11 -1.90 -14.31
CA LYS A 152 10.96 -1.29 -15.34
C LYS A 152 10.94 0.23 -15.23
N LEU A 153 11.15 0.75 -14.01
CA LEU A 153 11.19 2.19 -13.80
C LEU A 153 12.66 2.64 -13.73
N ARG A 154 13.04 3.59 -14.58
CA ARG A 154 14.41 4.08 -14.57
C ARG A 154 14.61 5.14 -13.50
N ALA A 11 41.86 -1.32 -9.74
CA ALA A 11 41.11 -1.86 -8.61
C ALA A 11 39.75 -1.18 -8.46
N ARG A 12 38.73 -1.98 -8.21
CA ARG A 12 37.37 -1.47 -8.03
C ARG A 12 37.29 -0.57 -6.81
N ARG A 13 36.47 0.47 -6.89
CA ARG A 13 36.30 1.39 -5.77
C ARG A 13 34.86 1.90 -5.73
N ARG A 14 34.35 2.13 -4.52
CA ARG A 14 32.98 2.60 -4.36
C ARG A 14 32.90 3.69 -3.30
N ALA A 15 31.85 4.49 -3.36
CA ALA A 15 31.68 5.57 -2.40
C ALA A 15 30.20 5.74 -2.02
N SER A 16 29.95 6.18 -0.80
CA SER A 16 28.58 6.40 -0.34
C SER A 16 27.90 7.48 -1.17
N GLY A 17 28.67 8.51 -1.52
CA GLY A 17 28.14 9.61 -2.33
C GLY A 17 27.29 10.56 -1.49
N GLU A 18 27.36 10.42 -0.17
CA GLU A 18 26.57 11.28 0.73
C GLU A 18 27.19 12.67 0.79
N ASN A 19 26.84 13.51 -0.17
CA ASN A 19 27.36 14.87 -0.22
C ASN A 19 26.92 15.67 1.00
N LEU A 20 25.65 15.52 1.39
CA LEU A 20 25.13 16.23 2.56
C LEU A 20 24.93 15.26 3.71
N GLN A 21 25.32 15.70 4.91
CA GLN A 21 25.17 14.87 6.10
C GLN A 21 24.16 15.49 7.05
N GLN A 22 23.23 14.68 7.53
CA GLN A 22 22.20 15.15 8.44
C GLN A 22 22.15 14.27 9.68
N THR A 23 21.77 14.87 10.79
CA THR A 23 21.70 14.15 12.06
C THR A 23 20.37 14.42 12.75
N ARG A 24 19.92 13.45 13.56
CA ARG A 24 18.67 13.58 14.29
C ARG A 24 17.49 13.82 13.34
N PRO A 25 17.23 12.89 12.45
CA PRO A 25 16.10 13.00 11.48
C PRO A 25 14.74 12.82 12.17
N ILE A 26 13.69 13.34 11.55
CA ILE A 26 12.35 13.22 12.12
C ILE A 26 11.34 12.75 11.08
N ALA A 27 10.51 11.79 11.48
CA ALA A 27 9.49 11.25 10.58
C ALA A 27 8.43 12.30 10.29
N ALA A 28 7.94 12.33 9.06
CA ALA A 28 6.91 13.30 8.68
C ALA A 28 6.18 12.83 7.43
N ALA A 29 5.00 13.40 7.18
CA ALA A 29 4.22 13.04 6.01
C ALA A 29 3.74 11.61 6.11
N ASN A 30 2.66 11.30 5.43
CA ASN A 30 2.12 9.95 5.46
C ASN A 30 1.58 9.54 4.10
N LEU A 31 1.25 8.26 3.96
CA LEU A 31 0.73 7.74 2.71
C LEU A 31 -0.72 8.18 2.53
N GLN A 32 -1.04 8.50 1.29
CA GLN A 32 -2.38 8.95 0.96
C GLN A 32 -3.17 7.79 0.34
N TRP A 33 -4.09 7.22 1.10
CA TRP A 33 -4.89 6.12 0.59
C TRP A 33 -5.98 6.68 -0.33
N GLU A 34 -6.19 5.98 -1.44
CA GLU A 34 -7.20 6.37 -2.42
C GLU A 34 -8.15 5.19 -2.64
N SER A 35 -9.30 5.46 -3.25
CA SER A 35 -10.26 4.40 -3.50
C SER A 35 -9.86 3.64 -4.76
N TYR A 36 -10.36 2.42 -4.89
CA TYR A 36 -10.07 1.62 -6.06
C TYR A 36 -10.55 2.34 -7.31
N ALA A 37 -11.75 2.91 -7.20
CA ALA A 37 -12.35 3.63 -8.29
C ALA A 37 -11.57 4.88 -8.59
N GLU A 38 -11.13 5.55 -7.54
CA GLU A 38 -10.38 6.78 -7.67
C GLU A 38 -9.01 6.52 -8.29
N ALA A 39 -8.39 5.43 -7.90
CA ALA A 39 -7.06 5.08 -8.40
C ALA A 39 -7.01 4.92 -9.90
N LEU A 40 -7.97 4.19 -10.43
CA LEU A 40 -7.98 3.91 -11.84
C LEU A 40 -8.16 5.16 -12.66
N GLU A 41 -9.02 6.05 -12.21
CA GLU A 41 -9.25 7.27 -12.97
C GLU A 41 -7.98 8.06 -13.07
N HIS A 42 -7.25 8.10 -11.97
CA HIS A 42 -6.00 8.82 -11.96
C HIS A 42 -5.00 8.17 -12.92
N SER A 43 -4.89 6.85 -12.86
CA SER A 43 -3.96 6.12 -13.71
C SER A 43 -4.33 6.22 -15.19
N LYS A 44 -5.61 6.26 -15.49
CA LYS A 44 -6.02 6.40 -16.88
C LYS A 44 -5.42 7.67 -17.42
N GLN A 45 -5.27 8.64 -16.52
CA GLN A 45 -4.76 9.94 -16.93
C GLN A 45 -3.27 10.09 -16.68
N ASP A 46 -2.83 9.63 -15.51
CA ASP A 46 -1.42 9.76 -15.15
C ASP A 46 -0.59 8.54 -15.49
N HIS A 47 -1.24 7.40 -15.72
CA HIS A 47 -0.56 6.17 -16.10
C HIS A 47 0.25 5.56 -14.95
N LYS A 48 0.01 6.05 -13.74
CA LYS A 48 0.76 5.54 -12.58
C LYS A 48 0.22 4.16 -12.12
N PRO A 49 1.09 3.18 -11.84
CA PRO A 49 0.64 1.83 -11.36
C PRO A 49 -0.14 1.90 -10.04
N ILE A 50 -1.04 0.95 -9.84
CA ILE A 50 -1.86 0.90 -8.61
C ILE A 50 -1.45 -0.28 -7.75
N GLY A 51 -1.26 -0.06 -6.46
CA GLY A 51 -0.93 -1.13 -5.53
C GLY A 51 -2.12 -1.46 -4.64
N LEU A 52 -2.64 -2.69 -4.77
CA LEU A 52 -3.74 -3.13 -3.93
C LEU A 52 -3.17 -3.86 -2.72
N PHE A 53 -3.40 -3.30 -1.55
CA PHE A 53 -2.89 -3.89 -0.32
C PHE A 53 -3.96 -4.84 0.23
N PHE A 54 -3.75 -6.15 0.03
CA PHE A 54 -4.68 -7.17 0.53
C PHE A 54 -4.20 -7.62 1.89
N THR A 55 -5.04 -7.45 2.94
CA THR A 55 -4.60 -7.84 4.28
C THR A 55 -5.74 -8.18 5.26
N GLY A 56 -5.33 -8.44 6.50
CA GLY A 56 -6.22 -8.70 7.62
C GLY A 56 -5.72 -7.84 8.76
N SER A 57 -6.23 -6.63 8.82
CA SER A 57 -5.80 -5.65 9.79
C SER A 57 -5.90 -6.09 11.25
N ASP A 58 -6.91 -6.89 11.61
CA ASP A 58 -7.09 -7.29 12.99
C ASP A 58 -6.63 -8.72 13.30
N TRP A 59 -6.23 -9.51 12.29
CA TRP A 59 -5.85 -10.90 12.59
C TRP A 59 -4.57 -11.38 11.93
N CYS A 60 -4.12 -10.72 10.86
CA CYS A 60 -2.89 -11.15 10.19
C CYS A 60 -1.68 -10.38 10.73
N MET A 61 -0.80 -11.09 11.41
CA MET A 61 0.38 -10.50 12.01
C MET A 61 1.42 -10.14 10.95
N TRP A 62 1.64 -11.02 9.99
CA TRP A 62 2.61 -10.75 8.95
C TRP A 62 2.20 -9.51 8.17
N CYS A 63 0.90 -9.30 8.09
CA CYS A 63 0.38 -8.14 7.38
C CYS A 63 0.71 -6.88 8.14
N ILE A 64 0.60 -6.94 9.46
CA ILE A 64 0.94 -5.78 10.25
C ILE A 64 2.40 -5.49 10.02
N LYS A 65 3.24 -6.54 10.02
CA LYS A 65 4.67 -6.36 9.83
C LYS A 65 4.96 -5.72 8.48
N MET A 66 4.31 -6.21 7.41
CA MET A 66 4.55 -5.63 6.09
C MET A 66 4.12 -4.18 6.12
N GLN A 67 2.96 -3.95 6.71
CA GLN A 67 2.41 -2.62 6.81
C GLN A 67 3.24 -1.73 7.71
N ASP A 68 3.59 -2.21 8.89
CA ASP A 68 4.36 -1.40 9.82
C ASP A 68 5.79 -1.18 9.33
N GLN A 69 6.39 -2.20 8.72
CA GLN A 69 7.79 -2.07 8.29
C GLN A 69 7.99 -1.55 6.86
N ILE A 70 7.04 -1.74 5.93
CA ILE A 70 7.26 -1.28 4.55
C ILE A 70 6.31 -0.17 4.11
N LEU A 71 5.01 -0.38 4.21
CA LEU A 71 4.06 0.63 3.76
C LEU A 71 4.22 1.92 4.56
N GLN A 72 4.45 1.78 5.87
CA GLN A 72 4.60 2.93 6.75
C GLN A 72 6.05 3.42 6.82
N SER A 73 6.93 2.80 6.06
CA SER A 73 8.35 3.18 6.06
C SER A 73 8.59 4.42 5.20
N SER A 74 9.61 5.21 5.54
CA SER A 74 9.89 6.45 4.80
C SER A 74 10.21 6.23 3.33
N GLU A 75 11.04 5.25 3.00
CA GLU A 75 11.40 5.04 1.61
C GLU A 75 10.17 4.66 0.80
N PHE A 76 9.31 3.81 1.36
CA PHE A 76 8.09 3.40 0.68
C PHE A 76 7.15 4.58 0.45
N LYS A 77 6.99 5.41 1.48
CA LYS A 77 6.09 6.56 1.39
C LYS A 77 6.53 7.51 0.28
N HIS A 78 7.82 7.79 0.23
CA HIS A 78 8.33 8.71 -0.77
C HIS A 78 8.19 8.16 -2.17
N PHE A 79 8.59 6.90 -2.34
CA PHE A 79 8.54 6.25 -3.64
C PHE A 79 7.11 6.21 -4.16
N ALA A 80 6.22 5.71 -3.32
CA ALA A 80 4.83 5.56 -3.68
C ALA A 80 4.12 6.88 -3.87
N GLY A 81 4.47 7.87 -3.07
CA GLY A 81 3.81 9.15 -3.17
C GLY A 81 4.12 9.78 -4.51
N VAL A 82 5.35 9.58 -4.97
CA VAL A 82 5.78 10.13 -6.22
C VAL A 82 5.43 9.23 -7.40
N HIS A 83 5.62 7.91 -7.29
CA HIS A 83 5.41 6.99 -8.41
C HIS A 83 4.16 6.09 -8.35
N LEU A 84 3.37 6.05 -7.26
CA LEU A 84 2.25 5.11 -7.25
C LEU A 84 0.96 5.61 -6.61
N HIS A 85 -0.12 4.85 -6.83
CA HIS A 85 -1.40 5.11 -6.21
C HIS A 85 -1.66 3.91 -5.31
N MET A 86 -1.91 4.15 -4.02
CA MET A 86 -2.15 3.05 -3.11
C MET A 86 -3.63 2.90 -2.79
N VAL A 87 -4.07 1.64 -2.80
CA VAL A 87 -5.43 1.32 -2.49
C VAL A 87 -5.43 0.33 -1.34
N GLU A 88 -6.21 0.60 -0.32
CA GLU A 88 -6.26 -0.27 0.84
C GLU A 88 -7.42 -1.24 0.70
N VAL A 89 -7.11 -2.52 0.80
CA VAL A 89 -8.12 -3.57 0.70
C VAL A 89 -7.96 -4.52 1.88
N ASP A 90 -8.72 -4.25 2.93
CA ASP A 90 -8.58 -5.02 4.18
C ASP A 90 -9.69 -6.01 4.47
N PHE A 91 -9.34 -7.12 5.12
CA PHE A 91 -10.33 -8.13 5.49
C PHE A 91 -10.23 -8.43 7.00
N PRO A 92 -10.74 -7.54 7.83
CA PRO A 92 -10.66 -7.68 9.31
C PRO A 92 -11.65 -8.71 9.85
N GLN A 93 -11.41 -9.16 11.07
CA GLN A 93 -12.34 -10.11 11.69
C GLN A 93 -13.61 -9.39 12.10
N LYS A 94 -13.44 -8.18 12.58
CA LYS A 94 -14.55 -7.33 12.94
C LYS A 94 -14.78 -6.37 11.79
N ASN A 95 -15.72 -6.74 10.95
CA ASN A 95 -16.03 -5.97 9.77
C ASN A 95 -17.08 -4.89 10.00
N HIS A 96 -16.73 -3.70 9.52
CA HIS A 96 -17.63 -2.55 9.65
C HIS A 96 -17.63 -1.76 8.35
N GLN A 97 -17.18 -2.39 7.28
CA GLN A 97 -17.11 -1.72 5.99
C GLN A 97 -18.49 -1.69 5.30
N PRO A 98 -18.83 -0.62 4.61
CA PRO A 98 -20.12 -0.53 3.88
C PRO A 98 -20.26 -1.67 2.86
N GLU A 99 -21.49 -2.11 2.65
CA GLU A 99 -21.76 -3.21 1.72
C GLU A 99 -21.06 -2.99 0.38
N GLU A 100 -21.20 -1.81 -0.21
CA GLU A 100 -20.59 -1.55 -1.51
C GLU A 100 -19.09 -1.73 -1.46
N GLN A 101 -18.50 -1.31 -0.36
CA GLN A 101 -17.07 -1.41 -0.20
C GLN A 101 -16.68 -2.88 -0.06
N ARG A 102 -17.47 -3.65 0.68
CA ARG A 102 -17.17 -5.06 0.86
C ARG A 102 -17.39 -5.85 -0.43
N GLN A 103 -18.47 -5.55 -1.15
CA GLN A 103 -18.72 -6.29 -2.39
C GLN A 103 -17.58 -6.05 -3.37
N LYS A 104 -17.18 -4.79 -3.49
CA LYS A 104 -16.10 -4.44 -4.39
C LYS A 104 -14.81 -5.12 -3.98
N ASN A 105 -14.52 -5.07 -2.68
CA ASN A 105 -13.32 -5.67 -2.15
C ASN A 105 -13.26 -7.16 -2.46
N GLN A 106 -14.39 -7.86 -2.32
CA GLN A 106 -14.42 -9.29 -2.60
C GLN A 106 -14.19 -9.54 -4.08
N GLU A 107 -14.76 -8.68 -4.91
CA GLU A 107 -14.60 -8.82 -6.34
C GLU A 107 -13.13 -8.66 -6.73
N LEU A 108 -12.47 -7.66 -6.14
CA LEU A 108 -11.07 -7.36 -6.42
C LEU A 108 -10.18 -8.52 -5.96
N LYS A 109 -10.50 -9.08 -4.79
CA LYS A 109 -9.72 -10.18 -4.22
C LYS A 109 -9.75 -11.36 -5.18
N ALA A 110 -10.89 -11.57 -5.80
CA ALA A 110 -11.03 -12.67 -6.73
C ALA A 110 -10.43 -12.31 -8.08
N GLN A 111 -10.60 -11.06 -8.50
CA GLN A 111 -10.13 -10.61 -9.79
C GLN A 111 -8.64 -10.84 -9.97
N TYR A 112 -7.86 -10.45 -8.98
CA TYR A 112 -6.42 -10.59 -9.09
C TYR A 112 -5.93 -11.90 -8.52
N LYS A 113 -6.88 -12.82 -8.29
CA LYS A 113 -6.55 -14.13 -7.77
C LYS A 113 -5.73 -14.02 -6.51
N VAL A 114 -6.21 -13.21 -5.59
CA VAL A 114 -5.51 -13.01 -4.33
C VAL A 114 -5.97 -14.07 -3.33
N THR A 115 -5.02 -14.84 -2.83
CA THR A 115 -5.34 -15.91 -1.88
C THR A 115 -4.66 -15.68 -0.54
N GLY A 116 -3.36 -15.38 -0.60
CA GLY A 116 -2.59 -15.15 0.62
C GLY A 116 -2.33 -13.67 0.87
N PHE A 117 -2.25 -13.33 2.15
CA PHE A 117 -1.98 -11.96 2.58
C PHE A 117 -0.76 -11.97 3.50
N PRO A 118 0.03 -10.92 3.54
CA PRO A 118 -0.18 -9.68 2.74
C PRO A 118 0.27 -9.87 1.30
N GLU A 119 -0.46 -9.28 0.35
CA GLU A 119 -0.07 -9.39 -1.05
C GLU A 119 -0.27 -8.04 -1.73
N LEU A 120 0.75 -7.58 -2.42
CA LEU A 120 0.71 -6.31 -3.11
C LEU A 120 0.84 -6.57 -4.60
N VAL A 121 -0.18 -6.15 -5.34
CA VAL A 121 -0.21 -6.37 -6.77
C VAL A 121 -0.21 -5.04 -7.50
N PHE A 122 0.68 -4.92 -8.47
CA PHE A 122 0.81 -3.70 -9.23
C PHE A 122 0.07 -3.84 -10.55
N ILE A 123 -0.81 -2.87 -10.84
CA ILE A 123 -1.58 -2.88 -12.07
C ILE A 123 -1.54 -1.54 -12.77
N ASP A 124 -1.78 -1.57 -14.08
CA ASP A 124 -1.85 -0.36 -14.88
C ASP A 124 -3.29 0.12 -14.81
N ALA A 125 -3.58 1.20 -15.49
CA ALA A 125 -4.93 1.77 -15.47
C ALA A 125 -5.90 0.90 -16.25
N GLU A 126 -5.37 -0.07 -16.99
CA GLU A 126 -6.20 -0.97 -17.76
C GLU A 126 -6.37 -2.29 -17.02
N GLY A 127 -5.77 -2.38 -15.84
CA GLY A 127 -5.90 -3.59 -15.03
C GLY A 127 -4.87 -4.65 -15.39
N LYS A 128 -3.84 -4.26 -16.13
CA LYS A 128 -2.79 -5.21 -16.48
C LYS A 128 -1.78 -5.29 -15.35
N GLN A 129 -1.41 -6.50 -14.97
CA GLN A 129 -0.48 -6.70 -13.87
C GLN A 129 0.97 -6.50 -14.31
N LEU A 130 1.67 -5.62 -13.60
CA LEU A 130 3.07 -5.35 -13.89
C LEU A 130 3.99 -6.16 -12.99
N ALA A 131 3.53 -6.43 -11.76
CA ALA A 131 4.33 -7.20 -10.81
C ALA A 131 3.53 -7.47 -9.53
N ARG A 132 4.02 -8.38 -8.70
CA ARG A 132 3.35 -8.70 -7.44
C ARG A 132 4.38 -9.10 -6.38
N MET A 133 4.15 -8.67 -5.14
CA MET A 133 5.05 -9.02 -4.05
C MET A 133 4.29 -9.19 -2.73
N GLY A 134 4.91 -9.91 -1.81
CA GLY A 134 4.30 -10.15 -0.51
C GLY A 134 5.20 -9.59 0.57
N PHE A 135 5.23 -10.27 1.71
CA PHE A 135 6.08 -9.84 2.81
C PHE A 135 7.49 -10.31 2.52
N GLU A 136 8.46 -9.43 2.68
CA GLU A 136 9.86 -9.78 2.42
C GLU A 136 10.78 -9.06 3.39
N PRO A 137 11.81 -9.71 3.89
CA PRO A 137 12.78 -9.04 4.82
C PRO A 137 13.70 -8.10 4.06
N GLY A 138 14.25 -7.12 4.78
CA GLY A 138 15.14 -6.16 4.14
C GLY A 138 14.74 -4.71 4.44
N GLY A 139 13.48 -4.46 4.77
CA GLY A 139 13.07 -3.11 5.08
C GLY A 139 12.48 -2.36 3.88
N GLY A 140 12.06 -1.13 4.14
CA GLY A 140 11.39 -0.33 3.12
C GLY A 140 12.27 0.01 1.92
N ALA A 141 13.54 0.34 2.16
CA ALA A 141 14.44 0.70 1.06
C ALA A 141 14.60 -0.46 0.10
N ALA A 142 14.84 -1.64 0.65
CA ALA A 142 15.05 -2.81 -0.17
C ALA A 142 13.79 -3.18 -0.97
N TYR A 143 12.62 -3.04 -0.36
CA TYR A 143 11.34 -3.37 -1.00
C TYR A 143 11.09 -2.49 -2.21
N VAL A 144 11.37 -1.20 -2.08
CA VAL A 144 11.14 -0.28 -3.19
C VAL A 144 12.07 -0.60 -4.34
N SER A 145 13.30 -1.01 -4.07
CA SER A 145 14.21 -1.31 -5.15
C SER A 145 13.62 -2.42 -6.02
N LYS A 146 13.04 -3.41 -5.35
CA LYS A 146 12.46 -4.56 -6.03
C LYS A 146 11.26 -4.17 -6.90
N VAL A 147 10.41 -3.29 -6.40
CA VAL A 147 9.24 -2.89 -7.16
C VAL A 147 9.67 -2.15 -8.42
N LYS A 148 10.72 -1.33 -8.29
CA LYS A 148 11.21 -0.56 -9.42
C LYS A 148 11.65 -1.48 -10.56
N SER A 149 12.37 -2.55 -10.22
CA SER A 149 12.83 -3.48 -11.24
C SER A 149 11.66 -4.21 -11.87
N ALA A 150 10.69 -4.56 -11.04
CA ALA A 150 9.52 -5.29 -11.49
C ALA A 150 8.67 -4.46 -12.43
N LEU A 151 8.49 -3.19 -12.11
CA LEU A 151 7.66 -2.32 -12.93
C LEU A 151 8.47 -1.67 -14.06
N LYS A 152 9.78 -1.91 -14.12
CA LYS A 152 10.63 -1.31 -15.15
C LYS A 152 10.61 0.21 -15.05
N LEU A 153 10.82 0.73 -13.85
CA LEU A 153 10.85 2.17 -13.63
C LEU A 153 12.31 2.62 -13.59
N ARG A 154 12.67 3.54 -14.48
CA ARG A 154 14.03 4.06 -14.52
C ARG A 154 14.43 4.57 -13.14
N ALA A 11 -9.67 23.18 23.68
CA ALA A 11 -8.75 24.04 22.96
C ALA A 11 -8.44 23.51 21.56
N ARG A 12 -8.21 22.20 21.46
CA ARG A 12 -7.91 21.58 20.17
C ARG A 12 -8.87 20.45 19.87
N ARG A 13 -9.35 20.40 18.63
CA ARG A 13 -10.27 19.36 18.21
C ARG A 13 -9.57 18.00 18.22
N ARG A 14 -8.31 18.00 17.80
CA ARG A 14 -7.51 16.78 17.78
C ARG A 14 -6.18 17.04 18.47
N ALA A 15 -5.68 16.03 19.18
CA ALA A 15 -4.40 16.16 19.87
C ALA A 15 -3.51 14.96 19.59
N SER A 16 -2.21 15.20 19.50
CA SER A 16 -1.26 14.13 19.22
C SER A 16 -1.31 13.06 20.30
N GLY A 17 -1.44 13.49 21.55
CA GLY A 17 -1.50 12.55 22.66
C GLY A 17 -1.86 13.26 23.94
N GLU A 18 -2.01 12.51 25.02
CA GLU A 18 -2.36 13.10 26.30
C GLU A 18 -1.11 13.21 27.19
N ASN A 19 -0.02 12.59 26.73
CA ASN A 19 1.24 12.63 27.48
C ASN A 19 1.80 14.05 27.49
N LEU A 20 2.54 14.39 28.54
CA LEU A 20 3.12 15.72 28.67
C LEU A 20 4.10 16.02 27.54
N GLN A 21 4.94 15.04 27.21
CA GLN A 21 5.93 15.20 26.16
C GLN A 21 5.25 15.12 24.79
N GLN A 22 5.79 15.90 23.83
CA GLN A 22 5.23 15.93 22.49
C GLN A 22 6.11 15.12 21.54
N THR A 23 5.49 14.23 20.78
CA THR A 23 6.24 13.38 19.84
C THR A 23 5.76 13.64 18.41
N ARG A 24 6.64 13.35 17.44
CA ARG A 24 6.31 13.56 16.04
C ARG A 24 6.73 12.35 15.19
N PRO A 25 6.08 12.09 14.09
CA PRO A 25 6.42 10.93 13.21
C PRO A 25 7.73 11.16 12.48
N ILE A 26 8.37 10.07 12.07
CA ILE A 26 9.63 10.16 11.36
C ILE A 26 9.45 10.90 10.04
N ALA A 27 8.38 10.57 9.33
CA ALA A 27 8.10 11.21 8.06
C ALA A 27 7.14 12.38 8.26
N ALA A 28 7.36 13.47 7.54
CA ALA A 28 6.51 14.65 7.68
C ALA A 28 5.09 14.33 7.22
N ALA A 29 4.98 13.53 6.16
CA ALA A 29 3.67 13.15 5.64
C ALA A 29 3.58 11.63 5.47
N ASN A 30 2.40 11.08 5.71
CA ASN A 30 2.19 9.64 5.59
C ASN A 30 1.66 9.27 4.21
N LEU A 31 1.37 7.99 4.03
CA LEU A 31 0.84 7.45 2.78
C LEU A 31 -0.60 7.91 2.55
N GLN A 32 -0.88 8.25 1.29
CA GLN A 32 -2.22 8.70 0.91
C GLN A 32 -2.95 7.55 0.22
N TRP A 33 -3.94 6.98 0.91
CA TRP A 33 -4.71 5.89 0.32
C TRP A 33 -5.78 6.47 -0.61
N GLU A 34 -5.95 5.79 -1.75
CA GLU A 34 -6.95 6.20 -2.74
C GLU A 34 -7.92 5.04 -2.96
N SER A 35 -9.07 5.32 -3.57
CA SER A 35 -10.05 4.29 -3.83
C SER A 35 -9.69 3.57 -5.11
N TYR A 36 -10.17 2.35 -5.24
CA TYR A 36 -9.88 1.55 -6.40
C TYR A 36 -10.34 2.28 -7.65
N ALA A 37 -11.55 2.82 -7.57
CA ALA A 37 -12.13 3.55 -8.68
C ALA A 37 -11.37 4.84 -8.92
N GLU A 38 -10.95 5.49 -7.86
CA GLU A 38 -10.23 6.73 -7.97
C GLU A 38 -8.84 6.50 -8.54
N ALA A 39 -8.22 5.40 -8.14
CA ALA A 39 -6.89 5.07 -8.60
C ALA A 39 -6.82 4.90 -10.11
N LEU A 40 -7.79 4.17 -10.65
CA LEU A 40 -7.81 3.92 -12.07
C LEU A 40 -8.03 5.21 -12.81
N GLU A 41 -8.90 6.04 -12.29
CA GLU A 41 -9.20 7.31 -12.91
C GLU A 41 -7.95 8.11 -13.08
N HIS A 42 -7.16 8.16 -12.02
CA HIS A 42 -5.94 8.91 -12.07
C HIS A 42 -4.95 8.25 -13.02
N SER A 43 -4.83 6.93 -12.94
CA SER A 43 -3.90 6.19 -13.78
C SER A 43 -4.23 6.34 -15.25
N LYS A 44 -5.51 6.38 -15.57
CA LYS A 44 -5.89 6.55 -16.94
C LYS A 44 -5.29 7.85 -17.45
N GLN A 45 -5.15 8.82 -16.54
CA GLN A 45 -4.63 10.13 -16.91
C GLN A 45 -3.16 10.30 -16.58
N ASP A 46 -2.76 9.83 -15.41
CA ASP A 46 -1.37 9.99 -14.98
C ASP A 46 -0.51 8.77 -15.33
N HIS A 47 -1.15 7.64 -15.61
CA HIS A 47 -0.44 6.42 -15.99
C HIS A 47 0.37 5.83 -14.83
N LYS A 48 0.14 6.32 -13.61
CA LYS A 48 0.88 5.83 -12.46
C LYS A 48 0.40 4.42 -12.06
N PRO A 49 1.29 3.45 -11.86
CA PRO A 49 0.86 2.08 -11.45
C PRO A 49 0.03 2.09 -10.17
N ILE A 50 -0.87 1.12 -10.05
CA ILE A 50 -1.73 1.04 -8.88
C ILE A 50 -1.31 -0.14 -8.00
N GLY A 51 -1.07 0.13 -6.72
CA GLY A 51 -0.70 -0.94 -5.79
C GLY A 51 -1.89 -1.22 -4.88
N LEU A 52 -2.44 -2.43 -4.97
CA LEU A 52 -3.55 -2.80 -4.12
C LEU A 52 -3.01 -3.61 -2.97
N PHE A 53 -3.31 -3.16 -1.76
CA PHE A 53 -2.84 -3.85 -0.56
C PHE A 53 -3.92 -4.81 -0.06
N PHE A 54 -3.69 -6.12 -0.23
CA PHE A 54 -4.63 -7.15 0.22
C PHE A 54 -4.16 -7.64 1.60
N THR A 55 -5.02 -7.50 2.62
CA THR A 55 -4.61 -7.94 3.96
C THR A 55 -5.75 -8.29 4.92
N GLY A 56 -5.34 -8.58 6.16
CA GLY A 56 -6.24 -8.87 7.27
C GLY A 56 -5.74 -8.01 8.42
N SER A 57 -6.26 -6.80 8.50
CA SER A 57 -5.80 -5.82 9.48
C SER A 57 -5.87 -6.26 10.93
N ASP A 58 -6.87 -7.06 11.31
CA ASP A 58 -7.02 -7.46 12.71
C ASP A 58 -6.56 -8.89 13.02
N TRP A 59 -6.13 -9.67 12.03
CA TRP A 59 -5.75 -11.06 12.32
C TRP A 59 -4.46 -11.53 11.66
N CYS A 60 -4.00 -10.86 10.62
CA CYS A 60 -2.76 -11.26 9.95
C CYS A 60 -1.58 -10.46 10.49
N MET A 61 -0.75 -11.13 11.28
CA MET A 61 0.41 -10.47 11.88
C MET A 61 1.47 -10.10 10.86
N TRP A 62 1.72 -10.98 9.90
CA TRP A 62 2.71 -10.73 8.88
C TRP A 62 2.31 -9.50 8.08
N CYS A 63 1.02 -9.30 7.98
CA CYS A 63 0.49 -8.16 7.26
C CYS A 63 0.79 -6.89 8.02
N ILE A 64 0.64 -6.95 9.34
CA ILE A 64 0.92 -5.80 10.16
C ILE A 64 2.37 -5.43 10.01
N LYS A 65 3.23 -6.46 10.00
CA LYS A 65 4.66 -6.22 9.87
C LYS A 65 4.95 -5.53 8.54
N MET A 66 4.31 -5.99 7.47
CA MET A 66 4.54 -5.38 6.17
C MET A 66 4.11 -3.92 6.20
N GLN A 67 2.95 -3.67 6.81
CA GLN A 67 2.43 -2.32 6.91
C GLN A 67 3.34 -1.46 7.76
N ASP A 68 3.68 -1.97 8.93
CA ASP A 68 4.50 -1.21 9.85
C ASP A 68 5.94 -1.03 9.36
N GLN A 69 6.52 -2.04 8.74
CA GLN A 69 7.91 -1.94 8.31
C GLN A 69 8.12 -1.42 6.89
N ILE A 70 7.15 -1.62 5.99
CA ILE A 70 7.37 -1.19 4.59
C ILE A 70 6.43 -0.09 4.13
N LEU A 71 5.13 -0.29 4.22
CA LEU A 71 4.22 0.75 3.75
C LEU A 71 4.41 2.05 4.51
N GLN A 72 4.64 1.96 5.82
CA GLN A 72 4.79 3.14 6.67
C GLN A 72 6.23 3.63 6.76
N SER A 73 7.15 3.01 6.01
CA SER A 73 8.55 3.43 6.06
C SER A 73 8.79 4.66 5.18
N SER A 74 9.79 5.46 5.53
CA SER A 74 10.08 6.69 4.81
C SER A 74 10.39 6.46 3.33
N GLU A 75 11.22 5.46 3.03
CA GLU A 75 11.58 5.20 1.63
C GLU A 75 10.37 4.81 0.81
N PHE A 76 9.53 3.95 1.36
CA PHE A 76 8.33 3.50 0.68
C PHE A 76 7.39 4.68 0.44
N LYS A 77 7.21 5.50 1.47
CA LYS A 77 6.32 6.65 1.36
C LYS A 77 6.78 7.58 0.25
N HIS A 78 8.07 7.84 0.21
CA HIS A 78 8.61 8.73 -0.78
C HIS A 78 8.45 8.14 -2.16
N PHE A 79 8.81 6.87 -2.32
CA PHE A 79 8.71 6.22 -3.60
C PHE A 79 7.27 6.18 -4.09
N ALA A 80 6.38 5.71 -3.21
CA ALA A 80 4.98 5.58 -3.54
C ALA A 80 4.27 6.91 -3.74
N GLY A 81 4.62 7.91 -2.96
CA GLY A 81 3.98 9.21 -3.08
C GLY A 81 4.28 9.83 -4.43
N VAL A 82 5.50 9.61 -4.90
CA VAL A 82 5.93 10.17 -6.15
C VAL A 82 5.56 9.31 -7.36
N HIS A 83 5.75 7.99 -7.26
CA HIS A 83 5.51 7.11 -8.41
C HIS A 83 4.27 6.22 -8.37
N LEU A 84 3.49 6.16 -7.27
CA LEU A 84 2.35 5.22 -7.28
C LEU A 84 1.05 5.73 -6.66
N HIS A 85 -0.01 4.98 -6.91
CA HIS A 85 -1.30 5.23 -6.31
C HIS A 85 -1.58 4.02 -5.41
N MET A 86 -1.87 4.26 -4.14
CA MET A 86 -2.10 3.14 -3.23
C MET A 86 -3.57 2.95 -2.91
N VAL A 87 -4.01 1.70 -2.98
CA VAL A 87 -5.38 1.35 -2.67
C VAL A 87 -5.37 0.32 -1.55
N GLU A 88 -6.19 0.56 -0.53
CA GLU A 88 -6.24 -0.35 0.60
C GLU A 88 -7.42 -1.30 0.46
N VAL A 89 -7.12 -2.60 0.56
CA VAL A 89 -8.15 -3.62 0.46
C VAL A 89 -8.00 -4.57 1.64
N ASP A 90 -8.78 -4.32 2.68
CA ASP A 90 -8.64 -5.09 3.92
C ASP A 90 -9.76 -6.08 4.20
N PHE A 91 -9.41 -7.19 4.86
CA PHE A 91 -10.40 -8.19 5.23
C PHE A 91 -10.28 -8.46 6.74
N PRO A 92 -10.78 -7.55 7.54
CA PRO A 92 -10.71 -7.67 9.03
C PRO A 92 -11.70 -8.68 9.63
N GLN A 93 -11.45 -9.08 10.87
CA GLN A 93 -12.35 -10.01 11.55
C GLN A 93 -13.63 -9.27 11.94
N LYS A 94 -13.46 -8.03 12.40
CA LYS A 94 -14.59 -7.20 12.76
C LYS A 94 -14.79 -6.18 11.64
N ASN A 95 -15.70 -6.51 10.76
CA ASN A 95 -15.99 -5.67 9.59
C ASN A 95 -17.18 -4.73 9.81
N HIS A 96 -16.97 -3.49 10.23
CA HIS A 96 -18.09 -2.56 10.40
C HIS A 96 -18.21 -1.69 9.14
N GLN A 97 -17.82 -2.23 7.98
CA GLN A 97 -17.92 -1.48 6.72
C GLN A 97 -19.29 -1.72 6.06
N PRO A 98 -19.69 -0.86 5.16
CA PRO A 98 -21.00 -0.99 4.44
C PRO A 98 -21.03 -2.13 3.43
N GLU A 99 -22.23 -2.61 3.11
CA GLU A 99 -22.39 -3.73 2.19
C GLU A 99 -21.69 -3.47 0.86
N GLU A 100 -21.85 -2.29 0.29
CA GLU A 100 -21.23 -1.99 -1.01
C GLU A 100 -19.72 -2.18 -0.99
N GLN A 101 -19.08 -1.77 0.10
CA GLN A 101 -17.62 -1.90 0.21
C GLN A 101 -17.24 -3.37 0.35
N ARG A 102 -18.04 -4.12 1.10
CA ARG A 102 -17.75 -5.54 1.29
C ARG A 102 -17.85 -6.29 -0.04
N GLN A 103 -18.87 -5.98 -0.82
CA GLN A 103 -19.08 -6.63 -2.12
C GLN A 103 -17.91 -6.33 -3.05
N LYS A 104 -17.54 -5.07 -3.12
CA LYS A 104 -16.45 -4.63 -3.98
C LYS A 104 -15.14 -5.30 -3.58
N ASN A 105 -14.85 -5.28 -2.28
CA ASN A 105 -13.61 -5.86 -1.79
C ASN A 105 -13.54 -7.34 -2.15
N GLN A 106 -14.67 -8.04 -2.05
CA GLN A 106 -14.70 -9.46 -2.39
C GLN A 106 -14.46 -9.65 -3.88
N GLU A 107 -15.04 -8.77 -4.69
CA GLU A 107 -14.89 -8.86 -6.13
C GLU A 107 -13.42 -8.72 -6.52
N LEU A 108 -12.74 -7.74 -5.92
CA LEU A 108 -11.33 -7.51 -6.19
C LEU A 108 -10.47 -8.68 -5.72
N LYS A 109 -10.83 -9.23 -4.58
CA LYS A 109 -10.09 -10.35 -4.04
C LYS A 109 -10.16 -11.51 -5.00
N ALA A 110 -11.32 -11.70 -5.60
CA ALA A 110 -11.50 -12.77 -6.56
C ALA A 110 -10.91 -12.41 -7.91
N GLN A 111 -11.08 -11.15 -8.33
CA GLN A 111 -10.61 -10.71 -9.62
C GLN A 111 -9.09 -10.77 -9.69
N TYR A 112 -8.44 -10.37 -8.62
CA TYR A 112 -6.99 -10.33 -8.58
C TYR A 112 -6.41 -11.67 -8.13
N LYS A 113 -7.33 -12.65 -8.02
CA LYS A 113 -6.92 -13.99 -7.63
C LYS A 113 -6.06 -13.95 -6.39
N VAL A 114 -6.51 -13.18 -5.41
CA VAL A 114 -5.74 -13.06 -4.18
C VAL A 114 -6.15 -14.14 -3.19
N THR A 115 -5.17 -14.93 -2.74
CA THR A 115 -5.43 -16.01 -1.80
C THR A 115 -4.68 -15.79 -0.50
N GLY A 116 -3.39 -15.48 -0.63
CA GLY A 116 -2.54 -15.26 0.54
C GLY A 116 -2.22 -13.78 0.75
N PHE A 117 -2.07 -13.42 2.02
CA PHE A 117 -1.73 -12.05 2.40
C PHE A 117 -0.51 -12.06 3.32
N PRO A 118 0.25 -10.98 3.38
CA PRO A 118 -0.01 -9.74 2.58
C PRO A 118 0.47 -9.87 1.14
N GLU A 119 -0.29 -9.29 0.22
CA GLU A 119 0.09 -9.32 -1.17
C GLU A 119 -0.13 -7.95 -1.81
N LEU A 120 0.90 -7.42 -2.44
CA LEU A 120 0.83 -6.13 -3.10
C LEU A 120 0.92 -6.37 -4.59
N VAL A 121 -0.10 -5.94 -5.31
CA VAL A 121 -0.16 -6.15 -6.75
C VAL A 121 -0.10 -4.84 -7.52
N PHE A 122 0.80 -4.76 -8.49
CA PHE A 122 0.96 -3.57 -9.29
C PHE A 122 0.26 -3.73 -10.63
N ILE A 123 -0.61 -2.78 -10.95
CA ILE A 123 -1.34 -2.84 -12.21
C ILE A 123 -1.35 -1.49 -12.90
N ASP A 124 -1.66 -1.54 -14.20
CA ASP A 124 -1.79 -0.35 -15.00
C ASP A 124 -3.24 0.09 -14.94
N ALA A 125 -3.54 1.18 -15.61
CA ALA A 125 -4.89 1.74 -15.62
C ALA A 125 -5.88 0.85 -16.38
N GLU A 126 -5.37 -0.14 -17.11
CA GLU A 126 -6.25 -1.04 -17.84
C GLU A 126 -6.47 -2.33 -17.04
N GLY A 127 -5.89 -2.39 -15.84
CA GLY A 127 -6.08 -3.56 -14.99
C GLY A 127 -5.06 -4.64 -15.31
N LYS A 128 -4.02 -4.31 -16.06
CA LYS A 128 -3.01 -5.31 -16.40
C LYS A 128 -2.03 -5.45 -15.26
N GLN A 129 -1.56 -6.67 -15.04
CA GLN A 129 -0.63 -6.94 -13.96
C GLN A 129 0.81 -6.61 -14.34
N LEU A 130 1.40 -5.71 -13.55
CA LEU A 130 2.78 -5.26 -13.76
C LEU A 130 3.75 -6.10 -12.95
N ALA A 131 3.34 -6.41 -11.73
CA ALA A 131 4.16 -7.18 -10.80
C ALA A 131 3.42 -7.41 -9.50
N ARG A 132 3.92 -8.32 -8.67
CA ARG A 132 3.29 -8.58 -7.38
C ARG A 132 4.33 -8.99 -6.34
N MET A 133 4.11 -8.57 -5.10
CA MET A 133 5.02 -8.93 -4.01
C MET A 133 4.26 -9.12 -2.70
N GLY A 134 4.89 -9.84 -1.78
CA GLY A 134 4.28 -10.11 -0.47
C GLY A 134 5.18 -9.60 0.64
N PHE A 135 5.22 -10.33 1.75
CA PHE A 135 6.07 -9.95 2.86
C PHE A 135 7.49 -10.42 2.56
N GLU A 136 8.44 -9.51 2.66
CA GLU A 136 9.83 -9.85 2.38
C GLU A 136 10.75 -9.06 3.30
N PRO A 137 11.51 -9.69 4.17
CA PRO A 137 12.43 -8.94 5.06
C PRO A 137 13.39 -8.08 4.25
N GLY A 138 13.96 -7.09 4.92
CA GLY A 138 14.89 -6.18 4.26
C GLY A 138 14.50 -4.74 4.53
N GLY A 139 13.26 -4.48 4.87
CA GLY A 139 12.85 -3.12 5.15
C GLY A 139 12.32 -2.39 3.92
N GLY A 140 11.92 -1.14 4.15
CA GLY A 140 11.31 -0.33 3.10
C GLY A 140 12.25 0.00 1.95
N ALA A 141 13.49 0.35 2.24
CA ALA A 141 14.44 0.71 1.21
C ALA A 141 14.62 -0.46 0.24
N ALA A 142 14.84 -1.63 0.79
CA ALA A 142 15.05 -2.81 -0.02
C ALA A 142 13.81 -3.16 -0.86
N TYR A 143 12.63 -3.01 -0.27
CA TYR A 143 11.38 -3.33 -0.95
C TYR A 143 11.17 -2.45 -2.17
N VAL A 144 11.44 -1.15 -2.03
CA VAL A 144 11.24 -0.25 -3.15
C VAL A 144 12.20 -0.58 -4.29
N SER A 145 13.41 -1.00 -3.98
CA SER A 145 14.34 -1.32 -5.05
C SER A 145 13.77 -2.43 -5.92
N LYS A 146 13.17 -3.42 -5.25
CA LYS A 146 12.59 -4.58 -5.94
C LYS A 146 11.40 -4.20 -6.85
N VAL A 147 10.55 -3.32 -6.36
CA VAL A 147 9.39 -2.92 -7.15
C VAL A 147 9.85 -2.17 -8.40
N LYS A 148 10.89 -1.35 -8.24
CA LYS A 148 11.42 -0.58 -9.34
C LYS A 148 11.89 -1.49 -10.48
N SER A 149 12.61 -2.55 -10.12
CA SER A 149 13.13 -3.48 -11.10
C SER A 149 12.00 -4.23 -11.79
N ALA A 150 11.02 -4.62 -10.99
CA ALA A 150 9.88 -5.37 -11.50
C ALA A 150 9.07 -4.55 -12.49
N LEU A 151 8.92 -3.27 -12.21
CA LEU A 151 8.13 -2.41 -13.07
C LEU A 151 8.96 -1.71 -14.15
N LYS A 152 10.27 -1.94 -14.18
CA LYS A 152 11.13 -1.32 -15.20
C LYS A 152 11.11 0.20 -15.08
N LEU A 153 11.30 0.71 -13.85
CA LEU A 153 11.33 2.14 -13.61
C LEU A 153 12.79 2.60 -13.56
N ARG A 154 13.14 3.53 -14.45
CA ARG A 154 14.50 4.06 -14.51
C ARG A 154 14.82 4.86 -13.26
N ALA A 11 28.44 -11.33 18.04
CA ALA A 11 28.14 -11.08 19.44
C ALA A 11 26.80 -10.37 19.57
N ARG A 12 26.06 -10.72 20.61
CA ARG A 12 24.76 -10.09 20.85
C ARG A 12 24.94 -8.80 21.63
N ARG A 13 24.19 -7.77 21.27
CA ARG A 13 24.30 -6.48 21.95
C ARG A 13 23.23 -6.33 23.03
N ARG A 14 23.60 -5.63 24.10
CA ARG A 14 22.68 -5.40 25.21
C ARG A 14 22.68 -3.93 25.59
N ALA A 15 21.50 -3.41 25.92
CA ALA A 15 21.39 -2.00 26.31
C ALA A 15 20.13 -1.77 27.15
N SER A 16 20.20 -0.75 28.00
CA SER A 16 19.08 -0.42 28.87
C SER A 16 17.85 -0.01 28.07
N GLY A 17 18.07 0.75 27.00
CA GLY A 17 16.95 1.21 26.17
C GLY A 17 16.34 2.48 26.76
N GLU A 18 15.53 3.17 25.96
CA GLU A 18 14.88 4.39 26.42
C GLU A 18 13.94 4.10 27.59
N ASN A 19 13.97 4.97 28.61
CA ASN A 19 13.11 4.78 29.78
C ASN A 19 11.64 4.90 29.38
N LEU A 20 11.34 5.85 28.51
CA LEU A 20 9.97 6.06 28.04
C LEU A 20 9.94 5.91 26.52
N GLN A 21 8.86 5.31 26.00
CA GLN A 21 8.75 5.13 24.56
C GLN A 21 8.67 6.49 23.86
N GLN A 22 9.45 6.67 22.81
CA GLN A 22 9.45 7.92 22.08
C GLN A 22 8.14 8.08 21.32
N THR A 23 7.47 9.21 21.55
CA THR A 23 6.20 9.47 20.89
C THR A 23 6.44 9.94 19.46
N ARG A 24 5.39 9.90 18.64
CA ARG A 24 5.51 10.31 17.24
C ARG A 24 4.27 11.11 16.81
N PRO A 25 3.99 12.19 17.48
CA PRO A 25 2.83 13.07 17.16
C PRO A 25 3.04 13.80 15.83
N ILE A 26 4.28 13.79 15.37
CA ILE A 26 4.64 14.45 14.13
C ILE A 26 5.41 13.49 13.23
N ALA A 27 5.07 13.46 11.94
CA ALA A 27 5.74 12.57 10.99
C ALA A 27 6.28 13.36 9.79
N ALA A 28 7.44 12.95 9.30
CA ALA A 28 8.06 13.62 8.16
C ALA A 28 7.21 13.47 6.90
N ALA A 29 6.60 12.31 6.74
CA ALA A 29 5.76 12.05 5.57
C ALA A 29 4.76 10.94 5.85
N ASN A 30 3.56 11.06 5.26
CA ASN A 30 2.51 10.06 5.45
C ASN A 30 1.93 9.64 4.11
N LEU A 31 1.54 8.38 4.01
CA LEU A 31 0.98 7.86 2.77
C LEU A 31 -0.47 8.33 2.62
N GLN A 32 -0.79 8.69 1.39
CA GLN A 32 -2.12 9.15 1.05
C GLN A 32 -2.92 8.03 0.43
N TRP A 33 -3.86 7.49 1.18
CA TRP A 33 -4.69 6.41 0.67
C TRP A 33 -5.75 6.97 -0.26
N GLU A 34 -5.94 6.28 -1.37
CA GLU A 34 -6.95 6.66 -2.36
C GLU A 34 -7.89 5.47 -2.57
N SER A 35 -9.05 5.73 -3.18
CA SER A 35 -9.99 4.66 -3.42
C SER A 35 -9.59 3.91 -4.68
N TYR A 36 -10.05 2.68 -4.80
CA TYR A 36 -9.73 1.87 -5.95
C TYR A 36 -10.22 2.55 -7.21
N ALA A 37 -11.43 3.10 -7.11
CA ALA A 37 -12.05 3.78 -8.23
C ALA A 37 -11.29 5.06 -8.54
N GLU A 38 -10.87 5.72 -7.49
CA GLU A 38 -10.16 6.98 -7.63
C GLU A 38 -8.79 6.75 -8.25
N ALA A 39 -8.16 5.66 -7.89
CA ALA A 39 -6.84 5.32 -8.42
C ALA A 39 -6.84 5.16 -9.92
N LEU A 40 -7.82 4.44 -10.42
CA LEU A 40 -7.88 4.16 -11.84
C LEU A 40 -8.07 5.43 -12.65
N GLU A 41 -8.92 6.33 -12.18
CA GLU A 41 -9.15 7.54 -12.94
C GLU A 41 -7.87 8.33 -13.05
N HIS A 42 -7.11 8.34 -11.97
CA HIS A 42 -5.86 9.06 -11.99
C HIS A 42 -4.88 8.38 -12.95
N SER A 43 -4.78 7.05 -12.86
CA SER A 43 -3.87 6.29 -13.71
C SER A 43 -4.23 6.39 -15.18
N LYS A 44 -5.51 6.43 -15.49
CA LYS A 44 -5.92 6.55 -16.88
C LYS A 44 -5.32 7.82 -17.43
N GLN A 45 -5.18 8.80 -16.54
CA GLN A 45 -4.67 10.10 -16.93
C GLN A 45 -3.19 10.23 -16.67
N ASP A 46 -2.75 9.74 -15.53
CA ASP A 46 -1.34 9.85 -15.13
C ASP A 46 -0.52 8.59 -15.46
N HIS A 47 -1.18 7.44 -15.64
CA HIS A 47 -0.50 6.20 -15.99
C HIS A 47 0.28 5.59 -14.83
N LYS A 48 0.02 6.04 -13.61
CA LYS A 48 0.74 5.53 -12.44
C LYS A 48 0.22 4.14 -12.02
N PRO A 49 1.08 3.14 -11.84
CA PRO A 49 0.63 1.79 -11.40
C PRO A 49 -0.12 1.84 -10.06
N ILE A 50 -1.03 0.88 -9.86
CA ILE A 50 -1.82 0.84 -8.62
C ILE A 50 -1.42 -0.34 -7.76
N GLY A 51 -1.21 -0.10 -6.47
CA GLY A 51 -0.87 -1.18 -5.54
C GLY A 51 -2.07 -1.47 -4.64
N LEU A 52 -2.60 -2.69 -4.75
CA LEU A 52 -3.72 -3.10 -3.90
C LEU A 52 -3.17 -3.86 -2.71
N PHE A 53 -3.44 -3.36 -1.51
CA PHE A 53 -2.93 -4.01 -0.31
C PHE A 53 -3.98 -4.95 0.26
N PHE A 54 -3.77 -6.27 0.12
CA PHE A 54 -4.69 -7.28 0.65
C PHE A 54 -4.18 -7.75 2.01
N THR A 55 -5.01 -7.62 3.04
CA THR A 55 -4.58 -8.03 4.39
C THR A 55 -5.72 -8.40 5.34
N GLY A 56 -5.33 -8.70 6.58
CA GLY A 56 -6.24 -9.00 7.67
C GLY A 56 -5.78 -8.14 8.84
N SER A 57 -6.31 -6.93 8.90
CA SER A 57 -5.91 -5.94 9.89
C SER A 57 -6.03 -6.39 11.35
N ASP A 58 -7.04 -7.19 11.68
CA ASP A 58 -7.25 -7.58 13.08
C ASP A 58 -6.81 -9.01 13.42
N TRP A 59 -6.40 -9.83 12.43
CA TRP A 59 -6.04 -11.22 12.75
C TRP A 59 -4.72 -11.70 12.17
N CYS A 60 -4.22 -11.06 11.11
CA CYS A 60 -2.95 -11.47 10.54
C CYS A 60 -1.83 -10.56 11.06
N MET A 61 -0.64 -11.13 11.26
CA MET A 61 0.48 -10.35 11.81
C MET A 61 1.52 -9.98 10.74
N TRP A 62 1.75 -10.86 9.77
CA TRP A 62 2.72 -10.57 8.73
C TRP A 62 2.30 -9.31 7.99
N CYS A 63 0.99 -9.08 7.96
CA CYS A 63 0.46 -7.91 7.28
C CYS A 63 0.86 -6.66 8.03
N ILE A 64 0.77 -6.73 9.35
CA ILE A 64 1.14 -5.60 10.17
C ILE A 64 2.60 -5.31 9.95
N LYS A 65 3.42 -6.36 9.95
CA LYS A 65 4.86 -6.21 9.78
C LYS A 65 5.18 -5.58 8.44
N MET A 66 4.57 -6.09 7.36
CA MET A 66 4.82 -5.55 6.04
C MET A 66 4.39 -4.11 6.04
N GLN A 67 3.21 -3.89 6.59
CA GLN A 67 2.63 -2.58 6.66
C GLN A 67 3.46 -1.67 7.57
N ASP A 68 3.79 -2.16 8.75
CA ASP A 68 4.56 -1.34 9.69
C ASP A 68 6.00 -1.13 9.22
N GLN A 69 6.60 -2.15 8.62
CA GLN A 69 7.99 -2.03 8.22
C GLN A 69 8.20 -1.47 6.81
N ILE A 70 7.26 -1.64 5.88
CA ILE A 70 7.47 -1.15 4.51
C ILE A 70 6.50 -0.05 4.11
N LEU A 71 5.20 -0.26 4.22
CA LEU A 71 4.24 0.75 3.80
C LEU A 71 4.40 2.04 4.59
N GLN A 72 4.63 1.93 5.89
CA GLN A 72 4.77 3.11 6.75
C GLN A 72 6.22 3.60 6.80
N SER A 73 7.11 2.97 6.03
CA SER A 73 8.52 3.36 6.03
C SER A 73 8.74 4.59 5.16
N SER A 74 9.76 5.39 5.49
CA SER A 74 10.03 6.63 4.75
C SER A 74 10.32 6.41 3.27
N GLU A 75 11.13 5.41 2.94
CA GLU A 75 11.47 5.15 1.55
C GLU A 75 10.24 4.78 0.74
N PHE A 76 9.38 3.93 1.31
CA PHE A 76 8.17 3.51 0.64
C PHE A 76 7.22 4.68 0.41
N LYS A 77 7.04 5.50 1.45
CA LYS A 77 6.15 6.64 1.34
C LYS A 77 6.60 7.56 0.23
N HIS A 78 7.90 7.82 0.18
CA HIS A 78 8.44 8.71 -0.81
C HIS A 78 8.27 8.14 -2.20
N PHE A 79 8.64 6.87 -2.37
CA PHE A 79 8.54 6.22 -3.66
C PHE A 79 7.10 6.17 -4.14
N ALA A 80 6.21 5.69 -3.29
CA ALA A 80 4.81 5.53 -3.64
C ALA A 80 4.09 6.86 -3.83
N GLY A 81 4.42 7.86 -3.03
CA GLY A 81 3.77 9.15 -3.14
C GLY A 81 4.05 9.75 -4.50
N VAL A 82 5.26 9.52 -4.99
CA VAL A 82 5.66 10.07 -6.26
C VAL A 82 5.27 9.18 -7.45
N HIS A 83 5.46 7.86 -7.34
CA HIS A 83 5.21 6.98 -8.48
C HIS A 83 3.98 6.07 -8.40
N LEU A 84 3.24 6.02 -7.28
CA LEU A 84 2.12 5.07 -7.24
C LEU A 84 0.84 5.58 -6.59
N HIS A 85 -0.22 4.82 -6.81
CA HIS A 85 -1.50 5.09 -6.17
C HIS A 85 -1.75 3.89 -5.25
N MET A 86 -2.01 4.12 -3.97
CA MET A 86 -2.22 3.01 -3.05
C MET A 86 -3.70 2.84 -2.72
N VAL A 87 -4.13 1.58 -2.67
CA VAL A 87 -5.51 1.27 -2.36
C VAL A 87 -5.50 0.24 -1.22
N GLU A 88 -6.30 0.49 -0.20
CA GLU A 88 -6.35 -0.42 0.93
C GLU A 88 -7.51 -1.38 0.77
N VAL A 89 -7.21 -2.66 0.82
CA VAL A 89 -8.23 -3.69 0.68
C VAL A 89 -8.09 -4.67 1.85
N ASP A 90 -8.87 -4.44 2.89
CA ASP A 90 -8.73 -5.23 4.12
C ASP A 90 -9.85 -6.22 4.38
N PHE A 91 -9.52 -7.31 5.07
CA PHE A 91 -10.51 -8.31 5.42
C PHE A 91 -10.47 -8.53 6.95
N PRO A 92 -10.96 -7.58 7.71
CA PRO A 92 -10.94 -7.65 9.20
C PRO A 92 -11.92 -8.65 9.79
N GLN A 93 -11.66 -9.07 11.03
CA GLN A 93 -12.56 -10.00 11.71
C GLN A 93 -13.84 -9.27 12.09
N LYS A 94 -13.69 -8.05 12.57
CA LYS A 94 -14.83 -7.22 12.89
C LYS A 94 -15.03 -6.23 11.75
N ASN A 95 -15.94 -6.60 10.89
CA ASN A 95 -16.26 -5.81 9.69
C ASN A 95 -17.22 -4.66 9.96
N HIS A 96 -16.80 -3.49 9.47
CA HIS A 96 -17.60 -2.28 9.64
C HIS A 96 -17.66 -1.48 8.33
N GLN A 97 -17.22 -2.08 7.23
CA GLN A 97 -17.25 -1.40 5.95
C GLN A 97 -18.65 -1.52 5.33
N PRO A 98 -19.08 -0.56 4.55
CA PRO A 98 -20.44 -0.61 3.92
C PRO A 98 -20.56 -1.75 2.91
N GLU A 99 -21.78 -2.21 2.69
CA GLU A 99 -22.03 -3.33 1.79
C GLU A 99 -21.38 -3.13 0.42
N GLU A 100 -21.52 -1.96 -0.18
CA GLU A 100 -20.96 -1.74 -1.51
C GLU A 100 -19.44 -1.92 -1.52
N GLN A 101 -18.78 -1.48 -0.46
CA GLN A 101 -17.32 -1.62 -0.38
C GLN A 101 -16.95 -3.09 -0.22
N ARG A 102 -17.72 -3.82 0.56
CA ARG A 102 -17.44 -5.24 0.79
C ARG A 102 -17.62 -6.05 -0.50
N GLN A 103 -18.67 -5.77 -1.26
CA GLN A 103 -18.91 -6.51 -2.49
C GLN A 103 -17.79 -6.29 -3.48
N LYS A 104 -17.39 -5.05 -3.62
CA LYS A 104 -16.31 -4.69 -4.53
C LYS A 104 -15.01 -5.37 -4.13
N ASN A 105 -14.70 -5.32 -2.84
CA ASN A 105 -13.48 -5.94 -2.33
C ASN A 105 -13.45 -7.43 -2.61
N GLN A 106 -14.59 -8.12 -2.44
CA GLN A 106 -14.64 -9.54 -2.70
C GLN A 106 -14.41 -9.81 -4.17
N GLU A 107 -14.97 -8.94 -5.01
CA GLU A 107 -14.80 -9.10 -6.45
C GLU A 107 -13.34 -8.92 -6.84
N LEU A 108 -12.70 -7.92 -6.24
CA LEU A 108 -11.30 -7.61 -6.50
C LEU A 108 -10.40 -8.75 -6.02
N LYS A 109 -10.72 -9.30 -4.86
CA LYS A 109 -9.93 -10.38 -4.30
C LYS A 109 -9.90 -11.54 -5.26
N ALA A 110 -11.02 -11.76 -5.93
CA ALA A 110 -11.10 -12.85 -6.88
C ALA A 110 -10.49 -12.47 -8.22
N GLN A 111 -10.65 -11.23 -8.62
CA GLN A 111 -10.14 -10.78 -9.89
C GLN A 111 -8.65 -10.99 -10.04
N TYR A 112 -7.88 -10.61 -9.02
CA TYR A 112 -6.44 -10.77 -9.08
C TYR A 112 -5.98 -12.06 -8.43
N LYS A 113 -6.93 -12.96 -8.17
CA LYS A 113 -6.65 -14.25 -7.59
C LYS A 113 -5.78 -14.12 -6.35
N VAL A 114 -6.24 -13.30 -5.41
CA VAL A 114 -5.48 -13.12 -4.19
C VAL A 114 -5.93 -14.14 -3.16
N THR A 115 -4.96 -14.89 -2.61
CA THR A 115 -5.27 -15.92 -1.63
C THR A 115 -4.55 -15.68 -0.32
N GLY A 116 -3.26 -15.43 -0.41
CA GLY A 116 -2.45 -15.21 0.78
C GLY A 116 -2.17 -13.72 1.01
N PHE A 117 -2.03 -13.35 2.27
CA PHE A 117 -1.75 -11.97 2.66
C PHE A 117 -0.51 -11.93 3.57
N PRO A 118 0.24 -10.85 3.58
CA PRO A 118 -0.01 -9.65 2.72
C PRO A 118 0.44 -9.85 1.29
N GLU A 119 -0.33 -9.32 0.36
CA GLU A 119 0.01 -9.42 -1.05
C GLU A 119 -0.19 -8.07 -1.70
N LEU A 120 0.84 -7.57 -2.35
CA LEU A 120 0.77 -6.28 -3.02
C LEU A 120 0.89 -6.53 -4.52
N VAL A 121 -0.13 -6.12 -5.24
CA VAL A 121 -0.19 -6.34 -6.68
C VAL A 121 -0.15 -5.03 -7.44
N PHE A 122 0.72 -4.96 -8.42
CA PHE A 122 0.86 -3.76 -9.22
C PHE A 122 0.09 -3.91 -10.53
N ILE A 123 -0.82 -2.96 -10.77
CA ILE A 123 -1.62 -2.96 -11.99
C ILE A 123 -1.59 -1.59 -12.64
N ASP A 124 -1.83 -1.58 -13.94
CA ASP A 124 -1.88 -0.35 -14.68
C ASP A 124 -3.33 0.11 -14.67
N ALA A 125 -3.60 1.19 -15.38
CA ALA A 125 -4.93 1.76 -15.45
C ALA A 125 -5.90 0.87 -16.24
N GLU A 126 -5.35 -0.11 -16.97
CA GLU A 126 -6.18 -1.02 -17.75
C GLU A 126 -6.38 -2.32 -16.98
N GLY A 127 -5.79 -2.39 -15.80
CA GLY A 127 -5.93 -3.58 -14.98
C GLY A 127 -4.91 -4.65 -15.32
N LYS A 128 -3.86 -4.31 -16.08
CA LYS A 128 -2.84 -5.29 -16.42
C LYS A 128 -1.84 -5.37 -15.30
N GLN A 129 -1.48 -6.59 -14.92
CA GLN A 129 -0.53 -6.81 -13.83
C GLN A 129 0.91 -6.57 -14.27
N LEU A 130 1.61 -5.67 -13.57
CA LEU A 130 3.00 -5.39 -13.89
C LEU A 130 3.93 -6.20 -13.00
N ALA A 131 3.47 -6.51 -11.78
CA ALA A 131 4.26 -7.30 -10.83
C ALA A 131 3.47 -7.53 -9.55
N ARG A 132 3.96 -8.44 -8.71
CA ARG A 132 3.30 -8.73 -7.44
C ARG A 132 4.32 -9.15 -6.40
N MET A 133 4.09 -8.72 -5.16
CA MET A 133 5.00 -9.06 -4.08
C MET A 133 4.25 -9.26 -2.76
N GLY A 134 4.87 -9.99 -1.86
CA GLY A 134 4.29 -10.27 -0.55
C GLY A 134 5.21 -9.73 0.54
N PHE A 135 5.25 -10.41 1.67
CA PHE A 135 6.15 -9.97 2.74
C PHE A 135 7.56 -10.42 2.39
N GLU A 136 8.52 -9.51 2.48
CA GLU A 136 9.90 -9.82 2.15
C GLU A 136 10.85 -9.04 3.07
N PRO A 137 11.59 -9.70 3.94
CA PRO A 137 12.54 -8.98 4.84
C PRO A 137 13.51 -8.08 4.05
N GLY A 138 14.05 -7.08 4.74
CA GLY A 138 14.99 -6.16 4.11
C GLY A 138 14.62 -4.71 4.37
N GLY A 139 13.36 -4.42 4.71
CA GLY A 139 12.99 -3.05 5.01
C GLY A 139 12.43 -2.28 3.80
N GLY A 140 12.04 -1.04 4.06
CA GLY A 140 11.40 -0.20 3.05
C GLY A 140 12.29 0.15 1.86
N ALA A 141 13.54 0.49 2.11
CA ALA A 141 14.45 0.85 1.02
C ALA A 141 14.61 -0.32 0.08
N ALA A 142 14.83 -1.49 0.64
CA ALA A 142 15.04 -2.68 -0.16
C ALA A 142 13.79 -3.06 -0.96
N TYR A 143 12.61 -2.91 -0.36
CA TYR A 143 11.35 -3.26 -1.03
C TYR A 143 11.12 -2.41 -2.27
N VAL A 144 11.40 -1.12 -2.15
CA VAL A 144 11.19 -0.24 -3.29
C VAL A 144 12.13 -0.57 -4.43
N SER A 145 13.35 -0.99 -4.14
CA SER A 145 14.27 -1.34 -5.21
C SER A 145 13.67 -2.45 -6.05
N LYS A 146 13.10 -3.42 -5.37
CA LYS A 146 12.51 -4.59 -6.01
C LYS A 146 11.29 -4.23 -6.88
N VAL A 147 10.44 -3.34 -6.40
CA VAL A 147 9.25 -2.96 -7.16
C VAL A 147 9.66 -2.20 -8.43
N LYS A 148 10.68 -1.37 -8.31
CA LYS A 148 11.15 -0.58 -9.45
C LYS A 148 11.60 -1.50 -10.57
N SER A 149 12.33 -2.55 -10.21
CA SER A 149 12.82 -3.50 -11.19
C SER A 149 11.65 -4.24 -11.83
N ALA A 150 10.67 -4.61 -11.01
CA ALA A 150 9.52 -5.34 -11.48
C ALA A 150 8.65 -4.51 -12.42
N LEU A 151 8.48 -3.23 -12.10
CA LEU A 151 7.64 -2.36 -12.92
C LEU A 151 8.44 -1.68 -14.04
N LYS A 152 9.76 -1.90 -14.08
CA LYS A 152 10.60 -1.29 -15.10
C LYS A 152 10.59 0.24 -15.00
N LEU A 153 10.78 0.73 -13.79
CA LEU A 153 10.83 2.17 -13.55
C LEU A 153 12.29 2.60 -13.52
N ARG A 154 12.66 3.52 -14.42
CA ARG A 154 14.03 4.00 -14.48
C ARG A 154 14.18 5.31 -13.70
N ALA A 11 -2.12 33.26 25.56
CA ALA A 11 -1.16 33.53 24.49
C ALA A 11 -0.04 34.43 25.00
N ARG A 12 1.13 34.28 24.40
CA ARG A 12 2.30 35.08 24.78
C ARG A 12 2.85 35.80 23.56
N ARG A 13 3.45 36.96 23.78
CA ARG A 13 3.99 37.74 22.68
C ARG A 13 5.10 36.97 21.98
N ARG A 14 5.98 36.33 22.76
CA ARG A 14 7.07 35.57 22.19
C ARG A 14 6.64 34.13 21.93
N ALA A 15 7.05 33.58 20.79
CA ALA A 15 6.70 32.22 20.44
C ALA A 15 7.24 31.24 21.48
N SER A 16 6.47 30.22 21.79
CA SER A 16 6.91 29.22 22.77
C SER A 16 8.18 28.53 22.31
N GLY A 17 8.24 28.24 21.01
CA GLY A 17 9.41 27.57 20.45
C GLY A 17 10.55 28.57 20.24
N GLU A 18 11.77 28.17 20.60
CA GLU A 18 12.93 29.03 20.44
C GLU A 18 13.21 29.27 18.97
N ASN A 19 13.02 28.24 18.15
CA ASN A 19 13.25 28.34 16.72
C ASN A 19 11.92 28.46 15.97
N LEU A 20 11.92 29.27 14.91
CA LEU A 20 10.70 29.48 14.13
C LEU A 20 10.41 28.27 13.24
N GLN A 21 9.13 27.92 13.16
CA GLN A 21 8.71 26.78 12.35
C GLN A 21 7.87 27.27 11.16
N GLN A 22 8.27 26.87 9.95
CA GLN A 22 7.56 27.26 8.75
C GLN A 22 7.37 26.05 7.84
N THR A 23 6.25 26.04 7.10
CA THR A 23 5.95 24.93 6.19
C THR A 23 5.90 25.41 4.74
N ARG A 24 6.47 24.60 3.85
CA ARG A 24 6.49 24.93 2.42
C ARG A 24 5.64 23.93 1.62
N PRO A 25 5.73 22.66 1.92
CA PRO A 25 4.95 21.60 1.21
C PRO A 25 3.44 21.75 1.40
N ILE A 26 2.67 21.38 0.37
CA ILE A 26 1.22 21.47 0.45
C ILE A 26 0.67 20.48 1.48
N ALA A 27 1.23 19.27 1.49
CA ALA A 27 0.78 18.26 2.44
C ALA A 27 1.86 17.20 2.66
N ALA A 28 2.10 16.38 1.63
CA ALA A 28 3.11 15.33 1.72
C ALA A 28 3.04 14.62 3.07
N ALA A 29 4.05 13.82 3.38
CA ALA A 29 4.10 13.08 4.64
C ALA A 29 2.95 12.09 4.71
N ASN A 30 3.27 10.87 5.15
CA ASN A 30 2.27 9.82 5.29
C ASN A 30 1.69 9.45 3.94
N LEU A 31 1.30 8.19 3.81
CA LEU A 31 0.74 7.67 2.56
C LEU A 31 -0.68 8.16 2.36
N GLN A 32 -0.97 8.51 1.11
CA GLN A 32 -2.29 8.99 0.73
C GLN A 32 -3.09 7.85 0.11
N TRP A 33 -4.03 7.29 0.87
CA TRP A 33 -4.85 6.20 0.35
C TRP A 33 -5.94 6.77 -0.56
N GLU A 34 -6.14 6.08 -1.67
CA GLU A 34 -7.15 6.46 -2.65
C GLU A 34 -8.09 5.28 -2.87
N SER A 35 -9.27 5.55 -3.42
CA SER A 35 -10.22 4.49 -3.66
C SER A 35 -9.83 3.72 -4.92
N TYR A 36 -10.28 2.50 -5.01
CA TYR A 36 -9.97 1.67 -6.16
C TYR A 36 -10.42 2.36 -7.43
N ALA A 37 -11.62 2.92 -7.36
CA ALA A 37 -12.18 3.62 -8.50
C ALA A 37 -11.41 4.89 -8.77
N GLU A 38 -10.98 5.54 -7.71
CA GLU A 38 -10.24 6.77 -7.82
C GLU A 38 -8.86 6.52 -8.40
N ALA A 39 -8.24 5.42 -7.98
CA ALA A 39 -6.91 5.08 -8.46
C ALA A 39 -6.87 4.91 -9.96
N LEU A 40 -7.83 4.19 -10.48
CA LEU A 40 -7.87 3.93 -11.89
C LEU A 40 -8.09 5.21 -12.65
N GLU A 41 -8.98 6.05 -12.13
CA GLU A 41 -9.28 7.29 -12.75
C GLU A 41 -8.03 8.11 -12.92
N HIS A 42 -7.27 8.15 -11.86
CA HIS A 42 -6.05 8.91 -11.90
C HIS A 42 -5.05 8.27 -12.86
N SER A 43 -4.94 6.94 -12.81
CA SER A 43 -4.00 6.20 -13.65
C SER A 43 -4.35 6.30 -15.12
N LYS A 44 -5.65 6.35 -15.42
CA LYS A 44 -6.07 6.47 -16.79
C LYS A 44 -5.46 7.73 -17.37
N GLN A 45 -5.26 8.70 -16.49
CA GLN A 45 -4.72 10.00 -16.90
C GLN A 45 -3.25 10.13 -16.64
N ASP A 46 -2.81 9.65 -15.49
CA ASP A 46 -1.41 9.77 -15.09
C ASP A 46 -0.57 8.54 -15.44
N HIS A 47 -1.23 7.41 -15.68
CA HIS A 47 -0.55 6.17 -16.04
C HIS A 47 0.27 5.58 -14.89
N LYS A 48 0.05 6.07 -13.67
CA LYS A 48 0.81 5.59 -12.52
C LYS A 48 0.33 4.21 -12.04
N PRO A 49 1.21 3.26 -11.75
CA PRO A 49 0.79 1.92 -11.27
C PRO A 49 -0.03 1.97 -9.98
N ILE A 50 -0.94 1.02 -9.82
CA ILE A 50 -1.79 0.96 -8.64
C ILE A 50 -1.39 -0.22 -7.75
N GLY A 51 -1.18 0.03 -6.46
CA GLY A 51 -0.84 -1.03 -5.52
C GLY A 51 -2.03 -1.32 -4.63
N LEU A 52 -2.58 -2.54 -4.73
CA LEU A 52 -3.69 -2.93 -3.89
C LEU A 52 -3.15 -3.72 -2.70
N PHE A 53 -3.42 -3.21 -1.51
CA PHE A 53 -2.93 -3.87 -0.31
C PHE A 53 -3.99 -4.83 0.24
N PHE A 54 -3.77 -6.15 0.10
CA PHE A 54 -4.68 -7.17 0.60
C PHE A 54 -4.20 -7.66 1.96
N THR A 55 -5.04 -7.54 3.00
CA THR A 55 -4.63 -8.00 4.35
C THR A 55 -5.78 -8.36 5.29
N GLY A 56 -5.39 -8.66 6.53
CA GLY A 56 -6.31 -8.95 7.63
C GLY A 56 -5.85 -8.10 8.82
N SER A 57 -6.37 -6.89 8.87
CA SER A 57 -5.99 -5.93 9.89
C SER A 57 -6.07 -6.43 11.33
N ASP A 58 -7.06 -7.26 11.65
CA ASP A 58 -7.23 -7.71 13.04
C ASP A 58 -6.75 -9.15 13.32
N TRP A 59 -6.30 -9.92 12.32
CA TRP A 59 -5.92 -11.31 12.62
C TRP A 59 -4.60 -11.78 12.03
N CYS A 60 -4.07 -11.13 10.99
CA CYS A 60 -2.80 -11.56 10.43
C CYS A 60 -1.67 -10.70 11.01
N MET A 61 -0.48 -11.28 11.21
CA MET A 61 0.65 -10.55 11.81
C MET A 61 1.71 -10.16 10.77
N TRP A 62 1.97 -11.03 9.81
CA TRP A 62 2.97 -10.74 8.79
C TRP A 62 2.54 -9.50 8.03
N CYS A 63 1.24 -9.27 7.99
CA CYS A 63 0.69 -8.11 7.32
C CYS A 63 1.01 -6.86 8.10
N ILE A 64 0.85 -6.94 9.42
CA ILE A 64 1.14 -5.80 10.26
C ILE A 64 2.60 -5.43 10.04
N LYS A 65 3.45 -6.45 10.00
CA LYS A 65 4.86 -6.22 9.82
C LYS A 65 5.12 -5.54 8.48
N MET A 66 4.44 -6.00 7.43
CA MET A 66 4.62 -5.40 6.13
C MET A 66 4.19 -3.94 6.16
N GLN A 67 3.04 -3.67 6.79
CA GLN A 67 2.54 -2.30 6.89
C GLN A 67 3.47 -1.45 7.73
N ASP A 68 3.84 -1.97 8.88
CA ASP A 68 4.69 -1.24 9.81
C ASP A 68 6.12 -1.03 9.29
N GLN A 69 6.69 -2.05 8.66
CA GLN A 69 8.07 -1.93 8.23
C GLN A 69 8.27 -1.43 6.80
N ILE A 70 7.29 -1.61 5.91
CA ILE A 70 7.48 -1.23 4.52
C ILE A 70 6.54 -0.11 4.06
N LEU A 71 5.24 -0.31 4.15
CA LEU A 71 4.30 0.71 3.69
C LEU A 71 4.45 2.00 4.48
N GLN A 72 4.64 1.88 5.79
CA GLN A 72 4.76 3.05 6.66
C GLN A 72 6.19 3.55 6.78
N SER A 73 7.11 2.92 6.05
CA SER A 73 8.51 3.34 6.07
C SER A 73 8.73 4.58 5.21
N SER A 74 9.74 5.38 5.56
CA SER A 74 10.01 6.62 4.83
C SER A 74 10.29 6.39 3.35
N GLU A 75 11.11 5.39 3.02
CA GLU A 75 11.47 5.15 1.63
C GLU A 75 10.24 4.78 0.79
N PHE A 76 9.38 3.92 1.31
CA PHE A 76 8.19 3.53 0.58
C PHE A 76 7.24 4.71 0.36
N LYS A 77 7.06 5.53 1.40
CA LYS A 77 6.15 6.66 1.30
C LYS A 77 6.59 7.61 0.21
N HIS A 78 7.89 7.89 0.19
CA HIS A 78 8.42 8.81 -0.78
C HIS A 78 8.26 8.26 -2.18
N PHE A 79 8.63 6.99 -2.35
CA PHE A 79 8.53 6.37 -3.65
C PHE A 79 7.08 6.32 -4.12
N ALA A 80 6.20 5.84 -3.26
CA ALA A 80 4.80 5.69 -3.61
C ALA A 80 4.08 7.02 -3.78
N GLY A 81 4.42 8.01 -2.98
CA GLY A 81 3.77 9.30 -3.09
C GLY A 81 4.09 9.91 -4.43
N VAL A 82 5.31 9.67 -4.90
CA VAL A 82 5.76 10.22 -6.15
C VAL A 82 5.41 9.33 -7.35
N HIS A 83 5.58 8.00 -7.23
CA HIS A 83 5.38 7.10 -8.36
C HIS A 83 4.14 6.20 -8.32
N LEU A 84 3.35 6.15 -7.23
CA LEU A 84 2.22 5.20 -7.22
C LEU A 84 0.93 5.70 -6.60
N HIS A 85 -0.12 4.93 -6.84
CA HIS A 85 -1.43 5.16 -6.26
C HIS A 85 -1.69 3.97 -5.34
N MET A 86 -1.95 4.20 -4.06
CA MET A 86 -2.18 3.08 -3.14
C MET A 86 -3.66 2.94 -2.80
N VAL A 87 -4.10 1.69 -2.79
CA VAL A 87 -5.48 1.38 -2.47
C VAL A 87 -5.48 0.36 -1.34
N GLU A 88 -6.29 0.61 -0.33
CA GLU A 88 -6.36 -0.30 0.82
C GLU A 88 -7.53 -1.26 0.63
N VAL A 89 -7.22 -2.56 0.72
CA VAL A 89 -8.22 -3.60 0.58
C VAL A 89 -8.12 -4.54 1.78
N ASP A 90 -8.92 -4.26 2.79
CA ASP A 90 -8.84 -4.99 4.05
C ASP A 90 -9.96 -5.99 4.31
N PHE A 91 -9.61 -7.11 4.95
CA PHE A 91 -10.61 -8.12 5.29
C PHE A 91 -10.48 -8.42 6.79
N PRO A 92 -10.98 -7.54 7.64
CA PRO A 92 -10.88 -7.71 9.11
C PRO A 92 -11.87 -8.71 9.69
N GLN A 93 -11.62 -9.14 10.92
CA GLN A 93 -12.53 -10.06 11.58
C GLN A 93 -13.79 -9.31 11.97
N LYS A 94 -13.61 -8.08 12.42
CA LYS A 94 -14.72 -7.22 12.78
C LYS A 94 -14.93 -6.24 11.64
N ASN A 95 -15.91 -6.58 10.83
CA ASN A 95 -16.25 -5.79 9.65
C ASN A 95 -17.22 -4.65 9.96
N HIS A 96 -16.78 -3.46 9.58
CA HIS A 96 -17.58 -2.26 9.79
C HIS A 96 -17.65 -1.43 8.50
N GLN A 97 -17.24 -2.02 7.38
CA GLN A 97 -17.27 -1.31 6.11
C GLN A 97 -18.65 -1.43 5.45
N PRO A 98 -19.01 -0.51 4.60
CA PRO A 98 -20.32 -0.55 3.88
C PRO A 98 -20.39 -1.68 2.87
N GLU A 99 -21.60 -2.15 2.59
CA GLU A 99 -21.80 -3.28 1.68
C GLU A 99 -21.11 -3.04 0.32
N GLU A 100 -21.26 -1.87 -0.27
CA GLU A 100 -20.66 -1.63 -1.59
C GLU A 100 -19.15 -1.84 -1.56
N GLN A 101 -18.52 -1.41 -0.46
CA GLN A 101 -17.07 -1.57 -0.32
C GLN A 101 -16.70 -3.03 -0.15
N ARG A 102 -17.47 -3.76 0.65
CA ARG A 102 -17.18 -5.17 0.87
C ARG A 102 -17.34 -5.96 -0.43
N GLN A 103 -18.38 -5.66 -1.20
CA GLN A 103 -18.61 -6.38 -2.45
C GLN A 103 -17.43 -6.15 -3.39
N LYS A 104 -17.01 -4.89 -3.52
CA LYS A 104 -15.90 -4.57 -4.39
C LYS A 104 -14.64 -5.28 -3.92
N ASN A 105 -14.40 -5.27 -2.60
CA ASN A 105 -13.21 -5.91 -2.05
C ASN A 105 -13.22 -7.41 -2.34
N GLN A 106 -14.37 -8.07 -2.15
CA GLN A 106 -14.46 -9.49 -2.41
C GLN A 106 -14.28 -9.76 -3.89
N GLU A 107 -14.87 -8.89 -4.71
CA GLU A 107 -14.77 -9.03 -6.15
C GLU A 107 -13.31 -8.91 -6.59
N LEU A 108 -12.63 -7.94 -6.03
CA LEU A 108 -11.22 -7.70 -6.34
C LEU A 108 -10.37 -8.85 -5.83
N LYS A 109 -10.72 -9.37 -4.67
CA LYS A 109 -9.98 -10.46 -4.08
C LYS A 109 -10.04 -11.66 -5.02
N ALA A 110 -11.20 -11.87 -5.63
CA ALA A 110 -11.37 -12.97 -6.55
C ALA A 110 -10.84 -12.64 -7.94
N GLN A 111 -11.01 -11.39 -8.37
CA GLN A 111 -10.58 -11.00 -9.69
C GLN A 111 -9.06 -11.06 -9.81
N TYR A 112 -8.37 -10.64 -8.76
CA TYR A 112 -6.92 -10.61 -8.76
C TYR A 112 -6.35 -11.94 -8.28
N LYS A 113 -7.26 -12.90 -8.06
CA LYS A 113 -6.86 -14.22 -7.62
C LYS A 113 -6.03 -14.13 -6.36
N VAL A 114 -6.49 -13.33 -5.41
CA VAL A 114 -5.75 -13.16 -4.17
C VAL A 114 -6.21 -14.20 -3.15
N THR A 115 -5.25 -14.98 -2.65
CA THR A 115 -5.54 -16.03 -1.69
C THR A 115 -4.79 -15.80 -0.40
N GLY A 116 -3.49 -15.53 -0.53
CA GLY A 116 -2.65 -15.31 0.63
C GLY A 116 -2.35 -13.83 0.87
N PHE A 117 -2.21 -13.48 2.13
CA PHE A 117 -1.92 -12.12 2.55
C PHE A 117 -0.69 -12.13 3.47
N PRO A 118 0.08 -11.06 3.51
CA PRO A 118 -0.15 -9.82 2.71
C PRO A 118 0.30 -9.96 1.27
N GLU A 119 -0.42 -9.33 0.34
CA GLU A 119 -0.06 -9.38 -1.06
C GLU A 119 -0.25 -8.01 -1.70
N LEU A 120 0.78 -7.52 -2.36
CA LEU A 120 0.73 -6.23 -3.02
C LEU A 120 0.86 -6.47 -4.53
N VAL A 121 -0.15 -6.03 -5.27
CA VAL A 121 -0.19 -6.23 -6.70
C VAL A 121 -0.14 -4.91 -7.45
N PHE A 122 0.76 -4.82 -8.42
CA PHE A 122 0.90 -3.61 -9.21
C PHE A 122 0.18 -3.75 -10.54
N ILE A 123 -0.72 -2.80 -10.82
CA ILE A 123 -1.48 -2.83 -12.06
C ILE A 123 -1.45 -1.47 -12.73
N ASP A 124 -1.70 -1.48 -14.03
CA ASP A 124 -1.77 -0.25 -14.79
C ASP A 124 -3.23 0.19 -14.79
N ALA A 125 -3.51 1.27 -15.47
CA ALA A 125 -4.86 1.81 -15.52
C ALA A 125 -5.80 0.92 -16.34
N GLU A 126 -5.26 -0.05 -17.06
CA GLU A 126 -6.08 -0.96 -17.86
C GLU A 126 -6.28 -2.25 -17.08
N GLY A 127 -5.70 -2.34 -15.90
CA GLY A 127 -5.87 -3.51 -15.07
C GLY A 127 -4.85 -4.60 -15.39
N LYS A 128 -3.81 -4.25 -16.14
CA LYS A 128 -2.79 -5.24 -16.46
C LYS A 128 -1.76 -5.32 -15.34
N GLN A 129 -1.38 -6.54 -14.98
CA GLN A 129 -0.44 -6.75 -13.89
C GLN A 129 1.00 -6.51 -14.32
N LEU A 130 1.69 -5.61 -13.62
CA LEU A 130 3.09 -5.33 -13.93
C LEU A 130 4.01 -6.12 -13.02
N ALA A 131 3.54 -6.39 -11.80
CA ALA A 131 4.33 -7.15 -10.83
C ALA A 131 3.53 -7.39 -9.55
N ARG A 132 4.01 -8.30 -8.72
CA ARG A 132 3.34 -8.60 -7.45
C ARG A 132 4.35 -9.03 -6.40
N MET A 133 4.13 -8.61 -5.15
CA MET A 133 5.01 -8.99 -4.05
C MET A 133 4.22 -9.21 -2.76
N GLY A 134 4.84 -9.96 -1.85
CA GLY A 134 4.23 -10.26 -0.57
C GLY A 134 5.09 -9.73 0.55
N PHE A 135 5.12 -10.43 1.67
CA PHE A 135 5.95 -10.03 2.78
C PHE A 135 7.38 -10.49 2.52
N GLU A 136 8.35 -9.60 2.67
CA GLU A 136 9.74 -9.97 2.44
C GLU A 136 10.66 -9.22 3.40
N PRO A 137 11.73 -9.83 3.87
CA PRO A 137 12.69 -9.16 4.78
C PRO A 137 13.62 -8.20 4.04
N GLY A 138 14.17 -7.25 4.78
CA GLY A 138 15.08 -6.28 4.17
C GLY A 138 14.68 -4.85 4.51
N GLY A 139 13.41 -4.60 4.83
CA GLY A 139 13.00 -3.26 5.19
C GLY A 139 12.41 -2.48 4.01
N GLY A 140 12.00 -1.25 4.29
CA GLY A 140 11.34 -0.41 3.30
C GLY A 140 12.19 -0.07 2.08
N ALA A 141 13.45 0.29 2.29
CA ALA A 141 14.33 0.66 1.19
C ALA A 141 14.50 -0.49 0.22
N ALA A 142 14.77 -1.66 0.73
CA ALA A 142 14.99 -2.79 -0.14
C ALA A 142 13.75 -3.14 -0.96
N TYR A 143 12.58 -2.98 -0.35
CA TYR A 143 11.32 -3.28 -1.02
C TYR A 143 11.11 -2.41 -2.24
N VAL A 144 11.43 -1.12 -2.10
CA VAL A 144 11.24 -0.20 -3.22
C VAL A 144 12.16 -0.56 -4.38
N SER A 145 13.37 -0.97 -4.10
CA SER A 145 14.27 -1.31 -5.18
C SER A 145 13.67 -2.42 -6.04
N LYS A 146 13.08 -3.39 -5.36
CA LYS A 146 12.48 -4.55 -6.01
C LYS A 146 11.30 -4.17 -6.90
N VAL A 147 10.45 -3.29 -6.41
CA VAL A 147 9.28 -2.89 -7.18
C VAL A 147 9.70 -2.12 -8.43
N LYS A 148 10.73 -1.30 -8.31
CA LYS A 148 11.22 -0.51 -9.44
C LYS A 148 11.65 -1.43 -10.57
N SER A 149 12.36 -2.49 -10.24
CA SER A 149 12.84 -3.42 -11.25
C SER A 149 11.67 -4.16 -11.89
N ALA A 150 10.69 -4.50 -11.07
CA ALA A 150 9.53 -5.23 -11.55
C ALA A 150 8.68 -4.37 -12.50
N LEU A 151 8.52 -3.09 -12.17
CA LEU A 151 7.71 -2.21 -13.00
C LEU A 151 8.51 -1.55 -14.11
N LYS A 152 9.82 -1.80 -14.16
CA LYS A 152 10.69 -1.22 -15.20
C LYS A 152 10.71 0.31 -15.10
N LEU A 153 10.92 0.81 -13.88
CA LEU A 153 11.00 2.25 -13.65
C LEU A 153 12.48 2.67 -13.64
N ARG A 154 12.82 3.63 -14.50
CA ARG A 154 14.19 4.12 -14.59
C ARG A 154 14.26 5.58 -14.13
N ALA A 11 -2.48 -6.47 44.87
CA ALA A 11 -2.77 -6.76 43.47
C ALA A 11 -2.97 -5.47 42.67
N ARG A 12 -3.16 -5.63 41.36
CA ARG A 12 -3.37 -4.49 40.48
C ARG A 12 -4.59 -4.74 39.59
N ARG A 13 -5.29 -3.67 39.19
CA ARG A 13 -6.49 -3.81 38.35
C ARG A 13 -6.11 -4.38 36.98
N ARG A 14 -5.01 -3.87 36.43
CA ARG A 14 -4.53 -4.33 35.14
C ARG A 14 -3.07 -4.73 35.24
N ALA A 15 -2.72 -5.83 34.58
CA ALA A 15 -1.35 -6.32 34.62
C ALA A 15 -0.41 -5.35 33.91
N SER A 16 -0.87 -4.75 32.82
CA SER A 16 -0.05 -3.79 32.09
C SER A 16 0.35 -2.64 33.00
N GLY A 17 -0.55 -2.30 33.93
CA GLY A 17 -0.28 -1.21 34.85
C GLY A 17 -0.19 0.09 34.10
N GLU A 18 0.90 0.83 34.31
CA GLU A 18 1.10 2.10 33.63
C GLU A 18 2.31 2.06 32.71
N ASN A 19 2.19 2.75 31.59
CA ASN A 19 3.27 2.83 30.63
C ASN A 19 3.15 4.10 29.82
N LEU A 20 4.18 4.41 29.05
CA LEU A 20 4.18 5.61 28.23
C LEU A 20 3.64 5.34 26.84
N GLN A 21 2.65 6.12 26.43
CA GLN A 21 2.05 5.96 25.11
C GLN A 21 2.94 6.58 24.04
N GLN A 22 3.11 5.85 22.95
CA GLN A 22 3.92 6.34 21.84
C GLN A 22 3.22 7.50 21.13
N THR A 23 3.97 8.56 20.87
CA THR A 23 3.41 9.72 20.19
C THR A 23 3.36 9.47 18.68
N ARG A 24 2.61 10.30 17.96
CA ARG A 24 2.50 10.16 16.52
C ARG A 24 2.22 11.50 15.85
N PRO A 25 3.24 12.31 15.70
CA PRO A 25 3.09 13.65 15.04
C PRO A 25 2.54 13.53 13.63
N ILE A 26 1.72 14.50 13.24
CA ILE A 26 1.13 14.50 11.90
C ILE A 26 1.99 15.30 10.93
N ALA A 27 3.05 15.92 11.45
CA ALA A 27 3.95 16.71 10.63
C ALA A 27 4.67 15.84 9.59
N ALA A 28 5.04 14.63 10.00
CA ALA A 28 5.73 13.69 9.12
C ALA A 28 4.84 13.25 7.97
N ALA A 29 5.45 13.06 6.79
CA ALA A 29 4.72 12.61 5.61
C ALA A 29 4.10 11.24 5.86
N ASN A 30 2.97 10.99 5.20
CA ASN A 30 2.28 9.72 5.34
C ASN A 30 1.72 9.27 3.98
N LEU A 31 1.37 7.99 3.88
CA LEU A 31 0.84 7.43 2.62
C LEU A 31 -0.60 7.88 2.42
N GLN A 32 -0.92 8.16 1.17
CA GLN A 32 -2.26 8.58 0.81
C GLN A 32 -3.01 7.44 0.12
N TRP A 33 -3.97 6.85 0.82
CA TRP A 33 -4.76 5.75 0.26
C TRP A 33 -5.85 6.33 -0.64
N GLU A 34 -6.07 5.64 -1.76
CA GLU A 34 -7.11 6.03 -2.71
C GLU A 34 -8.07 4.87 -2.92
N SER A 35 -9.21 5.14 -3.55
CA SER A 35 -10.19 4.09 -3.80
C SER A 35 -9.84 3.36 -5.08
N TYR A 36 -10.36 2.17 -5.23
CA TYR A 36 -10.10 1.39 -6.42
C TYR A 36 -10.60 2.14 -7.65
N ALA A 37 -11.79 2.72 -7.51
CA ALA A 37 -12.39 3.47 -8.59
C ALA A 37 -11.62 4.75 -8.85
N GLU A 38 -11.19 5.38 -7.77
CA GLU A 38 -10.46 6.64 -7.87
C GLU A 38 -9.09 6.42 -8.50
N ALA A 39 -8.45 5.33 -8.15
CA ALA A 39 -7.14 5.00 -8.68
C ALA A 39 -7.14 4.89 -10.19
N LEU A 40 -8.14 4.20 -10.69
CA LEU A 40 -8.25 3.94 -12.10
C LEU A 40 -8.45 5.22 -12.91
N GLU A 41 -9.26 6.13 -12.42
CA GLU A 41 -9.50 7.35 -13.17
C GLU A 41 -8.23 8.17 -13.24
N HIS A 42 -7.50 8.21 -12.13
CA HIS A 42 -6.25 8.96 -12.10
C HIS A 42 -5.20 8.30 -13.00
N SER A 43 -5.07 6.99 -12.89
CA SER A 43 -4.08 6.25 -13.67
C SER A 43 -4.37 6.35 -15.15
N LYS A 44 -5.64 6.37 -15.49
CA LYS A 44 -6.03 6.48 -16.87
C LYS A 44 -5.51 7.80 -17.40
N GLN A 45 -5.39 8.77 -16.51
CA GLN A 45 -4.93 10.10 -16.92
C GLN A 45 -3.45 10.27 -16.68
N ASP A 46 -2.98 9.79 -15.55
CA ASP A 46 -1.58 9.93 -15.18
C ASP A 46 -0.73 8.72 -15.57
N HIS A 47 -1.37 7.59 -15.86
CA HIS A 47 -0.67 6.37 -16.29
C HIS A 47 0.13 5.73 -15.16
N LYS A 48 -0.13 6.13 -13.92
CA LYS A 48 0.60 5.57 -12.81
C LYS A 48 0.02 4.21 -12.39
N PRO A 49 0.85 3.30 -11.90
CA PRO A 49 0.41 1.94 -11.47
C PRO A 49 -0.37 1.94 -10.16
N ILE A 50 -1.25 0.96 -9.97
CA ILE A 50 -2.06 0.88 -8.76
C ILE A 50 -1.62 -0.31 -7.91
N GLY A 51 -1.40 -0.07 -6.62
CA GLY A 51 -1.00 -1.12 -5.70
C GLY A 51 -2.17 -1.44 -4.79
N LEU A 52 -2.69 -2.68 -4.91
CA LEU A 52 -3.78 -3.09 -4.06
C LEU A 52 -3.19 -3.84 -2.87
N PHE A 53 -3.39 -3.28 -1.68
CA PHE A 53 -2.85 -3.89 -0.46
C PHE A 53 -3.91 -4.82 0.13
N PHE A 54 -3.71 -6.14 0.02
CA PHE A 54 -4.64 -7.13 0.57
C PHE A 54 -4.16 -7.59 1.94
N THR A 55 -5.00 -7.43 2.96
CA THR A 55 -4.58 -7.85 4.30
C THR A 55 -5.72 -8.21 5.26
N GLY A 56 -5.31 -8.48 6.48
CA GLY A 56 -6.19 -8.76 7.60
C GLY A 56 -5.70 -7.88 8.76
N SER A 57 -6.22 -6.66 8.80
CA SER A 57 -5.81 -5.66 9.78
C SER A 57 -5.90 -6.10 11.25
N ASP A 58 -6.90 -6.90 11.60
CA ASP A 58 -7.07 -7.30 13.00
C ASP A 58 -6.61 -8.72 13.30
N TRP A 59 -6.19 -9.50 12.30
CA TRP A 59 -5.81 -10.89 12.58
C TRP A 59 -4.52 -11.37 11.92
N CYS A 60 -4.04 -10.70 10.87
CA CYS A 60 -2.82 -11.13 10.20
C CYS A 60 -1.60 -10.37 10.74
N MET A 61 -0.70 -11.08 11.42
CA MET A 61 0.48 -10.46 12.02
C MET A 61 1.52 -10.14 10.96
N TRP A 62 1.74 -11.05 10.02
CA TRP A 62 2.71 -10.83 8.97
C TRP A 62 2.31 -9.61 8.17
N CYS A 63 1.01 -9.38 8.10
CA CYS A 63 0.48 -8.24 7.38
C CYS A 63 0.82 -6.98 8.13
N ILE A 64 0.71 -7.03 9.45
CA ILE A 64 1.04 -5.87 10.26
C ILE A 64 2.51 -5.56 10.05
N LYS A 65 3.34 -6.61 10.05
CA LYS A 65 4.77 -6.41 9.89
C LYS A 65 5.09 -5.78 8.55
N MET A 66 4.48 -6.27 7.47
CA MET A 66 4.73 -5.71 6.17
C MET A 66 4.29 -4.26 6.18
N GLN A 67 3.11 -4.04 6.75
CA GLN A 67 2.53 -2.72 6.85
C GLN A 67 3.37 -1.83 7.77
N ASP A 68 3.69 -2.32 8.95
CA ASP A 68 4.48 -1.51 9.88
C ASP A 68 5.92 -1.30 9.42
N GLN A 69 6.53 -2.32 8.81
CA GLN A 69 7.93 -2.18 8.41
C GLN A 69 8.16 -1.61 7.01
N ILE A 70 7.21 -1.81 6.08
CA ILE A 70 7.44 -1.32 4.71
C ILE A 70 6.47 -0.21 4.29
N LEU A 71 5.17 -0.42 4.41
CA LEU A 71 4.22 0.61 3.97
C LEU A 71 4.44 1.91 4.75
N GLN A 72 4.70 1.80 6.05
CA GLN A 72 4.89 2.97 6.90
C GLN A 72 6.35 3.44 6.97
N SER A 73 7.25 2.82 6.21
CA SER A 73 8.66 3.23 6.25
C SER A 73 8.86 4.48 5.40
N SER A 74 9.85 5.29 5.76
CA SER A 74 10.08 6.54 5.05
C SER A 74 10.40 6.32 3.57
N GLU A 75 11.22 5.34 3.24
CA GLU A 75 11.59 5.11 1.85
C GLU A 75 10.37 4.71 1.03
N PHE A 76 9.53 3.86 1.59
CA PHE A 76 8.32 3.42 0.92
C PHE A 76 7.38 4.60 0.69
N LYS A 77 7.22 5.43 1.71
CA LYS A 77 6.33 6.59 1.62
C LYS A 77 6.76 7.54 0.53
N HIS A 78 8.06 7.83 0.48
CA HIS A 78 8.55 8.76 -0.51
C HIS A 78 8.39 8.20 -1.91
N PHE A 79 8.76 6.95 -2.09
CA PHE A 79 8.68 6.31 -3.38
C PHE A 79 7.23 6.24 -3.89
N ALA A 80 6.33 5.74 -3.04
CA ALA A 80 4.93 5.57 -3.42
C ALA A 80 4.21 6.89 -3.62
N GLY A 81 4.53 7.89 -2.83
CA GLY A 81 3.88 9.17 -2.95
C GLY A 81 4.22 9.80 -4.28
N VAL A 82 5.46 9.60 -4.71
CA VAL A 82 5.94 10.16 -5.95
C VAL A 82 5.59 9.31 -7.18
N HIS A 83 5.80 8.00 -7.14
CA HIS A 83 5.59 7.16 -8.34
C HIS A 83 4.36 6.23 -8.33
N LEU A 84 3.57 6.16 -7.24
CA LEU A 84 2.45 5.20 -7.28
C LEU A 84 1.12 5.68 -6.69
N HIS A 85 0.08 4.89 -6.98
CA HIS A 85 -1.25 5.11 -6.44
C HIS A 85 -1.53 3.91 -5.55
N MET A 86 -1.83 4.13 -4.26
CA MET A 86 -2.08 3.02 -3.35
C MET A 86 -3.54 2.90 -2.96
N VAL A 87 -4.02 1.65 -2.92
CA VAL A 87 -5.39 1.36 -2.54
C VAL A 87 -5.39 0.35 -1.40
N GLU A 88 -6.17 0.60 -0.37
CA GLU A 88 -6.23 -0.30 0.78
C GLU A 88 -7.40 -1.26 0.65
N VAL A 89 -7.11 -2.55 0.77
CA VAL A 89 -8.14 -3.57 0.68
C VAL A 89 -8.00 -4.52 1.88
N ASP A 90 -8.78 -4.24 2.93
CA ASP A 90 -8.65 -4.98 4.17
C ASP A 90 -9.77 -5.98 4.46
N PHE A 91 -9.43 -7.08 5.13
CA PHE A 91 -10.44 -8.07 5.50
C PHE A 91 -10.35 -8.32 7.00
N PRO A 92 -10.83 -7.39 7.80
CA PRO A 92 -10.76 -7.49 9.28
C PRO A 92 -11.74 -8.51 9.87
N GLN A 93 -11.45 -8.92 11.10
CA GLN A 93 -12.34 -9.86 11.79
C GLN A 93 -13.60 -9.12 12.20
N LYS A 94 -13.41 -7.88 12.63
CA LYS A 94 -14.50 -7.03 13.01
C LYS A 94 -14.73 -6.06 11.85
N ASN A 95 -15.72 -6.44 11.07
CA ASN A 95 -16.08 -5.68 9.86
C ASN A 95 -17.09 -4.57 10.14
N HIS A 96 -16.69 -3.37 9.72
CA HIS A 96 -17.52 -2.19 9.90
C HIS A 96 -17.60 -1.38 8.60
N GLN A 97 -17.20 -1.99 7.49
CA GLN A 97 -17.24 -1.30 6.21
C GLN A 97 -18.60 -1.49 5.53
N PRO A 98 -18.99 -0.57 4.68
CA PRO A 98 -20.32 -0.64 3.97
C PRO A 98 -20.40 -1.78 2.96
N GLU A 99 -21.62 -2.23 2.70
CA GLU A 99 -21.85 -3.34 1.79
C GLU A 99 -21.19 -3.12 0.43
N GLU A 100 -21.35 -1.94 -0.15
CA GLU A 100 -20.77 -1.67 -1.47
C GLU A 100 -19.24 -1.86 -1.47
N GLN A 101 -18.58 -1.43 -0.40
CA GLN A 101 -17.13 -1.57 -0.31
C GLN A 101 -16.74 -3.03 -0.15
N ARG A 102 -17.50 -3.78 0.63
CA ARG A 102 -17.19 -5.18 0.85
C ARG A 102 -17.35 -5.98 -0.45
N GLN A 103 -18.41 -5.71 -1.20
CA GLN A 103 -18.65 -6.44 -2.43
C GLN A 103 -17.52 -6.16 -3.41
N LYS A 104 -17.13 -4.90 -3.52
CA LYS A 104 -16.06 -4.51 -4.42
C LYS A 104 -14.75 -5.19 -4.01
N ASN A 105 -14.48 -5.19 -2.71
CA ASN A 105 -13.27 -5.79 -2.19
C ASN A 105 -13.24 -7.29 -2.52
N GLN A 106 -14.37 -7.98 -2.40
CA GLN A 106 -14.40 -9.41 -2.71
C GLN A 106 -14.16 -9.62 -4.19
N GLU A 107 -14.75 -8.75 -5.02
CA GLU A 107 -14.57 -8.87 -6.46
C GLU A 107 -13.11 -8.66 -6.84
N LEU A 108 -12.48 -7.65 -6.23
CA LEU A 108 -11.08 -7.34 -6.50
C LEU A 108 -10.18 -8.48 -6.02
N LYS A 109 -10.51 -9.03 -4.85
CA LYS A 109 -9.73 -10.11 -4.26
C LYS A 109 -9.79 -11.30 -5.20
N ALA A 110 -10.96 -11.53 -5.76
CA ALA A 110 -11.13 -12.64 -6.68
C ALA A 110 -10.52 -12.32 -8.05
N GLN A 111 -10.68 -11.08 -8.47
CA GLN A 111 -10.19 -10.65 -9.76
C GLN A 111 -8.71 -10.90 -9.94
N TYR A 112 -7.93 -10.51 -8.95
CA TYR A 112 -6.50 -10.67 -9.05
C TYR A 112 -6.03 -11.97 -8.45
N LYS A 113 -6.97 -12.86 -8.19
CA LYS A 113 -6.66 -14.16 -7.64
C LYS A 113 -5.82 -14.02 -6.40
N VAL A 114 -6.27 -13.18 -5.48
CA VAL A 114 -5.54 -12.96 -4.25
C VAL A 114 -5.98 -13.98 -3.21
N THR A 115 -5.02 -14.76 -2.71
CA THR A 115 -5.30 -15.79 -1.74
C THR A 115 -4.55 -15.54 -0.44
N GLY A 116 -3.26 -15.31 -0.57
CA GLY A 116 -2.42 -15.07 0.59
C GLY A 116 -2.19 -13.59 0.85
N PHE A 117 -2.05 -13.27 2.13
CA PHE A 117 -1.81 -11.89 2.56
C PHE A 117 -0.59 -11.87 3.49
N PRO A 118 0.18 -10.80 3.52
CA PRO A 118 -0.05 -9.58 2.68
C PRO A 118 0.42 -9.79 1.25
N GLU A 119 -0.32 -9.21 0.31
CA GLU A 119 0.04 -9.32 -1.09
C GLU A 119 -0.18 -7.96 -1.75
N LEU A 120 0.83 -7.48 -2.45
CA LEU A 120 0.74 -6.19 -3.13
C LEU A 120 0.85 -6.45 -4.62
N VAL A 121 -0.18 -6.04 -5.35
CA VAL A 121 -0.21 -6.25 -6.79
C VAL A 121 -0.19 -4.95 -7.54
N PHE A 122 0.69 -4.85 -8.51
CA PHE A 122 0.81 -3.64 -9.30
C PHE A 122 0.08 -3.79 -10.61
N ILE A 123 -0.82 -2.85 -10.90
CA ILE A 123 -1.58 -2.88 -12.13
C ILE A 123 -1.54 -1.54 -12.82
N ASP A 124 -1.80 -1.57 -14.11
CA ASP A 124 -1.86 -0.36 -14.90
C ASP A 124 -3.29 0.11 -14.90
N ALA A 125 -3.55 1.17 -15.60
CA ALA A 125 -4.88 1.74 -15.67
C ALA A 125 -5.82 0.83 -16.47
N GLU A 126 -5.25 -0.13 -17.18
CA GLU A 126 -6.05 -1.07 -17.98
C GLU A 126 -6.23 -2.38 -17.21
N GLY A 127 -5.65 -2.46 -16.01
CA GLY A 127 -5.79 -3.66 -15.20
C GLY A 127 -4.75 -4.71 -15.52
N LYS A 128 -3.69 -4.33 -16.25
CA LYS A 128 -2.65 -5.29 -16.58
C LYS A 128 -1.70 -5.40 -15.41
N GLN A 129 -1.31 -6.63 -15.08
CA GLN A 129 -0.43 -6.87 -13.97
C GLN A 129 1.02 -6.61 -14.35
N LEU A 130 1.67 -5.72 -13.60
CA LEU A 130 3.06 -5.39 -13.87
C LEU A 130 3.97 -6.17 -12.95
N ALA A 131 3.49 -6.45 -11.73
CA ALA A 131 4.28 -7.21 -10.77
C ALA A 131 3.48 -7.47 -9.50
N ARG A 132 3.98 -8.38 -8.66
CA ARG A 132 3.30 -8.70 -7.40
C ARG A 132 4.33 -9.11 -6.34
N MET A 133 4.10 -8.66 -5.10
CA MET A 133 4.99 -9.00 -4.00
C MET A 133 4.22 -9.16 -2.69
N GLY A 134 4.83 -9.86 -1.76
CA GLY A 134 4.24 -10.09 -0.45
C GLY A 134 5.16 -9.56 0.63
N PHE A 135 5.24 -10.26 1.75
CA PHE A 135 6.12 -9.86 2.81
C PHE A 135 7.52 -10.34 2.51
N GLU A 136 8.50 -9.46 2.62
CA GLU A 136 9.87 -9.83 2.32
C GLU A 136 10.85 -9.15 3.29
N PRO A 137 11.54 -9.89 4.13
CA PRO A 137 12.52 -9.28 5.06
C PRO A 137 13.49 -8.38 4.30
N GLY A 138 14.04 -7.40 5.01
CA GLY A 138 14.98 -6.47 4.39
C GLY A 138 14.60 -5.03 4.65
N GLY A 139 13.34 -4.74 4.97
CA GLY A 139 12.95 -3.37 5.25
C GLY A 139 12.39 -2.63 4.04
N GLY A 140 12.00 -1.37 4.30
CA GLY A 140 11.35 -0.53 3.29
C GLY A 140 12.24 -0.16 2.10
N ALA A 141 13.48 0.22 2.34
CA ALA A 141 14.36 0.61 1.24
C ALA A 141 14.54 -0.54 0.26
N ALA A 142 14.80 -1.71 0.78
CA ALA A 142 15.02 -2.86 -0.07
C ALA A 142 13.77 -3.20 -0.89
N TYR A 143 12.61 -3.04 -0.29
CA TYR A 143 11.36 -3.35 -0.96
C TYR A 143 11.15 -2.44 -2.18
N VAL A 144 11.47 -1.16 -2.04
CA VAL A 144 11.28 -0.23 -3.14
C VAL A 144 12.19 -0.59 -4.30
N SER A 145 13.41 -1.02 -4.03
CA SER A 145 14.29 -1.37 -5.12
C SER A 145 13.68 -2.49 -5.96
N LYS A 146 13.09 -3.46 -5.28
CA LYS A 146 12.47 -4.61 -5.94
C LYS A 146 11.28 -4.21 -6.81
N VAL A 147 10.44 -3.32 -6.31
CA VAL A 147 9.26 -2.90 -7.06
C VAL A 147 9.66 -2.12 -8.32
N LYS A 148 10.69 -1.28 -8.20
CA LYS A 148 11.10 -0.47 -9.34
C LYS A 148 11.50 -1.36 -10.51
N SER A 149 12.25 -2.40 -10.23
CA SER A 149 12.67 -3.31 -11.29
C SER A 149 11.46 -4.01 -11.86
N ALA A 150 10.51 -4.33 -10.99
CA ALA A 150 9.31 -5.03 -11.39
C ALA A 150 8.40 -4.19 -12.30
N LEU A 151 8.25 -2.91 -11.99
CA LEU A 151 7.35 -2.06 -12.77
C LEU A 151 8.03 -1.41 -13.97
N LYS A 152 9.33 -1.65 -14.16
CA LYS A 152 10.05 -1.07 -15.29
C LYS A 152 9.94 0.45 -15.24
N LEU A 153 10.02 1.00 -14.02
CA LEU A 153 9.93 2.45 -13.86
C LEU A 153 11.28 3.00 -13.41
N ARG A 154 11.74 3.98 -14.17
CA ARG A 154 13.04 4.62 -13.89
C ARG A 154 12.85 6.01 -13.33
N ALA A 11 -7.42 0.74 40.00
CA ALA A 11 -6.33 0.64 39.02
C ALA A 11 -5.02 1.21 39.60
N ARG A 12 -3.91 0.58 39.25
CA ARG A 12 -2.60 1.02 39.72
C ARG A 12 -2.28 2.42 39.22
N ARG A 13 -2.56 2.66 37.95
CA ARG A 13 -2.30 3.98 37.36
C ARG A 13 -3.59 4.78 37.30
N ARG A 14 -3.48 6.08 37.57
CA ARG A 14 -4.66 6.95 37.53
C ARG A 14 -5.08 7.20 36.08
N ALA A 15 -6.39 7.19 35.83
CA ALA A 15 -6.90 7.42 34.49
C ALA A 15 -6.30 6.44 33.48
N SER A 16 -6.74 6.56 32.23
CA SER A 16 -6.24 5.69 31.16
C SER A 16 -4.85 6.13 30.71
N GLY A 17 -4.01 5.16 30.39
CA GLY A 17 -2.65 5.44 29.94
C GLY A 17 -2.38 4.88 28.54
N GLU A 18 -3.43 4.67 27.76
CA GLU A 18 -3.25 4.14 26.40
C GLU A 18 -2.34 5.04 25.58
N ASN A 19 -1.44 4.42 24.83
CA ASN A 19 -0.51 5.18 23.99
C ASN A 19 -1.05 5.29 22.57
N LEU A 20 -2.27 4.81 22.36
CA LEU A 20 -2.91 4.86 21.05
C LEU A 20 -3.16 6.31 20.62
N GLN A 21 -3.59 7.14 21.58
CA GLN A 21 -3.87 8.56 21.29
C GLN A 21 -2.57 9.31 21.05
N GLN A 22 -2.54 10.11 19.98
CA GLN A 22 -1.35 10.89 19.65
C GLN A 22 -1.55 12.35 20.04
N THR A 23 -0.45 13.09 20.17
CA THR A 23 -0.54 14.50 20.53
C THR A 23 -1.25 15.27 19.43
N ARG A 24 -1.05 14.83 18.20
CA ARG A 24 -1.69 15.49 17.05
C ARG A 24 -0.94 16.76 16.68
N PRO A 25 0.26 16.64 16.18
CA PRO A 25 1.08 17.81 15.79
C PRO A 25 0.63 18.41 14.46
N ILE A 26 0.99 19.67 14.23
CA ILE A 26 0.61 20.35 12.99
C ILE A 26 1.25 19.67 11.80
N ALA A 27 2.52 19.33 11.95
CA ALA A 27 3.24 18.67 10.87
C ALA A 27 2.72 17.25 10.67
N ALA A 28 2.71 16.80 9.42
CA ALA A 28 2.24 15.47 9.10
C ALA A 28 2.85 14.99 7.78
N ALA A 29 3.02 13.69 7.64
CA ALA A 29 3.61 13.12 6.43
C ALA A 29 3.36 11.62 6.38
N ASN A 30 2.31 11.23 5.68
CA ASN A 30 1.97 9.82 5.57
C ASN A 30 1.48 9.50 4.18
N LEU A 31 1.26 8.23 3.93
CA LEU A 31 0.79 7.78 2.64
C LEU A 31 -0.65 8.22 2.43
N GLN A 32 -0.95 8.55 1.18
CA GLN A 32 -2.29 9.00 0.80
C GLN A 32 -3.06 7.86 0.12
N TRP A 33 -4.03 7.30 0.84
CA TRP A 33 -4.86 6.22 0.29
C TRP A 33 -5.94 6.79 -0.63
N GLU A 34 -6.16 6.08 -1.73
CA GLU A 34 -7.17 6.45 -2.71
C GLU A 34 -8.14 5.28 -2.90
N SER A 35 -9.29 5.54 -3.53
CA SER A 35 -10.24 4.48 -3.74
C SER A 35 -9.80 3.68 -4.95
N TYR A 36 -10.35 2.50 -5.09
CA TYR A 36 -10.03 1.65 -6.22
C TYR A 36 -10.44 2.34 -7.51
N ALA A 37 -11.64 2.91 -7.47
CA ALA A 37 -12.18 3.60 -8.63
C ALA A 37 -11.39 4.86 -8.92
N GLU A 38 -10.96 5.53 -7.86
CA GLU A 38 -10.21 6.76 -7.99
C GLU A 38 -8.82 6.49 -8.53
N ALA A 39 -8.21 5.41 -8.09
CA ALA A 39 -6.87 5.06 -8.54
C ALA A 39 -6.82 4.88 -10.03
N LEU A 40 -7.78 4.14 -10.53
CA LEU A 40 -7.82 3.87 -11.95
C LEU A 40 -8.06 5.15 -12.71
N GLU A 41 -8.94 5.99 -12.19
CA GLU A 41 -9.24 7.23 -12.83
C GLU A 41 -8.00 8.04 -12.99
N HIS A 42 -7.24 8.10 -11.92
CA HIS A 42 -6.03 8.86 -11.97
C HIS A 42 -5.01 8.19 -12.91
N SER A 43 -4.90 6.87 -12.82
CA SER A 43 -3.96 6.11 -13.66
C SER A 43 -4.30 6.22 -15.12
N LYS A 44 -5.58 6.25 -15.44
CA LYS A 44 -5.98 6.37 -16.82
C LYS A 44 -5.37 7.65 -17.36
N GLN A 45 -5.20 8.61 -16.45
CA GLN A 45 -4.69 9.92 -16.83
C GLN A 45 -3.22 10.08 -16.55
N ASP A 46 -2.79 9.61 -15.39
CA ASP A 46 -1.40 9.75 -15.00
C ASP A 46 -0.56 8.53 -15.35
N HIS A 47 -1.21 7.40 -15.58
CA HIS A 47 -0.52 6.17 -15.96
C HIS A 47 0.29 5.59 -14.81
N LYS A 48 0.07 6.10 -13.60
CA LYS A 48 0.80 5.63 -12.42
C LYS A 48 0.31 4.23 -11.98
N PRO A 49 1.18 3.25 -11.83
CA PRO A 49 0.76 1.89 -11.38
C PRO A 49 -0.03 1.94 -10.08
N ILE A 50 -0.94 0.99 -9.90
CA ILE A 50 -1.78 0.94 -8.70
C ILE A 50 -1.35 -0.22 -7.81
N GLY A 51 -1.11 0.05 -6.54
CA GLY A 51 -0.75 -0.99 -5.61
C GLY A 51 -1.94 -1.31 -4.70
N LEU A 52 -2.46 -2.52 -4.81
CA LEU A 52 -3.58 -2.94 -3.97
C LEU A 52 -3.02 -3.73 -2.80
N PHE A 53 -3.32 -3.26 -1.61
CA PHE A 53 -2.84 -3.92 -0.41
C PHE A 53 -3.92 -4.88 0.10
N PHE A 54 -3.69 -6.19 -0.11
CA PHE A 54 -4.63 -7.22 0.35
C PHE A 54 -4.17 -7.69 1.73
N THR A 55 -5.03 -7.54 2.74
CA THR A 55 -4.63 -7.96 4.08
C THR A 55 -5.78 -8.33 5.02
N GLY A 56 -5.38 -8.64 6.26
CA GLY A 56 -6.29 -8.94 7.36
C GLY A 56 -5.83 -8.09 8.54
N SER A 57 -6.33 -6.87 8.59
CA SER A 57 -5.92 -5.90 9.59
C SER A 57 -6.01 -6.39 11.04
N ASP A 58 -7.01 -7.20 11.40
CA ASP A 58 -7.16 -7.62 12.79
C ASP A 58 -6.72 -9.06 13.08
N TRP A 59 -6.28 -9.84 12.07
CA TRP A 59 -5.94 -11.24 12.37
C TRP A 59 -4.62 -11.74 11.76
N CYS A 60 -4.12 -11.13 10.71
CA CYS A 60 -2.85 -11.59 10.12
C CYS A 60 -1.70 -10.67 10.54
N MET A 61 -0.85 -11.17 11.41
CA MET A 61 0.27 -10.41 11.95
C MET A 61 1.29 -10.07 10.89
N TRP A 62 1.51 -10.96 9.94
CA TRP A 62 2.47 -10.70 8.88
C TRP A 62 2.05 -9.45 8.14
N CYS A 63 0.75 -9.22 8.11
CA CYS A 63 0.24 -8.03 7.43
C CYS A 63 0.66 -6.79 8.17
N ILE A 64 0.57 -6.85 9.50
CA ILE A 64 0.97 -5.72 10.31
C ILE A 64 2.43 -5.45 10.04
N LYS A 65 3.25 -6.49 10.06
CA LYS A 65 4.68 -6.35 9.84
C LYS A 65 4.98 -5.71 8.50
N MET A 66 4.34 -6.18 7.43
CA MET A 66 4.59 -5.61 6.13
C MET A 66 4.16 -4.16 6.13
N GLN A 67 2.99 -3.93 6.71
CA GLN A 67 2.43 -2.60 6.79
C GLN A 67 3.27 -1.73 7.70
N ASP A 68 3.61 -2.23 8.88
CA ASP A 68 4.39 -1.44 9.83
C ASP A 68 5.83 -1.22 9.36
N GLN A 69 6.44 -2.22 8.72
CA GLN A 69 7.83 -2.07 8.32
C GLN A 69 8.05 -1.54 6.90
N ILE A 70 7.09 -1.74 5.98
CA ILE A 70 7.30 -1.29 4.60
C ILE A 70 6.34 -0.17 4.18
N LEU A 71 5.04 -0.38 4.27
CA LEU A 71 4.10 0.65 3.83
C LEU A 71 4.27 1.95 4.61
N GLN A 72 4.48 1.84 5.93
CA GLN A 72 4.62 3.03 6.77
C GLN A 72 6.06 3.51 6.86
N SER A 73 6.97 2.87 6.13
CA SER A 73 8.37 3.26 6.14
C SER A 73 8.62 4.48 5.26
N SER A 74 9.63 5.28 5.61
CA SER A 74 9.92 6.51 4.88
C SER A 74 10.21 6.27 3.40
N GLU A 75 11.02 5.27 3.08
CA GLU A 75 11.38 4.99 1.69
C GLU A 75 10.16 4.61 0.84
N PHE A 76 9.29 3.76 1.38
CA PHE A 76 8.10 3.33 0.66
C PHE A 76 7.14 4.50 0.44
N LYS A 77 6.93 5.29 1.48
CA LYS A 77 6.02 6.40 1.39
C LYS A 77 6.47 7.40 0.36
N HIS A 78 7.77 7.70 0.36
CA HIS A 78 8.28 8.66 -0.59
C HIS A 78 8.17 8.13 -1.99
N PHE A 79 8.56 6.88 -2.18
CA PHE A 79 8.52 6.27 -3.48
C PHE A 79 7.10 6.23 -4.01
N ALA A 80 6.19 5.74 -3.17
CA ALA A 80 4.80 5.58 -3.55
C ALA A 80 4.09 6.90 -3.78
N GLY A 81 4.42 7.92 -3.00
CA GLY A 81 3.78 9.21 -3.16
C GLY A 81 4.11 9.81 -4.50
N VAL A 82 5.34 9.58 -4.94
CA VAL A 82 5.80 10.13 -6.20
C VAL A 82 5.46 9.24 -7.40
N HIS A 83 5.64 7.91 -7.28
CA HIS A 83 5.44 7.02 -8.42
C HIS A 83 4.21 6.11 -8.38
N LEU A 84 3.43 6.05 -7.29
CA LEU A 84 2.29 5.11 -7.31
C LEU A 84 1.00 5.62 -6.71
N HIS A 85 -0.04 4.86 -6.97
CA HIS A 85 -1.35 5.10 -6.40
C HIS A 85 -1.62 3.92 -5.49
N MET A 86 -1.91 4.16 -4.21
CA MET A 86 -2.13 3.04 -3.28
C MET A 86 -3.59 2.85 -2.96
N VAL A 87 -4.02 1.60 -2.94
CA VAL A 87 -5.39 1.26 -2.63
C VAL A 87 -5.38 0.25 -1.50
N GLU A 88 -6.17 0.51 -0.48
CA GLU A 88 -6.25 -0.38 0.67
C GLU A 88 -7.42 -1.34 0.52
N VAL A 89 -7.11 -2.63 0.64
CA VAL A 89 -8.14 -3.66 0.53
C VAL A 89 -7.98 -4.64 1.69
N ASP A 90 -8.78 -4.41 2.74
CA ASP A 90 -8.63 -5.20 3.96
C ASP A 90 -9.76 -6.19 4.23
N PHE A 91 -9.43 -7.28 4.89
CA PHE A 91 -10.44 -8.28 5.24
C PHE A 91 -10.35 -8.54 6.75
N PRO A 92 -10.87 -7.64 7.56
CA PRO A 92 -10.83 -7.77 9.04
C PRO A 92 -11.81 -8.77 9.62
N GLN A 93 -11.56 -9.17 10.86
CA GLN A 93 -12.47 -10.10 11.53
C GLN A 93 -13.71 -9.35 11.97
N LYS A 94 -13.50 -8.14 12.44
CA LYS A 94 -14.58 -7.26 12.85
C LYS A 94 -14.81 -6.27 11.74
N ASN A 95 -15.73 -6.63 10.86
CA ASN A 95 -16.07 -5.81 9.70
C ASN A 95 -17.05 -4.69 10.05
N HIS A 96 -16.59 -3.46 9.82
CA HIS A 96 -17.42 -2.27 10.08
C HIS A 96 -17.53 -1.42 8.81
N GLN A 97 -17.16 -2.01 7.68
CA GLN A 97 -17.22 -1.28 6.41
C GLN A 97 -18.60 -1.45 5.76
N PRO A 98 -19.01 -0.53 4.92
CA PRO A 98 -20.34 -0.61 4.24
C PRO A 98 -20.43 -1.76 3.22
N GLU A 99 -21.65 -2.22 2.95
CA GLU A 99 -21.85 -3.35 2.02
C GLU A 99 -21.20 -3.10 0.66
N GLU A 100 -21.37 -1.93 0.07
CA GLU A 100 -20.79 -1.68 -1.25
C GLU A 100 -19.28 -1.84 -1.22
N GLN A 101 -18.65 -1.40 -0.15
CA GLN A 101 -17.20 -1.52 -0.03
C GLN A 101 -16.83 -2.98 0.15
N ARG A 102 -17.60 -3.71 0.94
CA ARG A 102 -17.33 -5.12 1.18
C ARG A 102 -17.47 -5.91 -0.11
N GLN A 103 -18.51 -5.63 -0.89
CA GLN A 103 -18.73 -6.34 -2.14
C GLN A 103 -17.58 -6.09 -3.11
N LYS A 104 -17.17 -4.82 -3.24
CA LYS A 104 -16.09 -4.47 -4.14
C LYS A 104 -14.80 -5.18 -3.73
N ASN A 105 -14.53 -5.17 -2.44
CA ASN A 105 -13.31 -5.81 -1.93
C ASN A 105 -13.31 -7.30 -2.24
N GLN A 106 -14.45 -7.98 -2.10
CA GLN A 106 -14.53 -9.40 -2.39
C GLN A 106 -14.31 -9.66 -3.87
N GLU A 107 -14.89 -8.81 -4.72
CA GLU A 107 -14.73 -8.99 -6.16
C GLU A 107 -13.28 -8.86 -6.56
N LEU A 108 -12.62 -7.88 -6.00
CA LEU A 108 -11.21 -7.64 -6.28
C LEU A 108 -10.36 -8.79 -5.76
N LYS A 109 -10.72 -9.32 -4.61
CA LYS A 109 -9.97 -10.42 -4.04
C LYS A 109 -10.01 -11.58 -5.01
N ALA A 110 -11.16 -11.77 -5.65
CA ALA A 110 -11.32 -12.85 -6.59
C ALA A 110 -10.78 -12.48 -7.98
N GLN A 111 -10.97 -11.23 -8.40
CA GLN A 111 -10.52 -10.80 -9.70
C GLN A 111 -9.01 -10.87 -9.81
N TYR A 112 -8.32 -10.46 -8.74
CA TYR A 112 -6.87 -10.44 -8.72
C TYR A 112 -6.30 -11.78 -8.27
N LYS A 113 -7.22 -12.73 -8.04
CA LYS A 113 -6.81 -14.07 -7.61
C LYS A 113 -5.98 -13.98 -6.34
N VAL A 114 -6.44 -13.18 -5.39
CA VAL A 114 -5.72 -13.02 -4.14
C VAL A 114 -6.17 -14.07 -3.13
N THR A 115 -5.22 -14.83 -2.57
CA THR A 115 -5.54 -15.86 -1.61
C THR A 115 -4.82 -15.64 -0.28
N GLY A 116 -3.51 -15.42 -0.37
CA GLY A 116 -2.70 -15.22 0.82
C GLY A 116 -2.37 -13.75 1.02
N PHE A 117 -2.18 -13.37 2.28
CA PHE A 117 -1.83 -12.01 2.62
C PHE A 117 -0.54 -12.01 3.45
N PRO A 118 0.21 -10.94 3.43
CA PRO A 118 -0.08 -9.71 2.65
C PRO A 118 0.38 -9.86 1.21
N GLU A 119 -0.34 -9.26 0.28
CA GLU A 119 0.05 -9.31 -1.13
C GLU A 119 -0.17 -7.95 -1.75
N LEU A 120 0.87 -7.43 -2.39
CA LEU A 120 0.81 -6.15 -3.06
C LEU A 120 0.93 -6.41 -4.55
N VAL A 121 -0.09 -5.98 -5.29
CA VAL A 121 -0.13 -6.19 -6.73
C VAL A 121 -0.09 -4.88 -7.49
N PHE A 122 0.80 -4.79 -8.47
CA PHE A 122 0.92 -3.57 -9.27
C PHE A 122 0.19 -3.73 -10.60
N ILE A 123 -0.70 -2.78 -10.90
CA ILE A 123 -1.46 -2.81 -12.14
C ILE A 123 -1.44 -1.46 -12.83
N ASP A 124 -1.68 -1.50 -14.13
CA ASP A 124 -1.76 -0.29 -14.92
C ASP A 124 -3.21 0.15 -14.91
N ALA A 125 -3.50 1.24 -15.56
CA ALA A 125 -4.85 1.78 -15.61
C ALA A 125 -5.80 0.88 -16.40
N GLU A 126 -5.25 -0.08 -17.13
CA GLU A 126 -6.08 -0.99 -17.91
C GLU A 126 -6.28 -2.28 -17.13
N GLY A 127 -5.71 -2.35 -15.94
CA GLY A 127 -5.86 -3.52 -15.10
C GLY A 127 -4.84 -4.60 -15.43
N LYS A 128 -3.79 -4.25 -16.16
CA LYS A 128 -2.77 -5.24 -16.49
C LYS A 128 -1.76 -5.33 -15.36
N GLN A 129 -1.34 -6.54 -15.04
CA GLN A 129 -0.41 -6.77 -13.95
C GLN A 129 1.04 -6.55 -14.38
N LEU A 130 1.73 -5.66 -13.66
CA LEU A 130 3.12 -5.39 -13.96
C LEU A 130 4.04 -6.17 -13.03
N ALA A 131 3.57 -6.42 -11.80
CA ALA A 131 4.37 -7.15 -10.81
C ALA A 131 3.57 -7.39 -9.53
N ARG A 132 4.05 -8.30 -8.70
CA ARG A 132 3.38 -8.60 -7.44
C ARG A 132 4.41 -9.01 -6.40
N MET A 133 4.19 -8.59 -5.15
CA MET A 133 5.09 -8.95 -4.07
C MET A 133 4.34 -9.15 -2.76
N GLY A 134 4.97 -9.88 -1.86
CA GLY A 134 4.38 -10.15 -0.55
C GLY A 134 5.28 -9.59 0.54
N PHE A 135 5.27 -10.22 1.71
CA PHE A 135 6.13 -9.78 2.78
C PHE A 135 7.56 -10.23 2.49
N GLU A 136 8.54 -9.34 2.63
CA GLU A 136 9.92 -9.69 2.34
C GLU A 136 10.87 -8.95 3.29
N PRO A 137 11.61 -9.62 4.14
CA PRO A 137 12.56 -8.91 5.04
C PRO A 137 13.52 -8.03 4.25
N GLY A 138 14.10 -7.06 4.95
CA GLY A 138 15.03 -6.14 4.31
C GLY A 138 14.64 -4.70 4.56
N GLY A 139 13.38 -4.44 4.88
CA GLY A 139 12.97 -3.07 5.15
C GLY A 139 12.44 -2.35 3.91
N GLY A 140 12.04 -1.11 4.13
CA GLY A 140 11.41 -0.30 3.08
C GLY A 140 12.32 0.05 1.90
N ALA A 141 13.57 0.40 2.17
CA ALA A 141 14.49 0.76 1.11
C ALA A 141 14.65 -0.39 0.13
N ALA A 142 14.85 -1.58 0.68
CA ALA A 142 15.05 -2.75 -0.15
C ALA A 142 13.80 -3.11 -0.97
N TYR A 143 12.63 -2.96 -0.38
CA TYR A 143 11.37 -3.27 -1.05
C TYR A 143 11.16 -2.38 -2.27
N VAL A 144 11.46 -1.09 -2.13
CA VAL A 144 11.26 -0.18 -3.24
C VAL A 144 12.22 -0.49 -4.39
N SER A 145 13.44 -0.90 -4.10
CA SER A 145 14.35 -1.22 -5.19
C SER A 145 13.77 -2.34 -6.05
N LYS A 146 13.19 -3.33 -5.36
CA LYS A 146 12.61 -4.50 -6.01
C LYS A 146 11.43 -4.14 -6.90
N VAL A 147 10.56 -3.25 -6.41
CA VAL A 147 9.39 -2.88 -7.21
C VAL A 147 9.84 -2.12 -8.45
N LYS A 148 10.86 -1.30 -8.31
CA LYS A 148 11.35 -0.51 -9.43
C LYS A 148 11.77 -1.42 -10.59
N SER A 149 12.48 -2.49 -10.27
CA SER A 149 12.92 -3.41 -11.29
C SER A 149 11.72 -4.13 -11.92
N ALA A 150 10.74 -4.44 -11.08
CA ALA A 150 9.54 -5.13 -11.54
C ALA A 150 8.67 -4.28 -12.46
N LEU A 151 8.52 -3.00 -12.15
CA LEU A 151 7.66 -2.14 -12.97
C LEU A 151 8.41 -1.53 -14.14
N LYS A 152 9.71 -1.78 -14.24
CA LYS A 152 10.52 -1.26 -15.34
C LYS A 152 10.63 0.25 -15.29
N LEU A 153 10.93 0.78 -14.10
CA LEU A 153 11.16 2.21 -13.94
C LEU A 153 12.63 2.43 -14.28
N ARG A 154 13.15 1.41 -14.93
CA ARG A 154 14.54 1.41 -15.36
C ARG A 154 14.78 2.51 -16.39
#